data_2P6G
#
_entry.id   2P6G
#
_cell.length_a   188.847
_cell.length_b   151.301
_cell.length_c   134.195
_cell.angle_alpha   90.000
_cell.angle_beta   107.640
_cell.angle_gamma   90.000
#
_symmetry.space_group_name_H-M   'C 1 2 1'
#
loop_
_entity.id
_entity.type
_entity.pdbx_description
1 polymer 'Glycylpeptide N-tetradecanoyltransferase'
2 non-polymer TETRADECANOYL-COA
3 non-polymer 1-(CYCLOHEXYLAMINO)-3-(6-METHYL-3,4-DIHYDRO-1H-CARBAZOL-9(2H)-YL)PROPAN-2-OL
#
_entity_poly.entity_id   1
_entity_poly.type   'polypeptide(L)'
_entity_poly.pdbx_seq_one_letter_code
;MSEEDKAKKLENLLKLLQLNNDDTSKFTQEQKKAMKDHKFWRTQPVKDFDEKVVEEGPIDKPKTPEDISDKPLPLLSSFE
WCSIDVDNKKQLEDVFVLLNENYVEDRDAGFRFNYTKEFFNWALKSPGWKKDWHIGVRVKETQKLVAFISAIPVTLGVRG
KQVPSVEINFLCVHKQLRSKRLTPVLIKEITRRVNKCDIWHALYTAGIVLPAPVSTCRYTHRPLNWKKLYEVDFTGLPDG
HTEEDMIAENALPAKTKTAGLRKLKKEDIDQVFELFKRYQSRFELIQIFTKEEFEHNFIGEESLPLDKQVIFSYVVEQPD
GKITDFFSFYSLPFTILNNTKYKDLGIGYLYYYATDADFQFKDRFDPKATKALKTRLCELIYDACILAKNANMDVFNALT
SQDNTLFLDDLKFGPGDGFLNFYLFNYRAKPITGGLNPDNSNDIKRRSNVGVVML
;
_entity_poly.pdbx_strand_id   A,B,C,D,E,F
#
loop_
_chem_comp.id
_chem_comp.type
_chem_comp.name
_chem_comp.formula
3LP non-polymer 1-(CYCLOHEXYLAMINO)-3-(6-METHYL-3,4-DIHYDRO-1H-CARBAZOL-9(2H)-YL)PROPAN-2-OL 'C22 H32 N2 O'
MYA non-polymer TETRADECANOYL-COA 'C35 H62 N7 O17 P3 S'
#
# COMPACT_ATOMS: atom_id res chain seq x y z
N ASP A 5 -31.87 13.95 17.44
CA ASP A 5 -30.46 14.38 17.19
C ASP A 5 -29.59 13.20 16.78
N LYS A 6 -29.53 12.18 17.63
CA LYS A 6 -28.90 10.91 17.30
C LYS A 6 -29.88 10.08 16.48
N ALA A 7 -31.17 10.21 16.81
CA ALA A 7 -32.25 9.53 16.11
C ALA A 7 -32.34 9.95 14.65
N LYS A 8 -32.04 11.21 14.37
CA LYS A 8 -32.00 11.73 13.01
C LYS A 8 -30.89 11.06 12.19
N LYS A 9 -29.73 10.87 12.82
CA LYS A 9 -28.60 10.21 12.17
C LYS A 9 -28.97 8.79 11.76
N LEU A 10 -29.64 8.09 12.68
CA LEU A 10 -30.04 6.70 12.47
C LEU A 10 -31.14 6.56 11.40
N GLU A 11 -32.06 7.51 11.39
CA GLU A 11 -33.09 7.62 10.35
C GLU A 11 -32.46 7.68 8.96
N ASN A 12 -31.44 8.52 8.82
CA ASN A 12 -30.71 8.71 7.57
C ASN A 12 -30.06 7.44 7.05
N LEU A 13 -29.31 6.76 7.93
CA LEU A 13 -28.66 5.48 7.61
C LEU A 13 -29.68 4.42 7.21
N LEU A 14 -30.84 4.46 7.87
CA LEU A 14 -31.94 3.55 7.57
C LEU A 14 -32.64 3.92 6.25
N LYS A 15 -32.81 5.22 6.01
CA LYS A 15 -33.34 5.73 4.75
C LYS A 15 -32.33 5.51 3.62
N LEU A 16 -31.07 5.81 3.90
CA LEU A 16 -29.96 5.51 3.00
C LEU A 16 -29.99 4.03 2.60
N LEU A 17 -30.31 3.18 3.57
CA LEU A 17 -30.41 1.74 3.38
C LEU A 17 -31.45 1.39 2.32
N GLN A 18 -32.67 1.92 2.51
CA GLN A 18 -33.82 1.54 1.68
C GLN A 18 -33.86 2.28 0.34
N LEU A 19 -33.10 3.37 0.27
CA LEU A 19 -32.95 4.18 -0.94
C LEU A 19 -32.88 3.36 -2.24
N ASN A 20 -33.66 3.78 -3.22
CA ASN A 20 -33.81 3.09 -4.50
C ASN A 20 -34.54 3.98 -5.52
N ASN A 21 -35.07 3.36 -6.57
CA ASN A 21 -35.92 4.06 -7.54
C ASN A 21 -37.39 3.73 -7.29
N HIS A 38 -41.21 16.05 11.46
CA HIS A 38 -41.96 14.96 12.10
C HIS A 38 -42.95 15.46 13.16
N LYS A 39 -43.37 16.71 13.02
CA LYS A 39 -44.28 17.40 13.96
C LYS A 39 -45.44 16.57 14.53
N PHE A 40 -45.81 15.51 13.82
CA PHE A 40 -46.90 14.63 14.26
C PHE A 40 -46.42 13.45 15.12
N TRP A 41 -45.56 12.60 14.57
CA TRP A 41 -45.04 11.45 15.31
C TRP A 41 -44.08 11.87 16.44
N ARG A 42 -43.55 13.09 16.34
CA ARG A 42 -42.75 13.71 17.42
C ARG A 42 -43.58 13.84 18.71
N THR A 43 -44.90 13.69 18.59
CA THR A 43 -45.82 13.64 19.74
C THR A 43 -46.78 12.44 19.65
N GLN A 44 -46.22 11.23 19.54
CA GLN A 44 -47.02 10.00 19.44
C GLN A 44 -46.34 8.83 20.18
N PRO A 45 -47.13 7.84 20.64
CA PRO A 45 -46.57 6.71 21.38
C PRO A 45 -45.84 5.70 20.48
N VAL A 46 -44.69 6.10 19.93
CA VAL A 46 -43.87 5.19 19.12
C VAL A 46 -42.44 5.11 19.62
N LYS A 47 -41.76 4.02 19.29
CA LYS A 47 -40.34 3.90 19.54
C LYS A 47 -39.64 5.00 18.72
N ASP A 48 -38.56 5.56 19.26
CA ASP A 48 -37.74 6.46 18.45
C ASP A 48 -36.54 5.68 17.95
N PHE A 49 -35.83 6.25 16.97
CA PHE A 49 -34.74 5.55 16.29
C PHE A 49 -33.58 5.15 17.20
N ASP A 50 -33.26 6.00 18.17
CA ASP A 50 -32.18 5.75 19.13
C ASP A 50 -32.53 4.66 20.14
N GLU A 51 -33.78 4.71 20.62
CA GLU A 51 -34.29 3.92 21.73
C GLU A 51 -33.98 2.43 21.68
N LYS A 52 -33.10 1.98 22.57
CA LYS A 52 -32.85 0.56 22.74
C LYS A 52 -33.84 0.00 23.74
N VAL A 53 -34.60 -1.00 23.30
CA VAL A 53 -35.69 -1.57 24.09
C VAL A 53 -35.18 -2.26 25.35
N VAL A 54 -35.61 -1.73 26.49
CA VAL A 54 -35.33 -2.34 27.79
C VAL A 54 -36.31 -3.48 28.04
N GLU A 55 -37.59 -3.21 27.77
CA GLU A 55 -38.68 -4.15 28.02
C GLU A 55 -39.81 -3.91 27.02
N GLU A 56 -40.31 -4.99 26.43
CA GLU A 56 -41.40 -4.92 25.46
C GLU A 56 -42.73 -4.66 26.18
N GLY A 57 -43.44 -3.62 25.75
CA GLY A 57 -44.71 -3.25 26.35
C GLY A 57 -45.23 -1.91 25.88
N PRO A 58 -46.42 -1.52 26.39
CA PRO A 58 -47.06 -0.23 26.06
C PRO A 58 -46.17 0.97 26.36
N ILE A 59 -46.21 1.97 25.48
CA ILE A 59 -45.49 3.23 25.69
C ILE A 59 -46.34 4.15 26.57
N ASP A 60 -47.50 4.54 26.05
CA ASP A 60 -48.40 5.48 26.70
C ASP A 60 -48.97 4.88 27.99
N LYS A 61 -49.09 5.72 29.02
CA LYS A 61 -49.58 5.28 30.34
C LYS A 61 -51.04 4.78 30.28
N PRO A 62 -51.33 3.62 30.91
CA PRO A 62 -52.60 2.90 30.80
C PRO A 62 -53.84 3.78 30.89
N LYS A 63 -54.58 3.87 29.79
CA LYS A 63 -55.79 4.68 29.70
C LYS A 63 -57.06 3.83 29.60
N THR A 64 -58.20 4.48 29.79
CA THR A 64 -59.51 3.81 29.82
C THR A 64 -60.45 4.41 28.76
N PRO A 65 -61.45 3.62 28.30
CA PRO A 65 -62.40 4.09 27.27
C PRO A 65 -63.12 5.40 27.63
N GLU A 66 -63.12 5.76 28.91
CA GLU A 66 -63.73 7.01 29.36
C GLU A 66 -62.70 8.14 29.46
N ASP A 67 -61.43 7.78 29.61
CA ASP A 67 -60.34 8.75 29.51
C ASP A 67 -60.20 9.25 28.08
N ILE A 68 -60.79 8.51 27.14
CA ILE A 68 -60.82 8.91 25.74
C ILE A 68 -62.19 9.44 25.31
N SER A 69 -62.15 10.56 24.57
CA SER A 69 -63.31 11.33 24.17
C SER A 69 -64.30 10.59 23.25
N ASP A 70 -65.41 11.27 22.93
CA ASP A 70 -66.38 10.77 21.95
C ASP A 70 -66.66 11.83 20.88
N LYS A 71 -65.80 12.84 20.80
CA LYS A 71 -65.90 13.87 19.77
C LYS A 71 -64.99 13.55 18.58
N PRO A 72 -65.58 13.32 17.39
CA PRO A 72 -64.74 13.19 16.21
C PRO A 72 -64.00 14.50 15.95
N LEU A 73 -62.67 14.43 15.87
CA LEU A 73 -61.83 15.62 15.74
C LEU A 73 -62.30 16.60 14.65
N PRO A 74 -62.44 17.88 15.02
CA PRO A 74 -62.72 18.92 14.04
C PRO A 74 -61.64 18.99 12.97
N LEU A 75 -62.06 19.20 11.73
CA LEU A 75 -61.15 19.33 10.60
C LEU A 75 -61.48 20.60 9.83
N LEU A 76 -60.52 21.08 9.03
CA LEU A 76 -60.62 22.34 8.27
C LEU A 76 -62.00 22.55 7.64
N SER A 77 -62.45 23.81 7.62
CA SER A 77 -63.80 24.15 7.14
C SER A 77 -64.13 23.57 5.75
N SER A 78 -65.31 22.99 5.62
CA SER A 78 -65.78 22.44 4.36
C SER A 78 -65.82 20.92 4.29
N PHE A 79 -65.28 20.26 5.33
CA PHE A 79 -65.21 18.81 5.40
C PHE A 79 -66.04 18.22 6.53
N GLU A 80 -66.24 16.90 6.50
CA GLU A 80 -66.87 16.16 7.58
C GLU A 80 -66.47 14.68 7.51
N TRP A 81 -66.48 14.00 8.66
CA TRP A 81 -66.23 12.56 8.68
C TRP A 81 -67.42 11.81 8.11
N CYS A 82 -67.18 10.55 7.76
CA CYS A 82 -68.23 9.66 7.28
C CYS A 82 -67.82 8.22 7.49
N SER A 83 -68.71 7.44 8.11
CA SER A 83 -68.51 6.00 8.21
C SER A 83 -68.94 5.39 6.87
N ILE A 84 -68.24 4.34 6.46
CA ILE A 84 -68.51 3.72 5.17
C ILE A 84 -68.88 2.24 5.31
N ASP A 85 -70.12 1.94 4.94
CA ASP A 85 -70.63 0.57 4.94
C ASP A 85 -70.11 -0.18 3.74
N VAL A 86 -69.51 -1.34 4.00
CA VAL A 86 -68.99 -2.22 2.94
C VAL A 86 -70.14 -2.95 2.26
N ASP A 87 -71.27 -3.07 2.96
CA ASP A 87 -72.47 -3.68 2.41
C ASP A 87 -73.16 -2.73 1.43
N ASN A 88 -73.01 -1.43 1.66
CA ASN A 88 -73.59 -0.42 0.76
C ASN A 88 -72.86 -0.39 -0.58
N LYS A 89 -73.62 -0.25 -1.66
CA LYS A 89 -73.08 -0.37 -3.01
C LYS A 89 -72.24 0.84 -3.44
N LYS A 90 -72.80 2.03 -3.31
CA LYS A 90 -72.15 3.24 -3.79
C LYS A 90 -71.12 3.82 -2.81
N GLN A 91 -71.26 3.46 -1.53
CA GLN A 91 -70.27 3.82 -0.52
C GLN A 91 -68.95 3.12 -0.80
N LEU A 92 -69.01 1.82 -1.05
CA LEU A 92 -67.82 1.05 -1.37
C LEU A 92 -67.16 1.57 -2.64
N GLU A 93 -67.98 1.97 -3.61
CA GLU A 93 -67.49 2.46 -4.89
C GLU A 93 -66.65 3.73 -4.75
N ASP A 94 -67.13 4.68 -3.95
CA ASP A 94 -66.41 5.94 -3.70
C ASP A 94 -64.95 5.66 -3.34
N VAL A 95 -64.76 4.78 -2.36
CA VAL A 95 -63.43 4.34 -1.92
C VAL A 95 -62.58 3.85 -3.09
N PHE A 96 -63.02 2.80 -3.77
CA PHE A 96 -62.21 2.25 -4.87
C PHE A 96 -62.31 3.06 -6.16
N VAL A 97 -62.80 4.28 -6.06
CA VAL A 97 -62.56 5.29 -7.10
C VAL A 97 -61.37 6.11 -6.64
N LEU A 98 -61.47 6.66 -5.44
CA LEU A 98 -60.46 7.54 -4.88
C LEU A 98 -59.10 6.85 -4.73
N LEU A 99 -59.14 5.61 -4.26
CA LEU A 99 -57.94 4.80 -4.12
C LEU A 99 -57.29 4.55 -5.48
N ASN A 100 -58.10 4.17 -6.46
CA ASN A 100 -57.61 3.89 -7.80
C ASN A 100 -57.07 5.12 -8.52
N GLU A 101 -57.74 6.25 -8.33
CA GLU A 101 -57.32 7.52 -8.94
C GLU A 101 -56.09 8.13 -8.26
N ASN A 102 -55.90 7.82 -6.97
CA ASN A 102 -54.90 8.52 -6.16
C ASN A 102 -53.76 7.69 -5.56
N TYR A 103 -54.01 6.39 -5.34
CA TYR A 103 -53.03 5.49 -4.68
C TYR A 103 -51.70 5.45 -5.41
N VAL A 104 -51.75 5.51 -6.73
CA VAL A 104 -50.53 5.61 -7.53
C VAL A 104 -49.94 6.99 -7.33
N GLU A 105 -48.78 7.03 -6.67
CA GLU A 105 -48.11 8.28 -6.32
C GLU A 105 -47.99 9.20 -7.53
N ASP A 106 -47.40 8.68 -8.61
CA ASP A 106 -47.24 9.42 -9.87
C ASP A 106 -48.46 9.23 -10.76
N ARG A 107 -48.90 10.33 -11.36
CA ARG A 107 -50.06 10.35 -12.24
C ARG A 107 -49.67 10.02 -13.68
N ASP A 108 -48.37 9.89 -13.92
CA ASP A 108 -47.82 9.63 -15.26
C ASP A 108 -47.13 8.28 -15.38
N ALA A 109 -47.13 7.52 -14.29
CA ALA A 109 -46.44 6.22 -14.23
C ALA A 109 -47.01 5.20 -15.22
N GLY A 110 -48.21 5.47 -15.71
CA GLY A 110 -48.83 4.63 -16.73
C GLY A 110 -49.45 3.35 -16.20
N PHE A 111 -49.72 3.32 -14.89
CA PHE A 111 -50.38 2.19 -14.25
C PHE A 111 -51.16 2.67 -13.04
N ARG A 112 -52.22 1.94 -12.69
CA ARG A 112 -53.05 2.27 -11.52
C ARG A 112 -53.44 1.03 -10.74
N PHE A 113 -53.62 1.20 -9.42
CA PHE A 113 -54.25 0.16 -8.61
C PHE A 113 -55.70 0.04 -9.07
N ASN A 114 -56.15 -1.19 -9.29
CA ASN A 114 -57.56 -1.42 -9.56
C ASN A 114 -58.19 -2.23 -8.45
N TYR A 115 -58.57 -1.53 -7.38
CA TYR A 115 -59.30 -2.13 -6.30
C TYR A 115 -60.74 -2.39 -6.76
N THR A 116 -61.12 -3.66 -6.80
CA THR A 116 -62.47 -4.05 -7.17
C THR A 116 -63.33 -4.26 -5.94
N LYS A 117 -64.64 -4.08 -6.09
CA LYS A 117 -65.61 -4.26 -5.00
C LYS A 117 -65.51 -5.63 -4.33
N GLU A 118 -65.17 -6.64 -5.12
CA GLU A 118 -64.93 -7.99 -4.64
C GLU A 118 -63.76 -8.04 -3.66
N PHE A 119 -62.73 -7.22 -3.92
CA PHE A 119 -61.54 -7.18 -3.09
C PHE A 119 -61.83 -6.62 -1.69
N PHE A 120 -62.53 -5.50 -1.62
CA PHE A 120 -62.83 -4.87 -0.33
C PHE A 120 -63.94 -5.58 0.46
N ASN A 121 -64.77 -6.35 -0.25
CA ASN A 121 -65.76 -7.20 0.39
C ASN A 121 -65.10 -8.30 1.23
N TRP A 122 -63.82 -8.53 0.93
CA TRP A 122 -62.98 -9.49 1.63
C TRP A 122 -62.18 -8.77 2.71
N ALA A 123 -61.41 -7.77 2.30
CA ALA A 123 -60.44 -7.11 3.18
C ALA A 123 -61.01 -6.09 4.17
N LEU A 124 -62.20 -5.57 3.89
CA LEU A 124 -62.84 -4.59 4.79
C LEU A 124 -63.97 -5.18 5.63
N LYS A 125 -64.55 -6.28 5.17
CA LYS A 125 -65.58 -7.02 5.91
C LYS A 125 -64.97 -8.05 6.88
N SER A 126 -63.96 -7.62 7.66
CA SER A 126 -63.26 -8.48 8.62
C SER A 126 -64.20 -8.96 9.74
N PRO A 127 -64.02 -10.20 10.23
CA PRO A 127 -64.86 -10.62 11.34
C PRO A 127 -64.52 -9.79 12.57
N GLY A 128 -65.47 -8.97 13.00
CA GLY A 128 -65.24 -7.99 14.05
C GLY A 128 -65.12 -6.60 13.49
N TRP A 129 -65.30 -6.47 12.18
CA TRP A 129 -65.29 -5.16 11.51
C TRP A 129 -66.49 -4.34 11.94
N LYS A 130 -66.31 -3.03 11.98
CA LYS A 130 -67.36 -2.10 12.31
C LYS A 130 -67.21 -0.91 11.38
N LYS A 131 -68.23 -0.65 10.57
CA LYS A 131 -68.21 0.41 9.56
C LYS A 131 -67.78 1.79 10.09
N ASP A 132 -67.89 1.97 11.41
CA ASP A 132 -67.43 3.18 12.09
C ASP A 132 -65.92 3.37 11.98
N TRP A 133 -65.21 2.26 11.78
CA TRP A 133 -63.75 2.25 11.74
C TRP A 133 -63.21 2.33 10.31
N HIS A 134 -64.09 2.11 9.34
CA HIS A 134 -63.80 2.43 7.94
C HIS A 134 -64.12 3.91 7.75
N ILE A 135 -63.31 4.76 8.38
CA ILE A 135 -63.48 6.21 8.36
C ILE A 135 -63.25 6.76 6.96
N GLY A 136 -63.92 7.87 6.66
CA GLY A 136 -63.64 8.64 5.46
C GLY A 136 -63.73 10.12 5.76
N VAL A 137 -63.39 10.94 4.77
CA VAL A 137 -63.60 12.38 4.84
C VAL A 137 -64.28 12.82 3.53
N ARG A 138 -65.43 13.47 3.66
CA ARG A 138 -66.16 13.99 2.51
C ARG A 138 -66.10 15.51 2.44
N VAL A 139 -66.41 16.07 1.27
CA VAL A 139 -66.58 17.51 1.11
C VAL A 139 -68.04 17.81 1.41
N LYS A 140 -68.30 18.89 2.14
CA LYS A 140 -69.62 19.18 2.70
C LYS A 140 -70.77 19.11 1.71
N GLU A 141 -70.83 20.06 0.77
CA GLU A 141 -71.93 20.13 -0.19
C GLU A 141 -71.89 19.02 -1.25
N THR A 142 -70.72 18.82 -1.84
CA THR A 142 -70.57 17.97 -3.03
C THR A 142 -70.65 16.47 -2.74
N GLN A 143 -70.38 16.08 -1.49
CA GLN A 143 -70.37 14.69 -1.06
C GLN A 143 -69.29 13.86 -1.77
N LYS A 144 -68.15 14.51 -1.98
CA LYS A 144 -67.01 13.91 -2.63
C LYS A 144 -66.05 13.38 -1.57
N LEU A 145 -65.81 12.07 -1.60
CA LEU A 145 -64.82 11.44 -0.73
C LEU A 145 -63.42 11.91 -1.12
N VAL A 146 -62.69 12.47 -0.16
CA VAL A 146 -61.36 13.02 -0.44
C VAL A 146 -60.24 12.37 0.36
N ALA A 147 -60.61 11.47 1.27
CA ALA A 147 -59.65 10.70 2.06
C ALA A 147 -60.32 9.50 2.71
N PHE A 148 -59.55 8.44 2.89
CA PHE A 148 -60.03 7.24 3.56
C PHE A 148 -58.94 6.68 4.46
N ILE A 149 -59.36 6.16 5.61
CA ILE A 149 -58.45 5.48 6.53
C ILE A 149 -59.14 4.32 7.25
N SER A 150 -58.64 3.10 7.02
CA SER A 150 -59.26 1.89 7.54
C SER A 150 -58.54 1.34 8.76
N ALA A 151 -59.28 0.61 9.59
CA ALA A 151 -58.72 -0.13 10.72
C ALA A 151 -59.57 -1.37 11.00
N ILE A 152 -58.95 -2.55 10.97
CA ILE A 152 -59.65 -3.79 11.31
C ILE A 152 -59.01 -4.53 12.50
N PRO A 153 -59.81 -4.78 13.56
CA PRO A 153 -59.32 -5.33 14.83
C PRO A 153 -58.86 -6.77 14.73
N VAL A 154 -57.67 -7.02 15.28
CA VAL A 154 -57.07 -8.35 15.33
C VAL A 154 -56.35 -8.52 16.66
N THR A 155 -55.95 -9.75 16.98
CA THR A 155 -55.10 -9.99 18.14
C THR A 155 -53.71 -10.41 17.67
N LEU A 156 -52.71 -9.61 18.03
CA LEU A 156 -51.33 -9.85 17.64
C LEU A 156 -50.59 -10.78 18.60
N GLY A 157 -49.33 -11.05 18.30
CA GLY A 157 -48.49 -11.90 19.13
C GLY A 157 -47.06 -11.46 19.05
N VAL A 158 -46.72 -10.42 19.82
CA VAL A 158 -45.37 -9.85 19.83
C VAL A 158 -44.50 -10.59 20.83
N ARG A 159 -43.57 -11.40 20.31
CA ARG A 159 -42.68 -12.24 21.11
C ARG A 159 -43.36 -12.84 22.33
N GLY A 160 -44.20 -13.84 22.09
CA GLY A 160 -44.87 -14.57 23.15
C GLY A 160 -46.02 -13.87 23.85
N LYS A 161 -46.02 -12.53 23.83
CA LYS A 161 -47.10 -11.78 24.49
C LYS A 161 -48.28 -11.53 23.55
N GLN A 162 -49.48 -11.73 24.07
CA GLN A 162 -50.70 -11.53 23.30
C GLN A 162 -51.17 -10.08 23.41
N VAL A 163 -51.04 -9.34 22.31
CA VAL A 163 -51.41 -7.94 22.27
C VAL A 163 -52.66 -7.74 21.42
N PRO A 164 -53.82 -7.49 22.07
CA PRO A 164 -55.05 -7.23 21.35
C PRO A 164 -55.01 -5.83 20.73
N SER A 165 -55.34 -5.75 19.45
CA SER A 165 -55.09 -4.55 18.67
C SER A 165 -55.96 -4.42 17.42
N VAL A 166 -55.38 -3.82 16.38
CA VAL A 166 -56.08 -3.46 15.16
C VAL A 166 -55.03 -3.26 14.05
N GLU A 167 -55.41 -3.54 12.80
CA GLU A 167 -54.52 -3.29 11.65
C GLU A 167 -55.00 -2.10 10.82
N ILE A 168 -54.20 -1.03 10.79
CA ILE A 168 -54.54 0.15 9.99
C ILE A 168 -53.96 0.04 8.58
N ASN A 169 -54.84 0.11 7.58
CA ASN A 169 -54.44 0.03 6.18
C ASN A 169 -55.17 1.04 5.31
N PHE A 170 -54.81 1.07 4.02
CA PHE A 170 -55.50 1.86 2.98
C PHE A 170 -55.61 3.36 3.23
N LEU A 171 -54.65 3.91 3.96
CA LEU A 171 -54.49 5.37 4.11
C LEU A 171 -54.30 5.96 2.71
N CYS A 172 -54.95 7.10 2.46
CA CYS A 172 -54.93 7.72 1.13
C CYS A 172 -55.64 9.07 1.11
N VAL A 173 -55.00 10.05 0.48
CA VAL A 173 -55.55 11.40 0.38
C VAL A 173 -55.55 11.87 -1.08
N HIS A 174 -56.65 12.52 -1.47
CA HIS A 174 -56.86 13.03 -2.82
C HIS A 174 -55.69 13.89 -3.28
N LYS A 175 -55.10 13.50 -4.41
CA LYS A 175 -53.94 14.17 -5.01
C LYS A 175 -54.02 15.68 -4.88
N GLN A 176 -55.20 16.23 -5.20
CA GLN A 176 -55.39 17.67 -5.32
C GLN A 176 -55.24 18.42 -3.99
N LEU A 177 -55.24 17.70 -2.87
CA LEU A 177 -54.94 18.32 -1.59
C LEU A 177 -54.02 17.51 -0.66
N ARG A 178 -52.80 17.25 -1.15
CA ARG A 178 -51.72 16.73 -0.33
C ARG A 178 -50.82 17.87 0.12
N SER A 179 -49.94 17.59 1.10
CA SER A 179 -49.21 18.62 1.85
C SER A 179 -50.17 19.44 2.72
N LYS A 180 -51.44 19.01 2.73
CA LYS A 180 -52.50 19.65 3.52
C LYS A 180 -52.55 19.13 4.96
N ARG A 181 -51.47 18.48 5.41
CA ARG A 181 -51.32 18.02 6.79
C ARG A 181 -52.58 17.38 7.39
N LEU A 182 -53.29 16.62 6.57
CA LEU A 182 -54.58 16.05 6.97
C LEU A 182 -54.43 14.64 7.53
N THR A 183 -53.36 13.95 7.12
CA THR A 183 -53.07 12.60 7.58
C THR A 183 -52.96 12.49 9.12
N PRO A 184 -52.29 13.46 9.78
CA PRO A 184 -52.33 13.50 11.24
C PRO A 184 -53.74 13.31 11.80
N VAL A 185 -54.66 14.19 11.42
CA VAL A 185 -56.05 14.16 11.88
C VAL A 185 -56.74 12.84 11.48
N LEU A 186 -56.34 12.29 10.34
CA LEU A 186 -56.84 11.00 9.89
C LEU A 186 -56.38 9.85 10.79
N ILE A 187 -55.13 9.91 11.24
CA ILE A 187 -54.61 8.94 12.21
C ILE A 187 -55.15 9.24 13.61
N LYS A 188 -55.20 10.52 13.96
CA LYS A 188 -55.68 10.96 15.27
C LYS A 188 -57.13 10.60 15.54
N GLU A 189 -57.95 10.58 14.50
CA GLU A 189 -59.36 10.20 14.63
C GLU A 189 -59.54 8.70 14.78
N ILE A 190 -58.89 7.92 13.91
CA ILE A 190 -58.92 6.47 14.01
C ILE A 190 -58.28 6.02 15.34
N THR A 191 -57.30 6.79 15.81
CA THR A 191 -56.74 6.60 17.14
C THR A 191 -57.86 6.65 18.18
N ARG A 192 -58.62 7.75 18.15
CA ARG A 192 -59.75 7.96 19.06
C ARG A 192 -60.87 6.94 18.89
N ARG A 193 -61.24 6.66 17.64
CA ARG A 193 -62.35 5.75 17.33
C ARG A 193 -62.10 4.33 17.82
N VAL A 194 -60.82 3.94 17.83
CA VAL A 194 -60.40 2.66 18.35
C VAL A 194 -60.24 2.76 19.87
N ASN A 195 -59.54 3.80 20.32
CA ASN A 195 -59.28 4.03 21.74
C ASN A 195 -60.51 3.92 22.66
N LYS A 196 -61.67 4.33 22.15
CA LYS A 196 -62.90 4.31 22.94
C LYS A 196 -63.57 2.94 22.98
N CYS A 197 -63.00 1.98 22.26
CA CYS A 197 -63.55 0.63 22.20
C CYS A 197 -62.73 -0.41 22.96
N ASP A 198 -61.84 0.06 23.84
CA ASP A 198 -61.03 -0.81 24.70
C ASP A 198 -59.81 -1.41 23.98
N ILE A 199 -59.40 -0.76 22.89
CA ILE A 199 -58.23 -1.20 22.10
C ILE A 199 -57.23 -0.04 21.99
N TRP A 200 -55.95 -0.32 22.28
CA TRP A 200 -54.94 0.74 22.36
C TRP A 200 -53.63 0.48 21.60
N HIS A 201 -53.61 -0.57 20.76
CA HIS A 201 -52.42 -0.88 19.95
C HIS A 201 -52.78 -1.19 18.49
N ALA A 202 -51.77 -1.17 17.63
CA ALA A 202 -51.97 -1.36 16.19
C ALA A 202 -50.72 -1.83 15.45
N LEU A 203 -50.94 -2.66 14.44
CA LEU A 203 -49.92 -2.95 13.43
C LEU A 203 -50.23 -2.10 12.20
N TYR A 204 -49.20 -1.52 11.60
CA TYR A 204 -49.34 -0.70 10.41
C TYR A 204 -48.03 -0.72 9.64
N THR A 205 -48.14 -0.77 8.32
CA THR A 205 -46.96 -0.94 7.48
C THR A 205 -46.91 0.12 6.39
N ALA A 206 -45.70 0.62 6.14
CA ALA A 206 -45.49 1.65 5.13
C ALA A 206 -44.24 1.36 4.31
N GLY A 207 -44.19 1.92 3.10
CA GLY A 207 -42.99 1.85 2.27
C GLY A 207 -41.99 2.91 2.67
N ILE A 208 -42.50 4.07 3.10
CA ILE A 208 -41.64 5.18 3.52
C ILE A 208 -41.10 4.95 4.93
N VAL A 209 -40.02 5.64 5.28
CA VAL A 209 -39.41 5.48 6.60
C VAL A 209 -40.07 6.39 7.64
N LEU A 210 -40.65 5.74 8.64
CA LEU A 210 -41.24 6.43 9.77
C LEU A 210 -40.54 6.01 11.07
N PRO A 211 -40.67 6.83 12.14
CA PRO A 211 -40.02 6.62 13.41
C PRO A 211 -40.46 5.37 14.18
N ALA A 212 -39.99 4.22 13.67
CA ALA A 212 -39.59 3.08 14.52
C ALA A 212 -40.03 1.73 13.98
N PRO A 213 -39.49 1.34 12.81
CA PRO A 213 -39.73 0.02 12.27
C PRO A 213 -39.31 -1.04 13.29
N VAL A 214 -40.12 -2.07 13.42
CA VAL A 214 -39.74 -3.22 14.22
C VAL A 214 -39.00 -4.16 13.28
N SER A 215 -39.46 -4.20 12.03
CA SER A 215 -38.80 -4.96 10.98
C SER A 215 -38.97 -4.33 9.61
N THR A 216 -38.18 -4.82 8.67
CA THR A 216 -38.25 -4.43 7.27
C THR A 216 -38.12 -5.68 6.41
N CYS A 217 -39.00 -5.80 5.42
CA CYS A 217 -38.86 -6.84 4.42
C CYS A 217 -38.69 -6.23 3.04
N ARG A 218 -38.42 -7.09 2.05
CA ARG A 218 -38.20 -6.63 0.69
C ARG A 218 -39.14 -7.33 -0.28
N TYR A 219 -39.75 -6.55 -1.16
CA TYR A 219 -40.59 -7.07 -2.23
C TYR A 219 -39.75 -7.76 -3.29
N THR A 220 -40.23 -8.90 -3.77
CA THR A 220 -39.58 -9.66 -4.84
C THR A 220 -40.63 -10.10 -5.87
N HIS A 221 -40.20 -10.30 -7.11
CA HIS A 221 -41.14 -10.58 -8.20
C HIS A 221 -40.79 -11.85 -8.97
N ARG A 222 -41.81 -12.66 -9.25
CA ARG A 222 -41.65 -13.89 -10.01
C ARG A 222 -42.46 -13.78 -11.31
N PRO A 223 -41.78 -13.64 -12.46
CA PRO A 223 -42.50 -13.59 -13.73
C PRO A 223 -43.42 -14.80 -13.91
N LEU A 224 -44.58 -14.58 -14.52
CA LEU A 224 -45.48 -15.66 -14.89
C LEU A 224 -45.82 -15.51 -16.37
N ASN A 225 -45.61 -14.29 -16.86
CA ASN A 225 -45.85 -13.92 -18.24
C ASN A 225 -44.79 -12.89 -18.61
N TRP A 226 -43.54 -13.32 -18.66
CA TRP A 226 -42.42 -12.40 -18.89
C TRP A 226 -42.57 -11.59 -20.18
N LYS A 227 -42.98 -12.27 -21.25
CA LYS A 227 -43.28 -11.61 -22.53
C LYS A 227 -44.10 -10.34 -22.31
N LYS A 228 -45.19 -10.46 -21.54
CA LYS A 228 -46.04 -9.32 -21.22
C LYS A 228 -45.32 -8.31 -20.35
N LEU A 229 -44.79 -8.77 -19.22
CA LEU A 229 -44.12 -7.91 -18.24
C LEU A 229 -43.11 -6.96 -18.87
N TYR A 230 -42.35 -7.46 -19.84
CA TYR A 230 -41.41 -6.66 -20.61
C TYR A 230 -42.15 -5.56 -21.37
N GLU A 231 -43.19 -5.95 -22.12
CA GLU A 231 -43.94 -5.05 -22.99
C GLU A 231 -44.74 -3.99 -22.26
N VAL A 232 -44.60 -3.94 -20.94
CA VAL A 232 -45.31 -2.99 -20.09
C VAL A 232 -44.28 -2.22 -19.25
N ASP A 233 -43.02 -2.59 -19.42
CA ASP A 233 -41.87 -1.97 -18.75
C ASP A 233 -41.92 -2.14 -17.22
N PHE A 234 -42.34 -3.33 -16.79
CA PHE A 234 -42.27 -3.70 -15.38
C PHE A 234 -41.01 -4.53 -15.10
N THR A 235 -40.51 -5.18 -16.15
CA THR A 235 -39.20 -5.82 -16.14
C THR A 235 -38.44 -5.43 -17.41
N GLY A 236 -37.11 -5.52 -17.35
CA GLY A 236 -36.25 -5.21 -18.50
C GLY A 236 -35.47 -6.40 -18.97
N LEU A 237 -34.61 -6.17 -19.97
CA LEU A 237 -33.77 -7.21 -20.54
C LEU A 237 -32.32 -7.03 -20.06
N PRO A 238 -31.80 -8.00 -19.28
CA PRO A 238 -30.43 -7.97 -18.79
C PRO A 238 -29.38 -8.02 -19.91
N ASP A 239 -28.17 -7.56 -19.60
CA ASP A 239 -27.06 -7.53 -20.56
C ASP A 239 -26.81 -8.91 -21.17
N GLY A 240 -26.86 -8.98 -22.50
CA GLY A 240 -26.59 -10.22 -23.21
C GLY A 240 -27.65 -11.27 -22.97
N HIS A 241 -28.90 -10.92 -23.28
CA HIS A 241 -30.03 -11.83 -23.18
C HIS A 241 -31.01 -11.54 -24.30
N THR A 242 -31.48 -12.57 -24.98
CA THR A 242 -32.51 -12.42 -26.01
C THR A 242 -33.83 -12.17 -25.30
N GLU A 243 -34.77 -11.51 -25.99
CA GLU A 243 -36.13 -11.46 -25.53
C GLU A 243 -36.62 -12.89 -25.34
N GLU A 244 -36.07 -13.78 -26.16
CA GLU A 244 -36.38 -15.22 -26.16
C GLU A 244 -35.85 -16.01 -24.96
N ASP A 245 -34.58 -15.79 -24.60
CA ASP A 245 -33.95 -16.52 -23.49
C ASP A 245 -34.76 -16.39 -22.21
N MET A 246 -35.30 -15.19 -21.99
CA MET A 246 -36.09 -14.87 -20.81
C MET A 246 -37.43 -15.60 -20.81
N ILE A 247 -38.08 -15.67 -21.98
CA ILE A 247 -39.32 -16.46 -22.13
C ILE A 247 -39.06 -17.90 -21.73
N ALA A 248 -37.96 -18.45 -22.26
CA ALA A 248 -37.52 -19.81 -21.97
C ALA A 248 -37.08 -19.98 -20.52
N GLU A 249 -36.61 -18.89 -19.90
CA GLU A 249 -36.13 -18.90 -18.52
C GLU A 249 -37.26 -19.06 -17.51
N ASN A 250 -38.29 -18.24 -17.61
CA ASN A 250 -39.37 -18.21 -16.62
C ASN A 250 -40.57 -19.11 -16.96
N ALA A 251 -40.51 -19.79 -18.10
CA ALA A 251 -41.61 -20.64 -18.57
C ALA A 251 -42.04 -21.69 -17.55
N LEU A 252 -43.34 -21.82 -17.36
CA LEU A 252 -43.91 -22.77 -16.39
C LEU A 252 -44.70 -23.89 -17.07
N PRO A 253 -44.96 -24.99 -16.34
CA PRO A 253 -45.85 -26.03 -16.85
C PRO A 253 -47.32 -25.68 -16.60
N ALA A 254 -48.21 -26.54 -17.10
CA ALA A 254 -49.65 -26.29 -17.06
C ALA A 254 -50.31 -26.81 -15.78
N LYS A 255 -49.85 -27.97 -15.29
CA LYS A 255 -50.47 -28.63 -14.15
C LYS A 255 -49.56 -28.63 -12.93
N THR A 256 -50.17 -28.44 -11.75
CA THR A 256 -49.47 -28.50 -10.46
C THR A 256 -48.87 -29.89 -10.22
N LYS A 257 -47.71 -29.93 -9.56
CA LYS A 257 -46.89 -31.15 -9.47
C LYS A 257 -47.10 -32.07 -8.27
N THR A 258 -47.22 -31.50 -7.07
CA THR A 258 -47.18 -32.30 -5.84
C THR A 258 -48.47 -33.04 -5.49
N ALA A 259 -48.30 -34.29 -5.09
CA ALA A 259 -49.38 -35.24 -4.78
C ALA A 259 -50.59 -34.66 -4.05
N GLY A 260 -51.78 -35.06 -4.50
CA GLY A 260 -53.05 -34.68 -3.88
C GLY A 260 -53.13 -33.26 -3.40
N LEU A 261 -53.00 -32.31 -4.34
CA LEU A 261 -53.15 -30.90 -4.05
C LEU A 261 -54.58 -30.50 -4.41
N ARG A 262 -55.25 -29.82 -3.49
CA ARG A 262 -56.66 -29.49 -3.66
C ARG A 262 -57.00 -28.09 -3.15
N LYS A 263 -58.06 -27.52 -3.71
CA LYS A 263 -58.65 -26.27 -3.23
C LYS A 263 -59.12 -26.44 -1.78
N LEU A 264 -58.92 -25.41 -0.98
CA LEU A 264 -59.41 -25.37 0.40
C LEU A 264 -60.94 -25.44 0.43
N LYS A 265 -61.47 -26.21 1.37
CA LYS A 265 -62.93 -26.35 1.53
C LYS A 265 -63.36 -26.30 2.99
N LYS A 266 -64.62 -25.89 3.22
CA LYS A 266 -65.22 -25.74 4.56
C LYS A 266 -64.83 -26.82 5.58
N GLU A 267 -64.75 -28.06 5.10
CA GLU A 267 -64.47 -29.22 5.95
C GLU A 267 -63.02 -29.28 6.40
N ASP A 268 -62.11 -28.77 5.56
CA ASP A 268 -60.67 -28.82 5.84
C ASP A 268 -60.24 -28.03 7.08
N ILE A 269 -61.00 -26.99 7.39
CA ILE A 269 -60.60 -25.97 8.38
C ILE A 269 -59.90 -26.48 9.65
N ASP A 270 -60.58 -27.28 10.47
CA ASP A 270 -60.04 -27.69 11.78
C ASP A 270 -58.67 -28.37 11.69
N GLN A 271 -58.45 -29.09 10.60
CA GLN A 271 -57.15 -29.70 10.36
C GLN A 271 -56.12 -28.66 9.90
N VAL A 272 -56.55 -27.72 9.06
CA VAL A 272 -55.69 -26.66 8.53
C VAL A 272 -55.39 -25.60 9.59
N PHE A 273 -56.42 -25.22 10.33
CA PHE A 273 -56.31 -24.23 11.41
C PHE A 273 -55.30 -24.68 12.46
N GLU A 274 -55.27 -25.98 12.73
CA GLU A 274 -54.25 -26.56 13.61
C GLU A 274 -52.86 -26.51 12.96
N LEU A 275 -52.79 -26.99 11.71
CA LEU A 275 -51.55 -26.98 10.93
C LEU A 275 -50.93 -25.59 10.81
N PHE A 276 -51.78 -24.59 10.60
CA PHE A 276 -51.34 -23.20 10.48
C PHE A 276 -50.93 -22.62 11.83
N LYS A 277 -51.63 -23.03 12.89
CA LYS A 277 -51.30 -22.62 14.27
C LYS A 277 -49.94 -23.16 14.70
N ARG A 278 -49.76 -24.48 14.57
CA ARG A 278 -48.50 -25.13 14.96
C ARG A 278 -47.33 -24.53 14.19
N TYR A 279 -47.52 -24.29 12.90
CA TYR A 279 -46.49 -23.71 12.05
C TYR A 279 -46.20 -22.23 12.37
N GLN A 280 -47.25 -21.40 12.35
CA GLN A 280 -47.09 -19.94 12.48
C GLN A 280 -46.40 -19.53 13.77
N SER A 281 -46.55 -20.34 14.81
CA SER A 281 -46.05 -20.03 16.15
C SER A 281 -44.53 -19.84 16.28
N ARG A 282 -43.80 -20.15 15.21
CA ARG A 282 -42.34 -20.00 15.20
C ARG A 282 -41.90 -18.53 15.12
N PHE A 283 -42.79 -17.68 14.61
CA PHE A 283 -42.46 -16.29 14.32
C PHE A 283 -42.69 -15.41 15.53
N GLU A 284 -42.12 -14.21 15.50
CA GLU A 284 -42.14 -13.31 16.64
C GLU A 284 -43.24 -12.24 16.55
N LEU A 285 -43.87 -12.15 15.38
CA LEU A 285 -44.97 -11.20 15.17
C LEU A 285 -46.03 -11.83 14.28
N ILE A 286 -46.96 -12.55 14.90
CA ILE A 286 -48.02 -13.23 14.18
C ILE A 286 -49.37 -12.63 14.53
N GLN A 287 -50.36 -12.84 13.67
CA GLN A 287 -51.73 -12.57 14.04
C GLN A 287 -52.30 -13.84 14.63
N ILE A 288 -52.96 -13.72 15.78
CA ILE A 288 -53.71 -14.83 16.35
C ILE A 288 -55.05 -14.92 15.62
N PHE A 289 -55.21 -15.97 14.84
CA PHE A 289 -56.43 -16.18 14.07
C PHE A 289 -57.43 -16.99 14.89
N THR A 290 -58.65 -16.48 14.95
CA THR A 290 -59.76 -17.23 15.52
C THR A 290 -60.38 -18.01 14.37
N LYS A 291 -60.65 -19.30 14.57
CA LYS A 291 -61.12 -20.21 13.52
C LYS A 291 -62.13 -19.61 12.53
N GLU A 292 -62.80 -18.55 12.96
CA GLU A 292 -63.82 -17.87 12.18
C GLU A 292 -63.25 -16.75 11.27
N GLU A 293 -62.32 -15.95 11.81
CA GLU A 293 -61.66 -14.91 11.01
C GLU A 293 -60.63 -15.52 10.06
N PHE A 294 -60.20 -16.74 10.38
CA PHE A 294 -59.33 -17.56 9.53
C PHE A 294 -60.12 -18.08 8.32
N GLU A 295 -61.35 -18.51 8.57
CA GLU A 295 -62.26 -19.01 7.54
C GLU A 295 -62.70 -17.89 6.61
N HIS A 296 -62.92 -16.70 7.17
CA HIS A 296 -63.26 -15.53 6.37
C HIS A 296 -62.08 -15.09 5.52
N ASN A 297 -60.87 -15.35 6.00
CA ASN A 297 -59.66 -14.91 5.32
C ASN A 297 -59.23 -15.82 4.17
N PHE A 298 -59.48 -17.12 4.29
CA PHE A 298 -58.98 -18.07 3.28
C PHE A 298 -60.03 -18.70 2.35
N ILE A 299 -61.31 -18.65 2.74
CA ILE A 299 -62.39 -18.96 1.80
C ILE A 299 -63.05 -17.66 1.35
N GLY A 300 -62.98 -17.39 0.05
CA GLY A 300 -63.52 -16.17 -0.52
C GLY A 300 -65.02 -16.24 -0.72
N GLU A 301 -65.65 -15.06 -0.79
CA GLU A 301 -67.04 -14.91 -1.20
C GLU A 301 -67.36 -15.90 -2.32
N GLU A 302 -68.30 -16.81 -2.06
CA GLU A 302 -68.54 -17.93 -2.99
C GLU A 302 -69.16 -17.48 -4.32
N SER A 303 -68.88 -18.27 -5.36
CA SER A 303 -69.32 -18.03 -6.74
C SER A 303 -68.88 -16.66 -7.29
N LEU A 304 -67.67 -16.64 -7.84
CA LEU A 304 -67.12 -15.47 -8.52
C LEU A 304 -66.28 -15.95 -9.70
N PRO A 305 -66.50 -15.36 -10.90
CA PRO A 305 -65.72 -15.75 -12.09
C PRO A 305 -64.21 -15.59 -11.87
N LEU A 306 -63.42 -16.38 -12.57
CA LEU A 306 -61.97 -16.49 -12.31
C LEU A 306 -61.21 -15.16 -12.31
N ASP A 307 -61.76 -14.17 -13.00
CA ASP A 307 -61.16 -12.84 -13.08
C ASP A 307 -61.58 -11.91 -11.93
N LYS A 308 -62.50 -12.40 -11.09
CA LYS A 308 -63.00 -11.63 -9.94
C LYS A 308 -62.51 -12.22 -8.61
N GLN A 309 -62.29 -13.54 -8.60
CA GLN A 309 -61.83 -14.29 -7.43
C GLN A 309 -60.63 -13.63 -6.74
N VAL A 310 -60.85 -13.22 -5.50
CA VAL A 310 -59.87 -12.45 -4.72
C VAL A 310 -58.83 -13.36 -4.09
N ILE A 311 -59.28 -14.19 -3.16
CA ILE A 311 -58.41 -15.11 -2.44
C ILE A 311 -58.31 -16.44 -3.20
N PHE A 312 -57.15 -17.10 -3.08
CA PHE A 312 -56.93 -18.41 -3.69
C PHE A 312 -56.26 -19.33 -2.67
N SER A 313 -57.03 -20.28 -2.12
CA SER A 313 -56.49 -21.16 -1.09
C SER A 313 -56.31 -22.59 -1.55
N TYR A 314 -55.26 -23.23 -1.04
CA TYR A 314 -54.87 -24.59 -1.45
C TYR A 314 -54.30 -25.39 -0.27
N VAL A 315 -54.49 -26.70 -0.34
CA VAL A 315 -54.20 -27.61 0.76
C VAL A 315 -53.85 -29.00 0.21
N VAL A 316 -52.89 -29.68 0.84
CA VAL A 316 -52.55 -31.05 0.46
C VAL A 316 -53.21 -32.08 1.37
N GLU A 317 -54.03 -32.95 0.79
CA GLU A 317 -54.69 -34.04 1.51
C GLU A 317 -54.05 -35.36 1.16
N GLN A 318 -53.44 -36.01 2.16
CA GLN A 318 -52.84 -37.33 2.03
C GLN A 318 -53.93 -38.37 1.76
N PRO A 319 -53.54 -39.61 1.38
CA PRO A 319 -54.61 -40.57 1.07
C PRO A 319 -55.53 -40.82 2.27
N ASP A 320 -54.97 -40.91 3.47
CA ASP A 320 -55.74 -41.15 4.70
C ASP A 320 -56.70 -40.01 5.05
N GLY A 321 -56.40 -38.81 4.57
CA GLY A 321 -57.22 -37.64 4.83
C GLY A 321 -56.48 -36.58 5.61
N LYS A 322 -55.22 -36.88 5.97
CA LYS A 322 -54.37 -35.96 6.70
C LYS A 322 -53.99 -34.76 5.82
N ILE A 323 -54.20 -33.56 6.35
CA ILE A 323 -53.79 -32.34 5.64
C ILE A 323 -52.35 -31.97 6.01
N THR A 324 -51.44 -32.25 5.09
CA THR A 324 -50.00 -32.05 5.27
C THR A 324 -49.59 -30.59 5.16
N ASP A 325 -50.03 -29.95 4.07
CA ASP A 325 -49.55 -28.62 3.69
C ASP A 325 -50.71 -27.67 3.39
N PHE A 326 -50.40 -26.36 3.34
CA PHE A 326 -51.39 -25.33 3.03
C PHE A 326 -50.70 -24.07 2.49
N PHE A 327 -51.23 -23.53 1.39
CA PHE A 327 -50.84 -22.18 0.94
C PHE A 327 -52.00 -21.41 0.33
N SER A 328 -51.86 -20.07 0.28
CA SER A 328 -52.86 -19.19 -0.30
C SER A 328 -52.23 -17.92 -0.89
N PHE A 329 -52.95 -17.28 -1.80
CA PHE A 329 -52.52 -16.01 -2.39
C PHE A 329 -53.69 -15.14 -2.88
N TYR A 330 -53.49 -13.83 -2.88
CA TYR A 330 -54.57 -12.91 -3.24
C TYR A 330 -54.22 -12.00 -4.42
N SER A 331 -55.21 -11.79 -5.28
CA SER A 331 -55.05 -11.00 -6.50
C SER A 331 -55.42 -9.54 -6.29
N LEU A 332 -54.44 -8.67 -6.54
CA LEU A 332 -54.70 -7.23 -6.60
C LEU A 332 -54.04 -6.71 -7.88
N PRO A 333 -54.84 -6.59 -8.97
CA PRO A 333 -54.31 -6.20 -10.27
C PRO A 333 -54.06 -4.71 -10.44
N PHE A 334 -53.15 -4.36 -11.35
CA PHE A 334 -53.01 -2.99 -11.82
C PHE A 334 -53.83 -2.79 -13.09
N THR A 335 -54.21 -1.54 -13.35
CA THR A 335 -54.71 -1.15 -14.66
C THR A 335 -53.55 -0.43 -15.36
N ILE A 336 -53.33 -0.77 -16.63
CA ILE A 336 -52.18 -0.24 -17.37
C ILE A 336 -52.62 0.78 -18.41
N LEU A 337 -51.93 1.91 -18.43
CA LEU A 337 -52.24 3.00 -19.34
C LEU A 337 -51.21 3.11 -20.45
N ASN A 338 -51.59 3.82 -21.53
CA ASN A 338 -50.68 4.16 -22.64
C ASN A 338 -50.00 2.95 -23.26
N ASN A 339 -50.78 1.88 -23.42
CA ASN A 339 -50.30 0.65 -24.03
C ASN A 339 -51.39 0.02 -24.91
N THR A 340 -51.13 0.00 -26.21
CA THR A 340 -52.07 -0.52 -27.21
C THR A 340 -52.45 -1.98 -26.93
N LYS A 341 -51.44 -2.80 -26.67
CA LYS A 341 -51.61 -4.24 -26.52
C LYS A 341 -52.39 -4.67 -25.27
N TYR A 342 -52.02 -4.11 -24.11
CA TYR A 342 -52.57 -4.56 -22.84
C TYR A 342 -53.36 -3.48 -22.10
N LYS A 343 -54.42 -3.90 -21.43
CA LYS A 343 -55.29 -2.98 -20.70
C LYS A 343 -55.05 -3.00 -19.19
N ASP A 344 -54.40 -4.07 -18.72
CA ASP A 344 -54.12 -4.25 -17.29
C ASP A 344 -53.11 -5.37 -17.03
N LEU A 345 -52.80 -5.58 -15.74
CA LEU A 345 -51.78 -6.54 -15.33
C LEU A 345 -52.31 -7.39 -14.19
N GLY A 346 -52.29 -8.70 -14.37
CA GLY A 346 -52.70 -9.64 -13.32
C GLY A 346 -51.60 -9.75 -12.28
N ILE A 347 -51.95 -9.45 -11.03
CA ILE A 347 -50.96 -9.45 -9.95
C ILE A 347 -51.39 -10.30 -8.76
N GLY A 348 -50.72 -11.43 -8.59
CA GLY A 348 -50.89 -12.28 -7.42
C GLY A 348 -49.86 -11.93 -6.35
N TYR A 349 -50.29 -12.01 -5.10
CA TYR A 349 -49.41 -11.79 -3.96
C TYR A 349 -49.48 -13.01 -3.04
N LEU A 350 -48.34 -13.64 -2.79
CA LEU A 350 -48.25 -14.74 -1.84
C LEU A 350 -48.71 -14.28 -0.46
N TYR A 351 -49.36 -15.18 0.27
CA TYR A 351 -50.01 -14.86 1.53
C TYR A 351 -49.53 -15.80 2.65
N TYR A 352 -50.47 -16.31 3.44
CA TYR A 352 -50.14 -17.20 4.55
C TYR A 352 -50.08 -18.65 4.07
N TYR A 353 -49.05 -19.36 4.51
CA TYR A 353 -48.85 -20.76 4.16
C TYR A 353 -48.44 -21.59 5.36
N ALA A 354 -48.49 -22.91 5.21
CA ALA A 354 -48.14 -23.85 6.28
C ALA A 354 -47.65 -25.17 5.70
N THR A 355 -46.91 -25.93 6.52
CA THR A 355 -46.39 -27.25 6.15
C THR A 355 -45.84 -27.97 7.38
N ASP A 356 -45.97 -29.30 7.39
CA ASP A 356 -45.46 -30.12 8.49
C ASP A 356 -44.08 -30.72 8.22
N ALA A 357 -43.45 -30.28 7.13
CA ALA A 357 -42.20 -30.85 6.63
C ALA A 357 -41.06 -30.88 7.65
N ASP A 358 -41.09 -29.96 8.62
CA ASP A 358 -40.03 -29.86 9.62
C ASP A 358 -40.52 -30.08 11.05
N PHE A 359 -41.64 -30.78 11.20
CA PHE A 359 -42.27 -30.97 12.51
C PHE A 359 -41.55 -32.00 13.39
N GLN A 360 -41.07 -33.08 12.78
CA GLN A 360 -40.41 -34.18 13.51
C GLN A 360 -39.11 -33.73 14.17
N PHE A 361 -38.56 -32.62 13.69
CA PHE A 361 -37.32 -32.07 14.22
C PHE A 361 -37.59 -31.21 15.43
N LYS A 362 -36.58 -31.06 16.27
CA LYS A 362 -36.68 -30.25 17.48
C LYS A 362 -36.39 -28.78 17.19
N ASP A 363 -35.44 -28.54 16.29
CA ASP A 363 -34.94 -27.19 16.03
C ASP A 363 -35.22 -26.73 14.61
N ARG A 364 -35.74 -25.52 14.49
CA ARG A 364 -36.04 -24.88 13.21
C ARG A 364 -34.78 -24.67 12.36
N PHE A 365 -33.66 -24.42 13.03
CA PHE A 365 -32.41 -24.07 12.34
C PHE A 365 -31.39 -25.20 12.23
N ASP A 366 -31.80 -26.40 12.64
CA ASP A 366 -31.05 -27.62 12.40
C ASP A 366 -30.90 -27.77 10.88
N PRO A 367 -29.65 -27.81 10.35
CA PRO A 367 -29.39 -27.84 8.90
C PRO A 367 -30.18 -28.87 8.11
N LYS A 368 -30.55 -29.98 8.76
CA LYS A 368 -31.33 -31.06 8.14
C LYS A 368 -32.83 -30.76 8.15
N ALA A 369 -33.27 -30.02 9.17
CA ALA A 369 -34.65 -29.58 9.31
C ALA A 369 -34.95 -28.41 8.38
N THR A 370 -33.90 -27.64 8.08
CA THR A 370 -33.99 -26.52 7.17
C THR A 370 -34.09 -27.02 5.73
N LYS A 371 -33.24 -27.98 5.37
CA LYS A 371 -33.27 -28.60 4.04
C LYS A 371 -34.57 -29.38 3.84
N ALA A 372 -35.16 -29.86 4.94
CA ALA A 372 -36.42 -30.60 4.89
C ALA A 372 -37.61 -29.67 4.64
N LEU A 373 -37.62 -28.53 5.30
CA LEU A 373 -38.64 -27.49 5.10
C LEU A 373 -38.47 -26.88 3.72
N LYS A 374 -37.22 -26.59 3.35
CA LYS A 374 -36.90 -25.89 2.10
C LYS A 374 -37.46 -26.58 0.88
N THR A 375 -37.08 -27.84 0.69
CA THR A 375 -37.48 -28.61 -0.49
C THR A 375 -39.00 -28.77 -0.59
N ARG A 376 -39.67 -28.60 0.54
CA ARG A 376 -41.13 -28.55 0.55
C ARG A 376 -41.62 -27.18 0.09
N LEU A 377 -41.04 -26.13 0.65
CA LEU A 377 -41.39 -24.75 0.27
C LEU A 377 -41.12 -24.48 -1.21
N CYS A 378 -40.10 -25.13 -1.76
CA CYS A 378 -39.82 -25.06 -3.20
C CYS A 378 -40.98 -25.63 -4.01
N GLU A 379 -41.42 -26.82 -3.63
CA GLU A 379 -42.53 -27.49 -4.31
C GLU A 379 -43.86 -26.74 -4.20
N LEU A 380 -44.27 -26.44 -2.98
CA LEU A 380 -45.56 -25.79 -2.72
C LEU A 380 -45.69 -24.45 -3.43
N ILE A 381 -44.66 -23.62 -3.30
CA ILE A 381 -44.66 -22.29 -3.92
C ILE A 381 -44.36 -22.34 -5.42
N TYR A 382 -43.76 -23.44 -5.87
CA TYR A 382 -43.66 -23.68 -7.31
C TYR A 382 -45.07 -23.94 -7.85
N ASP A 383 -45.82 -24.78 -7.14
CA ASP A 383 -47.20 -25.08 -7.50
C ASP A 383 -48.11 -23.87 -7.39
N ALA A 384 -47.79 -22.95 -6.48
CA ALA A 384 -48.52 -21.70 -6.37
C ALA A 384 -48.39 -20.90 -7.66
N CYS A 385 -47.17 -20.87 -8.21
CA CYS A 385 -46.86 -20.13 -9.43
C CYS A 385 -47.64 -20.66 -10.63
N ILE A 386 -47.68 -21.99 -10.78
CA ILE A 386 -48.54 -22.64 -11.78
C ILE A 386 -49.98 -22.14 -11.63
N LEU A 387 -50.50 -22.22 -10.41
CA LEU A 387 -51.90 -21.90 -10.13
C LEU A 387 -52.24 -20.44 -10.36
N ALA A 388 -51.37 -19.55 -9.88
CA ALA A 388 -51.50 -18.12 -10.14
C ALA A 388 -51.45 -17.86 -11.63
N LYS A 389 -50.43 -18.40 -12.31
CA LYS A 389 -50.36 -18.32 -13.77
C LYS A 389 -51.70 -18.72 -14.39
N ASN A 390 -52.22 -19.88 -13.98
CA ASN A 390 -53.49 -20.40 -14.49
C ASN A 390 -54.69 -19.50 -14.24
N ALA A 391 -54.58 -18.61 -13.25
CA ALA A 391 -55.65 -17.68 -12.93
C ALA A 391 -55.46 -16.34 -13.66
N ASN A 392 -54.61 -16.35 -14.68
CA ASN A 392 -54.27 -15.16 -15.49
C ASN A 392 -53.57 -14.05 -14.70
N MET A 393 -52.63 -14.45 -13.86
CA MET A 393 -51.73 -13.53 -13.17
C MET A 393 -50.46 -13.41 -14.02
N ASP A 394 -49.85 -12.23 -14.01
CA ASP A 394 -48.65 -11.96 -14.81
C ASP A 394 -47.38 -11.98 -13.97
N VAL A 395 -47.49 -11.53 -12.73
CA VAL A 395 -46.35 -11.46 -11.80
C VAL A 395 -46.76 -11.88 -10.39
N PHE A 396 -46.02 -12.81 -9.81
CA PHE A 396 -46.33 -13.34 -8.49
C PHE A 396 -45.40 -12.77 -7.43
N ASN A 397 -45.97 -12.05 -6.47
CA ASN A 397 -45.18 -11.38 -5.44
C ASN A 397 -45.03 -12.17 -4.15
N ALA A 398 -43.94 -11.90 -3.43
CA ALA A 398 -43.68 -12.51 -2.12
C ALA A 398 -42.58 -11.73 -1.43
N LEU A 399 -42.75 -11.48 -0.14
CA LEU A 399 -41.74 -10.71 0.61
C LEU A 399 -40.65 -11.62 1.15
N THR A 400 -39.64 -11.02 1.78
CA THR A 400 -38.57 -11.76 2.44
C THR A 400 -39.01 -12.18 3.85
N SER A 401 -40.32 -12.04 4.12
CA SER A 401 -40.88 -12.38 5.41
C SER A 401 -41.01 -13.90 5.57
N GLN A 402 -41.42 -14.32 6.77
CA GLN A 402 -41.67 -15.73 7.06
C GLN A 402 -40.47 -16.62 6.72
N ASP A 403 -40.72 -17.85 6.27
CA ASP A 403 -39.64 -18.71 5.81
C ASP A 403 -39.39 -18.52 4.31
N ASN A 404 -39.92 -17.44 3.75
CA ASN A 404 -39.86 -17.20 2.30
C ASN A 404 -38.46 -17.22 1.71
N THR A 405 -37.50 -16.73 2.49
CA THR A 405 -36.09 -16.66 2.08
C THR A 405 -35.51 -18.02 1.63
N LEU A 406 -36.19 -19.10 1.98
CA LEU A 406 -35.75 -20.43 1.59
C LEU A 406 -35.92 -20.75 0.10
N PHE A 407 -36.99 -20.24 -0.51
CA PHE A 407 -37.29 -20.60 -1.90
C PHE A 407 -37.08 -19.49 -2.93
N LEU A 408 -37.16 -18.24 -2.50
CA LEU A 408 -37.16 -17.07 -3.39
C LEU A 408 -36.08 -17.08 -4.47
N ASP A 409 -34.84 -17.32 -4.07
CA ASP A 409 -33.71 -17.35 -4.99
C ASP A 409 -33.83 -18.52 -5.97
N ASP A 410 -34.22 -19.68 -5.45
CA ASP A 410 -34.33 -20.91 -6.24
C ASP A 410 -35.46 -20.88 -7.27
N LEU A 411 -36.54 -20.18 -6.95
CA LEU A 411 -37.72 -20.15 -7.80
C LEU A 411 -37.77 -18.94 -8.74
N LYS A 412 -36.60 -18.36 -9.00
CA LYS A 412 -36.44 -17.20 -9.89
C LYS A 412 -37.18 -15.95 -9.40
N PHE A 413 -37.51 -15.89 -8.10
CA PHE A 413 -38.03 -14.66 -7.50
C PHE A 413 -36.89 -13.64 -7.47
N GLY A 414 -36.62 -13.03 -8.62
CA GLY A 414 -35.60 -11.99 -8.73
C GLY A 414 -35.94 -10.81 -7.84
N PRO A 415 -34.92 -10.09 -7.35
CA PRO A 415 -35.17 -9.01 -6.41
C PRO A 415 -36.04 -7.91 -7.01
N GLY A 416 -36.86 -7.30 -6.17
CA GLY A 416 -37.56 -6.07 -6.51
C GLY A 416 -37.01 -4.99 -5.60
N ASP A 417 -37.33 -3.73 -5.87
CA ASP A 417 -36.76 -2.64 -5.09
C ASP A 417 -37.61 -2.18 -3.90
N GLY A 418 -38.85 -2.67 -3.82
CA GLY A 418 -39.76 -2.30 -2.73
C GLY A 418 -39.28 -2.74 -1.35
N PHE A 419 -39.40 -1.84 -0.37
CA PHE A 419 -39.13 -2.17 1.04
C PHE A 419 -40.37 -1.96 1.89
N LEU A 420 -40.79 -3.00 2.59
CA LEU A 420 -41.91 -2.85 3.52
C LEU A 420 -41.38 -2.72 4.94
N ASN A 421 -41.75 -1.61 5.59
CA ASN A 421 -41.43 -1.36 6.99
C ASN A 421 -42.62 -1.69 7.86
N PHE A 422 -42.41 -2.60 8.81
CA PHE A 422 -43.47 -2.98 9.74
C PHE A 422 -43.33 -2.16 11.01
N TYR A 423 -44.41 -1.48 11.39
CA TYR A 423 -44.41 -0.66 12.60
C TYR A 423 -45.51 -1.12 13.57
N LEU A 424 -45.25 -0.94 14.86
CA LEU A 424 -46.24 -1.19 15.92
C LEU A 424 -46.63 0.12 16.62
N PHE A 425 -47.93 0.40 16.69
CA PHE A 425 -48.40 1.61 17.37
C PHE A 425 -48.57 1.38 18.86
N ASN A 426 -47.77 2.10 19.65
CA ASN A 426 -47.87 2.10 21.11
C ASN A 426 -47.39 0.78 21.74
N TYR A 427 -46.22 0.31 21.33
CA TYR A 427 -45.64 -0.92 21.87
C TYR A 427 -44.17 -1.08 21.47
N ARG A 428 -43.29 -1.17 22.47
CA ARG A 428 -41.84 -1.37 22.27
C ARG A 428 -41.52 -2.80 21.85
N ALA A 429 -40.57 -2.94 20.92
CA ALA A 429 -40.11 -4.26 20.49
C ALA A 429 -38.70 -4.20 19.90
N LYS A 430 -37.86 -5.15 20.30
CA LYS A 430 -36.52 -5.26 19.75
C LYS A 430 -36.58 -5.70 18.29
N PRO A 431 -35.73 -5.15 17.42
CA PRO A 431 -35.66 -5.54 16.02
C PRO A 431 -35.92 -7.03 15.74
N ILE A 432 -37.02 -7.30 15.04
CA ILE A 432 -37.35 -8.64 14.54
C ILE A 432 -36.70 -8.78 13.16
N THR A 433 -36.03 -9.91 12.93
CA THR A 433 -35.34 -10.16 11.66
C THR A 433 -36.32 -10.13 10.47
N GLY A 434 -35.89 -9.54 9.36
CA GLY A 434 -36.77 -9.36 8.20
C GLY A 434 -36.46 -10.24 7.00
N GLY A 435 -35.39 -11.02 7.08
CA GLY A 435 -34.95 -11.84 5.95
C GLY A 435 -33.94 -11.12 5.07
N LEU A 436 -33.50 -9.95 5.53
CA LEU A 436 -32.48 -9.18 4.83
C LEU A 436 -31.18 -9.20 5.60
N ASN A 437 -30.10 -9.56 4.91
CA ASN A 437 -28.76 -9.35 5.43
C ASN A 437 -28.41 -7.86 5.28
N PRO A 438 -27.57 -7.32 6.20
CA PRO A 438 -27.24 -5.89 6.21
C PRO A 438 -26.97 -5.26 4.84
N ASP A 439 -26.55 -6.05 3.86
CA ASP A 439 -26.30 -5.56 2.50
C ASP A 439 -27.52 -5.71 1.57
N ASN A 440 -28.71 -5.76 2.16
CA ASN A 440 -29.98 -5.90 1.43
C ASN A 440 -30.21 -7.23 0.68
N SER A 441 -29.22 -8.11 0.72
CA SER A 441 -29.34 -9.45 0.12
C SER A 441 -30.29 -10.33 0.93
N ASN A 442 -30.82 -11.37 0.30
CA ASN A 442 -31.72 -12.31 0.97
C ASN A 442 -30.97 -13.15 1.99
N ASP A 443 -31.46 -13.16 3.23
CA ASP A 443 -30.79 -13.83 4.34
C ASP A 443 -31.12 -15.32 4.42
N ILE A 444 -30.46 -16.11 3.57
CA ILE A 444 -30.68 -17.57 3.52
C ILE A 444 -30.31 -18.25 4.83
N LYS A 445 -29.55 -17.52 5.65
CA LYS A 445 -28.92 -18.03 6.86
C LYS A 445 -29.90 -18.12 8.01
N ARG A 446 -30.53 -16.99 8.35
CA ARG A 446 -31.44 -16.91 9.50
C ARG A 446 -32.92 -16.81 9.10
N ARG A 447 -33.19 -16.70 7.80
CA ARG A 447 -34.55 -16.49 7.29
C ARG A 447 -35.20 -15.26 7.92
N SER A 448 -36.50 -15.32 8.18
CA SER A 448 -37.22 -14.21 8.82
C SER A 448 -38.14 -14.65 9.96
N ASN A 449 -38.38 -13.73 10.88
CA ASN A 449 -39.27 -13.94 12.01
C ASN A 449 -40.60 -13.20 11.92
N VAL A 450 -40.83 -12.52 10.80
CA VAL A 450 -42.09 -11.81 10.60
C VAL A 450 -43.15 -12.78 10.11
N GLY A 451 -44.26 -12.87 10.85
CA GLY A 451 -45.29 -13.86 10.61
C GLY A 451 -46.54 -13.34 9.95
N VAL A 452 -46.89 -12.09 10.23
CA VAL A 452 -48.04 -11.44 9.59
C VAL A 452 -47.73 -11.01 8.16
N VAL A 453 -48.76 -11.03 7.31
CA VAL A 453 -48.66 -10.47 5.97
C VAL A 453 -49.73 -9.40 5.81
N MET A 454 -49.29 -8.15 5.73
CA MET A 454 -50.17 -7.02 5.47
C MET A 454 -50.48 -6.90 3.97
N LEU A 455 -51.48 -6.07 3.63
CA LEU A 455 -51.90 -5.91 2.23
C LEU A 455 -51.24 -4.70 1.55
N ASP B 5 -24.25 42.30 -8.67
CA ASP B 5 -25.53 42.87 -9.16
C ASP B 5 -25.47 43.18 -10.66
N LYS B 6 -24.28 43.55 -11.14
CA LYS B 6 -24.05 43.75 -12.57
C LYS B 6 -23.36 42.54 -13.20
N ALA B 7 -23.62 41.38 -12.61
CA ALA B 7 -23.17 40.09 -13.15
C ALA B 7 -24.37 39.15 -13.29
N LYS B 8 -25.39 39.37 -12.46
CA LYS B 8 -26.65 38.61 -12.52
C LYS B 8 -27.54 39.06 -13.67
N LYS B 9 -27.44 40.34 -14.02
CA LYS B 9 -28.11 40.91 -15.18
C LYS B 9 -27.46 40.38 -16.46
N LEU B 10 -26.14 40.21 -16.42
CA LEU B 10 -25.39 39.63 -17.54
C LEU B 10 -25.64 38.13 -17.69
N GLU B 11 -25.82 37.44 -16.57
CA GLU B 11 -26.12 36.01 -16.58
C GLU B 11 -27.49 35.73 -17.19
N ASN B 12 -28.51 36.43 -16.68
CA ASN B 12 -29.89 36.33 -17.18
C ASN B 12 -30.03 36.45 -18.70
N LEU B 13 -29.36 37.44 -19.28
CA LEU B 13 -29.43 37.69 -20.72
C LEU B 13 -28.91 36.49 -21.50
N LEU B 14 -27.78 35.96 -21.06
CA LEU B 14 -27.20 34.73 -21.61
C LEU B 14 -28.17 33.55 -21.43
N LYS B 15 -28.90 33.55 -20.31
CA LYS B 15 -29.91 32.54 -20.03
C LYS B 15 -31.12 32.65 -20.96
N LEU B 16 -31.62 33.88 -21.14
CA LEU B 16 -32.77 34.14 -22.01
C LEU B 16 -32.45 33.78 -23.45
N LEU B 17 -31.19 34.00 -23.84
CA LEU B 17 -30.67 33.55 -25.14
C LEU B 17 -30.79 32.03 -25.25
N GLN B 18 -30.36 31.32 -24.20
CA GLN B 18 -30.34 29.86 -24.18
C GLN B 18 -31.70 29.24 -23.85
N LEU B 19 -32.59 30.04 -23.27
CA LEU B 19 -33.92 29.60 -22.85
C LEU B 19 -34.66 28.83 -23.94
N ASN B 20 -35.23 27.69 -23.59
CA ASN B 20 -35.91 26.82 -24.53
C ASN B 20 -37.12 26.06 -23.95
N ASN B 21 -37.72 25.20 -24.76
CA ASN B 21 -38.97 24.52 -24.41
C ASN B 21 -38.78 23.32 -23.48
N HIS B 38 -24.97 31.05 -6.78
CA HIS B 38 -23.93 30.02 -6.90
C HIS B 38 -22.99 30.01 -5.70
N LYS B 39 -23.55 29.70 -4.54
CA LYS B 39 -22.82 29.71 -3.27
C LYS B 39 -21.52 28.90 -3.28
N PHE B 40 -21.46 27.88 -4.14
CA PHE B 40 -20.23 27.11 -4.31
C PHE B 40 -19.31 27.73 -5.38
N TRP B 41 -19.86 28.04 -6.54
CA TRP B 41 -19.07 28.58 -7.66
C TRP B 41 -18.57 30.00 -7.39
N ARG B 42 -19.11 30.66 -6.38
CA ARG B 42 -18.61 31.95 -5.91
C ARG B 42 -17.23 31.78 -5.24
N THR B 43 -17.01 30.60 -4.67
CA THR B 43 -15.75 30.27 -3.97
C THR B 43 -14.73 29.59 -4.88
N GLN B 44 -14.89 29.76 -6.19
CA GLN B 44 -14.10 29.01 -7.17
C GLN B 44 -13.25 29.89 -8.06
N PRO B 45 -12.15 29.35 -8.62
CA PRO B 45 -11.35 30.06 -9.61
C PRO B 45 -11.84 29.85 -11.05
N VAL B 46 -12.94 30.52 -11.40
CA VAL B 46 -13.45 30.52 -12.77
C VAL B 46 -13.62 31.97 -13.21
N LYS B 47 -13.70 32.20 -14.52
CA LYS B 47 -13.96 33.53 -15.06
C LYS B 47 -15.28 34.08 -14.49
N ASP B 48 -15.43 35.40 -14.52
CA ASP B 48 -16.69 36.03 -14.12
C ASP B 48 -17.45 36.48 -15.36
N PHE B 49 -18.77 36.64 -15.24
CA PHE B 49 -19.64 37.02 -16.36
C PHE B 49 -19.30 38.40 -16.95
N ASP B 50 -18.86 39.32 -16.08
CA ASP B 50 -18.52 40.68 -16.49
C ASP B 50 -17.01 40.93 -16.64
N GLU B 51 -16.22 39.87 -16.49
CA GLU B 51 -14.76 39.95 -16.57
C GLU B 51 -14.30 40.14 -18.02
N LYS B 52 -13.58 41.22 -18.28
CA LYS B 52 -13.06 41.51 -19.61
C LYS B 52 -11.57 41.16 -19.73
N VAL B 53 -11.30 40.14 -20.53
CA VAL B 53 -9.98 39.51 -20.60
C VAL B 53 -9.11 40.06 -21.73
N VAL B 54 -7.83 40.23 -21.44
CA VAL B 54 -6.81 40.50 -22.46
C VAL B 54 -5.66 39.50 -22.28
N GLU B 55 -5.05 39.52 -21.10
CA GLU B 55 -4.01 38.54 -20.75
C GLU B 55 -4.66 37.23 -20.37
N GLU B 56 -4.51 36.24 -21.26
CA GLU B 56 -5.02 34.91 -21.01
C GLU B 56 -4.01 34.14 -20.18
N GLY B 57 -4.52 33.43 -19.18
CA GLY B 57 -3.68 32.67 -18.27
C GLY B 57 -4.42 32.23 -17.03
N PRO B 58 -3.69 31.61 -16.09
CA PRO B 58 -4.28 30.99 -14.90
C PRO B 58 -4.84 32.01 -13.93
N ILE B 59 -5.86 31.61 -13.16
CA ILE B 59 -6.55 32.49 -12.23
C ILE B 59 -5.90 32.50 -10.85
N ASP B 60 -5.81 31.32 -10.23
CA ASP B 60 -5.17 31.17 -8.92
C ASP B 60 -3.66 31.30 -8.99
N LYS B 61 -3.03 31.58 -7.86
CA LYS B 61 -1.57 31.67 -7.75
C LYS B 61 -0.91 30.29 -7.93
N PRO B 62 0.32 30.25 -8.49
CA PRO B 62 1.05 29.00 -8.69
C PRO B 62 1.18 28.17 -7.41
N LYS B 63 0.97 26.87 -7.54
CA LYS B 63 1.09 25.95 -6.41
C LYS B 63 1.84 24.68 -6.81
N THR B 64 2.33 23.97 -5.80
CA THR B 64 2.94 22.65 -5.97
C THR B 64 1.97 21.62 -5.39
N PRO B 65 2.22 20.31 -5.61
CA PRO B 65 1.38 19.29 -4.98
C PRO B 65 1.31 19.39 -3.45
N GLU B 66 2.47 19.63 -2.81
CA GLU B 66 2.58 19.74 -1.34
C GLU B 66 1.69 20.84 -0.76
N ASP B 67 1.23 21.76 -1.61
CA ASP B 67 0.28 22.79 -1.19
C ASP B 67 -1.12 22.23 -1.00
N ILE B 68 -1.37 21.06 -1.59
CA ILE B 68 -2.69 20.42 -1.57
C ILE B 68 -2.72 19.23 -0.61
N SER B 69 -3.86 19.08 0.08
CA SER B 69 -4.07 18.05 1.09
C SER B 69 -4.03 16.61 0.57
N ASP B 70 -3.99 15.65 1.49
CA ASP B 70 -4.08 14.23 1.16
C ASP B 70 -5.42 13.65 1.62
N LYS B 71 -6.01 14.30 2.63
CA LYS B 71 -7.27 13.85 3.23
C LYS B 71 -8.45 14.08 2.28
N PRO B 72 -9.14 12.98 1.91
CA PRO B 72 -10.31 13.09 1.04
C PRO B 72 -11.41 13.90 1.71
N LEU B 73 -11.93 14.88 0.99
CA LEU B 73 -12.95 15.79 1.51
C LEU B 73 -14.07 15.05 2.22
N PRO B 74 -14.53 15.60 3.37
CA PRO B 74 -15.52 14.92 4.18
C PRO B 74 -16.89 14.95 3.53
N LEU B 75 -17.66 13.90 3.74
CA LEU B 75 -19.02 13.84 3.24
C LEU B 75 -19.99 13.36 4.32
N LEU B 76 -21.29 13.48 4.04
CA LEU B 76 -22.35 13.11 4.98
C LEU B 76 -22.22 11.66 5.46
N SER B 77 -22.72 11.38 6.66
CA SER B 77 -22.54 10.05 7.26
C SER B 77 -23.32 8.98 6.52
N SER B 78 -22.68 7.82 6.33
CA SER B 78 -23.25 6.73 5.55
C SER B 78 -22.60 6.58 4.19
N PHE B 79 -21.88 7.61 3.75
CA PHE B 79 -21.24 7.61 2.44
C PHE B 79 -19.73 7.39 2.50
N GLU B 80 -19.19 6.72 1.50
CA GLU B 80 -17.75 6.54 1.38
C GLU B 80 -17.25 6.72 -0.05
N TRP B 81 -16.03 7.23 -0.19
CA TRP B 81 -15.40 7.38 -1.49
C TRP B 81 -15.02 6.01 -2.07
N CYS B 82 -14.96 5.95 -3.39
CA CYS B 82 -14.55 4.73 -4.09
C CYS B 82 -13.90 5.10 -5.41
N SER B 83 -12.97 4.26 -5.84
CA SER B 83 -12.27 4.46 -7.09
C SER B 83 -12.61 3.29 -8.00
N ILE B 84 -13.46 3.56 -9.00
CA ILE B 84 -13.89 2.54 -9.94
C ILE B 84 -12.71 2.05 -10.77
N ASP B 85 -12.39 0.77 -10.60
CA ASP B 85 -11.44 0.10 -11.47
C ASP B 85 -12.19 -0.26 -12.74
N VAL B 86 -11.92 0.47 -13.81
CA VAL B 86 -12.61 0.28 -15.10
C VAL B 86 -12.51 -1.16 -15.59
N ASP B 87 -11.36 -1.79 -15.33
CA ASP B 87 -11.13 -3.19 -15.71
C ASP B 87 -11.89 -4.19 -14.85
N ASN B 88 -12.40 -3.73 -13.71
CA ASN B 88 -13.24 -4.58 -12.87
C ASN B 88 -14.66 -4.65 -13.45
N LYS B 89 -14.96 -5.78 -14.09
CA LYS B 89 -16.24 -6.00 -14.75
C LYS B 89 -17.43 -5.62 -13.88
N LYS B 90 -17.43 -6.09 -12.63
CA LYS B 90 -18.50 -5.82 -11.68
C LYS B 90 -18.63 -4.35 -11.28
N GLN B 91 -17.51 -3.62 -11.35
CA GLN B 91 -17.47 -2.22 -10.94
C GLN B 91 -17.89 -1.25 -12.01
N LEU B 92 -17.53 -1.54 -13.27
CA LEU B 92 -17.92 -0.66 -14.37
C LEU B 92 -19.42 -0.72 -14.57
N GLU B 93 -20.01 -1.88 -14.29
CA GLU B 93 -21.46 -2.05 -14.33
C GLU B 93 -22.13 -1.15 -13.29
N ASP B 94 -21.57 -1.09 -12.08
CA ASP B 94 -22.05 -0.18 -11.04
C ASP B 94 -22.21 1.24 -11.57
N VAL B 95 -21.16 1.73 -12.25
CA VAL B 95 -21.14 3.06 -12.84
C VAL B 95 -22.22 3.24 -13.92
N PHE B 96 -22.28 2.34 -14.89
CA PHE B 96 -23.24 2.53 -15.97
C PHE B 96 -24.70 2.15 -15.67
N VAL B 97 -24.94 1.42 -14.58
CA VAL B 97 -26.31 1.24 -14.10
C VAL B 97 -26.79 2.56 -13.50
N LEU B 98 -25.92 3.18 -12.70
CA LEU B 98 -26.17 4.47 -12.06
C LEU B 98 -26.59 5.56 -13.05
N LEU B 99 -25.77 5.79 -14.07
CA LEU B 99 -26.07 6.78 -15.10
C LEU B 99 -27.29 6.39 -15.91
N ASN B 100 -27.30 5.14 -16.39
CA ASN B 100 -28.42 4.61 -17.20
C ASN B 100 -29.78 4.73 -16.54
N GLU B 101 -29.81 5.09 -15.26
CA GLU B 101 -31.07 5.20 -14.52
C GLU B 101 -31.32 6.58 -13.91
N ASN B 102 -30.27 7.39 -13.78
CA ASN B 102 -30.41 8.72 -13.19
C ASN B 102 -30.01 9.88 -14.11
N TYR B 103 -29.34 9.55 -15.22
CA TYR B 103 -28.80 10.57 -16.14
C TYR B 103 -29.88 11.41 -16.83
N VAL B 104 -31.04 10.81 -17.09
CA VAL B 104 -32.18 11.55 -17.60
C VAL B 104 -32.95 12.15 -16.42
N GLU B 105 -33.24 13.44 -16.51
CA GLU B 105 -33.90 14.20 -15.45
C GLU B 105 -35.34 13.71 -15.22
N ASP B 106 -36.12 13.68 -16.30
CA ASP B 106 -37.52 13.25 -16.26
C ASP B 106 -37.63 11.72 -16.30
N ARG B 107 -38.20 11.14 -15.25
CA ARG B 107 -38.33 9.68 -15.14
C ARG B 107 -39.34 9.12 -16.15
N ASP B 108 -40.39 9.89 -16.41
CA ASP B 108 -41.45 9.49 -17.33
C ASP B 108 -41.16 9.91 -18.78
N ALA B 109 -39.90 10.19 -19.07
CA ALA B 109 -39.47 10.66 -20.40
C ALA B 109 -39.58 9.59 -21.48
N GLY B 110 -39.68 8.32 -21.06
CA GLY B 110 -39.86 7.20 -21.98
C GLY B 110 -38.59 6.79 -22.71
N PHE B 111 -37.46 7.36 -22.28
CA PHE B 111 -36.16 7.00 -22.82
C PHE B 111 -35.08 7.12 -21.75
N ARG B 112 -34.02 6.32 -21.89
CA ARG B 112 -32.88 6.40 -20.99
C ARG B 112 -31.59 6.36 -21.81
N PHE B 113 -30.51 6.90 -21.24
CA PHE B 113 -29.17 6.73 -21.81
C PHE B 113 -28.79 5.26 -21.72
N ASN B 114 -28.01 4.80 -22.70
CA ASN B 114 -27.59 3.40 -22.75
C ASN B 114 -26.07 3.27 -22.87
N TYR B 115 -25.37 3.73 -21.84
CA TYR B 115 -23.93 3.54 -21.74
C TYR B 115 -23.63 2.05 -21.57
N THR B 116 -22.79 1.52 -22.45
CA THR B 116 -22.34 0.14 -22.32
C THR B 116 -20.89 0.09 -21.88
N LYS B 117 -20.50 -1.06 -21.31
CA LYS B 117 -19.12 -1.32 -20.91
C LYS B 117 -18.12 -1.16 -22.05
N GLU B 118 -18.60 -1.36 -23.29
CA GLU B 118 -17.79 -1.09 -24.48
C GLU B 118 -17.49 0.40 -24.61
N PHE B 119 -18.48 1.24 -24.32
CA PHE B 119 -18.33 2.71 -24.40
C PHE B 119 -17.33 3.22 -23.36
N PHE B 120 -17.55 2.87 -22.09
CA PHE B 120 -16.71 3.35 -20.99
C PHE B 120 -15.28 2.79 -21.03
N ASN B 121 -15.11 1.67 -21.74
CA ASN B 121 -13.78 1.10 -21.97
C ASN B 121 -12.95 1.95 -22.92
N TRP B 122 -13.63 2.70 -23.78
CA TRP B 122 -12.98 3.53 -24.79
C TRP B 122 -12.64 4.93 -24.26
N ALA B 123 -13.57 5.53 -23.54
CA ALA B 123 -13.47 6.94 -23.14
C ALA B 123 -12.79 7.17 -21.79
N LEU B 124 -13.00 6.25 -20.86
CA LEU B 124 -12.43 6.35 -19.51
C LEU B 124 -11.08 5.63 -19.43
N LYS B 125 -10.65 5.09 -20.55
CA LYS B 125 -9.36 4.41 -20.64
C LYS B 125 -8.40 5.16 -21.57
N SER B 126 -8.54 6.47 -21.65
CA SER B 126 -7.63 7.31 -22.43
C SER B 126 -6.22 7.20 -21.85
N PRO B 127 -5.18 7.29 -22.69
CA PRO B 127 -3.82 7.20 -22.15
C PRO B 127 -3.63 8.12 -20.94
N GLY B 128 -2.96 7.59 -19.91
CA GLY B 128 -2.70 8.36 -18.70
C GLY B 128 -3.85 8.37 -17.71
N TRP B 129 -4.86 7.53 -17.95
CA TRP B 129 -6.02 7.43 -17.06
C TRP B 129 -5.61 6.97 -15.68
N LYS B 130 -6.42 7.32 -14.70
CA LYS B 130 -6.18 6.96 -13.31
C LYS B 130 -7.52 6.54 -12.73
N LYS B 131 -7.57 5.35 -12.12
CA LYS B 131 -8.82 4.88 -11.52
C LYS B 131 -9.20 5.68 -10.27
N ASP B 132 -8.20 6.32 -9.66
CA ASP B 132 -8.45 7.28 -8.57
C ASP B 132 -9.07 8.57 -9.12
N TRP B 133 -9.17 8.67 -10.44
CA TRP B 133 -9.81 9.80 -11.10
C TRP B 133 -11.23 9.45 -11.55
N HIS B 134 -11.47 8.18 -11.83
CA HIS B 134 -12.85 7.69 -11.98
C HIS B 134 -13.41 7.49 -10.57
N ILE B 135 -13.83 8.62 -9.98
CA ILE B 135 -14.29 8.71 -8.60
C ILE B 135 -15.75 8.32 -8.45
N GLY B 136 -16.14 7.94 -7.24
CA GLY B 136 -17.55 7.70 -6.92
C GLY B 136 -17.84 7.81 -5.44
N VAL B 137 -19.13 7.79 -5.11
CA VAL B 137 -19.59 7.76 -3.72
C VAL B 137 -20.53 6.58 -3.54
N ARG B 138 -20.26 5.77 -2.52
CA ARG B 138 -21.10 4.62 -2.19
C ARG B 138 -21.74 4.78 -0.82
N VAL B 139 -22.91 4.17 -0.65
CA VAL B 139 -23.56 4.11 0.66
C VAL B 139 -22.94 2.96 1.44
N LYS B 140 -22.11 3.31 2.44
CA LYS B 140 -21.28 2.36 3.19
C LYS B 140 -21.80 0.94 3.33
N GLU B 141 -22.94 0.77 4.01
CA GLU B 141 -23.43 -0.56 4.39
C GLU B 141 -23.85 -1.41 3.19
N THR B 142 -24.56 -0.81 2.25
CA THR B 142 -25.04 -1.50 1.04
C THR B 142 -23.96 -1.68 -0.02
N GLN B 143 -23.08 -0.67 -0.13
CA GLN B 143 -22.11 -0.55 -1.22
C GLN B 143 -22.75 0.00 -2.50
N LYS B 144 -24.05 0.28 -2.44
CA LYS B 144 -24.78 0.91 -3.54
C LYS B 144 -24.11 2.21 -3.98
N LEU B 145 -23.72 2.27 -5.26
CA LEU B 145 -23.10 3.47 -5.82
C LEU B 145 -24.18 4.52 -6.04
N VAL B 146 -23.92 5.75 -5.60
CA VAL B 146 -24.93 6.80 -5.68
C VAL B 146 -24.42 8.08 -6.35
N ALA B 147 -23.13 8.10 -6.68
CA ALA B 147 -22.52 9.28 -7.29
C ALA B 147 -21.33 8.92 -8.16
N PHE B 148 -21.07 9.74 -9.17
CA PHE B 148 -19.92 9.58 -10.04
C PHE B 148 -19.45 10.91 -10.62
N ILE B 149 -18.14 11.02 -10.81
CA ILE B 149 -17.53 12.10 -11.57
C ILE B 149 -16.13 11.69 -12.03
N SER B 150 -15.91 11.77 -13.34
CA SER B 150 -14.68 11.31 -13.96
C SER B 150 -13.71 12.43 -14.32
N ALA B 151 -12.42 12.10 -14.25
CA ALA B 151 -11.36 12.93 -14.81
C ALA B 151 -10.54 12.11 -15.80
N ILE B 152 -10.23 12.71 -16.94
CA ILE B 152 -9.29 12.13 -17.89
C ILE B 152 -8.24 13.18 -18.30
N PRO B 153 -6.98 12.77 -18.48
CA PRO B 153 -5.93 13.78 -18.65
C PRO B 153 -5.82 14.26 -20.09
N VAL B 154 -5.79 15.58 -20.29
CA VAL B 154 -5.55 16.14 -21.62
C VAL B 154 -4.56 17.30 -21.60
N THR B 155 -4.23 17.80 -22.80
CA THR B 155 -3.41 18.99 -22.93
C THR B 155 -4.14 19.97 -23.85
N LEU B 156 -4.68 21.02 -23.24
CA LEU B 156 -5.48 22.00 -23.95
C LEU B 156 -4.63 23.05 -24.65
N GLY B 157 -4.95 23.29 -25.92
CA GLY B 157 -4.37 24.39 -26.68
C GLY B 157 -5.36 25.54 -26.69
N VAL B 158 -5.23 26.45 -25.73
CA VAL B 158 -6.10 27.60 -25.61
C VAL B 158 -5.41 28.83 -26.19
N ARG B 159 -5.47 28.97 -27.52
CA ARG B 159 -4.72 29.98 -28.28
C ARG B 159 -3.23 29.92 -28.02
N GLY B 160 -2.49 29.31 -28.94
CA GLY B 160 -1.02 29.24 -28.87
C GLY B 160 -0.45 28.61 -27.62
N LYS B 161 -0.96 29.05 -26.46
CA LYS B 161 -0.50 28.59 -25.15
C LYS B 161 -0.96 27.16 -24.87
N GLN B 162 0.02 26.32 -24.54
CA GLN B 162 -0.22 24.92 -24.23
C GLN B 162 -0.49 24.82 -22.74
N VAL B 163 -1.72 24.40 -22.39
CA VAL B 163 -2.18 24.43 -21.01
C VAL B 163 -2.53 23.01 -20.53
N PRO B 164 -1.63 22.38 -19.75
CA PRO B 164 -1.85 20.99 -19.34
C PRO B 164 -3.02 20.85 -18.37
N SER B 165 -3.98 20.00 -18.73
CA SER B 165 -5.25 19.94 -18.00
C SER B 165 -5.95 18.57 -18.00
N VAL B 166 -7.17 18.56 -17.46
CA VAL B 166 -7.96 17.35 -17.32
C VAL B 166 -9.36 17.61 -17.92
N GLU B 167 -10.01 16.57 -18.42
CA GLU B 167 -11.39 16.70 -18.94
C GLU B 167 -12.39 16.07 -17.99
N ILE B 168 -13.20 16.90 -17.35
CA ILE B 168 -14.16 16.43 -16.35
C ILE B 168 -15.50 16.09 -16.98
N ASN B 169 -15.89 14.82 -16.86
CA ASN B 169 -17.13 14.34 -17.46
C ASN B 169 -17.91 13.35 -16.57
N PHE B 170 -19.17 13.12 -16.95
CA PHE B 170 -20.02 12.07 -16.38
C PHE B 170 -20.50 12.26 -14.94
N LEU B 171 -20.65 13.51 -14.51
CA LEU B 171 -21.21 13.81 -13.19
C LEU B 171 -22.58 13.14 -13.05
N CYS B 172 -22.83 12.51 -11.90
CA CYS B 172 -24.12 11.91 -11.63
C CYS B 172 -24.40 11.67 -10.15
N VAL B 173 -25.33 12.44 -9.61
CA VAL B 173 -25.90 12.17 -8.29
C VAL B 173 -27.14 11.33 -8.53
N HIS B 174 -27.26 10.21 -7.81
CA HIS B 174 -28.47 9.38 -7.85
C HIS B 174 -29.69 10.25 -7.54
N LYS B 175 -30.76 10.06 -8.31
CA LYS B 175 -31.94 10.91 -8.22
C LYS B 175 -32.39 11.19 -6.80
N GLN B 176 -32.68 10.12 -6.06
CA GLN B 176 -33.33 10.19 -4.74
C GLN B 176 -32.48 10.89 -3.66
N LEU B 177 -31.31 11.38 -4.04
CA LEU B 177 -30.51 12.23 -3.14
C LEU B 177 -30.02 13.53 -3.81
N ARG B 178 -30.79 14.01 -4.79
CA ARG B 178 -30.47 15.27 -5.46
C ARG B 178 -30.86 16.49 -4.65
N SER B 179 -30.24 17.62 -4.98
CA SER B 179 -30.33 18.86 -4.20
C SER B 179 -29.88 18.65 -2.75
N LYS B 180 -28.82 17.87 -2.59
CA LYS B 180 -28.17 17.65 -1.30
C LYS B 180 -26.88 18.45 -1.19
N ARG B 181 -26.60 19.23 -2.23
CA ARG B 181 -25.33 19.97 -2.36
C ARG B 181 -24.13 19.03 -2.38
N LEU B 182 -24.37 17.82 -2.88
CA LEU B 182 -23.34 16.79 -2.98
C LEU B 182 -22.36 17.10 -4.09
N THR B 183 -22.83 17.84 -5.10
CA THR B 183 -22.05 18.14 -6.30
C THR B 183 -20.75 18.92 -6.01
N PRO B 184 -20.82 20.03 -5.23
CA PRO B 184 -19.58 20.72 -4.85
C PRO B 184 -18.54 19.79 -4.24
N VAL B 185 -18.95 19.00 -3.25
CA VAL B 185 -18.11 17.97 -2.64
C VAL B 185 -17.54 17.04 -3.72
N LEU B 186 -18.34 16.76 -4.74
CA LEU B 186 -17.87 15.97 -5.89
C LEU B 186 -16.84 16.72 -6.72
N ILE B 187 -17.09 18.00 -6.99
CA ILE B 187 -16.15 18.84 -7.75
C ILE B 187 -14.83 18.99 -6.99
N LYS B 188 -14.93 19.38 -5.72
CA LYS B 188 -13.76 19.65 -4.88
C LYS B 188 -12.85 18.45 -4.69
N GLU B 189 -13.44 17.26 -4.56
CA GLU B 189 -12.68 16.02 -4.34
C GLU B 189 -11.92 15.62 -5.60
N ILE B 190 -12.59 15.76 -6.75
CA ILE B 190 -11.96 15.50 -8.03
C ILE B 190 -10.85 16.55 -8.27
N THR B 191 -11.11 17.79 -7.86
CA THR B 191 -10.15 18.90 -8.00
C THR B 191 -8.88 18.59 -7.21
N ARG B 192 -9.04 18.39 -5.90
CA ARG B 192 -7.95 18.01 -5.00
C ARG B 192 -7.07 16.90 -5.59
N ARG B 193 -7.69 15.80 -5.98
CA ARG B 193 -6.94 14.64 -6.50
C ARG B 193 -6.14 14.99 -7.74
N VAL B 194 -6.77 15.69 -8.68
CA VAL B 194 -6.11 16.15 -9.90
C VAL B 194 -5.00 17.16 -9.59
N ASN B 195 -5.27 18.07 -8.65
CA ASN B 195 -4.23 18.98 -8.16
C ASN B 195 -3.04 18.21 -7.60
N LYS B 196 -3.31 17.13 -6.88
CA LYS B 196 -2.25 16.38 -6.22
C LYS B 196 -1.34 15.62 -7.19
N CYS B 197 -1.80 15.43 -8.43
CA CYS B 197 -0.95 14.87 -9.49
C CYS B 197 -0.27 15.97 -10.29
N ASP B 198 -0.56 17.21 -9.91
CA ASP B 198 0.09 18.44 -10.37
C ASP B 198 -0.62 19.17 -11.52
N ILE B 199 -1.66 18.55 -12.08
CA ILE B 199 -2.46 19.22 -13.11
C ILE B 199 -3.30 20.34 -12.48
N TRP B 200 -3.35 21.48 -13.15
CA TRP B 200 -3.90 22.70 -12.55
C TRP B 200 -5.12 23.33 -13.24
N HIS B 201 -5.62 22.67 -14.29
CA HIS B 201 -6.76 23.20 -15.07
C HIS B 201 -7.69 22.10 -15.57
N ALA B 202 -8.86 22.50 -16.07
CA ALA B 202 -9.85 21.54 -16.58
C ALA B 202 -10.75 22.13 -17.65
N LEU B 203 -11.14 21.29 -18.61
CA LEU B 203 -12.20 21.62 -19.58
C LEU B 203 -13.47 20.86 -19.20
N TYR B 204 -14.59 21.58 -19.14
CA TYR B 204 -15.89 20.97 -18.87
C TYR B 204 -17.06 21.66 -19.57
N THR B 205 -18.04 20.85 -19.98
CA THR B 205 -19.23 21.35 -20.68
C THR B 205 -20.51 21.02 -19.93
N ALA B 206 -21.49 21.92 -20.01
CA ALA B 206 -22.81 21.71 -19.37
C ALA B 206 -23.89 22.64 -19.92
N GLY B 207 -25.08 22.09 -20.16
CA GLY B 207 -26.22 22.85 -20.65
C GLY B 207 -26.75 23.92 -19.71
N ILE B 208 -26.39 23.85 -18.43
CA ILE B 208 -26.78 24.88 -17.46
C ILE B 208 -25.80 26.06 -17.49
N VAL B 209 -26.27 27.23 -17.06
CA VAL B 209 -25.44 28.44 -17.08
C VAL B 209 -24.71 28.64 -15.76
N LEU B 210 -23.42 28.38 -15.78
CA LEU B 210 -22.53 28.60 -14.63
C LEU B 210 -21.48 29.67 -14.95
N PRO B 211 -20.93 30.33 -13.92
CA PRO B 211 -19.85 31.30 -14.05
C PRO B 211 -18.95 31.17 -15.28
N ALA B 212 -19.35 31.93 -16.31
CA ALA B 212 -18.54 32.25 -17.49
C ALA B 212 -18.24 31.11 -18.46
N PRO B 213 -19.09 30.94 -19.47
CA PRO B 213 -18.68 30.12 -20.61
C PRO B 213 -17.68 30.87 -21.47
N VAL B 214 -16.69 30.15 -21.98
CA VAL B 214 -15.77 30.72 -22.95
C VAL B 214 -16.44 30.75 -24.33
N SER B 215 -17.20 29.70 -24.62
CA SER B 215 -17.98 29.63 -25.85
C SER B 215 -19.26 28.83 -25.63
N THR B 216 -20.21 29.03 -26.54
CA THR B 216 -21.49 28.33 -26.49
C THR B 216 -21.81 27.75 -27.86
N CYS B 217 -22.41 26.56 -27.86
CA CYS B 217 -22.75 25.87 -29.09
C CYS B 217 -24.20 25.38 -29.10
N ARG B 218 -24.59 24.78 -30.22
CA ARG B 218 -25.94 24.22 -30.37
C ARG B 218 -25.90 22.86 -31.08
N TYR B 219 -26.62 21.89 -30.52
CA TYR B 219 -26.79 20.57 -31.15
C TYR B 219 -27.62 20.69 -32.42
N THR B 220 -27.33 19.85 -33.40
CA THR B 220 -28.19 19.71 -34.58
C THR B 220 -28.43 18.23 -34.90
N HIS B 221 -29.69 17.86 -35.01
CA HIS B 221 -30.07 16.47 -35.25
C HIS B 221 -30.39 16.24 -36.72
N ARG B 222 -29.69 15.29 -37.33
CA ARG B 222 -29.98 14.87 -38.69
C ARG B 222 -30.57 13.47 -38.70
N PRO B 223 -31.85 13.35 -39.14
CA PRO B 223 -32.51 12.06 -39.36
C PRO B 223 -31.68 11.08 -40.18
N LEU B 224 -31.85 9.80 -39.89
CA LEU B 224 -31.30 8.72 -40.71
C LEU B 224 -32.44 7.71 -40.84
N ASN B 225 -33.47 7.93 -40.02
CA ASN B 225 -34.62 7.05 -39.94
C ASN B 225 -35.77 7.88 -39.38
N TRP B 226 -36.25 8.84 -40.18
CA TRP B 226 -37.26 9.79 -39.72
C TRP B 226 -38.53 9.09 -39.26
N LYS B 227 -38.95 8.05 -39.99
CA LYS B 227 -40.09 7.24 -39.61
C LYS B 227 -40.03 6.79 -38.14
N LYS B 228 -38.97 6.04 -37.80
CA LYS B 228 -38.77 5.55 -36.43
C LYS B 228 -38.63 6.69 -35.42
N LEU B 229 -37.87 7.71 -35.80
CA LEU B 229 -37.70 8.91 -34.97
C LEU B 229 -39.03 9.59 -34.68
N TYR B 230 -39.94 9.54 -35.66
CA TYR B 230 -41.28 10.09 -35.50
C TYR B 230 -42.08 9.24 -34.52
N GLU B 231 -42.14 7.94 -34.80
CA GLU B 231 -42.93 6.98 -34.02
C GLU B 231 -42.43 6.80 -32.57
N VAL B 232 -41.49 7.64 -32.16
CA VAL B 232 -40.91 7.58 -30.82
C VAL B 232 -40.93 8.98 -30.17
N ASP B 233 -41.39 9.96 -30.94
CA ASP B 233 -41.55 11.35 -30.47
C ASP B 233 -40.24 12.08 -30.17
N PHE B 234 -39.25 11.88 -31.04
CA PHE B 234 -37.99 12.61 -30.95
C PHE B 234 -37.91 13.68 -32.05
N THR B 235 -38.96 13.72 -32.88
CA THR B 235 -39.18 14.81 -33.84
C THR B 235 -40.63 14.80 -34.31
N GLY B 236 -41.21 15.99 -34.43
CA GLY B 236 -42.57 16.14 -34.91
C GLY B 236 -42.68 16.05 -36.42
N LEU B 237 -43.87 16.38 -36.93
CA LEU B 237 -44.14 16.43 -38.36
C LEU B 237 -44.59 17.85 -38.71
N PRO B 238 -43.72 18.62 -39.41
CA PRO B 238 -44.01 20.02 -39.72
C PRO B 238 -45.34 20.18 -40.43
N ASP B 239 -46.09 21.23 -40.08
CA ASP B 239 -47.45 21.44 -40.59
C ASP B 239 -47.56 21.38 -42.11
N GLY B 240 -48.67 20.83 -42.59
CA GLY B 240 -48.94 20.69 -44.02
C GLY B 240 -47.92 19.83 -44.75
N HIS B 241 -47.38 18.84 -44.03
CA HIS B 241 -46.45 17.87 -44.61
C HIS B 241 -46.97 16.46 -44.38
N THR B 242 -46.82 15.61 -45.38
CA THR B 242 -47.18 14.20 -45.27
C THR B 242 -46.21 13.50 -44.32
N GLU B 243 -46.65 12.39 -43.76
CA GLU B 243 -45.75 11.48 -43.07
C GLU B 243 -44.79 10.87 -44.09
N GLU B 244 -45.22 10.91 -45.36
CA GLU B 244 -44.43 10.50 -46.52
C GLU B 244 -43.42 11.57 -46.91
N ASP B 245 -43.88 12.81 -47.03
CA ASP B 245 -43.03 13.98 -47.31
C ASP B 245 -41.66 13.89 -46.65
N MET B 246 -41.65 13.58 -45.36
CA MET B 246 -40.42 13.59 -44.56
C MET B 246 -39.52 12.39 -44.86
N ILE B 247 -40.10 11.20 -44.95
CA ILE B 247 -39.35 10.01 -45.38
C ILE B 247 -38.61 10.38 -46.66
N ALA B 248 -39.38 10.85 -47.64
CA ALA B 248 -38.86 11.28 -48.93
C ALA B 248 -37.75 12.32 -48.79
N GLU B 249 -38.04 13.41 -48.09
CA GLU B 249 -37.10 14.53 -47.90
C GLU B 249 -35.80 14.10 -47.20
N ASN B 250 -35.86 13.03 -46.43
CA ASN B 250 -34.72 12.61 -45.60
C ASN B 250 -33.96 11.37 -46.05
N ALA B 251 -34.49 10.66 -47.04
CA ALA B 251 -33.93 9.39 -47.48
C ALA B 251 -32.43 9.49 -47.76
N LEU B 252 -31.69 8.48 -47.33
CA LEU B 252 -30.26 8.36 -47.64
C LEU B 252 -29.99 7.11 -48.49
N PRO B 253 -28.97 7.17 -49.38
CA PRO B 253 -28.53 6.04 -50.20
C PRO B 253 -27.81 4.96 -49.40
N ALA B 254 -27.61 3.79 -50.01
CA ALA B 254 -26.95 2.67 -49.34
C ALA B 254 -25.44 2.84 -49.28
N LYS B 255 -24.85 3.22 -50.43
CA LYS B 255 -23.39 3.26 -50.59
C LYS B 255 -22.79 4.66 -50.40
N THR B 256 -21.50 4.71 -50.06
CA THR B 256 -20.78 5.96 -49.86
C THR B 256 -20.55 6.67 -51.20
N LYS B 257 -20.17 7.95 -51.15
CA LYS B 257 -20.01 8.76 -52.36
C LYS B 257 -18.56 8.91 -52.82
N THR B 258 -17.74 9.61 -52.01
CA THR B 258 -16.38 10.04 -52.41
C THR B 258 -15.41 8.89 -52.69
N ALA B 259 -14.69 9.02 -53.81
CA ALA B 259 -13.70 8.04 -54.25
C ALA B 259 -12.56 7.89 -53.24
N GLY B 260 -12.21 6.63 -52.96
CA GLY B 260 -11.08 6.31 -52.09
C GLY B 260 -11.37 6.19 -50.61
N LEU B 261 -12.61 6.46 -50.20
CA LEU B 261 -12.98 6.45 -48.79
C LEU B 261 -12.84 5.06 -48.18
N ARG B 262 -12.01 4.97 -47.14
CA ARG B 262 -11.64 3.70 -46.53
C ARG B 262 -11.77 3.78 -45.01
N LYS B 263 -11.83 2.62 -44.35
CA LYS B 263 -11.74 2.55 -42.89
C LYS B 263 -10.31 2.81 -42.43
N LEU B 264 -10.17 3.38 -41.22
CA LEU B 264 -8.87 3.74 -40.67
C LEU B 264 -8.10 2.54 -40.16
N LYS B 265 -6.81 2.49 -40.49
CA LYS B 265 -5.90 1.46 -39.98
C LYS B 265 -4.74 2.10 -39.25
N LYS B 266 -4.03 1.30 -38.45
CA LYS B 266 -2.83 1.75 -37.73
C LYS B 266 -1.80 2.33 -38.71
N GLU B 267 -1.73 1.73 -39.89
CA GLU B 267 -0.83 2.15 -40.96
C GLU B 267 -1.00 3.63 -41.33
N ASP B 268 -2.20 4.14 -41.13
CA ASP B 268 -2.54 5.50 -41.53
C ASP B 268 -2.15 6.57 -40.50
N ILE B 269 -2.15 6.18 -39.23
CA ILE B 269 -2.00 7.11 -38.10
C ILE B 269 -1.12 8.34 -38.38
N ASP B 270 0.15 8.10 -38.72
CA ASP B 270 1.11 9.19 -38.91
C ASP B 270 0.61 10.22 -39.91
N GLN B 271 0.32 9.80 -41.13
CA GLN B 271 -0.16 10.72 -42.16
C GLN B 271 -1.45 11.42 -41.73
N VAL B 272 -2.36 10.67 -41.10
CA VAL B 272 -3.63 11.23 -40.61
C VAL B 272 -3.39 12.22 -39.47
N PHE B 273 -2.62 11.81 -38.48
CA PHE B 273 -2.24 12.64 -37.33
C PHE B 273 -1.61 13.97 -37.76
N GLU B 274 -0.77 13.91 -38.79
CA GLU B 274 -0.11 15.09 -39.34
C GLU B 274 -1.10 16.07 -39.98
N LEU B 275 -1.97 15.54 -40.85
CA LEU B 275 -3.04 16.32 -41.46
C LEU B 275 -3.99 16.88 -40.39
N PHE B 276 -4.37 16.04 -39.44
CA PHE B 276 -5.25 16.45 -38.35
C PHE B 276 -4.65 17.58 -37.53
N LYS B 277 -3.34 17.50 -37.27
CA LYS B 277 -2.65 18.56 -36.56
C LYS B 277 -2.65 19.87 -37.34
N ARG B 278 -2.44 19.79 -38.66
CA ARG B 278 -2.38 20.98 -39.50
C ARG B 278 -3.73 21.68 -39.63
N TYR B 279 -4.79 20.88 -39.65
CA TYR B 279 -6.16 21.40 -39.77
C TYR B 279 -6.69 21.98 -38.46
N GLN B 280 -6.55 21.20 -37.39
CA GLN B 280 -7.04 21.56 -36.05
C GLN B 280 -6.44 22.87 -35.53
N SER B 281 -5.32 23.27 -36.10
CA SER B 281 -4.59 24.46 -35.68
C SER B 281 -5.24 25.78 -36.09
N ARG B 282 -6.42 25.72 -36.73
CA ARG B 282 -7.14 26.94 -37.07
C ARG B 282 -8.02 27.41 -35.92
N PHE B 283 -8.28 26.51 -34.98
CA PHE B 283 -9.19 26.79 -33.87
C PHE B 283 -8.44 27.40 -32.68
N GLU B 284 -9.21 28.05 -31.80
CA GLU B 284 -8.64 28.74 -30.64
C GLU B 284 -8.63 27.86 -29.38
N LEU B 285 -9.40 26.77 -29.41
CA LEU B 285 -9.49 25.84 -28.28
C LEU B 285 -9.48 24.39 -28.77
N ILE B 286 -8.37 23.70 -28.54
CA ILE B 286 -8.15 22.37 -29.08
C ILE B 286 -7.59 21.40 -28.04
N GLN B 287 -7.55 20.12 -28.38
CA GLN B 287 -6.76 19.15 -27.62
C GLN B 287 -5.48 18.88 -28.42
N ILE B 288 -4.33 19.15 -27.82
CA ILE B 288 -3.05 18.94 -28.49
C ILE B 288 -2.68 17.46 -28.42
N PHE B 289 -3.19 16.71 -29.38
CA PHE B 289 -3.11 15.25 -29.38
C PHE B 289 -1.70 14.69 -29.45
N THR B 290 -1.53 13.50 -28.87
CA THR B 290 -0.31 12.72 -29.04
C THR B 290 -0.64 11.54 -29.95
N LYS B 291 0.34 11.16 -30.79
CA LYS B 291 0.24 9.99 -31.67
C LYS B 291 -0.22 8.71 -30.95
N GLU B 292 -0.26 8.79 -29.62
CA GLU B 292 -0.73 7.69 -28.79
C GLU B 292 -2.22 7.81 -28.49
N GLU B 293 -2.62 8.95 -27.92
CA GLU B 293 -4.03 9.18 -27.62
C GLU B 293 -4.88 9.40 -28.88
N PHE B 294 -4.23 9.83 -29.97
CA PHE B 294 -4.89 9.91 -31.27
C PHE B 294 -5.26 8.51 -31.76
N GLU B 295 -4.28 7.61 -31.73
CA GLU B 295 -4.51 6.22 -32.14
C GLU B 295 -5.50 5.52 -31.24
N HIS B 296 -5.43 5.78 -29.93
CA HIS B 296 -6.37 5.16 -28.99
C HIS B 296 -7.80 5.66 -29.18
N ASN B 297 -7.93 6.90 -29.64
CA ASN B 297 -9.23 7.53 -29.76
C ASN B 297 -10.01 7.05 -30.98
N PHE B 298 -9.33 6.90 -32.11
CA PHE B 298 -10.02 6.71 -33.39
C PHE B 298 -9.93 5.30 -33.98
N ILE B 299 -9.07 4.47 -33.39
CA ILE B 299 -9.10 3.04 -33.63
C ILE B 299 -9.49 2.39 -32.32
N GLY B 300 -10.74 1.94 -32.24
CA GLY B 300 -11.31 1.39 -31.01
C GLY B 300 -10.88 -0.04 -30.76
N GLU B 301 -11.36 -0.60 -29.65
CA GLU B 301 -11.11 -2.00 -29.33
C GLU B 301 -11.58 -2.88 -30.49
N GLU B 302 -10.72 -3.80 -30.92
CA GLU B 302 -10.95 -4.59 -32.11
C GLU B 302 -11.98 -5.71 -31.88
N SER B 303 -12.39 -6.33 -32.98
CA SER B 303 -13.39 -7.42 -33.00
C SER B 303 -14.55 -7.28 -32.01
N LEU B 304 -15.29 -6.18 -32.17
CA LEU B 304 -16.56 -5.99 -31.51
C LEU B 304 -17.64 -6.07 -32.58
N PRO B 305 -18.82 -6.60 -32.23
CA PRO B 305 -19.90 -6.58 -33.23
C PRO B 305 -20.35 -5.16 -33.52
N LEU B 306 -20.98 -4.96 -34.68
CA LEU B 306 -21.40 -3.64 -35.13
C LEU B 306 -22.30 -2.91 -34.15
N ASP B 307 -23.16 -3.66 -33.46
CA ASP B 307 -24.10 -3.10 -32.48
C ASP B 307 -23.40 -2.61 -31.20
N LYS B 308 -22.13 -2.96 -31.04
CA LYS B 308 -21.37 -2.64 -29.83
C LYS B 308 -20.31 -1.57 -30.05
N GLN B 309 -19.87 -1.43 -31.30
CA GLN B 309 -18.76 -0.54 -31.66
C GLN B 309 -18.98 0.92 -31.24
N VAL B 310 -17.90 1.54 -30.76
CA VAL B 310 -17.99 2.87 -30.15
C VAL B 310 -17.39 3.97 -31.01
N ILE B 311 -16.32 3.67 -31.75
CA ILE B 311 -15.68 4.70 -32.55
C ILE B 311 -15.51 4.29 -34.02
N PHE B 312 -16.09 5.10 -34.90
CA PHE B 312 -16.02 4.90 -36.34
C PHE B 312 -15.20 6.04 -36.93
N SER B 313 -14.11 5.70 -37.59
CA SER B 313 -13.20 6.69 -38.18
C SER B 313 -12.82 6.34 -39.60
N TYR B 314 -13.00 7.30 -40.50
CA TYR B 314 -12.82 7.05 -41.92
C TYR B 314 -11.81 8.02 -42.54
N VAL B 315 -11.25 7.61 -43.67
CA VAL B 315 -10.12 8.32 -44.28
C VAL B 315 -10.14 8.22 -45.82
N VAL B 316 -9.82 9.33 -46.48
CA VAL B 316 -9.77 9.37 -47.95
C VAL B 316 -8.34 9.17 -48.45
N GLU B 317 -8.15 8.15 -49.29
CA GLU B 317 -6.83 7.80 -49.81
C GLU B 317 -6.75 7.98 -51.33
N GLN B 318 -5.91 8.94 -51.76
CA GLN B 318 -5.70 9.25 -53.18
C GLN B 318 -5.02 8.07 -53.90
N PRO B 319 -5.16 7.98 -55.24
CA PRO B 319 -4.66 6.83 -56.01
C PRO B 319 -3.22 6.41 -55.66
N ASP B 320 -2.38 7.40 -55.33
CA ASP B 320 -1.02 7.13 -54.87
C ASP B 320 -0.97 6.54 -53.47
N GLY B 321 -1.57 7.23 -52.50
CA GLY B 321 -1.58 6.78 -51.11
C GLY B 321 -1.72 7.93 -50.12
N LYS B 322 -1.58 9.15 -50.62
CA LYS B 322 -1.69 10.36 -49.81
C LYS B 322 -3.09 10.52 -49.23
N ILE B 323 -3.16 10.73 -47.92
CA ILE B 323 -4.43 10.87 -47.22
C ILE B 323 -4.85 12.34 -47.14
N THR B 324 -5.99 12.64 -47.76
CA THR B 324 -6.43 14.02 -48.00
C THR B 324 -7.42 14.52 -46.94
N ASP B 325 -8.32 13.64 -46.50
CA ASP B 325 -9.27 13.97 -45.42
C ASP B 325 -9.64 12.79 -44.53
N PHE B 326 -10.12 13.11 -43.34
CA PHE B 326 -10.44 12.15 -42.30
C PHE B 326 -11.61 12.66 -41.46
N PHE B 327 -12.52 11.77 -41.11
CA PHE B 327 -13.58 12.07 -40.15
C PHE B 327 -13.89 10.87 -39.25
N SER B 328 -14.70 11.10 -38.23
CA SER B 328 -15.04 10.09 -37.24
C SER B 328 -16.30 10.49 -36.49
N PHE B 329 -17.07 9.48 -36.07
CA PHE B 329 -18.20 9.69 -35.17
C PHE B 329 -18.21 8.61 -34.10
N TYR B 330 -18.93 8.86 -33.00
CA TYR B 330 -19.09 7.85 -31.96
C TYR B 330 -20.54 7.45 -31.72
N SER B 331 -20.75 6.37 -30.96
CA SER B 331 -22.07 5.77 -30.77
C SER B 331 -22.54 5.71 -29.31
N LEU B 332 -23.51 6.56 -28.98
CA LEU B 332 -24.15 6.50 -27.67
C LEU B 332 -25.67 6.32 -27.84
N PRO B 333 -26.13 5.05 -27.87
CA PRO B 333 -27.54 4.72 -28.08
C PRO B 333 -28.41 4.99 -26.86
N PHE B 334 -29.72 4.89 -27.06
CA PHE B 334 -30.72 5.12 -26.02
C PHE B 334 -31.57 3.87 -25.80
N THR B 335 -32.26 3.82 -24.67
CA THR B 335 -33.33 2.86 -24.46
C THR B 335 -34.62 3.65 -24.63
N ILE B 336 -35.60 3.04 -25.30
CA ILE B 336 -36.90 3.67 -25.47
C ILE B 336 -37.99 2.87 -24.77
N LEU B 337 -38.41 3.39 -23.62
CA LEU B 337 -39.44 2.76 -22.80
C LEU B 337 -40.82 3.23 -23.28
N ASN B 338 -41.85 2.49 -22.89
CA ASN B 338 -43.25 2.86 -23.17
C ASN B 338 -43.66 2.77 -24.64
N ASN B 339 -42.82 2.17 -25.47
CA ASN B 339 -43.12 2.07 -26.90
C ASN B 339 -43.27 0.63 -27.38
N THR B 340 -44.51 0.31 -27.77
CA THR B 340 -44.87 -1.02 -28.28
C THR B 340 -43.93 -1.50 -29.40
N LYS B 341 -43.58 -0.59 -30.31
CA LYS B 341 -42.88 -0.94 -31.56
C LYS B 341 -41.35 -0.90 -31.47
N TYR B 342 -40.81 -0.04 -30.62
CA TYR B 342 -39.35 0.10 -30.50
C TYR B 342 -38.87 0.03 -29.05
N LYS B 343 -37.71 -0.58 -28.85
CA LYS B 343 -37.15 -0.76 -27.52
C LYS B 343 -35.96 0.16 -27.31
N ASP B 344 -35.31 0.54 -28.41
CA ASP B 344 -34.06 1.32 -28.33
C ASP B 344 -33.72 2.07 -29.61
N LEU B 345 -33.20 3.28 -29.43
CA LEU B 345 -32.83 4.18 -30.52
C LEU B 345 -31.30 4.24 -30.64
N GLY B 346 -30.80 4.16 -31.87
CA GLY B 346 -29.36 4.32 -32.13
C GLY B 346 -29.01 5.78 -32.42
N ILE B 347 -28.04 6.30 -31.69
CA ILE B 347 -27.64 7.71 -31.83
C ILE B 347 -26.13 7.83 -32.04
N GLY B 348 -25.73 8.31 -33.21
CA GLY B 348 -24.32 8.54 -33.53
C GLY B 348 -23.98 10.02 -33.46
N TYR B 349 -22.86 10.34 -32.83
CA TYR B 349 -22.44 11.74 -32.66
C TYR B 349 -21.17 12.00 -33.48
N LEU B 350 -21.27 12.93 -34.43
CA LEU B 350 -20.11 13.37 -35.20
C LEU B 350 -19.01 13.88 -34.26
N TYR B 351 -17.80 13.32 -34.42
CA TYR B 351 -16.71 13.62 -33.51
C TYR B 351 -15.69 14.61 -34.11
N TYR B 352 -14.46 14.16 -34.34
CA TYR B 352 -13.41 15.02 -34.89
C TYR B 352 -13.24 14.82 -36.40
N TYR B 353 -12.86 15.88 -37.10
CA TYR B 353 -12.50 15.77 -38.52
C TYR B 353 -11.41 16.74 -38.95
N ALA B 354 -10.72 16.38 -40.03
CA ALA B 354 -9.68 17.21 -40.64
C ALA B 354 -9.59 16.95 -42.14
N THR B 355 -9.42 18.03 -42.90
CA THR B 355 -9.40 17.97 -44.36
C THR B 355 -8.46 19.04 -44.94
N ASP B 356 -7.79 18.72 -46.05
CA ASP B 356 -6.81 19.63 -46.64
C ASP B 356 -7.36 20.49 -47.79
N ALA B 357 -8.68 20.51 -47.95
CA ALA B 357 -9.32 21.17 -49.09
C ALA B 357 -9.13 22.70 -49.17
N ASP B 358 -8.61 23.30 -48.09
CA ASP B 358 -8.31 24.73 -48.10
C ASP B 358 -6.85 25.00 -47.73
N PHE B 359 -6.04 23.94 -47.76
CA PHE B 359 -4.63 23.99 -47.38
C PHE B 359 -3.72 24.69 -48.39
N GLN B 360 -4.25 24.96 -49.58
CA GLN B 360 -3.51 25.73 -50.59
C GLN B 360 -3.88 27.20 -50.58
N PHE B 361 -4.81 27.57 -49.70
CA PHE B 361 -5.30 28.94 -49.59
C PHE B 361 -4.56 29.72 -48.50
N LYS B 362 -4.37 31.01 -48.73
CA LYS B 362 -3.63 31.87 -47.80
C LYS B 362 -4.40 32.09 -46.49
N ASP B 363 -5.36 33.01 -46.52
CA ASP B 363 -6.27 33.25 -45.39
C ASP B 363 -7.38 32.19 -45.40
N ARG B 364 -7.72 31.69 -44.21
CA ARG B 364 -8.75 30.66 -44.05
C ARG B 364 -10.14 31.15 -44.51
N PHE B 365 -10.48 32.39 -44.14
CA PHE B 365 -11.83 32.94 -44.29
C PHE B 365 -12.15 33.51 -45.67
N ASP B 366 -11.18 33.44 -46.59
CA ASP B 366 -11.37 33.92 -47.96
C ASP B 366 -12.65 33.32 -48.56
N PRO B 367 -13.52 34.17 -49.16
CA PRO B 367 -14.76 33.68 -49.79
C PRO B 367 -14.56 32.48 -50.70
N LYS B 368 -13.44 32.44 -51.43
CA LYS B 368 -13.11 31.31 -52.29
C LYS B 368 -12.55 30.13 -51.52
N ALA B 369 -11.91 30.39 -50.37
CA ALA B 369 -11.41 29.33 -49.48
C ALA B 369 -12.55 28.61 -48.79
N THR B 370 -13.63 29.35 -48.50
CA THR B 370 -14.85 28.80 -47.94
C THR B 370 -15.55 27.89 -48.94
N LYS B 371 -15.75 28.40 -50.17
CA LYS B 371 -16.38 27.64 -51.25
C LYS B 371 -15.71 26.28 -51.43
N ALA B 372 -14.38 26.27 -51.34
CA ALA B 372 -13.59 25.06 -51.49
C ALA B 372 -13.80 24.11 -50.31
N LEU B 373 -13.88 24.67 -49.10
CA LEU B 373 -14.03 23.87 -47.89
C LEU B 373 -15.43 23.27 -47.80
N LYS B 374 -16.44 24.10 -48.06
CA LYS B 374 -17.84 23.68 -47.98
C LYS B 374 -18.13 22.49 -48.89
N THR B 375 -17.67 22.59 -50.13
CA THR B 375 -17.92 21.56 -51.15
C THR B 375 -17.23 20.22 -50.86
N ARG B 376 -16.38 20.20 -49.83
CA ARG B 376 -15.66 18.98 -49.44
C ARG B 376 -16.16 18.41 -48.12
N LEU B 377 -16.46 19.30 -47.17
CA LEU B 377 -17.09 18.89 -45.91
C LEU B 377 -18.48 18.33 -46.17
N CYS B 378 -19.14 18.85 -47.21
CA CYS B 378 -20.44 18.33 -47.63
C CYS B 378 -20.35 16.92 -48.20
N GLU B 379 -19.36 16.68 -49.05
CA GLU B 379 -19.09 15.33 -49.56
C GLU B 379 -18.79 14.37 -48.42
N LEU B 380 -17.89 14.79 -47.53
CA LEU B 380 -17.44 13.97 -46.40
C LEU B 380 -18.55 13.61 -45.42
N ILE B 381 -19.20 14.63 -44.83
CA ILE B 381 -20.16 14.38 -43.77
C ILE B 381 -21.46 13.73 -44.28
N TYR B 382 -21.83 14.03 -45.53
CA TYR B 382 -22.92 13.31 -46.18
C TYR B 382 -22.63 11.82 -46.18
N ASP B 383 -21.40 11.46 -46.57
CA ASP B 383 -20.94 10.07 -46.48
C ASP B 383 -20.98 9.55 -45.05
N ALA B 384 -20.68 10.43 -44.09
CA ALA B 384 -20.75 10.08 -42.66
C ALA B 384 -22.17 9.67 -42.25
N CYS B 385 -23.16 10.38 -42.78
CA CYS B 385 -24.57 10.05 -42.55
C CYS B 385 -24.95 8.70 -43.16
N ILE B 386 -24.32 8.37 -44.29
CA ILE B 386 -24.50 7.08 -44.94
C ILE B 386 -23.91 5.94 -44.09
N LEU B 387 -22.76 6.18 -43.47
CA LEU B 387 -22.09 5.18 -42.65
C LEU B 387 -22.79 4.95 -41.31
N ALA B 388 -23.28 6.03 -40.70
CA ALA B 388 -24.11 5.94 -39.49
C ALA B 388 -25.46 5.27 -39.81
N LYS B 389 -25.97 5.52 -41.01
CA LYS B 389 -27.14 4.81 -41.54
C LYS B 389 -26.84 3.31 -41.67
N ASN B 390 -25.70 2.99 -42.29
CA ASN B 390 -25.26 1.61 -42.47
C ASN B 390 -24.94 0.90 -41.16
N ALA B 391 -24.65 1.67 -40.11
CA ALA B 391 -24.36 1.11 -38.80
C ALA B 391 -25.58 1.14 -37.88
N ASN B 392 -26.76 1.06 -38.49
CA ASN B 392 -28.05 0.95 -37.79
C ASN B 392 -28.29 1.98 -36.67
N MET B 393 -28.10 3.25 -37.01
CA MET B 393 -28.44 4.35 -36.13
C MET B 393 -29.56 5.15 -36.77
N ASP B 394 -30.32 5.88 -35.96
CA ASP B 394 -31.49 6.58 -36.44
C ASP B 394 -31.27 8.09 -36.60
N VAL B 395 -30.38 8.66 -35.79
CA VAL B 395 -30.10 10.09 -35.84
C VAL B 395 -28.59 10.35 -35.73
N PHE B 396 -28.14 11.43 -36.36
CA PHE B 396 -26.72 11.76 -36.43
C PHE B 396 -26.47 13.17 -35.91
N ASN B 397 -25.98 13.26 -34.68
CA ASN B 397 -25.82 14.55 -34.00
C ASN B 397 -24.55 15.29 -34.44
N ALA B 398 -24.58 16.60 -34.24
CA ALA B 398 -23.42 17.46 -34.50
C ALA B 398 -23.63 18.80 -33.80
N LEU B 399 -22.55 19.55 -33.64
CA LEU B 399 -22.64 20.85 -32.98
C LEU B 399 -22.24 21.98 -33.91
N THR B 400 -22.58 23.19 -33.49
CA THR B 400 -22.23 24.42 -34.21
C THR B 400 -20.71 24.69 -34.18
N SER B 401 -19.97 23.82 -33.50
CA SER B 401 -18.53 23.96 -33.31
C SER B 401 -17.72 23.75 -34.60
N GLN B 402 -16.40 23.94 -34.50
CA GLN B 402 -15.46 23.68 -35.59
C GLN B 402 -15.86 24.40 -36.88
N ASP B 403 -15.80 23.68 -38.00
CA ASP B 403 -16.26 24.20 -39.29
C ASP B 403 -17.63 23.63 -39.63
N ASN B 404 -18.31 23.07 -38.62
CA ASN B 404 -19.60 22.39 -38.80
C ASN B 404 -20.69 23.25 -39.42
N THR B 405 -20.76 24.50 -38.97
CA THR B 405 -21.72 25.47 -39.46
C THR B 405 -21.73 25.55 -41.00
N LEU B 406 -20.58 25.33 -41.61
CA LEU B 406 -20.46 25.34 -43.08
C LEU B 406 -21.36 24.32 -43.76
N PHE B 407 -21.42 23.11 -43.21
CA PHE B 407 -22.12 22.01 -43.86
C PHE B 407 -23.49 21.69 -43.27
N LEU B 408 -23.72 22.11 -42.02
CA LEU B 408 -24.92 21.73 -41.26
C LEU B 408 -26.25 21.86 -42.01
N ASP B 409 -26.48 23.00 -42.68
CA ASP B 409 -27.76 23.25 -43.32
C ASP B 409 -27.99 22.43 -44.60
N ASP B 410 -26.98 22.38 -45.46
CA ASP B 410 -27.11 21.72 -46.77
C ASP B 410 -27.06 20.19 -46.69
N LEU B 411 -26.94 19.66 -45.47
CA LEU B 411 -27.00 18.21 -45.24
C LEU B 411 -28.20 17.85 -44.37
N LYS B 412 -29.15 18.77 -44.28
CA LYS B 412 -30.43 18.57 -43.60
C LYS B 412 -30.34 18.51 -42.08
N PHE B 413 -29.17 18.82 -41.51
CA PHE B 413 -29.04 18.94 -40.05
C PHE B 413 -30.02 19.99 -39.55
N GLY B 414 -31.19 19.52 -39.12
CA GLY B 414 -32.19 20.40 -38.52
C GLY B 414 -31.73 20.84 -37.15
N PRO B 415 -32.21 22.01 -36.68
CA PRO B 415 -31.75 22.50 -35.39
C PRO B 415 -32.29 21.65 -34.24
N GLY B 416 -31.46 21.46 -33.21
CA GLY B 416 -31.88 20.82 -31.97
C GLY B 416 -32.01 21.89 -30.91
N ASP B 417 -32.85 21.64 -29.89
CA ASP B 417 -33.12 22.68 -28.89
C ASP B 417 -32.15 22.68 -27.69
N GLY B 418 -31.01 22.01 -27.85
CA GLY B 418 -29.99 22.00 -26.80
C GLY B 418 -28.82 22.92 -27.10
N PHE B 419 -28.49 23.78 -26.15
CA PHE B 419 -27.27 24.58 -26.21
C PHE B 419 -26.24 23.99 -25.28
N LEU B 420 -24.97 24.09 -25.65
CA LEU B 420 -23.88 23.53 -24.85
C LEU B 420 -22.85 24.59 -24.53
N ASN B 421 -22.68 24.86 -23.24
CA ASN B 421 -21.68 25.83 -22.77
C ASN B 421 -20.34 25.16 -22.52
N PHE B 422 -19.27 25.86 -22.87
CA PHE B 422 -17.91 25.38 -22.66
C PHE B 422 -17.21 26.19 -21.57
N TYR B 423 -16.55 25.48 -20.66
CA TYR B 423 -15.94 26.11 -19.50
C TYR B 423 -14.49 25.65 -19.32
N LEU B 424 -13.68 26.54 -18.77
CA LEU B 424 -12.29 26.25 -18.44
C LEU B 424 -12.07 26.56 -16.97
N PHE B 425 -11.84 25.52 -16.16
CA PHE B 425 -11.61 25.69 -14.74
C PHE B 425 -10.22 26.26 -14.49
N ASN B 426 -10.16 27.33 -13.70
CA ASN B 426 -8.91 28.00 -13.33
C ASN B 426 -8.17 28.65 -14.52
N TYR B 427 -8.92 29.30 -15.41
CA TYR B 427 -8.31 29.94 -16.58
C TYR B 427 -9.06 31.16 -17.12
N ARG B 428 -8.30 32.08 -17.71
CA ARG B 428 -8.84 33.26 -18.40
C ARG B 428 -8.63 33.14 -19.91
N ALA B 429 -9.71 33.08 -20.66
CA ALA B 429 -9.63 33.09 -22.11
C ALA B 429 -10.59 34.11 -22.69
N LYS B 430 -10.22 34.65 -23.85
CA LYS B 430 -11.11 35.57 -24.56
C LYS B 430 -12.19 34.79 -25.29
N PRO B 431 -13.47 35.21 -25.15
CA PRO B 431 -14.63 34.55 -25.72
C PRO B 431 -14.34 34.01 -27.11
N ILE B 432 -14.54 32.70 -27.27
CA ILE B 432 -14.26 32.03 -28.51
C ILE B 432 -15.56 31.89 -29.30
N THR B 433 -15.50 32.15 -30.60
CA THR B 433 -16.68 32.04 -31.46
C THR B 433 -17.20 30.59 -31.47
N GLY B 434 -18.53 30.45 -31.40
CA GLY B 434 -19.16 29.14 -31.23
C GLY B 434 -20.09 28.69 -32.34
N GLY B 435 -20.26 29.54 -33.35
CA GLY B 435 -21.09 29.19 -34.52
C GLY B 435 -22.49 29.79 -34.50
N LEU B 436 -22.84 30.46 -33.41
CA LEU B 436 -24.15 31.09 -33.29
C LEU B 436 -24.08 32.59 -33.59
N ASN B 437 -25.08 33.06 -34.31
CA ASN B 437 -25.31 34.49 -34.48
C ASN B 437 -26.04 34.99 -33.23
N PRO B 438 -26.03 36.32 -32.98
CA PRO B 438 -26.79 36.88 -31.87
C PRO B 438 -28.18 36.24 -31.66
N ASP B 439 -28.84 35.88 -32.75
CA ASP B 439 -30.19 35.30 -32.72
C ASP B 439 -30.22 33.76 -32.86
N ASN B 440 -29.12 33.11 -32.49
CA ASN B 440 -29.03 31.64 -32.42
C ASN B 440 -29.06 30.87 -33.75
N SER B 441 -28.99 31.60 -34.86
CA SER B 441 -28.87 30.99 -36.18
C SER B 441 -27.41 30.63 -36.43
N ASN B 442 -27.17 29.71 -37.38
CA ASN B 442 -25.83 29.28 -37.73
C ASN B 442 -25.01 30.42 -38.33
N ASP B 443 -23.87 30.72 -37.72
CA ASP B 443 -22.99 31.79 -38.21
C ASP B 443 -22.10 31.28 -39.34
N ILE B 444 -22.68 31.23 -40.53
CA ILE B 444 -22.03 30.78 -41.77
C ILE B 444 -20.79 31.61 -42.14
N LYS B 445 -20.71 32.82 -41.60
CA LYS B 445 -19.62 33.74 -41.90
C LYS B 445 -18.35 33.41 -41.12
N ARG B 446 -18.45 33.34 -39.79
CA ARG B 446 -17.29 33.11 -38.93
C ARG B 446 -17.08 31.66 -38.49
N ARG B 447 -18.12 30.85 -38.60
CA ARG B 447 -18.11 29.47 -38.09
C ARG B 447 -17.70 29.45 -36.60
N SER B 448 -16.88 28.49 -36.21
CA SER B 448 -16.48 28.36 -34.80
C SER B 448 -15.00 28.10 -34.59
N ASN B 449 -14.47 28.66 -33.49
CA ASN B 449 -13.10 28.41 -33.07
C ASN B 449 -13.00 27.38 -31.96
N VAL B 450 -14.15 26.78 -31.60
CA VAL B 450 -14.15 25.62 -30.73
C VAL B 450 -13.70 24.44 -31.59
N GLY B 451 -12.58 23.83 -31.20
CA GLY B 451 -12.02 22.71 -31.93
C GLY B 451 -11.98 21.42 -31.10
N VAL B 452 -12.38 21.53 -29.84
CA VAL B 452 -12.57 20.37 -28.97
C VAL B 452 -13.97 19.82 -29.16
N VAL B 453 -14.11 18.50 -29.04
CA VAL B 453 -15.43 17.88 -29.05
C VAL B 453 -15.58 17.00 -27.82
N MET B 454 -16.47 17.42 -26.93
CA MET B 454 -16.71 16.73 -25.66
C MET B 454 -17.71 15.59 -25.83
N LEU B 455 -17.63 14.62 -24.92
CA LEU B 455 -18.55 13.48 -24.93
C LEU B 455 -19.90 13.84 -24.33
N ASP C 5 -60.39 38.71 4.79
CA ASP C 5 -60.18 37.35 5.36
C ASP C 5 -61.35 36.42 5.08
N LYS C 6 -62.57 36.94 5.17
CA LYS C 6 -63.78 36.21 4.81
C LYS C 6 -63.73 35.77 3.35
N ALA C 7 -63.13 36.62 2.52
CA ALA C 7 -62.84 36.30 1.13
C ALA C 7 -62.07 34.98 1.03
N LYS C 8 -60.99 34.86 1.80
CA LYS C 8 -60.17 33.64 1.82
C LYS C 8 -60.94 32.42 2.31
N LYS C 9 -61.83 32.62 3.28
CA LYS C 9 -62.69 31.54 3.76
C LYS C 9 -63.65 31.11 2.65
N LEU C 10 -64.26 32.08 1.98
CA LEU C 10 -65.19 31.83 0.90
C LEU C 10 -64.50 31.32 -0.38
N GLU C 11 -63.26 31.76 -0.60
CA GLU C 11 -62.43 31.30 -1.71
C GLU C 11 -62.21 29.79 -1.66
N ASN C 12 -62.16 29.26 -0.43
CA ASN C 12 -61.88 27.83 -0.22
C ASN C 12 -63.06 26.91 -0.44
N LEU C 13 -64.25 27.33 0.02
CA LEU C 13 -65.47 26.55 -0.22
C LEU C 13 -65.86 26.59 -1.71
N LEU C 14 -65.04 27.28 -2.50
CA LEU C 14 -65.22 27.37 -3.94
C LEU C 14 -64.21 26.45 -4.64
N LYS C 15 -63.09 26.19 -3.97
CA LYS C 15 -62.09 25.25 -4.49
C LYS C 15 -62.40 23.81 -4.12
N LEU C 16 -62.99 23.61 -2.94
CA LEU C 16 -63.47 22.28 -2.53
C LEU C 16 -64.69 21.91 -3.36
N LEU C 17 -65.34 22.94 -3.90
CA LEU C 17 -66.46 22.78 -4.83
C LEU C 17 -65.95 22.37 -6.22
N GLN C 18 -64.79 22.90 -6.59
CA GLN C 18 -64.31 22.79 -7.97
C GLN C 18 -63.07 21.91 -8.18
N LEU C 19 -62.53 21.32 -7.11
CA LEU C 19 -61.36 20.44 -7.26
C LEU C 19 -61.76 19.05 -7.75
N ASN C 20 -60.87 18.45 -8.53
CA ASN C 20 -61.06 17.12 -9.10
C ASN C 20 -59.70 16.53 -9.47
N ASN C 21 -59.68 15.68 -10.49
CA ASN C 21 -58.43 15.13 -11.01
C ASN C 21 -57.57 16.21 -11.68
N HIS C 38 -52.22 36.90 -3.07
CA HIS C 38 -52.92 37.58 -4.15
C HIS C 38 -52.46 39.04 -4.31
N LYS C 39 -51.15 39.23 -4.46
CA LYS C 39 -50.56 40.58 -4.53
C LYS C 39 -50.70 41.25 -5.91
N PHE C 40 -51.72 40.85 -6.65
CA PHE C 40 -52.08 41.51 -7.91
C PHE C 40 -53.59 41.71 -8.00
N TRP C 41 -54.36 40.67 -7.67
CA TRP C 41 -55.81 40.73 -7.71
C TRP C 41 -56.42 41.30 -6.41
N ARG C 42 -55.61 41.99 -5.64
CA ARG C 42 -56.08 42.88 -4.59
C ARG C 42 -56.22 44.29 -5.17
N THR C 43 -55.22 44.68 -5.97
CA THR C 43 -55.10 46.04 -6.51
C THR C 43 -55.65 46.17 -7.94
N GLN C 44 -56.64 45.35 -8.27
CA GLN C 44 -57.32 45.44 -9.56
C GLN C 44 -58.83 45.56 -9.38
N PRO C 45 -59.51 46.30 -10.26
CA PRO C 45 -60.95 46.59 -10.13
C PRO C 45 -61.82 45.36 -10.41
N VAL C 46 -62.05 44.56 -9.39
CA VAL C 46 -62.94 43.38 -9.49
C VAL C 46 -63.79 43.22 -8.24
N LYS C 47 -64.88 42.47 -8.38
CA LYS C 47 -65.65 42.02 -7.23
C LYS C 47 -64.76 41.11 -6.36
N ASP C 48 -65.08 41.02 -5.08
CA ASP C 48 -64.38 40.12 -4.17
C ASP C 48 -65.37 39.05 -3.68
N PHE C 49 -64.84 37.97 -3.09
CA PHE C 49 -65.68 36.84 -2.65
C PHE C 49 -66.70 37.23 -1.58
N ASP C 50 -66.34 38.17 -0.71
CA ASP C 50 -67.20 38.62 0.38
C ASP C 50 -68.29 39.61 -0.06
N GLU C 51 -67.92 40.55 -0.93
CA GLU C 51 -68.80 41.62 -1.41
C GLU C 51 -70.05 41.06 -2.12
N LYS C 52 -71.22 41.55 -1.70
CA LYS C 52 -72.47 41.23 -2.38
C LYS C 52 -72.95 42.42 -3.19
N VAL C 53 -73.51 42.13 -4.38
CA VAL C 53 -73.87 43.18 -5.33
C VAL C 53 -75.34 43.60 -5.21
N VAL C 54 -75.55 44.87 -4.87
CA VAL C 54 -76.88 45.47 -4.81
C VAL C 54 -77.16 46.22 -6.11
N GLU C 55 -76.13 46.85 -6.66
CA GLU C 55 -76.24 47.59 -7.90
C GLU C 55 -75.09 47.22 -8.86
N GLU C 56 -75.45 46.99 -10.12
CA GLU C 56 -74.50 46.54 -11.12
C GLU C 56 -73.96 47.70 -11.96
N GLY C 57 -72.64 47.70 -12.17
CA GLY C 57 -72.00 48.73 -12.98
C GLY C 57 -70.52 48.87 -12.69
N PRO C 58 -69.80 49.70 -13.49
CA PRO C 58 -68.37 49.98 -13.35
C PRO C 58 -67.93 50.27 -11.92
N ILE C 59 -66.70 49.88 -11.59
CA ILE C 59 -66.12 50.07 -10.26
C ILE C 59 -65.12 51.23 -10.28
N ASP C 60 -64.53 51.48 -11.45
CA ASP C 60 -63.55 52.53 -11.62
C ASP C 60 -64.14 53.82 -12.16
N LYS C 61 -64.00 54.88 -11.36
CA LYS C 61 -64.22 56.26 -11.78
C LYS C 61 -63.89 56.47 -13.26
N PRO C 62 -64.90 56.82 -14.07
CA PRO C 62 -64.74 56.96 -15.52
C PRO C 62 -63.55 57.86 -15.89
N LYS C 63 -62.75 57.38 -16.84
CA LYS C 63 -61.58 58.12 -17.30
C LYS C 63 -61.73 58.48 -18.78
N THR C 64 -60.87 59.38 -19.26
CA THR C 64 -60.77 59.66 -20.68
C THR C 64 -59.52 58.94 -21.22
N PRO C 65 -59.39 58.80 -22.55
CA PRO C 65 -58.15 58.25 -23.14
C PRO C 65 -56.89 59.02 -22.72
N GLU C 66 -57.07 60.26 -22.27
CA GLU C 66 -55.97 61.10 -21.79
C GLU C 66 -55.64 60.84 -20.31
N ASP C 67 -56.49 60.07 -19.64
CA ASP C 67 -56.25 59.67 -18.23
C ASP C 67 -55.41 58.40 -18.15
N ILE C 68 -55.15 57.78 -19.29
CA ILE C 68 -54.32 56.59 -19.39
C ILE C 68 -53.14 56.87 -20.33
N SER C 69 -51.95 56.42 -19.90
CA SER C 69 -50.68 56.69 -20.59
C SER C 69 -50.63 56.24 -22.06
N ASP C 70 -49.61 56.71 -22.76
CA ASP C 70 -49.34 56.29 -24.13
C ASP C 70 -48.13 55.34 -24.16
N LYS C 71 -47.34 55.39 -23.09
CA LYS C 71 -46.12 54.58 -22.95
C LYS C 71 -46.43 53.12 -22.61
N PRO C 72 -45.90 52.16 -23.41
CA PRO C 72 -46.08 50.75 -23.09
C PRO C 72 -45.36 50.42 -21.79
N LEU C 73 -46.05 49.72 -20.89
CA LEU C 73 -45.54 49.45 -19.54
C LEU C 73 -44.12 48.88 -19.51
N PRO C 74 -43.34 49.25 -18.46
CA PRO C 74 -41.96 48.78 -18.39
C PRO C 74 -41.91 47.28 -18.12
N LEU C 75 -40.96 46.59 -18.74
CA LEU C 75 -40.81 45.16 -18.50
C LEU C 75 -39.34 44.74 -18.32
N LEU C 76 -39.16 43.58 -17.71
CA LEU C 76 -37.85 43.05 -17.29
C LEU C 76 -36.84 43.02 -18.44
N SER C 77 -35.60 43.44 -18.14
CA SER C 77 -34.57 43.61 -19.17
C SER C 77 -34.38 42.36 -20.02
N SER C 78 -34.20 42.57 -21.32
CA SER C 78 -34.08 41.46 -22.27
C SER C 78 -35.41 41.06 -22.88
N PHE C 79 -36.49 41.66 -22.39
CA PHE C 79 -37.82 41.46 -22.99
C PHE C 79 -38.36 42.75 -23.62
N GLU C 80 -38.90 42.61 -24.83
CA GLU C 80 -39.53 43.73 -25.53
C GLU C 80 -40.96 43.38 -25.94
N TRP C 81 -41.73 44.40 -26.29
CA TRP C 81 -43.11 44.23 -26.75
C TRP C 81 -43.15 43.97 -28.25
N CYS C 82 -44.28 43.47 -28.73
CA CYS C 82 -44.49 43.25 -30.16
C CYS C 82 -45.97 43.16 -30.51
N SER C 83 -46.28 43.53 -31.74
CA SER C 83 -47.64 43.46 -32.26
C SER C 83 -47.76 42.31 -33.25
N ILE C 84 -48.63 41.35 -32.94
CA ILE C 84 -48.89 40.23 -33.85
C ILE C 84 -50.05 40.55 -34.78
N ASP C 85 -49.79 40.44 -36.08
CA ASP C 85 -50.77 40.70 -37.12
C ASP C 85 -51.13 39.39 -37.82
N VAL C 86 -52.36 38.94 -37.61
CA VAL C 86 -52.85 37.63 -38.10
C VAL C 86 -52.66 37.40 -39.61
N ASP C 87 -52.64 38.48 -40.38
CA ASP C 87 -52.42 38.41 -41.84
C ASP C 87 -51.00 38.00 -42.20
N ASN C 88 -50.10 38.01 -41.22
CA ASN C 88 -48.70 37.63 -41.41
C ASN C 88 -48.45 36.18 -41.00
N LYS C 89 -47.93 35.39 -41.95
CA LYS C 89 -47.60 33.98 -41.76
C LYS C 89 -46.72 33.74 -40.51
N LYS C 90 -45.41 33.98 -40.68
CA LYS C 90 -44.41 33.75 -39.63
C LYS C 90 -44.85 34.30 -38.27
N GLN C 91 -45.34 35.53 -38.30
CA GLN C 91 -45.68 36.29 -37.10
C GLN C 91 -46.87 35.69 -36.34
N LEU C 92 -47.77 35.02 -37.06
CA LEU C 92 -48.86 34.29 -36.43
C LEU C 92 -48.42 32.90 -36.01
N GLU C 93 -47.49 32.31 -36.77
CA GLU C 93 -46.94 31.00 -36.45
C GLU C 93 -46.25 30.98 -35.09
N ASP C 94 -45.50 32.05 -34.78
CA ASP C 94 -44.86 32.21 -33.47
C ASP C 94 -45.88 31.98 -32.37
N VAL C 95 -47.02 32.66 -32.47
CA VAL C 95 -48.10 32.57 -31.50
C VAL C 95 -48.66 31.15 -31.41
N PHE C 96 -49.09 30.58 -32.53
CA PHE C 96 -49.67 29.23 -32.47
C PHE C 96 -48.66 28.10 -32.24
N VAL C 97 -47.40 28.46 -31.97
CA VAL C 97 -46.41 27.50 -31.50
C VAL C 97 -46.18 27.69 -30.00
N LEU C 98 -45.86 28.92 -29.60
CA LEU C 98 -45.76 29.29 -28.20
C LEU C 98 -46.91 28.66 -27.42
N LEU C 99 -48.13 28.89 -27.90
CA LEU C 99 -49.33 28.33 -27.31
C LEU C 99 -49.32 26.80 -27.38
N ASN C 100 -49.26 26.27 -28.60
CA ASN C 100 -49.21 24.82 -28.85
C ASN C 100 -48.25 24.05 -27.94
N GLU C 101 -47.19 24.71 -27.49
CA GLU C 101 -46.14 24.04 -26.72
C GLU C 101 -46.16 24.32 -25.21
N ASN C 102 -47.03 25.23 -24.78
CA ASN C 102 -47.05 25.64 -23.36
C ASN C 102 -48.40 25.53 -22.66
N TYR C 103 -49.45 25.27 -23.42
CA TYR C 103 -50.82 25.33 -22.91
C TYR C 103 -51.14 24.21 -21.91
N VAL C 104 -50.55 23.04 -22.12
CA VAL C 104 -50.73 21.91 -21.21
C VAL C 104 -49.81 22.07 -19.99
N GLU C 105 -50.37 21.88 -18.80
CA GLU C 105 -49.64 22.02 -17.54
C GLU C 105 -48.54 20.98 -17.43
N ASP C 106 -48.94 19.71 -17.44
CA ASP C 106 -48.03 18.57 -17.45
C ASP C 106 -47.24 18.53 -18.75
N ARG C 107 -45.98 18.09 -18.67
CA ARG C 107 -45.13 17.96 -19.85
C ARG C 107 -45.39 16.64 -20.60
N ASP C 108 -45.73 15.59 -19.85
CA ASP C 108 -45.94 14.27 -20.45
C ASP C 108 -47.39 13.79 -20.34
N ALA C 109 -48.33 14.72 -20.47
CA ALA C 109 -49.77 14.42 -20.38
C ALA C 109 -50.25 13.51 -21.52
N GLY C 110 -49.42 13.37 -22.55
CA GLY C 110 -49.73 12.52 -23.70
C GLY C 110 -50.50 13.21 -24.79
N PHE C 111 -50.89 14.47 -24.55
CA PHE C 111 -51.64 15.26 -25.53
C PHE C 111 -51.19 16.72 -25.52
N ARG C 112 -51.17 17.33 -26.72
CA ARG C 112 -50.83 18.74 -26.85
C ARG C 112 -51.86 19.48 -27.68
N PHE C 113 -52.25 20.66 -27.20
CA PHE C 113 -53.18 21.55 -27.91
C PHE C 113 -52.70 21.80 -29.33
N ASN C 114 -53.62 21.75 -30.28
CA ASN C 114 -53.28 21.99 -31.68
C ASN C 114 -54.05 23.16 -32.28
N TYR C 115 -53.60 24.36 -31.94
CA TYR C 115 -54.10 25.59 -32.54
C TYR C 115 -53.57 25.72 -33.96
N THR C 116 -54.48 25.81 -34.93
CA THR C 116 -54.11 25.99 -36.34
C THR C 116 -54.08 27.47 -36.70
N LYS C 117 -53.51 27.79 -37.86
CA LYS C 117 -53.65 29.15 -38.40
C LYS C 117 -55.13 29.45 -38.64
N GLU C 118 -55.82 28.47 -39.24
CA GLU C 118 -57.25 28.58 -39.55
C GLU C 118 -58.09 28.90 -38.33
N PHE C 119 -57.71 28.34 -37.18
CA PHE C 119 -58.40 28.61 -35.93
C PHE C 119 -58.25 30.07 -35.55
N PHE C 120 -57.01 30.54 -35.50
CA PHE C 120 -56.73 31.91 -35.08
C PHE C 120 -57.20 32.94 -36.10
N ASN C 121 -57.21 32.55 -37.37
CA ASN C 121 -57.79 33.37 -38.42
C ASN C 121 -59.28 33.57 -38.16
N TRP C 122 -59.93 32.55 -37.60
CA TRP C 122 -61.36 32.63 -37.28
C TRP C 122 -61.62 33.45 -36.00
N ALA C 123 -60.83 33.20 -34.97
CA ALA C 123 -61.13 33.73 -33.62
C ALA C 123 -60.48 35.08 -33.30
N LEU C 124 -59.26 35.29 -33.76
CA LEU C 124 -58.57 36.56 -33.52
C LEU C 124 -59.08 37.66 -34.45
N LYS C 125 -59.44 37.26 -35.67
CA LYS C 125 -59.91 38.18 -36.72
C LYS C 125 -61.40 38.56 -36.61
N SER C 126 -61.86 38.79 -35.37
CA SER C 126 -63.21 39.30 -35.14
C SER C 126 -63.27 40.76 -35.61
N PRO C 127 -64.30 41.11 -36.42
CA PRO C 127 -64.38 42.43 -37.07
C PRO C 127 -64.13 43.60 -36.12
N GLY C 128 -63.30 44.54 -36.56
CA GLY C 128 -62.90 45.67 -35.72
C GLY C 128 -61.83 45.32 -34.72
N TRP C 129 -60.86 44.53 -35.18
CA TRP C 129 -59.72 44.13 -34.35
C TRP C 129 -58.51 45.03 -34.60
N LYS C 130 -57.78 45.32 -33.54
CA LYS C 130 -56.55 46.10 -33.62
C LYS C 130 -55.37 45.17 -33.32
N LYS C 131 -54.39 45.14 -34.22
CA LYS C 131 -53.16 44.35 -34.01
C LYS C 131 -52.49 44.73 -32.69
N ASP C 132 -52.68 45.97 -32.27
CA ASP C 132 -52.22 46.47 -30.98
C ASP C 132 -52.92 45.79 -29.80
N TRP C 133 -53.88 44.91 -30.10
CA TRP C 133 -54.57 44.16 -29.04
C TRP C 133 -54.16 42.69 -28.98
N HIS C 134 -53.42 42.25 -29.99
CA HIS C 134 -52.77 40.95 -29.95
C HIS C 134 -51.35 41.13 -29.41
N ILE C 135 -51.27 41.24 -28.08
CA ILE C 135 -50.02 41.55 -27.37
C ILE C 135 -49.09 40.35 -27.33
N GLY C 136 -47.80 40.61 -27.59
CA GLY C 136 -46.76 39.60 -27.42
C GLY C 136 -45.57 40.14 -26.64
N VAL C 137 -44.71 39.22 -26.19
CA VAL C 137 -43.43 39.57 -25.56
C VAL C 137 -42.35 38.69 -26.17
N ARG C 138 -41.23 39.30 -26.54
CA ARG C 138 -40.13 38.56 -27.18
C ARG C 138 -38.78 38.79 -26.50
N VAL C 139 -37.95 37.75 -26.46
CA VAL C 139 -36.58 37.83 -25.96
C VAL C 139 -35.81 38.75 -26.89
N LYS C 140 -35.33 39.87 -26.34
CA LYS C 140 -34.76 40.96 -27.13
C LYS C 140 -33.76 40.53 -28.21
N GLU C 141 -32.64 39.95 -27.78
CA GLU C 141 -31.56 39.61 -28.70
C GLU C 141 -31.92 38.48 -29.70
N THR C 142 -32.95 37.69 -29.39
CA THR C 142 -33.30 36.51 -30.20
C THR C 142 -34.63 36.59 -30.97
N GLN C 143 -35.61 37.29 -30.42
CA GLN C 143 -36.97 37.41 -30.98
C GLN C 143 -37.89 36.24 -30.62
N LYS C 144 -37.39 35.31 -29.81
CA LYS C 144 -38.16 34.13 -29.41
C LYS C 144 -39.34 34.54 -28.52
N LEU C 145 -40.54 34.34 -29.03
CA LEU C 145 -41.77 34.71 -28.33
C LEU C 145 -41.97 33.88 -27.08
N VAL C 146 -42.15 34.56 -25.94
CA VAL C 146 -42.27 33.89 -24.64
C VAL C 146 -43.60 34.16 -23.93
N ALA C 147 -44.42 35.04 -24.47
CA ALA C 147 -45.70 35.41 -23.85
C ALA C 147 -46.74 35.89 -24.86
N PHE C 148 -48.02 35.79 -24.49
CA PHE C 148 -49.12 36.23 -25.36
C PHE C 148 -50.43 36.46 -24.61
N ILE C 149 -51.11 37.55 -24.96
CA ILE C 149 -52.49 37.82 -24.52
C ILE C 149 -53.26 38.49 -25.67
N SER C 150 -54.53 38.08 -25.83
CA SER C 150 -55.37 38.61 -26.90
C SER C 150 -56.60 39.35 -26.39
N ALA C 151 -57.11 40.26 -27.21
CA ALA C 151 -58.35 40.96 -26.94
C ALA C 151 -59.14 41.26 -28.21
N ILE C 152 -60.43 40.93 -28.19
CA ILE C 152 -61.36 41.39 -29.22
C ILE C 152 -62.49 42.18 -28.58
N PRO C 153 -62.84 43.34 -29.16
CA PRO C 153 -63.89 44.17 -28.57
C PRO C 153 -65.26 43.54 -28.78
N VAL C 154 -66.18 43.81 -27.85
CA VAL C 154 -67.57 43.36 -27.95
C VAL C 154 -68.48 44.43 -27.36
N THR C 155 -69.79 44.15 -27.38
CA THR C 155 -70.73 44.90 -26.55
C THR C 155 -71.49 43.89 -25.70
N LEU C 156 -71.26 43.94 -24.38
CA LEU C 156 -71.80 42.95 -23.46
C LEU C 156 -73.20 43.28 -22.97
N GLY C 157 -73.93 42.25 -22.57
CA GLY C 157 -75.29 42.40 -22.04
C GLY C 157 -75.44 41.79 -20.66
N VAL C 158 -75.26 42.62 -19.63
CA VAL C 158 -75.40 42.19 -18.25
C VAL C 158 -76.77 42.62 -17.71
N ARG C 159 -77.66 41.65 -17.57
CA ARG C 159 -79.07 41.87 -17.19
C ARG C 159 -79.70 43.06 -17.91
N GLY C 160 -79.54 43.08 -19.23
CA GLY C 160 -80.07 44.15 -20.07
C GLY C 160 -79.07 45.24 -20.38
N LYS C 161 -78.27 45.63 -19.38
CA LYS C 161 -77.34 46.76 -19.49
C LYS C 161 -76.26 46.57 -20.54
N GLN C 162 -76.30 47.41 -21.57
CA GLN C 162 -75.35 47.38 -22.69
C GLN C 162 -74.00 47.98 -22.27
N VAL C 163 -72.99 47.12 -22.16
CA VAL C 163 -71.67 47.51 -21.69
C VAL C 163 -70.63 47.30 -22.79
N PRO C 164 -70.26 48.39 -23.50
CA PRO C 164 -69.29 48.33 -24.61
C PRO C 164 -67.90 47.86 -24.15
N SER C 165 -67.70 46.55 -24.15
CA SER C 165 -66.55 45.94 -23.48
C SER C 165 -65.60 45.17 -24.42
N VAL C 166 -64.88 44.21 -23.85
CA VAL C 166 -63.84 43.45 -24.56
C VAL C 166 -63.70 42.02 -23.99
N GLU C 167 -63.34 41.07 -24.84
CA GLU C 167 -63.04 39.71 -24.41
C GLU C 167 -61.53 39.50 -24.34
N ILE C 168 -61.08 38.70 -23.38
CA ILE C 168 -59.66 38.40 -23.23
C ILE C 168 -59.40 36.89 -23.22
N ASN C 169 -58.42 36.46 -24.00
CA ASN C 169 -58.16 35.03 -24.17
C ASN C 169 -56.73 34.69 -24.60
N PHE C 170 -56.38 33.40 -24.49
CA PHE C 170 -55.09 32.85 -24.90
C PHE C 170 -53.88 33.42 -24.14
N LEU C 171 -54.07 33.66 -22.84
CA LEU C 171 -52.98 34.08 -21.98
C LEU C 171 -51.97 32.94 -21.87
N CYS C 172 -50.76 33.18 -22.34
CA CYS C 172 -49.74 32.15 -22.40
C CYS C 172 -48.37 32.71 -22.06
N VAL C 173 -47.69 32.05 -21.13
CA VAL C 173 -46.32 32.40 -20.75
C VAL C 173 -45.45 31.16 -20.90
N HIS C 174 -44.26 31.34 -21.48
CA HIS C 174 -43.32 30.25 -21.73
C HIS C 174 -43.09 29.38 -20.49
N LYS C 175 -43.01 28.07 -20.71
CA LYS C 175 -42.86 27.08 -19.63
C LYS C 175 -41.65 27.33 -18.74
N GLN C 176 -40.51 27.63 -19.38
CA GLN C 176 -39.25 27.84 -18.67
C GLN C 176 -39.35 28.93 -17.61
N LEU C 177 -39.91 30.08 -17.97
CA LEU C 177 -39.99 31.22 -17.05
C LEU C 177 -41.42 31.58 -16.62
N ARG C 178 -41.90 30.87 -15.60
CA ARG C 178 -43.19 31.15 -14.98
C ARG C 178 -42.96 31.56 -13.53
N SER C 179 -44.04 31.86 -12.80
CA SER C 179 -43.97 32.44 -11.45
C SER C 179 -43.15 33.74 -11.41
N LYS C 180 -42.64 34.16 -12.56
CA LYS C 180 -41.84 35.38 -12.70
C LYS C 180 -42.67 36.66 -12.67
N ARG C 181 -43.94 36.53 -12.27
CA ARG C 181 -44.90 37.65 -12.21
C ARG C 181 -45.05 38.37 -13.55
N LEU C 182 -45.05 37.59 -14.63
CA LEU C 182 -45.13 38.16 -15.97
C LEU C 182 -46.59 38.32 -16.40
N THR C 183 -47.50 37.62 -15.72
CA THR C 183 -48.95 37.73 -15.97
C THR C 183 -49.51 39.13 -15.65
N PRO C 184 -49.15 39.71 -14.47
CA PRO C 184 -49.50 41.11 -14.19
C PRO C 184 -49.04 42.08 -15.28
N VAL C 185 -47.78 41.97 -15.69
CA VAL C 185 -47.20 42.86 -16.70
C VAL C 185 -47.74 42.53 -18.11
N LEU C 186 -48.74 41.64 -18.16
CA LEU C 186 -49.47 41.33 -19.38
C LEU C 186 -50.90 41.84 -19.27
N ILE C 187 -51.55 41.51 -18.17
CA ILE C 187 -52.90 41.98 -17.87
C ILE C 187 -52.93 43.51 -17.84
N LYS C 188 -52.09 44.10 -16.98
CA LYS C 188 -51.99 45.56 -16.85
C LYS C 188 -51.67 46.23 -18.18
N GLU C 189 -50.93 45.54 -19.05
CA GLU C 189 -50.58 46.08 -20.36
C GLU C 189 -51.76 46.10 -21.33
N ILE C 190 -52.48 44.98 -21.44
CA ILE C 190 -53.64 44.93 -22.34
C ILE C 190 -54.74 45.88 -21.85
N THR C 191 -54.95 45.90 -20.54
CA THR C 191 -55.81 46.89 -19.88
C THR C 191 -55.54 48.27 -20.47
N ARG C 192 -54.29 48.71 -20.37
CA ARG C 192 -53.84 50.02 -20.83
C ARG C 192 -54.30 50.33 -22.26
N ARG C 193 -53.79 49.57 -23.23
CA ARG C 193 -54.09 49.79 -24.66
C ARG C 193 -55.59 49.85 -24.95
N VAL C 194 -56.37 49.18 -24.11
CA VAL C 194 -57.82 49.08 -24.27
C VAL C 194 -58.59 50.19 -23.55
N ASN C 195 -58.23 50.46 -22.30
CA ASN C 195 -58.79 51.60 -21.57
C ASN C 195 -58.51 52.89 -22.32
N LYS C 196 -57.27 53.02 -22.80
CA LYS C 196 -56.86 54.10 -23.70
C LYS C 196 -57.42 53.82 -25.11
N CYS C 197 -58.74 53.66 -25.18
CA CYS C 197 -59.48 53.44 -26.43
C CYS C 197 -60.99 53.57 -26.22
N ASP C 198 -61.37 53.91 -24.98
CA ASP C 198 -62.77 54.09 -24.54
C ASP C 198 -63.48 52.81 -24.04
N ILE C 199 -62.77 51.68 -24.06
CA ILE C 199 -63.32 50.45 -23.48
C ILE C 199 -62.81 50.28 -22.05
N TRP C 200 -63.73 50.11 -21.11
CA TRP C 200 -63.38 50.05 -19.68
C TRP C 200 -63.85 48.81 -18.92
N HIS C 201 -64.14 47.75 -19.68
CA HIS C 201 -64.74 46.55 -19.11
C HIS C 201 -64.35 45.33 -19.94
N ALA C 202 -64.25 44.18 -19.29
CA ALA C 202 -63.81 42.95 -19.99
C ALA C 202 -64.47 41.69 -19.46
N LEU C 203 -64.70 40.73 -20.36
CA LEU C 203 -65.10 39.39 -19.98
C LEU C 203 -63.95 38.41 -20.19
N TYR C 204 -63.67 37.61 -19.17
CA TYR C 204 -62.68 36.53 -19.26
C TYR C 204 -63.12 35.31 -18.48
N THR C 205 -62.67 34.13 -18.92
CA THR C 205 -63.02 32.87 -18.26
C THR C 205 -61.77 32.04 -17.99
N ALA C 206 -61.71 31.42 -16.80
CA ALA C 206 -60.54 30.63 -16.40
C ALA C 206 -60.92 29.42 -15.54
N GLY C 207 -60.16 28.35 -15.68
CA GLY C 207 -60.37 27.12 -14.90
C GLY C 207 -60.07 27.31 -13.43
N ILE C 208 -59.16 28.24 -13.13
CA ILE C 208 -58.79 28.53 -11.74
C ILE C 208 -59.80 29.44 -11.05
N VAL C 209 -59.85 29.34 -9.72
CA VAL C 209 -60.80 30.09 -8.90
C VAL C 209 -60.24 31.46 -8.51
N LEU C 210 -60.50 32.46 -9.36
CA LEU C 210 -60.00 33.83 -9.18
C LEU C 210 -61.03 34.72 -8.48
N PRO C 211 -60.64 35.95 -8.10
CA PRO C 211 -61.62 36.89 -7.55
C PRO C 211 -62.64 37.36 -8.59
N ALA C 212 -63.92 37.36 -8.19
CA ALA C 212 -65.05 37.87 -8.99
C ALA C 212 -65.76 36.89 -9.93
N PRO C 213 -66.04 35.65 -9.46
CA PRO C 213 -66.67 34.69 -10.38
C PRO C 213 -68.19 34.86 -10.42
N VAL C 214 -68.67 35.69 -11.34
CA VAL C 214 -70.10 35.98 -11.49
C VAL C 214 -70.91 34.69 -11.68
N SER C 215 -70.36 33.77 -12.47
CA SER C 215 -70.95 32.44 -12.63
C SER C 215 -69.88 31.38 -12.88
N THR C 216 -70.23 30.12 -12.58
CA THR C 216 -69.30 29.01 -12.69
C THR C 216 -69.98 27.79 -13.32
N CYS C 217 -69.45 27.35 -14.46
CA CYS C 217 -69.98 26.23 -15.21
C CYS C 217 -69.10 24.99 -15.14
N ARG C 218 -69.56 23.91 -15.76
CA ARG C 218 -68.88 22.62 -15.77
C ARG C 218 -68.95 22.02 -17.17
N TYR C 219 -67.86 21.39 -17.61
CA TYR C 219 -67.82 20.72 -18.92
C TYR C 219 -68.49 19.34 -18.90
N THR C 220 -68.79 18.84 -20.10
CA THR C 220 -69.20 17.46 -20.35
C THR C 220 -68.79 17.07 -21.78
N HIS C 221 -68.68 15.76 -22.04
CA HIS C 221 -68.28 15.27 -23.37
C HIS C 221 -69.19 14.15 -23.86
N ARG C 222 -69.55 14.21 -25.14
CA ARG C 222 -70.29 13.12 -25.77
C ARG C 222 -69.32 12.28 -26.60
N PRO C 223 -69.10 11.01 -26.19
CA PRO C 223 -68.25 10.12 -26.98
C PRO C 223 -68.76 10.03 -28.40
N LEU C 224 -67.89 10.26 -29.39
CA LEU C 224 -68.27 10.08 -30.79
C LEU C 224 -67.51 8.89 -31.37
N ASN C 225 -66.26 8.75 -30.95
CA ASN C 225 -65.40 7.63 -31.33
C ASN C 225 -64.84 7.03 -30.04
N TRP C 226 -65.61 6.14 -29.43
CA TRP C 226 -65.25 5.58 -28.12
C TRP C 226 -63.93 4.79 -28.14
N LYS C 227 -63.81 3.84 -29.06
CA LYS C 227 -62.60 3.03 -29.21
C LYS C 227 -61.37 3.91 -29.06
N LYS C 228 -61.25 4.88 -29.96
CA LYS C 228 -60.17 5.87 -29.95
C LYS C 228 -60.03 6.60 -28.62
N LEU C 229 -61.11 7.25 -28.20
CA LEU C 229 -61.14 7.98 -26.92
C LEU C 229 -60.61 7.15 -25.74
N TYR C 230 -60.91 5.85 -25.79
CA TYR C 230 -60.48 4.91 -24.76
C TYR C 230 -59.03 4.47 -24.98
N GLU C 231 -58.76 3.95 -26.18
CA GLU C 231 -57.40 3.55 -26.59
C GLU C 231 -56.40 4.70 -26.52
N VAL C 232 -56.92 5.92 -26.36
CA VAL C 232 -56.10 7.13 -26.27
C VAL C 232 -56.02 7.63 -24.83
N ASP C 233 -56.77 6.97 -23.94
CA ASP C 233 -56.76 7.25 -22.50
C ASP C 233 -57.51 8.52 -22.09
N PHE C 234 -58.57 8.85 -22.82
CA PHE C 234 -59.43 9.96 -22.42
C PHE C 234 -60.74 9.48 -21.78
N THR C 235 -60.97 8.17 -21.82
CA THR C 235 -62.11 7.55 -21.15
C THR C 235 -61.79 6.11 -20.73
N GLY C 236 -62.29 5.72 -19.56
CA GLY C 236 -62.08 4.37 -19.04
C GLY C 236 -63.18 3.39 -19.39
N LEU C 237 -63.10 2.19 -18.82
CA LEU C 237 -64.10 1.15 -19.02
C LEU C 237 -64.84 0.94 -17.70
N PRO C 238 -66.16 1.27 -17.68
CA PRO C 238 -66.93 1.15 -16.44
C PRO C 238 -67.00 -0.29 -15.94
N ASP C 239 -66.94 -0.46 -14.62
CA ASP C 239 -66.94 -1.80 -14.00
C ASP C 239 -68.08 -2.66 -14.51
N GLY C 240 -67.75 -3.90 -14.86
CA GLY C 240 -68.73 -4.83 -15.44
C GLY C 240 -69.26 -4.35 -16.78
N HIS C 241 -68.33 -4.08 -17.70
CA HIS C 241 -68.69 -3.67 -19.06
C HIS C 241 -67.69 -4.17 -20.10
N THR C 242 -68.22 -4.64 -21.23
CA THR C 242 -67.39 -5.06 -22.34
C THR C 242 -66.86 -3.83 -23.06
N GLU C 243 -65.74 -3.99 -23.76
CA GLU C 243 -65.26 -2.99 -24.69
C GLU C 243 -66.31 -2.85 -25.78
N GLU C 244 -66.88 -4.00 -26.16
CA GLU C 244 -67.97 -4.08 -27.13
C GLU C 244 -69.23 -3.36 -26.64
N ASP C 245 -69.60 -3.60 -25.39
CA ASP C 245 -70.73 -2.92 -24.74
C ASP C 245 -70.74 -1.43 -25.02
N MET C 246 -69.59 -0.81 -24.77
CA MET C 246 -69.43 0.64 -24.94
C MET C 246 -69.57 1.03 -26.40
N ILE C 247 -68.92 0.28 -27.29
CA ILE C 247 -69.03 0.52 -28.73
C ILE C 247 -70.51 0.51 -29.13
N ALA C 248 -71.24 -0.50 -28.65
CA ALA C 248 -72.67 -0.64 -28.90
C ALA C 248 -73.48 0.52 -28.30
N GLU C 249 -73.02 1.04 -27.17
CA GLU C 249 -73.75 2.08 -26.44
C GLU C 249 -73.68 3.43 -27.13
N ASN C 250 -72.51 3.76 -27.68
CA ASN C 250 -72.25 5.10 -28.18
C ASN C 250 -72.34 5.20 -29.70
N ALA C 251 -72.94 4.17 -30.31
CA ALA C 251 -73.21 4.17 -31.75
C ALA C 251 -74.04 5.38 -32.13
N LEU C 252 -73.88 5.82 -33.38
CA LEU C 252 -74.49 7.04 -33.87
C LEU C 252 -74.61 6.91 -35.38
N PRO C 253 -75.78 7.28 -35.94
CA PRO C 253 -76.00 7.05 -37.37
C PRO C 253 -75.24 8.06 -38.24
N ALA C 254 -75.09 7.73 -39.52
CA ALA C 254 -74.34 8.60 -40.43
C ALA C 254 -75.14 9.84 -40.82
N LYS C 255 -76.46 9.72 -40.81
CA LYS C 255 -77.34 10.75 -41.35
C LYS C 255 -78.21 11.40 -40.28
N THR C 256 -78.44 12.70 -40.42
CA THR C 256 -79.19 13.49 -39.44
C THR C 256 -80.70 13.21 -39.47
N LYS C 257 -81.31 13.15 -38.28
CA LYS C 257 -82.72 12.77 -38.13
C LYS C 257 -83.74 13.83 -38.53
N THR C 258 -83.64 15.02 -37.95
CA THR C 258 -84.67 16.06 -38.11
C THR C 258 -84.80 16.55 -39.55
N ALA C 259 -86.03 16.88 -39.93
CA ALA C 259 -86.31 17.49 -41.22
C ALA C 259 -85.87 18.95 -41.22
N GLY C 260 -85.50 19.46 -42.39
CA GLY C 260 -85.14 20.87 -42.54
C GLY C 260 -83.71 21.25 -42.21
N LEU C 261 -82.89 20.27 -41.81
CA LEU C 261 -81.49 20.51 -41.45
C LEU C 261 -80.57 20.78 -42.65
N ARG C 262 -79.86 21.90 -42.60
CA ARG C 262 -79.02 22.37 -43.70
C ARG C 262 -78.04 23.45 -43.22
N LYS C 263 -76.87 23.50 -43.84
CA LYS C 263 -75.82 24.48 -43.51
C LYS C 263 -76.32 25.93 -43.60
N LEU C 264 -75.85 26.78 -42.69
CA LEU C 264 -76.18 28.20 -42.69
C LEU C 264 -75.59 28.89 -43.92
N LYS C 265 -76.34 29.82 -44.48
CA LYS C 265 -75.88 30.60 -45.65
C LYS C 265 -76.09 32.11 -45.48
N LYS C 266 -75.35 32.88 -46.29
CA LYS C 266 -75.29 34.35 -46.19
C LYS C 266 -76.64 35.06 -46.13
N GLU C 267 -77.62 34.58 -46.90
CA GLU C 267 -78.93 35.23 -47.02
C GLU C 267 -79.88 34.89 -45.87
N ASP C 268 -79.51 33.87 -45.09
CA ASP C 268 -80.32 33.44 -43.95
C ASP C 268 -80.17 34.41 -42.78
N ILE C 269 -78.95 34.97 -42.65
CA ILE C 269 -78.51 35.77 -41.49
C ILE C 269 -79.60 36.55 -40.73
N ASP C 270 -80.30 37.47 -41.42
CA ASP C 270 -81.25 38.39 -40.78
C ASP C 270 -82.32 37.68 -39.96
N GLN C 271 -82.80 36.56 -40.50
CA GLN C 271 -83.81 35.75 -39.85
C GLN C 271 -83.19 34.94 -38.70
N VAL C 272 -82.00 34.39 -38.98
CA VAL C 272 -81.24 33.63 -37.99
C VAL C 272 -80.82 34.55 -36.84
N PHE C 273 -80.38 35.75 -37.19
CA PHE C 273 -80.06 36.80 -36.22
C PHE C 273 -81.27 37.05 -35.33
N GLU C 274 -82.42 37.28 -35.96
CA GLU C 274 -83.67 37.54 -35.24
C GLU C 274 -84.06 36.41 -34.31
N LEU C 275 -84.03 35.18 -34.82
CA LEU C 275 -84.36 34.01 -34.03
C LEU C 275 -83.37 33.84 -32.87
N PHE C 276 -82.09 34.03 -33.15
CA PHE C 276 -81.05 33.93 -32.13
C PHE C 276 -81.20 34.98 -31.03
N LYS C 277 -81.37 36.24 -31.45
CA LYS C 277 -81.33 37.38 -30.53
C LYS C 277 -82.51 37.49 -29.57
N ARG C 278 -83.72 37.16 -30.05
CA ARG C 278 -84.91 37.22 -29.20
C ARG C 278 -84.97 36.02 -28.26
N TYR C 279 -84.49 34.87 -28.73
CA TYR C 279 -84.38 33.67 -27.90
C TYR C 279 -83.33 33.87 -26.81
N GLN C 280 -82.19 34.43 -27.20
CA GLN C 280 -81.05 34.56 -26.32
C GLN C 280 -81.22 35.68 -25.28
N SER C 281 -82.19 36.56 -25.51
CA SER C 281 -82.50 37.62 -24.55
C SER C 281 -83.18 37.08 -23.29
N ARG C 282 -83.01 35.78 -23.03
CA ARG C 282 -83.46 35.14 -21.81
C ARG C 282 -82.31 34.98 -20.83
N PHE C 283 -81.12 34.71 -21.37
CA PHE C 283 -79.91 34.54 -20.57
C PHE C 283 -79.41 35.90 -20.06
N GLU C 284 -78.93 35.91 -18.82
CA GLU C 284 -78.59 37.14 -18.13
C GLU C 284 -77.13 37.57 -18.34
N LEU C 285 -76.47 37.03 -19.36
CA LEU C 285 -75.09 37.37 -19.69
C LEU C 285 -74.77 37.06 -21.16
N ILE C 286 -74.93 38.06 -22.02
CA ILE C 286 -74.83 37.84 -23.46
C ILE C 286 -73.83 38.74 -24.18
N GLN C 287 -73.35 38.28 -25.33
CA GLN C 287 -72.61 39.13 -26.25
C GLN C 287 -73.62 39.69 -27.25
N ILE C 288 -73.69 41.01 -27.35
CA ILE C 288 -74.51 41.64 -28.37
C ILE C 288 -73.77 41.58 -29.70
N PHE C 289 -74.26 40.71 -30.58
CA PHE C 289 -73.77 40.60 -31.94
C PHE C 289 -74.49 41.62 -32.82
N THR C 290 -74.01 41.77 -34.05
CA THR C 290 -74.69 42.55 -35.07
C THR C 290 -74.54 41.86 -36.42
N LYS C 291 -75.48 42.14 -37.33
CA LYS C 291 -75.52 41.49 -38.66
C LYS C 291 -74.15 41.38 -39.34
N GLU C 292 -73.23 42.27 -38.96
CA GLU C 292 -71.86 42.22 -39.45
C GLU C 292 -71.03 41.15 -38.71
N GLU C 293 -70.99 41.23 -37.39
CA GLU C 293 -70.13 40.31 -36.62
C GLU C 293 -70.76 38.95 -36.30
N PHE C 294 -72.09 38.87 -36.26
CA PHE C 294 -72.78 37.58 -36.14
C PHE C 294 -72.40 36.72 -37.34
N GLU C 295 -72.34 37.34 -38.51
CA GLU C 295 -71.96 36.67 -39.75
C GLU C 295 -70.56 36.07 -39.68
N HIS C 296 -69.56 36.89 -39.34
CA HIS C 296 -68.16 36.42 -39.25
C HIS C 296 -67.99 35.23 -38.32
N ASN C 297 -68.74 35.24 -37.21
CA ASN C 297 -68.64 34.23 -36.17
C ASN C 297 -69.26 32.89 -36.56
N PHE C 298 -70.15 32.89 -37.56
CA PHE C 298 -70.90 31.68 -37.92
C PHE C 298 -70.76 31.21 -39.37
N ILE C 299 -70.37 32.13 -40.26
CA ILE C 299 -69.78 31.74 -41.54
C ILE C 299 -68.34 32.21 -41.53
N GLY C 300 -67.43 31.26 -41.33
CA GLY C 300 -66.00 31.55 -41.31
C GLY C 300 -65.43 31.49 -42.71
N GLU C 301 -64.11 31.40 -42.78
CA GLU C 301 -63.40 31.34 -44.06
C GLU C 301 -63.97 30.25 -44.97
N GLU C 302 -64.23 30.64 -46.22
CA GLU C 302 -64.85 29.75 -47.21
C GLU C 302 -63.80 28.93 -47.97
N SER C 303 -64.25 27.82 -48.54
CA SER C 303 -63.42 26.89 -49.32
C SER C 303 -62.15 26.45 -48.58
N LEU C 304 -62.38 25.78 -47.45
CA LEU C 304 -61.31 25.16 -46.67
C LEU C 304 -61.64 23.68 -46.53
N PRO C 305 -60.65 22.80 -46.78
CA PRO C 305 -60.90 21.36 -46.66
C PRO C 305 -61.39 20.99 -45.26
N LEU C 306 -62.16 19.92 -45.16
CA LEU C 306 -62.81 19.51 -43.92
C LEU C 306 -61.86 19.42 -42.72
N ASP C 307 -60.64 18.93 -42.95
CA ASP C 307 -59.65 18.74 -41.90
C ASP C 307 -59.17 20.06 -41.25
N LYS C 308 -59.43 21.18 -41.92
CA LYS C 308 -59.01 22.49 -41.42
C LYS C 308 -60.19 23.39 -41.04
N GLN C 309 -61.41 23.00 -41.46
CA GLN C 309 -62.62 23.78 -41.18
C GLN C 309 -62.84 23.92 -39.67
N VAL C 310 -63.00 25.17 -39.23
CA VAL C 310 -63.08 25.47 -37.81
C VAL C 310 -64.53 25.66 -37.38
N ILE C 311 -65.25 26.50 -38.11
CA ILE C 311 -66.62 26.83 -37.73
C ILE C 311 -67.67 26.02 -38.51
N PHE C 312 -68.60 25.44 -37.77
CA PHE C 312 -69.66 24.60 -38.31
C PHE C 312 -70.98 25.20 -37.89
N SER C 313 -71.88 25.41 -38.84
CA SER C 313 -73.17 26.03 -38.56
C SER C 313 -74.30 25.39 -39.36
N TYR C 314 -75.45 25.20 -38.70
CA TYR C 314 -76.60 24.57 -39.32
C TYR C 314 -77.90 25.24 -38.92
N VAL C 315 -78.96 24.94 -39.68
CA VAL C 315 -80.24 25.61 -39.53
C VAL C 315 -81.38 24.72 -40.04
N VAL C 316 -82.52 24.77 -39.35
CA VAL C 316 -83.70 24.00 -39.76
C VAL C 316 -84.69 24.91 -40.46
N GLU C 317 -84.80 24.74 -41.78
CA GLU C 317 -85.64 25.59 -42.62
C GLU C 317 -86.87 24.84 -43.11
N GLN C 318 -88.04 25.32 -42.67
CA GLN C 318 -89.32 24.78 -43.11
C GLN C 318 -89.55 25.10 -44.59
N PRO C 319 -90.43 24.32 -45.27
CA PRO C 319 -90.67 24.56 -46.70
C PRO C 319 -91.09 25.99 -47.04
N ASP C 320 -91.85 26.62 -46.15
CA ASP C 320 -92.30 28.01 -46.32
C ASP C 320 -91.17 29.04 -46.20
N GLY C 321 -89.97 28.57 -45.83
CA GLY C 321 -88.80 29.43 -45.72
C GLY C 321 -88.47 29.84 -44.29
N LYS C 322 -89.39 29.55 -43.37
CA LYS C 322 -89.22 29.86 -41.95
C LYS C 322 -88.10 29.02 -41.36
N ILE C 323 -87.36 29.61 -40.45
CA ILE C 323 -86.28 28.92 -39.74
C ILE C 323 -86.72 28.67 -38.29
N THR C 324 -86.87 27.38 -37.97
CA THR C 324 -87.34 26.96 -36.65
C THR C 324 -86.24 27.11 -35.61
N ASP C 325 -85.02 26.73 -36.00
CA ASP C 325 -83.86 26.73 -35.11
C ASP C 325 -82.52 26.63 -35.83
N PHE C 326 -81.46 27.06 -35.15
CA PHE C 326 -80.10 26.92 -35.66
C PHE C 326 -79.15 26.52 -34.53
N PHE C 327 -78.03 25.91 -34.91
CA PHE C 327 -76.97 25.62 -33.94
C PHE C 327 -75.60 25.67 -34.61
N SER C 328 -74.54 25.71 -33.79
CA SER C 328 -73.18 25.75 -34.28
C SER C 328 -72.19 25.13 -33.29
N PHE C 329 -71.05 24.66 -33.80
CA PHE C 329 -69.94 24.18 -32.99
C PHE C 329 -68.60 24.40 -33.71
N TYR C 330 -67.50 24.40 -32.97
CA TYR C 330 -66.19 24.68 -33.58
C TYR C 330 -65.12 23.60 -33.30
N SER C 331 -64.13 23.52 -34.19
CA SER C 331 -63.11 22.46 -34.15
C SER C 331 -61.72 22.91 -33.67
N LEU C 332 -61.32 22.40 -32.52
CA LEU C 332 -60.02 22.70 -31.91
C LEU C 332 -59.40 21.43 -31.33
N PRO C 333 -58.54 20.74 -32.11
CA PRO C 333 -58.06 19.39 -31.80
C PRO C 333 -56.79 19.33 -30.93
N PHE C 334 -56.50 18.13 -30.41
CA PHE C 334 -55.25 17.85 -29.69
C PHE C 334 -54.36 16.93 -30.53
N THR C 335 -53.07 17.26 -30.60
CA THR C 335 -52.09 16.33 -31.14
C THR C 335 -51.84 15.30 -30.03
N ILE C 336 -51.59 14.05 -30.41
CA ILE C 336 -51.46 12.98 -29.42
C ILE C 336 -50.08 12.31 -29.43
N LEU C 337 -49.48 12.23 -28.25
CA LEU C 337 -48.14 11.72 -28.07
C LEU C 337 -48.14 10.28 -27.53
N ASN C 338 -47.01 9.60 -27.72
CA ASN C 338 -46.74 8.27 -27.17
C ASN C 338 -47.57 7.14 -27.77
N ASN C 339 -48.62 7.49 -28.51
CA ASN C 339 -49.49 6.50 -29.12
C ASN C 339 -49.03 6.06 -30.50
N THR C 340 -48.78 4.76 -30.62
CA THR C 340 -48.38 4.10 -31.85
C THR C 340 -49.45 4.24 -32.94
N LYS C 341 -50.71 4.34 -32.52
CA LYS C 341 -51.85 4.26 -33.44
C LYS C 341 -52.47 5.61 -33.81
N TYR C 342 -52.38 6.58 -32.91
CA TYR C 342 -53.01 7.88 -33.15
C TYR C 342 -52.07 9.05 -32.91
N LYS C 343 -52.17 10.06 -33.78
CA LYS C 343 -51.37 11.26 -33.66
C LYS C 343 -52.25 12.48 -33.34
N ASP C 344 -53.55 12.36 -33.57
CA ASP C 344 -54.48 13.48 -33.38
C ASP C 344 -55.85 13.07 -32.83
N LEU C 345 -56.47 14.00 -32.11
CA LEU C 345 -57.82 13.81 -31.59
C LEU C 345 -58.67 15.00 -32.03
N GLY C 346 -59.60 14.75 -32.93
CA GLY C 346 -60.55 15.77 -33.36
C GLY C 346 -61.52 16.07 -32.24
N ILE C 347 -61.63 17.35 -31.87
CA ILE C 347 -62.53 17.78 -30.80
C ILE C 347 -63.51 18.83 -31.32
N GLY C 348 -64.78 18.68 -30.92
CA GLY C 348 -65.82 19.65 -31.25
C GLY C 348 -66.46 20.25 -30.02
N TYR C 349 -66.36 21.57 -29.89
CA TYR C 349 -67.00 22.28 -28.78
C TYR C 349 -68.29 22.93 -29.29
N LEU C 350 -69.41 22.64 -28.64
CA LEU C 350 -70.69 23.25 -28.97
C LEU C 350 -70.65 24.75 -28.70
N TYR C 351 -71.16 25.53 -29.66
CA TYR C 351 -71.11 26.99 -29.60
C TYR C 351 -72.47 27.59 -29.23
N TYR C 352 -72.88 28.61 -30.00
CA TYR C 352 -74.16 29.28 -29.80
C TYR C 352 -75.25 28.55 -30.57
N TYR C 353 -76.45 28.53 -30.00
CA TYR C 353 -77.59 27.87 -30.63
C TYR C 353 -78.90 28.57 -30.30
N ALA C 354 -79.93 28.33 -31.11
CA ALA C 354 -81.24 28.99 -30.96
C ALA C 354 -82.39 28.14 -31.49
N THR C 355 -83.57 28.34 -30.90
CA THR C 355 -84.81 27.63 -31.30
C THR C 355 -86.07 28.42 -30.90
N ASP C 356 -87.13 28.26 -31.68
CA ASP C 356 -88.41 28.90 -31.40
C ASP C 356 -89.36 28.02 -30.59
N ALA C 357 -88.96 26.76 -30.39
CA ALA C 357 -89.83 25.70 -29.87
C ALA C 357 -90.60 26.04 -28.58
N ASP C 358 -90.17 27.08 -27.87
CA ASP C 358 -90.80 27.46 -26.62
C ASP C 358 -91.28 28.92 -26.60
N PHE C 359 -91.28 29.56 -27.78
CA PHE C 359 -91.61 30.98 -27.91
C PHE C 359 -93.05 31.33 -27.53
N GLN C 360 -94.01 30.51 -27.96
CA GLN C 360 -95.43 30.79 -27.78
C GLN C 360 -95.87 30.88 -26.32
N PHE C 361 -95.46 29.91 -25.51
CA PHE C 361 -95.68 29.95 -24.07
C PHE C 361 -94.89 31.13 -23.49
N LYS C 362 -95.45 31.79 -22.49
CA LYS C 362 -94.84 33.02 -21.97
C LYS C 362 -94.07 32.84 -20.65
N ASP C 363 -94.09 31.60 -20.13
CA ASP C 363 -93.34 31.24 -18.93
C ASP C 363 -92.31 30.17 -19.29
N ARG C 364 -91.02 30.46 -19.10
CA ARG C 364 -89.95 29.51 -19.42
C ARG C 364 -90.01 28.29 -18.51
N PHE C 365 -90.29 28.51 -17.23
CA PHE C 365 -90.30 27.45 -16.22
C PHE C 365 -91.63 26.69 -16.13
N ASP C 366 -92.58 27.03 -17.00
CA ASP C 366 -93.84 26.30 -17.10
C ASP C 366 -93.57 24.89 -17.64
N PRO C 367 -93.96 23.86 -16.87
CA PRO C 367 -93.72 22.45 -17.20
C PRO C 367 -94.05 22.05 -18.64
N LYS C 368 -95.17 22.54 -19.18
CA LYS C 368 -95.55 22.26 -20.56
C LYS C 368 -94.58 22.89 -21.57
N ALA C 369 -94.08 24.08 -21.23
CA ALA C 369 -93.21 24.86 -22.11
C ALA C 369 -91.80 24.29 -22.19
N THR C 370 -91.28 23.87 -21.03
CA THR C 370 -89.95 23.30 -20.91
C THR C 370 -89.85 21.96 -21.64
N LYS C 371 -90.89 21.14 -21.51
CA LYS C 371 -90.95 19.84 -22.18
C LYS C 371 -90.79 19.99 -23.69
N ALA C 372 -91.42 21.02 -24.25
CA ALA C 372 -91.33 21.32 -25.69
C ALA C 372 -89.95 21.85 -26.09
N LEU C 373 -89.22 22.43 -25.15
CA LEU C 373 -87.86 22.87 -25.40
C LEU C 373 -86.90 21.67 -25.35
N LYS C 374 -87.09 20.80 -24.36
CA LYS C 374 -86.24 19.63 -24.12
C LYS C 374 -86.23 18.66 -25.31
N THR C 375 -87.42 18.20 -25.74
CA THR C 375 -87.55 17.29 -26.88
C THR C 375 -86.91 17.83 -28.15
N ARG C 376 -87.00 19.16 -28.34
CA ARG C 376 -86.48 19.82 -29.52
C ARG C 376 -84.95 19.83 -29.56
N LEU C 377 -84.33 20.21 -28.44
CA LEU C 377 -82.87 20.24 -28.35
C LEU C 377 -82.26 18.86 -28.42
N CYS C 378 -82.92 17.89 -27.77
CA CYS C 378 -82.52 16.49 -27.85
C CYS C 378 -82.52 15.97 -29.28
N GLU C 379 -83.39 16.55 -30.11
CA GLU C 379 -83.39 16.29 -31.55
C GLU C 379 -82.27 17.09 -32.22
N LEU C 380 -82.21 18.38 -31.89
CA LEU C 380 -81.27 19.33 -32.50
C LEU C 380 -79.80 18.96 -32.26
N ILE C 381 -79.44 18.84 -30.98
CA ILE C 381 -78.07 18.52 -30.56
C ILE C 381 -77.70 17.09 -30.95
N TYR C 382 -78.69 16.20 -30.92
CA TYR C 382 -78.47 14.84 -31.40
C TYR C 382 -77.85 14.93 -32.79
N ASP C 383 -78.56 15.59 -33.70
CA ASP C 383 -78.07 15.84 -35.04
C ASP C 383 -76.70 16.52 -35.06
N ALA C 384 -76.44 17.40 -34.10
CA ALA C 384 -75.13 18.02 -33.96
C ALA C 384 -74.04 16.96 -33.79
N CYS C 385 -74.29 15.99 -32.91
CA CYS C 385 -73.35 14.89 -32.63
C CYS C 385 -72.97 14.09 -33.88
N ILE C 386 -73.97 13.78 -34.70
CA ILE C 386 -73.74 13.11 -35.98
C ILE C 386 -72.85 13.96 -36.88
N LEU C 387 -73.15 15.26 -36.95
CA LEU C 387 -72.40 16.19 -37.80
C LEU C 387 -70.96 16.36 -37.34
N ALA C 388 -70.72 16.25 -36.05
CA ALA C 388 -69.36 16.24 -35.51
C ALA C 388 -68.71 14.87 -35.74
N LYS C 389 -69.45 13.81 -35.47
CA LYS C 389 -68.99 12.46 -35.81
C LYS C 389 -68.55 12.43 -37.28
N ASN C 390 -69.39 13.00 -38.14
CA ASN C 390 -69.16 13.09 -39.59
C ASN C 390 -67.87 13.81 -39.99
N ALA C 391 -67.47 14.78 -39.18
CA ALA C 391 -66.29 15.60 -39.47
C ALA C 391 -65.05 15.04 -38.77
N ASN C 392 -65.02 13.72 -38.62
CA ASN C 392 -63.91 13.01 -37.96
C ASN C 392 -63.64 13.44 -36.51
N MET C 393 -64.57 14.22 -35.93
CA MET C 393 -64.49 14.60 -34.51
C MET C 393 -64.74 13.35 -33.68
N ASP C 394 -63.94 13.18 -32.63
CA ASP C 394 -64.01 11.99 -31.79
C ASP C 394 -64.83 12.22 -30.52
N VAL C 395 -65.04 13.49 -30.19
CA VAL C 395 -65.68 13.88 -28.94
C VAL C 395 -66.32 15.26 -29.07
N PHE C 396 -67.48 15.44 -28.46
CA PHE C 396 -68.25 16.67 -28.53
C PHE C 396 -68.38 17.31 -27.15
N ASN C 397 -67.74 18.48 -26.98
CA ASN C 397 -67.78 19.20 -25.71
C ASN C 397 -68.89 20.24 -25.60
N ALA C 398 -69.70 20.12 -24.56
CA ALA C 398 -70.71 21.13 -24.23
C ALA C 398 -70.64 21.45 -22.74
N LEU C 399 -71.11 22.63 -22.36
CA LEU C 399 -71.10 23.04 -20.95
C LEU C 399 -72.48 22.97 -20.29
N THR C 400 -72.54 23.39 -19.03
CA THR C 400 -73.79 23.44 -18.27
C THR C 400 -74.56 24.74 -18.51
N SER C 401 -73.89 25.69 -19.17
CA SER C 401 -74.47 27.00 -19.51
C SER C 401 -75.70 26.87 -20.42
N GLN C 402 -76.41 27.99 -20.61
CA GLN C 402 -77.57 28.06 -21.50
C GLN C 402 -78.66 27.04 -21.11
N ASP C 403 -79.57 26.74 -22.04
CA ASP C 403 -80.58 25.72 -21.81
C ASP C 403 -79.96 24.32 -21.83
N ASN C 404 -78.70 24.24 -22.28
CA ASN C 404 -77.96 22.97 -22.47
C ASN C 404 -78.24 21.87 -21.47
N THR C 405 -78.35 22.24 -20.20
CA THR C 405 -78.67 21.34 -19.10
C THR C 405 -79.78 20.34 -19.44
N LEU C 406 -80.69 20.74 -20.31
CA LEU C 406 -81.86 19.92 -20.67
C LEU C 406 -81.54 18.62 -21.41
N PHE C 407 -80.72 18.71 -22.46
CA PHE C 407 -80.42 17.52 -23.26
C PHE C 407 -79.27 16.69 -22.73
N LEU C 408 -78.26 17.36 -22.16
CA LEU C 408 -76.98 16.73 -21.78
C LEU C 408 -77.04 15.25 -21.39
N ASP C 409 -77.88 14.93 -20.41
CA ASP C 409 -77.99 13.56 -19.90
C ASP C 409 -78.60 12.59 -20.90
N ASP C 410 -79.74 12.98 -21.48
CA ASP C 410 -80.46 12.12 -22.43
C ASP C 410 -79.69 11.89 -23.72
N LEU C 411 -78.64 12.68 -23.94
CA LEU C 411 -77.82 12.57 -25.14
C LEU C 411 -76.41 12.02 -24.89
N LYS C 412 -76.25 11.31 -23.78
CA LYS C 412 -75.02 10.58 -23.42
C LYS C 412 -73.80 11.45 -23.07
N PHE C 413 -74.04 12.72 -22.77
CA PHE C 413 -72.96 13.63 -22.34
C PHE C 413 -72.55 13.29 -20.90
N GLY C 414 -71.56 12.41 -20.78
CA GLY C 414 -71.05 11.99 -19.47
C GLY C 414 -70.36 13.11 -18.70
N PRO C 415 -70.20 12.94 -17.38
CA PRO C 415 -69.63 14.00 -16.52
C PRO C 415 -68.25 14.45 -16.98
N GLY C 416 -67.93 15.70 -16.71
CA GLY C 416 -66.63 16.26 -17.04
C GLY C 416 -66.08 17.00 -15.85
N ASP C 417 -64.97 16.51 -15.31
CA ASP C 417 -64.43 16.98 -14.04
C ASP C 417 -64.05 18.46 -13.97
N GLY C 418 -63.55 19.02 -15.08
CA GLY C 418 -63.11 20.42 -15.12
C GLY C 418 -64.24 21.44 -15.11
N PHE C 419 -63.93 22.64 -14.62
CA PHE C 419 -64.91 23.71 -14.51
C PHE C 419 -64.50 24.97 -15.26
N LEU C 420 -65.49 25.78 -15.63
CA LEU C 420 -65.23 27.08 -16.24
C LEU C 420 -65.83 28.22 -15.40
N ASN C 421 -64.99 29.18 -15.04
CA ASN C 421 -65.42 30.34 -14.27
C ASN C 421 -65.42 31.60 -15.12
N PHE C 422 -66.58 32.22 -15.25
CA PHE C 422 -66.73 33.47 -16.01
C PHE C 422 -66.51 34.68 -15.10
N TYR C 423 -65.66 35.60 -15.54
CA TYR C 423 -65.34 36.80 -14.75
C TYR C 423 -65.66 38.09 -15.49
N LEU C 424 -65.72 39.19 -14.75
CA LEU C 424 -65.92 40.52 -15.32
C LEU C 424 -64.94 41.54 -14.73
N PHE C 425 -64.11 42.11 -15.61
CA PHE C 425 -63.11 43.10 -15.21
C PHE C 425 -63.74 44.48 -15.18
N ASN C 426 -63.60 45.15 -14.03
CA ASN C 426 -64.22 46.45 -13.79
C ASN C 426 -65.74 46.42 -14.01
N TYR C 427 -66.43 45.58 -13.24
CA TYR C 427 -67.88 45.47 -13.30
C TYR C 427 -68.46 44.54 -12.23
N ARG C 428 -69.47 45.03 -11.53
CA ARG C 428 -70.24 44.23 -10.59
C ARG C 428 -71.43 43.63 -11.32
N ALA C 429 -71.71 42.36 -11.03
CA ALA C 429 -72.90 41.69 -11.54
C ALA C 429 -73.40 40.70 -10.50
N LYS C 430 -74.72 40.56 -10.39
CA LYS C 430 -75.30 39.61 -9.45
C LYS C 430 -74.93 38.17 -9.81
N PRO C 431 -74.72 37.31 -8.79
CA PRO C 431 -74.37 35.90 -8.99
C PRO C 431 -75.34 35.17 -9.91
N ILE C 432 -74.95 35.02 -11.17
CA ILE C 432 -75.72 34.27 -12.17
C ILE C 432 -75.57 32.78 -11.91
N THR C 433 -76.63 32.02 -12.19
CA THR C 433 -76.61 30.57 -12.04
C THR C 433 -75.67 29.94 -13.06
N GLY C 434 -75.04 28.83 -12.67
CA GLY C 434 -74.10 28.13 -13.54
C GLY C 434 -74.68 26.91 -14.22
N GLY C 435 -75.83 26.45 -13.73
CA GLY C 435 -76.48 25.26 -14.26
C GLY C 435 -76.09 24.03 -13.46
N LEU C 436 -75.54 24.29 -12.27
CA LEU C 436 -75.07 23.23 -11.38
C LEU C 436 -75.89 23.22 -10.11
N ASN C 437 -76.02 22.04 -9.53
CA ASN C 437 -76.65 21.88 -8.22
C ASN C 437 -75.60 22.03 -7.12
N PRO C 438 -76.05 22.28 -5.86
CA PRO C 438 -75.18 22.18 -4.70
C PRO C 438 -74.17 21.01 -4.75
N ASP C 439 -74.55 19.90 -5.40
CA ASP C 439 -73.71 18.70 -5.45
C ASP C 439 -73.19 18.32 -6.84
N ASN C 440 -72.85 19.32 -7.64
CA ASN C 440 -72.09 19.15 -8.91
C ASN C 440 -72.80 18.57 -10.14
N SER C 441 -74.05 18.13 -9.99
CA SER C 441 -74.78 17.51 -11.10
C SER C 441 -75.47 18.51 -12.02
N ASN C 442 -75.98 18.03 -13.15
CA ASN C 442 -76.74 18.85 -14.09
C ASN C 442 -78.10 19.23 -13.50
N ASP C 443 -78.22 20.51 -13.12
CA ASP C 443 -79.43 21.06 -12.54
C ASP C 443 -80.53 21.24 -13.60
N ILE C 444 -81.35 20.20 -13.78
CA ILE C 444 -82.36 20.19 -14.83
C ILE C 444 -83.50 21.21 -14.65
N LYS C 445 -83.81 21.53 -13.40
CA LYS C 445 -84.91 22.45 -13.07
C LYS C 445 -84.63 23.90 -13.47
N ARG C 446 -83.65 24.52 -12.83
CA ARG C 446 -83.37 25.95 -13.05
C ARG C 446 -82.59 26.22 -14.33
N ARG C 447 -81.81 25.24 -14.79
CA ARG C 447 -80.89 25.42 -15.92
C ARG C 447 -79.87 26.54 -15.64
N SER C 448 -79.45 27.26 -16.68
CA SER C 448 -78.42 28.29 -16.53
C SER C 448 -78.75 29.56 -17.31
N ASN C 449 -78.27 30.70 -16.79
CA ASN C 449 -78.44 32.00 -17.44
C ASN C 449 -77.16 32.55 -18.06
N VAL C 450 -76.14 31.70 -18.16
CA VAL C 450 -74.91 32.06 -18.87
C VAL C 450 -75.19 31.93 -20.36
N GLY C 451 -75.04 33.05 -21.07
CA GLY C 451 -75.40 33.11 -22.49
C GLY C 451 -74.22 33.15 -23.46
N VAL C 452 -73.05 33.55 -22.97
CA VAL C 452 -71.84 33.58 -23.81
C VAL C 452 -71.07 32.26 -23.78
N VAL C 453 -70.70 31.78 -24.95
CA VAL C 453 -69.83 30.63 -25.07
C VAL C 453 -68.45 31.13 -25.46
N MET C 454 -67.54 31.12 -24.49
CA MET C 454 -66.18 31.61 -24.69
C MET C 454 -65.28 30.57 -25.35
N LEU C 455 -64.22 31.05 -25.99
CA LEU C 455 -63.29 30.19 -26.73
C LEU C 455 -62.30 29.50 -25.79
N ASP D 5 56.67 -12.20 50.94
CA ASP D 5 57.91 -11.54 50.46
C ASP D 5 58.69 -12.46 49.54
N LYS D 6 59.24 -13.54 50.11
CA LYS D 6 59.99 -14.54 49.36
C LYS D 6 59.06 -15.45 48.57
N ALA D 7 57.77 -15.12 48.59
CA ALA D 7 56.76 -15.81 47.81
C ALA D 7 56.94 -15.53 46.31
N LYS D 8 57.06 -14.25 45.97
CA LYS D 8 57.19 -13.79 44.58
C LYS D 8 58.43 -14.35 43.89
N LYS D 9 59.47 -14.65 44.65
CA LYS D 9 60.67 -15.28 44.11
C LYS D 9 60.38 -16.72 43.70
N LEU D 10 59.87 -17.52 44.64
CA LEU D 10 59.50 -18.92 44.40
C LEU D 10 58.41 -19.07 43.34
N GLU D 11 57.55 -18.05 43.24
CA GLU D 11 56.45 -18.03 42.29
C GLU D 11 56.93 -17.89 40.84
N ASN D 12 57.80 -16.92 40.59
CA ASN D 12 58.36 -16.68 39.24
C ASN D 12 59.05 -17.91 38.65
N LEU D 13 59.88 -18.57 39.47
CA LEU D 13 60.52 -19.82 39.08
C LEU D 13 59.48 -20.89 38.76
N LEU D 14 58.44 -20.96 39.59
CA LEU D 14 57.34 -21.90 39.39
C LEU D 14 56.64 -21.64 38.06
N LYS D 15 56.61 -20.38 37.65
CA LYS D 15 56.07 -20.01 36.35
C LYS D 15 57.06 -20.35 35.24
N LEU D 16 58.36 -20.13 35.50
CA LEU D 16 59.42 -20.48 34.55
C LEU D 16 59.47 -21.97 34.29
N LEU D 17 59.26 -22.75 35.34
CA LEU D 17 59.08 -24.20 35.27
C LEU D 17 57.93 -24.56 34.33
N GLN D 18 56.88 -23.74 34.37
CA GLN D 18 55.64 -24.01 33.61
C GLN D 18 55.49 -23.15 32.35
N LEU D 19 56.60 -22.56 31.90
CA LEU D 19 56.58 -21.61 30.78
C LEU D 19 56.39 -22.29 29.42
N ASN D 20 55.55 -21.70 28.58
CA ASN D 20 55.27 -22.22 27.22
C ASN D 20 54.64 -21.19 26.26
N ASN D 21 53.62 -21.58 25.50
CA ASN D 21 53.02 -20.73 24.46
C ASN D 21 51.58 -20.31 24.77
N HIS D 38 48.58 -9.38 43.81
CA HIS D 38 47.46 -10.30 43.98
C HIS D 38 46.45 -9.79 45.02
N LYS D 39 45.86 -8.63 44.70
CA LYS D 39 44.95 -7.90 45.61
C LYS D 39 43.89 -8.78 46.30
N PHE D 40 43.30 -9.71 45.55
CA PHE D 40 42.27 -10.60 46.09
C PHE D 40 42.85 -11.78 46.90
N TRP D 41 43.65 -12.62 46.24
CA TRP D 41 44.16 -13.86 46.86
C TRP D 41 44.98 -13.66 48.14
N ARG D 42 45.57 -12.47 48.29
CA ARG D 42 46.34 -12.10 49.48
C ARG D 42 45.48 -12.11 50.75
N THR D 43 44.16 -12.08 50.57
CA THR D 43 43.21 -12.02 51.69
C THR D 43 42.29 -13.23 51.66
N GLN D 44 42.88 -14.42 51.55
CA GLN D 44 42.11 -15.66 51.45
C GLN D 44 42.76 -16.78 52.26
N PRO D 45 41.95 -17.73 52.77
CA PRO D 45 42.50 -18.90 53.46
C PRO D 45 43.21 -19.85 52.49
N VAL D 46 44.37 -19.43 52.00
CA VAL D 46 45.12 -20.22 51.02
C VAL D 46 46.61 -20.25 51.35
N LYS D 47 47.22 -21.41 51.14
CA LYS D 47 48.67 -21.59 51.35
C LYS D 47 49.45 -20.54 50.55
N ASP D 48 50.44 -19.93 51.18
CA ASP D 48 51.36 -19.01 50.49
C ASP D 48 52.49 -19.84 49.88
N PHE D 49 53.24 -19.25 48.94
CA PHE D 49 54.25 -19.98 48.15
C PHE D 49 55.43 -20.51 48.97
N ASP D 50 56.04 -19.64 49.76
CA ASP D 50 57.19 -19.98 50.59
C ASP D 50 56.82 -20.91 51.75
N GLU D 51 55.59 -20.72 52.23
CA GLU D 51 55.04 -21.41 53.40
C GLU D 51 55.14 -22.94 53.32
N LYS D 52 56.04 -23.50 54.13
CA LYS D 52 56.14 -24.94 54.28
C LYS D 52 55.09 -25.41 55.28
N VAL D 53 54.42 -26.51 54.92
CA VAL D 53 53.34 -27.06 55.75
C VAL D 53 53.93 -27.87 56.90
N VAL D 54 53.61 -27.44 58.11
CA VAL D 54 54.06 -28.11 59.32
C VAL D 54 53.10 -29.27 59.63
N GLU D 55 51.81 -28.98 59.57
CA GLU D 55 50.76 -29.97 59.79
C GLU D 55 49.56 -29.69 58.89
N GLU D 56 48.99 -30.75 58.33
CA GLU D 56 47.84 -30.62 57.45
C GLU D 56 46.59 -30.29 58.25
N GLY D 57 45.77 -29.39 57.71
CA GLY D 57 44.55 -28.95 58.37
C GLY D 57 44.00 -27.67 57.78
N PRO D 58 42.81 -27.24 58.23
CA PRO D 58 42.18 -25.98 57.82
C PRO D 58 43.05 -24.74 58.05
N ILE D 59 42.82 -23.69 57.25
CA ILE D 59 43.52 -22.42 57.42
C ILE D 59 42.73 -21.51 58.37
N ASP D 60 41.42 -21.41 58.12
CA ASP D 60 40.52 -20.59 58.93
C ASP D 60 40.23 -21.21 60.28
N LYS D 61 40.21 -20.37 61.31
CA LYS D 61 39.70 -20.75 62.62
C LYS D 61 38.20 -21.03 62.49
N PRO D 62 37.73 -22.16 63.06
CA PRO D 62 36.39 -22.70 62.80
C PRO D 62 35.26 -21.67 62.82
N LYS D 63 34.37 -21.76 61.84
CA LYS D 63 33.19 -20.92 61.74
C LYS D 63 31.92 -21.78 61.68
N THR D 64 30.76 -21.13 61.71
CA THR D 64 29.46 -21.81 61.72
C THR D 64 28.45 -21.11 60.81
N PRO D 65 27.36 -21.81 60.41
CA PRO D 65 26.28 -21.23 59.60
C PRO D 65 25.58 -20.01 60.22
N GLU D 66 26.21 -19.39 61.21
CA GLU D 66 25.77 -18.11 61.76
C GLU D 66 26.79 -17.01 61.52
N ASP D 67 28.05 -17.41 61.37
CA ASP D 67 29.15 -16.46 61.16
C ASP D 67 29.15 -15.86 59.75
N ILE D 68 28.49 -16.53 58.80
CA ILE D 68 28.43 -16.05 57.41
C ILE D 68 27.03 -15.51 57.10
N SER D 69 27.01 -14.43 56.29
CA SER D 69 25.79 -13.71 55.92
C SER D 69 24.79 -14.57 55.11
N ASP D 70 23.61 -14.00 54.88
CA ASP D 70 22.58 -14.64 54.06
C ASP D 70 22.24 -13.76 52.84
N LYS D 71 22.95 -12.65 52.71
CA LYS D 71 22.74 -11.68 51.63
C LYS D 71 23.72 -11.88 50.46
N PRO D 72 23.22 -11.81 49.21
CA PRO D 72 24.11 -11.87 48.05
C PRO D 72 24.99 -10.61 47.96
N LEU D 73 26.28 -10.80 47.68
CA LEU D 73 27.26 -9.72 47.70
C LEU D 73 27.01 -8.62 46.65
N PRO D 74 27.28 -7.36 47.01
CA PRO D 74 27.12 -6.22 46.11
C PRO D 74 28.01 -6.31 44.88
N LEU D 75 27.40 -6.66 43.75
CA LEU D 75 28.07 -6.60 42.46
C LEU D 75 27.70 -5.27 41.79
N LEU D 76 28.51 -4.83 40.83
CA LEU D 76 28.35 -3.51 40.20
C LEU D 76 26.95 -3.20 39.71
N SER D 77 26.63 -1.90 39.65
CA SER D 77 25.33 -1.42 39.18
C SER D 77 25.06 -1.81 37.73
N SER D 78 23.91 -2.44 37.50
CA SER D 78 23.54 -2.94 36.19
C SER D 78 23.60 -4.46 36.10
N PHE D 79 23.97 -5.10 37.21
CA PHE D 79 24.07 -6.56 37.29
C PHE D 79 23.21 -7.15 38.42
N GLU D 80 22.89 -8.43 38.29
CA GLU D 80 22.18 -9.19 39.33
C GLU D 80 22.68 -10.63 39.35
N TRP D 81 22.71 -11.25 40.53
CA TRP D 81 23.04 -12.67 40.62
C TRP D 81 21.83 -13.49 40.16
N CYS D 82 22.06 -14.78 39.89
CA CYS D 82 20.99 -15.70 39.53
C CYS D 82 21.42 -17.14 39.73
N SER D 83 20.51 -17.93 40.28
CA SER D 83 20.69 -19.38 40.30
C SER D 83 20.37 -19.89 38.91
N ILE D 84 21.05 -20.95 38.50
CA ILE D 84 20.74 -21.59 37.23
C ILE D 84 20.23 -23.01 37.46
N ASP D 85 18.99 -23.26 37.06
CA ASP D 85 18.43 -24.59 37.06
C ASP D 85 18.95 -25.35 35.85
N VAL D 86 19.71 -26.41 36.10
CA VAL D 86 20.24 -27.27 35.03
C VAL D 86 19.08 -27.86 34.24
N ASP D 87 18.13 -28.47 34.96
CA ASP D 87 16.97 -29.14 34.36
C ASP D 87 16.24 -28.28 33.35
N ASN D 88 16.25 -26.97 33.58
CA ASN D 88 15.64 -26.00 32.68
C ASN D 88 16.39 -25.88 31.36
N LYS D 89 15.81 -26.45 30.30
CA LYS D 89 16.35 -26.45 28.94
C LYS D 89 16.90 -25.08 28.51
N LYS D 90 16.15 -24.02 28.83
CA LYS D 90 16.52 -22.65 28.47
C LYS D 90 17.77 -22.18 29.21
N GLN D 91 17.71 -22.19 30.54
CA GLN D 91 18.80 -21.71 31.39
C GLN D 91 20.09 -22.50 31.22
N LEU D 92 19.98 -23.81 31.01
CA LEU D 92 21.15 -24.64 30.76
C LEU D 92 21.85 -24.18 29.49
N GLU D 93 21.14 -24.28 28.37
CA GLU D 93 21.63 -23.78 27.09
C GLU D 93 22.28 -22.40 27.23
N ASP D 94 21.65 -21.54 28.03
CA ASP D 94 22.10 -20.17 28.24
C ASP D 94 23.51 -20.13 28.85
N VAL D 95 23.81 -21.13 29.68
CA VAL D 95 25.15 -21.29 30.27
C VAL D 95 26.20 -21.65 29.22
N PHE D 96 25.96 -22.74 28.48
CA PHE D 96 26.97 -23.23 27.52
C PHE D 96 27.18 -22.34 26.29
N VAL D 97 26.31 -21.34 26.11
CA VAL D 97 26.54 -20.33 25.10
C VAL D 97 27.62 -19.38 25.60
N LEU D 98 27.47 -18.93 26.85
CA LEU D 98 28.44 -18.06 27.51
C LEU D 98 29.83 -18.69 27.53
N LEU D 99 29.86 -20.01 27.68
CA LEU D 99 31.12 -20.75 27.73
C LEU D 99 31.72 -20.98 26.35
N ASN D 100 30.94 -21.56 25.43
CA ASN D 100 31.43 -21.85 24.08
C ASN D 100 31.93 -20.63 23.31
N GLU D 101 31.56 -19.44 23.78
CA GLU D 101 31.94 -18.19 23.13
C GLU D 101 33.12 -17.49 23.81
N ASN D 102 33.41 -17.85 25.07
CA ASN D 102 34.43 -17.15 25.86
C ASN D 102 35.53 -18.04 26.44
N TYR D 103 35.35 -19.36 26.40
CA TYR D 103 36.27 -20.29 27.07
C TYR D 103 37.66 -20.35 26.43
N VAL D 104 37.70 -20.21 25.10
CA VAL D 104 38.97 -20.05 24.40
C VAL D 104 39.39 -18.59 24.51
N GLU D 105 40.65 -18.35 24.89
CA GLU D 105 41.16 -17.00 25.12
C GLU D 105 41.25 -16.20 23.82
N ASP D 106 42.03 -16.72 22.87
CA ASP D 106 42.20 -16.07 21.57
C ASP D 106 40.98 -16.31 20.68
N ARG D 107 40.40 -15.21 20.23
CA ARG D 107 39.20 -15.21 19.39
C ARG D 107 39.49 -15.76 17.99
N ASP D 108 40.74 -15.62 17.55
CA ASP D 108 41.15 -16.01 16.21
C ASP D 108 41.96 -17.30 16.18
N ALA D 109 41.84 -18.10 17.24
CA ALA D 109 42.68 -19.29 17.42
C ALA D 109 42.32 -20.45 16.49
N GLY D 110 41.16 -20.36 15.83
CA GLY D 110 40.73 -21.38 14.87
C GLY D 110 39.93 -22.50 15.50
N PHE D 111 39.70 -22.42 16.80
CA PHE D 111 38.92 -23.43 17.50
C PHE D 111 38.06 -22.82 18.61
N ARG D 112 36.89 -23.41 18.82
CA ARG D 112 36.03 -23.04 19.93
C ARG D 112 35.76 -24.28 20.78
N PHE D 113 35.41 -24.04 22.04
CA PHE D 113 34.88 -25.10 22.87
C PHE D 113 33.51 -25.46 22.35
N ASN D 114 33.16 -26.74 22.44
CA ASN D 114 31.81 -27.18 22.14
C ASN D 114 31.20 -27.94 23.31
N TYR D 115 30.83 -27.20 24.34
CA TYR D 115 30.09 -27.75 25.47
C TYR D 115 28.69 -28.11 24.99
N THR D 116 28.33 -29.38 25.13
CA THR D 116 27.02 -29.88 24.72
C THR D 116 26.06 -29.69 25.89
N LYS D 117 24.76 -29.68 25.60
CA LYS D 117 23.74 -29.66 26.67
C LYS D 117 23.77 -30.95 27.47
N GLU D 118 24.12 -32.05 26.80
CA GLU D 118 24.33 -33.35 27.44
C GLU D 118 25.52 -33.28 28.40
N PHE D 119 26.58 -32.56 28.02
CA PHE D 119 27.79 -32.51 28.84
C PHE D 119 27.52 -31.96 30.24
N PHE D 120 26.94 -30.77 30.31
CA PHE D 120 26.64 -30.15 31.60
C PHE D 120 25.58 -30.93 32.36
N ASN D 121 24.66 -31.56 31.63
CA ASN D 121 23.66 -32.43 32.24
C ASN D 121 24.31 -33.55 33.04
N TRP D 122 25.44 -34.04 32.54
CA TRP D 122 26.22 -35.06 33.22
C TRP D 122 27.03 -34.41 34.35
N ALA D 123 27.80 -33.39 34.02
CA ALA D 123 28.73 -32.73 34.94
C ALA D 123 28.05 -32.09 36.14
N LEU D 124 27.10 -31.21 35.88
CA LEU D 124 26.46 -30.39 36.90
C LEU D 124 25.43 -31.13 37.74
N LYS D 125 24.87 -32.20 37.18
CA LYS D 125 23.84 -32.99 37.84
C LYS D 125 24.41 -34.19 38.63
N SER D 126 25.42 -33.95 39.45
CA SER D 126 25.91 -34.95 40.39
C SER D 126 25.05 -34.88 41.66
N PRO D 127 24.86 -36.02 42.35
CA PRO D 127 23.98 -36.04 43.52
C PRO D 127 24.31 -34.95 44.54
N GLY D 128 23.27 -34.35 45.12
CA GLY D 128 23.43 -33.28 46.11
C GLY D 128 23.75 -31.94 45.48
N TRP D 129 23.52 -31.83 44.18
CA TRP D 129 23.75 -30.58 43.46
C TRP D 129 22.68 -29.56 43.80
N LYS D 130 23.04 -28.29 43.79
CA LYS D 130 22.11 -27.22 44.12
C LYS D 130 22.15 -26.13 43.06
N LYS D 131 20.98 -25.74 42.57
CA LYS D 131 20.85 -24.65 41.60
C LYS D 131 21.44 -23.36 42.17
N ASP D 132 21.34 -23.20 43.48
CA ASP D 132 21.92 -22.08 44.23
C ASP D 132 23.46 -22.12 44.24
N TRP D 133 24.01 -23.23 43.75
CA TRP D 133 25.45 -23.44 43.71
C TRP D 133 26.04 -23.29 42.30
N HIS D 134 25.16 -23.36 41.29
CA HIS D 134 25.52 -23.12 39.90
C HIS D 134 25.16 -21.67 39.59
N ILE D 135 25.99 -20.75 40.08
CA ILE D 135 25.68 -19.31 40.02
C ILE D 135 26.09 -18.69 38.69
N GLY D 136 25.41 -17.60 38.34
CA GLY D 136 25.80 -16.78 37.18
C GLY D 136 25.57 -15.30 37.45
N VAL D 137 25.89 -14.46 36.46
CA VAL D 137 25.57 -13.04 36.52
C VAL D 137 24.91 -12.60 35.22
N ARG D 138 23.82 -11.85 35.34
CA ARG D 138 23.11 -11.29 34.18
C ARG D 138 23.10 -9.76 34.25
N VAL D 139 22.76 -9.12 33.12
CA VAL D 139 22.56 -7.67 33.09
C VAL D 139 21.11 -7.38 33.43
N LYS D 140 20.85 -6.24 34.07
CA LYS D 140 19.50 -5.90 34.56
C LYS D 140 18.42 -5.77 33.48
N GLU D 141 18.75 -5.14 32.36
CA GLU D 141 17.79 -4.96 31.27
C GLU D 141 17.66 -6.19 30.36
N THR D 142 18.81 -6.68 29.89
CA THR D 142 18.85 -7.69 28.82
C THR D 142 18.55 -9.12 29.27
N GLN D 143 19.11 -9.51 30.43
CA GLN D 143 19.13 -10.88 30.95
C GLN D 143 20.22 -11.75 30.30
N LYS D 144 21.28 -11.10 29.85
CA LYS D 144 22.43 -11.77 29.23
C LYS D 144 23.38 -12.28 30.32
N LEU D 145 23.62 -13.58 30.31
CA LEU D 145 24.51 -14.22 31.27
C LEU D 145 25.97 -13.83 31.00
N VAL D 146 26.48 -12.86 31.76
CA VAL D 146 27.85 -12.36 31.54
C VAL D 146 28.92 -13.14 32.32
N ALA D 147 28.48 -13.93 33.30
CA ALA D 147 29.39 -14.68 34.16
C ALA D 147 28.72 -15.93 34.72
N PHE D 148 29.54 -16.90 35.12
CA PHE D 148 29.05 -18.17 35.66
C PHE D 148 30.13 -18.89 36.47
N ILE D 149 29.75 -19.43 37.61
CA ILE D 149 30.67 -20.17 38.48
C ILE D 149 29.88 -21.31 39.16
N SER D 150 30.42 -22.52 39.10
CA SER D 150 29.67 -23.71 39.54
C SER D 150 30.35 -24.49 40.67
N ALA D 151 29.53 -25.08 41.53
CA ALA D 151 30.01 -25.87 42.67
C ALA D 151 29.21 -27.16 42.86
N ILE D 152 29.92 -28.24 43.19
CA ILE D 152 29.27 -29.51 43.55
C ILE D 152 29.92 -30.15 44.80
N PRO D 153 29.11 -30.79 45.67
CA PRO D 153 29.65 -31.33 46.91
C PRO D 153 30.38 -32.65 46.70
N VAL D 154 31.53 -32.80 47.36
CA VAL D 154 32.28 -34.05 47.36
C VAL D 154 33.16 -34.13 48.60
N THR D 155 33.19 -35.29 49.23
CA THR D 155 34.17 -35.56 50.27
C THR D 155 35.50 -35.85 49.60
N LEU D 156 36.56 -35.23 50.11
CA LEU D 156 37.91 -35.42 49.60
C LEU D 156 38.77 -36.16 50.61
N GLY D 157 39.69 -36.96 50.10
CA GLY D 157 40.69 -37.62 50.93
C GLY D 157 42.03 -36.96 50.72
N VAL D 158 42.50 -36.24 51.74
CA VAL D 158 43.82 -35.62 51.70
C VAL D 158 44.73 -36.32 52.69
N ARG D 159 45.52 -37.25 52.16
CA ARG D 159 46.41 -38.12 52.94
C ARG D 159 45.70 -38.73 54.14
N GLY D 160 44.82 -39.70 53.87
CA GLY D 160 44.09 -40.41 54.91
C GLY D 160 43.09 -39.58 55.72
N LYS D 161 43.13 -38.26 55.57
CA LYS D 161 42.20 -37.37 56.27
C LYS D 161 40.99 -37.08 55.41
N GLN D 162 39.83 -37.02 56.07
CA GLN D 162 38.56 -36.87 55.38
C GLN D 162 38.03 -35.44 55.45
N VAL D 163 38.18 -34.72 54.34
CA VAL D 163 37.79 -33.32 54.27
C VAL D 163 36.48 -33.18 53.49
N PRO D 164 35.39 -32.81 54.20
CA PRO D 164 34.11 -32.61 53.54
C PRO D 164 34.12 -31.26 52.81
N SER D 165 33.95 -31.31 51.50
CA SER D 165 34.23 -30.16 50.64
C SER D 165 33.34 -30.03 49.40
N VAL D 166 33.85 -29.32 48.40
CA VAL D 166 33.09 -28.94 47.21
C VAL D 166 34.02 -28.69 46.01
N GLU D 167 33.72 -29.31 44.87
CA GLU D 167 34.52 -29.16 43.64
C GLU D 167 34.11 -27.95 42.80
N ILE D 168 34.91 -26.89 42.86
CA ILE D 168 34.66 -25.67 42.09
C ILE D 168 35.12 -25.83 40.65
N ASN D 169 34.24 -25.49 39.71
CA ASN D 169 34.52 -25.67 38.29
C ASN D 169 33.70 -24.76 37.35
N PHE D 170 34.27 -24.50 36.18
CA PHE D 170 33.61 -23.83 35.03
C PHE D 170 33.50 -22.31 35.09
N LEU D 171 34.43 -21.67 35.80
CA LEU D 171 34.53 -20.22 35.88
C LEU D 171 34.62 -19.59 34.50
N CYS D 172 33.91 -18.49 34.29
CA CYS D 172 33.95 -17.78 33.00
C CYS D 172 33.37 -16.37 33.10
N VAL D 173 34.04 -15.43 32.43
CA VAL D 173 33.58 -14.06 32.32
C VAL D 173 33.63 -13.61 30.87
N HIS D 174 32.54 -12.99 30.43
CA HIS D 174 32.39 -12.50 29.06
C HIS D 174 33.57 -11.62 28.63
N LYS D 175 34.11 -11.92 27.45
CA LYS D 175 35.22 -11.17 26.84
C LYS D 175 35.10 -9.67 27.11
N GLN D 176 33.98 -9.11 26.66
CA GLN D 176 33.69 -7.68 26.72
C GLN D 176 34.10 -7.01 28.04
N LEU D 177 33.85 -7.69 29.15
CA LEU D 177 34.10 -7.10 30.47
C LEU D 177 35.06 -7.96 31.33
N ARG D 178 36.18 -8.33 30.72
CA ARG D 178 37.29 -8.93 31.44
C ARG D 178 38.22 -7.83 31.97
N SER D 179 39.08 -8.20 32.92
CA SER D 179 39.91 -7.26 33.68
C SER D 179 39.05 -6.30 34.50
N LYS D 180 37.81 -6.71 34.78
CA LYS D 180 36.86 -5.91 35.56
C LYS D 180 36.80 -6.34 37.03
N ARG D 181 37.75 -7.20 37.44
CA ARG D 181 37.87 -7.66 38.83
C ARG D 181 36.57 -8.25 39.39
N LEU D 182 35.84 -8.92 38.51
CA LEU D 182 34.53 -9.48 38.85
C LEU D 182 34.67 -10.94 39.27
N THR D 183 35.83 -11.52 38.99
CA THR D 183 36.17 -12.87 39.44
C THR D 183 36.11 -12.96 40.98
N PRO D 184 36.85 -12.10 41.71
CA PRO D 184 36.82 -12.11 43.17
C PRO D 184 35.41 -12.12 43.77
N VAL D 185 34.52 -11.30 43.22
CA VAL D 185 33.13 -11.24 43.66
C VAL D 185 32.40 -12.56 43.40
N LEU D 186 32.71 -13.17 42.26
CA LEU D 186 32.17 -14.49 41.91
C LEU D 186 32.70 -15.57 42.84
N ILE D 187 33.98 -15.47 43.21
CA ILE D 187 34.62 -16.40 44.14
C ILE D 187 34.00 -16.29 45.53
N LYS D 188 33.99 -15.07 46.06
CA LYS D 188 33.46 -14.76 47.39
C LYS D 188 32.00 -15.19 47.56
N GLU D 189 31.23 -15.04 46.49
CA GLU D 189 29.80 -15.36 46.50
C GLU D 189 29.55 -16.83 46.76
N ILE D 190 30.14 -17.69 45.91
CA ILE D 190 30.00 -19.13 46.04
C ILE D 190 30.67 -19.64 47.32
N THR D 191 31.68 -18.91 47.79
CA THR D 191 32.30 -19.19 49.09
C THR D 191 31.27 -19.03 50.21
N ARG D 192 30.49 -17.95 50.14
CA ARG D 192 29.41 -17.67 51.09
C ARG D 192 28.30 -18.71 51.01
N ARG D 193 27.89 -19.03 49.78
CA ARG D 193 26.77 -19.94 49.55
C ARG D 193 27.06 -21.37 49.97
N VAL D 194 28.34 -21.69 50.12
CA VAL D 194 28.78 -23.01 50.54
C VAL D 194 29.15 -22.98 52.03
N ASN D 195 29.70 -21.84 52.48
CA ASN D 195 29.98 -21.62 53.90
C ASN D 195 28.72 -21.61 54.74
N LYS D 196 27.78 -20.73 54.38
CA LYS D 196 26.50 -20.65 55.10
C LYS D 196 25.67 -21.90 54.82
N CYS D 197 26.27 -22.85 54.10
CA CYS D 197 25.69 -24.17 53.88
C CYS D 197 26.52 -25.22 54.62
N ASP D 198 27.51 -24.75 55.38
CA ASP D 198 28.28 -25.55 56.34
C ASP D 198 29.35 -26.48 55.74
N ILE D 199 30.05 -26.00 54.71
CA ILE D 199 31.19 -26.70 54.13
C ILE D 199 32.30 -25.67 53.94
N TRP D 200 33.51 -25.98 54.41
CA TRP D 200 34.58 -24.98 54.47
C TRP D 200 35.83 -25.25 53.61
N HIS D 201 35.73 -26.20 52.69
CA HIS D 201 36.86 -26.53 51.83
C HIS D 201 36.44 -26.74 50.38
N ALA D 202 37.43 -26.71 49.49
CA ALA D 202 37.21 -26.87 48.05
C ALA D 202 38.48 -27.37 47.35
N LEU D 203 38.31 -28.04 46.22
CA LEU D 203 39.41 -28.38 45.33
C LEU D 203 39.20 -27.70 43.98
N TYR D 204 40.07 -26.78 43.63
CA TYR D 204 40.05 -26.20 42.30
C TYR D 204 41.31 -26.51 41.51
N THR D 205 41.16 -26.56 40.19
CA THR D 205 42.26 -26.83 39.29
C THR D 205 42.27 -25.75 38.21
N ALA D 206 43.46 -25.29 37.85
CA ALA D 206 43.61 -24.19 36.91
C ALA D 206 44.94 -24.26 36.17
N GLY D 207 44.95 -23.74 34.95
CA GLY D 207 46.16 -23.70 34.13
C GLY D 207 47.24 -22.80 34.68
N ILE D 208 46.85 -21.65 35.22
CA ILE D 208 47.80 -20.68 35.74
C ILE D 208 48.28 -21.00 37.17
N VAL D 209 49.17 -20.16 37.68
CA VAL D 209 49.74 -20.31 39.01
C VAL D 209 49.05 -19.38 40.00
N LEU D 210 48.62 -19.94 41.14
CA LEU D 210 48.03 -19.17 42.23
C LEU D 210 48.59 -19.65 43.57
N PRO D 211 48.39 -18.87 44.65
CA PRO D 211 48.77 -19.29 46.00
C PRO D 211 47.91 -20.43 46.59
N ALA D 212 48.30 -21.67 46.27
CA ALA D 212 47.83 -22.89 46.97
C ALA D 212 48.23 -24.16 46.20
N PRO D 213 49.31 -24.09 45.38
CA PRO D 213 49.60 -25.16 44.42
C PRO D 213 50.10 -26.45 45.07
N VAL D 214 49.15 -27.30 45.46
CA VAL D 214 49.45 -28.59 46.07
C VAL D 214 50.23 -29.47 45.10
N SER D 215 49.84 -29.45 43.83
CA SER D 215 50.51 -30.24 42.79
C SER D 215 50.40 -29.58 41.43
N THR D 216 51.16 -30.12 40.46
CA THR D 216 51.06 -29.74 39.06
C THR D 216 51.28 -30.96 38.17
N CYS D 217 50.25 -31.26 37.37
CA CYS D 217 50.35 -32.31 36.37
C CYS D 217 50.41 -31.69 34.99
N ARG D 218 51.04 -32.41 34.07
CA ARG D 218 51.19 -31.96 32.68
C ARG D 218 50.23 -32.75 31.78
N TYR D 219 49.80 -32.12 30.69
CA TYR D 219 48.96 -32.79 29.70
C TYR D 219 49.77 -33.62 28.71
N THR D 220 49.17 -34.69 28.22
CA THR D 220 49.72 -35.51 27.14
C THR D 220 48.62 -35.83 26.14
N HIS D 221 49.00 -36.27 24.94
CA HIS D 221 48.03 -36.46 23.86
C HIS D 221 48.36 -37.66 22.98
N ARG D 222 47.39 -38.57 22.84
CA ARG D 222 47.51 -39.70 21.92
C ARG D 222 46.74 -39.38 20.64
N PRO D 223 47.46 -39.24 19.51
CA PRO D 223 46.79 -39.06 18.22
C PRO D 223 45.93 -40.27 17.89
N LEU D 224 44.63 -40.06 17.67
CA LEU D 224 43.74 -41.13 17.25
C LEU D 224 43.53 -41.05 15.74
N ASN D 225 43.64 -39.83 15.22
CA ASN D 225 43.51 -39.56 13.79
C ASN D 225 44.50 -38.48 13.42
N TRP D 226 45.76 -38.87 13.25
CA TRP D 226 46.85 -37.90 13.03
C TRP D 226 46.59 -36.95 11.85
N LYS D 227 46.08 -37.50 10.75
CA LYS D 227 45.81 -36.71 9.54
C LYS D 227 44.99 -35.46 9.86
N LYS D 228 43.78 -35.68 10.38
CA LYS D 228 42.86 -34.59 10.74
C LYS D 228 43.47 -33.63 11.75
N LEU D 229 44.20 -34.16 12.72
CA LEU D 229 44.85 -33.33 13.74
C LEU D 229 45.87 -32.39 13.13
N TYR D 230 46.64 -32.90 12.17
CA TYR D 230 47.61 -32.10 11.43
C TYR D 230 46.89 -31.06 10.58
N GLU D 231 45.90 -31.50 9.81
CA GLU D 231 45.14 -30.63 8.90
C GLU D 231 44.33 -29.57 9.64
N VAL D 232 44.30 -29.66 10.97
CA VAL D 232 43.65 -28.67 11.80
C VAL D 232 44.70 -27.86 12.58
N ASP D 233 45.97 -28.11 12.26
CA ASP D 233 47.10 -27.43 12.91
C ASP D 233 47.13 -27.62 14.43
N PHE D 234 46.50 -28.70 14.90
CA PHE D 234 46.50 -29.05 16.31
C PHE D 234 47.67 -29.96 16.68
N THR D 235 48.42 -30.38 15.67
CA THR D 235 49.66 -31.14 15.85
C THR D 235 50.58 -30.87 14.67
N GLY D 236 51.89 -30.97 14.90
CA GLY D 236 52.88 -30.69 13.87
C GLY D 236 53.46 -31.92 13.20
N LEU D 237 54.22 -31.68 12.12
CA LEU D 237 55.00 -32.70 11.45
C LEU D 237 56.46 -32.51 11.84
N PRO D 238 56.99 -33.42 12.68
CA PRO D 238 58.40 -33.41 13.09
C PRO D 238 59.35 -33.32 11.90
N ASP D 239 60.50 -32.68 12.10
CA ASP D 239 61.49 -32.51 11.05
C ASP D 239 62.11 -33.83 10.61
N GLY D 240 62.23 -34.01 9.30
CA GLY D 240 62.68 -35.27 8.72
C GLY D 240 61.71 -36.38 9.09
N HIS D 241 60.50 -36.29 8.54
CA HIS D 241 59.42 -37.24 8.80
C HIS D 241 58.27 -36.96 7.84
N THR D 242 57.91 -37.97 7.03
CA THR D 242 56.82 -37.86 6.07
C THR D 242 55.47 -37.89 6.77
N GLU D 243 54.49 -37.20 6.18
CA GLU D 243 53.09 -37.32 6.57
C GLU D 243 52.72 -38.81 6.74
N GLU D 244 53.28 -39.65 5.86
CA GLU D 244 53.09 -41.10 5.87
C GLU D 244 53.57 -41.79 7.15
N ASP D 245 54.81 -41.52 7.56
CA ASP D 245 55.40 -42.12 8.76
C ASP D 245 54.50 -41.88 9.98
N MET D 246 53.93 -40.69 10.05
CA MET D 246 53.08 -40.26 11.15
C MET D 246 51.74 -40.98 11.13
N ILE D 247 51.16 -41.13 9.93
CA ILE D 247 49.97 -41.95 9.74
C ILE D 247 50.28 -43.36 10.24
N ALA D 248 51.37 -43.92 9.70
CA ALA D 248 51.81 -45.28 9.99
C ALA D 248 52.00 -45.56 11.47
N GLU D 249 52.77 -44.73 12.16
CA GLU D 249 53.07 -44.91 13.58
C GLU D 249 51.83 -44.94 14.48
N ASN D 250 50.92 -43.99 14.26
CA ASN D 250 49.74 -43.83 15.11
C ASN D 250 48.51 -44.65 14.70
N ALA D 251 48.71 -45.61 13.79
CA ALA D 251 47.61 -46.42 13.28
C ALA D 251 47.13 -47.45 14.32
N LEU D 252 45.87 -47.33 14.70
CA LEU D 252 45.24 -48.19 15.69
C LEU D 252 44.44 -49.31 15.03
N PRO D 253 44.22 -50.42 15.77
CA PRO D 253 43.47 -51.55 15.21
C PRO D 253 41.97 -51.30 15.15
N ALA D 254 41.26 -52.22 14.50
CA ALA D 254 39.81 -52.18 14.40
C ALA D 254 39.18 -52.52 15.75
N LYS D 255 39.52 -53.69 16.28
CA LYS D 255 38.93 -54.18 17.52
C LYS D 255 39.88 -54.07 18.72
N THR D 256 39.33 -54.29 19.92
CA THR D 256 40.13 -54.28 21.14
C THR D 256 40.78 -55.65 21.39
N LYS D 257 41.62 -55.72 22.41
CA LYS D 257 42.47 -56.88 22.68
C LYS D 257 42.07 -57.73 23.89
N THR D 258 42.00 -57.09 25.06
CA THR D 258 41.88 -57.81 26.34
C THR D 258 40.52 -58.49 26.53
N ALA D 259 40.56 -59.83 26.64
CA ALA D 259 39.36 -60.65 26.75
C ALA D 259 38.47 -60.26 27.93
N GLY D 260 37.16 -60.34 27.71
CA GLY D 260 36.17 -60.06 28.75
C GLY D 260 35.77 -58.60 28.84
N LEU D 261 36.32 -57.78 27.95
CA LEU D 261 36.07 -56.35 27.94
C LEU D 261 34.66 -56.06 27.43
N ARG D 262 33.93 -55.23 28.17
CA ARG D 262 32.58 -54.83 27.79
C ARG D 262 32.16 -53.54 28.51
N LYS D 263 30.97 -53.04 28.20
CA LYS D 263 30.45 -51.81 28.79
C LYS D 263 30.06 -52.00 30.26
N LEU D 264 29.81 -50.89 30.96
CA LEU D 264 29.48 -50.91 32.39
C LEU D 264 27.97 -50.85 32.64
N LYS D 265 27.41 -51.96 33.12
CA LYS D 265 25.97 -52.04 33.40
C LYS D 265 25.64 -51.53 34.80
N LYS D 266 24.59 -52.08 35.41
CA LYS D 266 24.21 -51.74 36.78
C LYS D 266 24.69 -52.80 37.78
N GLU D 267 24.61 -54.06 37.36
CA GLU D 267 24.94 -55.21 38.20
C GLU D 267 26.35 -55.13 38.76
N ASP D 268 27.27 -54.63 37.94
CA ASP D 268 28.69 -54.52 38.27
C ASP D 268 28.99 -53.44 39.33
N ILE D 269 28.01 -52.57 39.59
CA ILE D 269 28.23 -51.37 40.40
C ILE D 269 28.68 -51.64 41.85
N ASP D 270 28.14 -52.68 42.48
CA ASP D 270 28.57 -53.03 43.84
C ASP D 270 29.81 -53.92 43.86
N GLN D 271 30.50 -53.98 42.72
CA GLN D 271 31.73 -54.74 42.57
C GLN D 271 32.87 -53.85 42.10
N VAL D 272 32.63 -53.11 41.01
CA VAL D 272 33.60 -52.15 40.47
C VAL D 272 33.95 -51.11 41.53
N PHE D 273 32.92 -50.61 42.21
CA PHE D 273 33.05 -49.66 43.31
C PHE D 273 33.99 -50.16 44.41
N GLU D 274 33.99 -51.47 44.65
CA GLU D 274 34.90 -52.07 45.63
C GLU D 274 36.32 -52.21 45.07
N LEU D 275 36.40 -52.59 43.80
CA LEU D 275 37.68 -52.62 43.08
C LEU D 275 38.26 -51.21 42.92
N PHE D 276 37.39 -50.21 42.81
CA PHE D 276 37.81 -48.83 42.60
C PHE D 276 38.30 -48.17 43.89
N LYS D 277 37.63 -48.48 45.00
CA LYS D 277 38.06 -48.03 46.33
C LYS D 277 39.44 -48.61 46.65
N ARG D 278 39.58 -49.92 46.52
CA ARG D 278 40.82 -50.61 46.84
C ARG D 278 41.99 -50.13 45.98
N TYR D 279 41.75 -49.99 44.68
CA TYR D 279 42.78 -49.50 43.78
C TYR D 279 43.15 -48.05 44.09
N GLN D 280 42.14 -47.19 44.23
CA GLN D 280 42.36 -45.75 44.36
C GLN D 280 42.93 -45.33 45.72
N SER D 281 42.74 -46.16 46.74
CA SER D 281 43.25 -45.86 48.09
C SER D 281 44.76 -46.08 48.19
N ARG D 282 45.49 -45.38 47.33
CA ARG D 282 46.93 -45.43 47.25
C ARG D 282 47.41 -44.04 46.87
N PHE D 283 46.54 -43.32 46.18
CA PHE D 283 46.79 -41.94 45.80
C PHE D 283 46.48 -41.05 46.99
N GLU D 284 47.40 -40.12 47.27
CA GLU D 284 47.32 -39.33 48.49
C GLU D 284 46.16 -38.33 48.49
N LEU D 285 45.81 -37.83 47.31
CA LEU D 285 44.63 -36.98 47.15
C LEU D 285 43.62 -37.62 46.19
N ILE D 286 42.44 -37.93 46.72
CA ILE D 286 41.37 -38.58 45.96
C ILE D 286 40.01 -37.99 46.33
N GLN D 287 38.98 -38.38 45.57
CA GLN D 287 37.60 -38.08 45.93
C GLN D 287 36.94 -39.36 46.43
N ILE D 288 36.38 -39.31 47.63
CA ILE D 288 35.69 -40.47 48.21
C ILE D 288 34.29 -40.59 47.60
N PHE D 289 34.16 -41.41 46.56
CA PHE D 289 32.89 -41.63 45.88
C PHE D 289 31.92 -42.41 46.75
N THR D 290 30.67 -41.94 46.80
CA THR D 290 29.60 -42.69 47.45
C THR D 290 29.06 -43.71 46.44
N LYS D 291 28.52 -44.81 46.96
CA LYS D 291 28.00 -45.90 46.11
C LYS D 291 27.03 -45.43 45.02
N GLU D 292 26.34 -44.32 45.28
CA GLU D 292 25.38 -43.74 44.36
C GLU D 292 26.07 -42.85 43.32
N GLU D 293 26.74 -41.80 43.79
CA GLU D 293 27.39 -40.81 42.93
C GLU D 293 28.50 -41.41 42.05
N PHE D 294 28.89 -42.64 42.37
CA PHE D 294 29.76 -43.41 41.49
C PHE D 294 28.96 -43.88 40.28
N GLU D 295 27.85 -44.58 40.55
CA GLU D 295 27.01 -45.12 39.48
C GLU D 295 26.55 -44.02 38.54
N HIS D 296 26.08 -42.91 39.10
CA HIS D 296 25.74 -41.74 38.31
C HIS D 296 26.93 -41.31 37.45
N ASN D 297 28.07 -41.14 38.09
CA ASN D 297 29.23 -40.53 37.46
C ASN D 297 29.69 -41.29 36.22
N PHE D 298 29.59 -42.62 36.30
CA PHE D 298 30.12 -43.48 35.25
C PHE D 298 29.05 -44.09 34.34
N ILE D 299 27.78 -43.85 34.65
CA ILE D 299 26.68 -44.22 33.76
C ILE D 299 25.91 -42.97 33.35
N GLY D 300 25.99 -42.63 32.07
CA GLY D 300 25.37 -41.42 31.53
C GLY D 300 23.87 -41.57 31.31
N GLU D 301 23.34 -40.72 30.43
CA GLU D 301 21.91 -40.71 30.09
C GLU D 301 21.49 -42.00 29.37
N GLU D 302 20.21 -42.35 29.52
CA GLU D 302 19.65 -43.59 28.97
C GLU D 302 19.72 -43.62 27.44
N SER D 303 20.75 -44.30 26.92
CA SER D 303 21.02 -44.44 25.49
C SER D 303 20.97 -43.14 24.67
N LEU D 304 22.13 -42.50 24.54
CA LEU D 304 22.30 -41.29 23.73
C LEU D 304 22.98 -41.66 22.41
N PRO D 305 22.82 -40.81 21.37
CA PRO D 305 23.60 -41.00 20.15
C PRO D 305 25.11 -40.80 20.37
N LEU D 306 25.92 -41.50 19.58
CA LEU D 306 27.39 -41.47 19.67
C LEU D 306 27.98 -40.09 19.44
N ASP D 307 27.24 -39.23 18.73
CA ASP D 307 27.66 -37.85 18.52
C ASP D 307 27.44 -36.99 19.77
N LYS D 308 26.61 -37.47 20.68
CA LYS D 308 26.24 -36.69 21.87
C LYS D 308 26.81 -37.27 23.17
N GLN D 309 26.92 -38.59 23.24
CA GLN D 309 27.29 -39.33 24.45
C GLN D 309 28.47 -38.73 25.23
N VAL D 310 28.29 -38.61 26.55
CA VAL D 310 29.19 -37.83 27.40
C VAL D 310 30.15 -38.66 28.25
N ILE D 311 29.70 -39.83 28.70
CA ILE D 311 30.57 -40.72 29.48
C ILE D 311 30.63 -42.11 28.84
N PHE D 312 31.83 -42.67 28.85
CA PHE D 312 32.10 -43.97 28.24
C PHE D 312 32.85 -44.84 29.24
N SER D 313 32.11 -45.61 30.03
CA SER D 313 32.70 -46.48 31.06
C SER D 313 32.73 -47.93 30.61
N TYR D 314 33.86 -48.58 30.87
CA TYR D 314 34.09 -49.95 30.40
C TYR D 314 34.72 -50.83 31.49
N VAL D 315 34.53 -52.14 31.37
CA VAL D 315 34.94 -53.08 32.41
C VAL D 315 35.35 -54.44 31.82
N VAL D 316 36.09 -55.23 32.60
CA VAL D 316 36.48 -56.58 32.19
C VAL D 316 35.91 -57.62 33.15
N GLU D 317 35.24 -58.63 32.59
CA GLU D 317 34.69 -59.73 33.37
C GLU D 317 35.41 -61.06 33.08
N GLN D 318 35.82 -61.73 34.15
CA GLN D 318 36.46 -63.03 34.05
C GLN D 318 35.42 -64.13 33.85
N PRO D 319 35.79 -65.23 33.16
CA PRO D 319 34.88 -66.35 32.94
C PRO D 319 33.96 -66.67 34.13
N ASP D 320 34.54 -66.77 35.32
CA ASP D 320 33.78 -67.12 36.54
C ASP D 320 32.81 -66.04 37.03
N GLY D 321 32.93 -64.83 36.49
CA GLY D 321 31.99 -63.75 36.78
C GLY D 321 32.56 -62.51 37.46
N LYS D 322 33.85 -62.54 37.76
CA LYS D 322 34.49 -61.45 38.50
C LYS D 322 34.99 -60.31 37.62
N ILE D 323 34.76 -59.08 38.09
CA ILE D 323 35.21 -57.86 37.42
C ILE D 323 36.68 -57.58 37.75
N THR D 324 37.55 -57.72 36.75
CA THR D 324 39.00 -57.60 36.94
C THR D 324 39.48 -56.15 36.92
N ASP D 325 39.10 -55.40 35.88
CA ASP D 325 39.51 -53.99 35.74
C ASP D 325 38.50 -53.12 35.01
N PHE D 326 38.49 -51.83 35.33
CA PHE D 326 37.60 -50.87 34.68
C PHE D 326 38.31 -49.58 34.29
N PHE D 327 37.85 -48.95 33.21
CA PHE D 327 38.27 -47.59 32.88
C PHE D 327 37.11 -46.72 32.39
N SER D 328 37.42 -45.49 32.00
CA SER D 328 36.41 -44.52 31.55
C SER D 328 37.05 -43.30 30.89
N PHE D 329 36.32 -42.71 29.93
CA PHE D 329 36.72 -41.44 29.33
C PHE D 329 35.51 -40.55 29.00
N TYR D 330 35.73 -39.24 29.00
CA TYR D 330 34.65 -38.31 28.69
C TYR D 330 34.90 -37.43 27.47
N SER D 331 33.91 -37.42 26.59
CA SER D 331 33.98 -36.64 25.36
C SER D 331 33.83 -35.16 25.65
N LEU D 332 34.73 -34.36 25.05
CA LEU D 332 34.61 -32.91 25.11
C LEU D 332 35.20 -32.33 23.83
N PRO D 333 34.33 -32.11 22.82
CA PRO D 333 34.71 -31.75 21.46
C PRO D 333 35.01 -30.27 21.27
N PHE D 334 35.70 -29.95 20.18
CA PHE D 334 35.97 -28.58 19.79
C PHE D 334 35.20 -28.23 18.52
N THR D 335 34.99 -26.94 18.30
CA THR D 335 34.52 -26.42 17.02
C THR D 335 35.75 -25.92 16.27
N ILE D 336 35.86 -26.26 14.99
CA ILE D 336 36.98 -25.80 14.18
C ILE D 336 36.57 -24.67 13.24
N LEU D 337 37.29 -23.56 13.33
CA LEU D 337 37.01 -22.39 12.50
C LEU D 337 38.13 -22.13 11.50
N ASN D 338 37.74 -21.56 10.36
CA ASN D 338 38.67 -21.18 9.29
C ASN D 338 39.30 -22.37 8.57
N ASN D 339 38.65 -23.54 8.68
CA ASN D 339 39.12 -24.74 7.97
C ASN D 339 38.06 -25.38 7.08
N THR D 340 38.40 -25.50 5.80
CA THR D 340 37.49 -25.94 4.74
C THR D 340 36.87 -27.32 5.01
N LYS D 341 37.73 -28.31 5.21
CA LYS D 341 37.34 -29.71 5.32
C LYS D 341 36.62 -30.04 6.63
N TYR D 342 37.22 -29.63 7.74
CA TYR D 342 36.76 -30.03 9.06
C TYR D 342 36.05 -28.89 9.78
N LYS D 343 35.03 -29.25 10.57
CA LYS D 343 34.24 -28.27 11.32
C LYS D 343 34.32 -28.50 12.83
N ASP D 344 34.71 -29.70 13.22
CA ASP D 344 34.77 -30.08 14.63
C ASP D 344 35.93 -31.03 14.92
N LEU D 345 36.21 -31.25 16.21
CA LEU D 345 37.31 -32.10 16.63
C LEU D 345 36.90 -33.02 17.77
N GLY D 346 36.98 -34.32 17.53
CA GLY D 346 36.69 -35.34 18.55
C GLY D 346 37.81 -35.36 19.55
N ILE D 347 37.47 -35.18 20.83
CA ILE D 347 38.48 -35.11 21.89
C ILE D 347 38.08 -35.95 23.11
N GLY D 348 38.75 -37.11 23.24
CA GLY D 348 38.58 -37.97 24.41
C GLY D 348 39.48 -37.56 25.56
N TYR D 349 38.97 -37.73 26.78
CA TYR D 349 39.71 -37.42 27.99
C TYR D 349 39.68 -38.60 28.93
N LEU D 350 40.82 -39.24 29.13
CA LEU D 350 40.95 -40.35 30.09
C LEU D 350 40.53 -39.88 31.49
N TYR D 351 39.81 -40.75 32.19
CA TYR D 351 39.18 -40.41 33.46
C TYR D 351 39.67 -41.35 34.58
N TYR D 352 38.77 -41.79 35.45
CA TYR D 352 39.13 -42.71 36.52
C TYR D 352 39.22 -44.14 36.00
N TYR D 353 40.12 -44.91 36.60
CA TYR D 353 40.32 -46.31 36.23
C TYR D 353 40.79 -47.12 37.43
N ALA D 354 40.50 -48.42 37.39
CA ALA D 354 40.89 -49.32 38.47
C ALA D 354 41.21 -50.71 37.93
N THR D 355 42.46 -51.13 38.13
CA THR D 355 42.87 -52.49 37.83
C THR D 355 43.06 -53.24 39.16
N ASP D 356 43.34 -54.54 39.07
CA ASP D 356 43.74 -55.31 40.26
C ASP D 356 45.08 -56.03 40.07
N ALA D 357 45.71 -55.80 38.92
CA ALA D 357 46.94 -56.50 38.52
C ALA D 357 47.99 -56.59 39.62
N ASP D 358 48.19 -55.50 40.36
CA ASP D 358 49.21 -55.44 41.41
C ASP D 358 48.63 -55.64 42.81
N PHE D 359 47.47 -56.29 42.90
CA PHE D 359 46.81 -56.48 44.20
C PHE D 359 47.52 -57.52 45.08
N GLN D 360 48.15 -58.50 44.45
CA GLN D 360 48.88 -59.56 45.18
C GLN D 360 49.98 -58.96 46.05
N PHE D 361 50.83 -58.16 45.42
CA PHE D 361 52.02 -57.60 46.04
C PHE D 361 51.67 -56.59 47.12
N LYS D 362 52.44 -56.63 48.22
CA LYS D 362 52.20 -55.77 49.39
C LYS D 362 52.67 -54.33 49.17
N ASP D 363 53.67 -54.17 48.30
CA ASP D 363 54.30 -52.87 48.08
C ASP D 363 54.04 -52.37 46.66
N ARG D 364 53.50 -51.15 46.58
CA ARG D 364 53.17 -50.52 45.30
C ARG D 364 54.40 -50.25 44.43
N PHE D 365 55.50 -49.85 45.07
CA PHE D 365 56.72 -49.48 44.34
C PHE D 365 57.72 -50.62 44.22
N ASP D 366 57.28 -51.81 44.63
CA ASP D 366 57.99 -53.06 44.39
C ASP D 366 58.19 -53.20 42.86
N PRO D 367 59.44 -53.43 42.42
CA PRO D 367 59.79 -53.53 41.00
C PRO D 367 58.88 -54.46 40.18
N LYS D 368 58.64 -55.67 40.69
CA LYS D 368 57.83 -56.67 40.01
C LYS D 368 56.35 -56.30 40.02
N ALA D 369 55.91 -55.65 41.10
CA ALA D 369 54.54 -55.14 41.24
C ALA D 369 54.29 -54.00 40.27
N THR D 370 55.34 -53.26 39.96
CA THR D 370 55.29 -52.20 38.96
C THR D 370 55.18 -52.76 37.55
N LYS D 371 56.03 -53.72 37.18
CA LYS D 371 55.94 -54.32 35.84
C LYS D 371 54.56 -54.94 35.58
N ALA D 372 53.94 -55.46 36.63
CA ALA D 372 52.61 -56.08 36.54
C ALA D 372 51.50 -55.08 36.25
N LEU D 373 51.50 -53.96 37.00
CA LEU D 373 50.54 -52.88 36.81
C LEU D 373 50.68 -52.32 35.40
N LYS D 374 51.93 -52.12 34.98
CA LYS D 374 52.27 -51.49 33.70
C LYS D 374 51.76 -52.27 32.49
N THR D 375 52.19 -53.53 32.36
CA THR D 375 51.79 -54.40 31.25
C THR D 375 50.26 -54.47 31.11
N ARG D 376 49.56 -54.26 32.22
CA ARG D 376 48.10 -54.26 32.25
C ARG D 376 47.49 -52.94 31.80
N LEU D 377 47.96 -51.83 32.37
CA LEU D 377 47.48 -50.50 31.98
C LEU D 377 47.71 -50.26 30.49
N CYS D 378 48.90 -50.62 30.01
CA CYS D 378 49.22 -50.56 28.59
C CYS D 378 48.18 -51.30 27.76
N GLU D 379 47.86 -52.53 28.17
CA GLU D 379 46.80 -53.30 27.51
C GLU D 379 45.48 -52.53 27.50
N LEU D 380 45.02 -52.11 28.67
CA LEU D 380 43.72 -51.48 28.84
C LEU D 380 43.57 -50.14 28.11
N ILE D 381 44.47 -49.20 28.39
CA ILE D 381 44.38 -47.85 27.81
C ILE D 381 44.56 -47.87 26.29
N TYR D 382 45.46 -48.74 25.82
CA TYR D 382 45.60 -49.00 24.38
C TYR D 382 44.27 -49.45 23.79
N ASP D 383 43.42 -50.07 24.61
CA ASP D 383 42.06 -50.44 24.19
C ASP D 383 41.07 -49.31 24.43
N ALA D 384 41.37 -48.41 25.37
CA ALA D 384 40.58 -47.20 25.55
C ALA D 384 40.73 -46.34 24.30
N CYS D 385 41.96 -46.28 23.78
CA CYS D 385 42.27 -45.55 22.55
C CYS D 385 41.42 -46.05 21.38
N ILE D 386 41.51 -47.35 21.10
CA ILE D 386 40.73 -47.99 20.03
C ILE D 386 39.23 -47.72 20.21
N LEU D 387 38.74 -47.81 21.44
CA LEU D 387 37.34 -47.52 21.73
C LEU D 387 37.02 -46.06 21.43
N ALA D 388 37.89 -45.17 21.90
CA ALA D 388 37.73 -43.73 21.66
C ALA D 388 37.79 -43.39 20.17
N LYS D 389 38.75 -44.00 19.46
CA LYS D 389 38.85 -43.83 18.01
C LYS D 389 37.55 -44.26 17.34
N ASN D 390 37.03 -45.41 17.77
CA ASN D 390 35.74 -45.91 17.30
C ASN D 390 34.58 -45.00 17.70
N ALA D 391 34.71 -44.32 18.83
CA ALA D 391 33.73 -43.33 19.26
C ALA D 391 33.86 -42.01 18.48
N ASN D 392 34.55 -42.09 17.33
CA ASN D 392 34.83 -40.95 16.44
C ASN D 392 35.52 -39.77 17.12
N MET D 393 36.61 -40.07 17.83
CA MET D 393 37.41 -39.05 18.46
C MET D 393 38.78 -39.05 17.80
N ASP D 394 39.45 -37.90 17.80
CA ASP D 394 40.66 -37.72 17.01
C ASP D 394 41.93 -37.59 17.86
N VAL D 395 41.75 -37.30 19.14
CA VAL D 395 42.85 -37.25 20.09
C VAL D 395 42.39 -37.77 21.46
N PHE D 396 43.33 -38.35 22.21
CA PHE D 396 43.03 -38.92 23.52
C PHE D 396 43.90 -38.25 24.58
N ASN D 397 43.25 -37.56 25.51
CA ASN D 397 43.94 -36.75 26.51
C ASN D 397 44.07 -37.45 27.86
N ALA D 398 45.31 -37.57 28.33
CA ALA D 398 45.58 -38.05 29.68
C ALA D 398 46.62 -37.14 30.33
N LEU D 399 46.60 -37.08 31.66
CA LEU D 399 47.61 -36.32 32.40
C LEU D 399 48.54 -37.24 33.17
N THR D 400 49.65 -36.69 33.63
CA THR D 400 50.66 -37.41 34.41
C THR D 400 50.18 -37.88 35.78
N SER D 401 48.93 -37.55 36.13
CA SER D 401 48.34 -37.94 37.41
C SER D 401 48.07 -39.45 37.49
N GLN D 402 47.79 -39.93 38.70
CA GLN D 402 47.53 -41.36 38.94
C GLN D 402 48.76 -42.19 38.51
N ASP D 403 48.57 -43.45 38.17
CA ASP D 403 49.67 -44.28 37.68
C ASP D 403 49.96 -44.04 36.19
N ASN D 404 49.33 -43.03 35.59
CA ASN D 404 49.37 -42.81 34.14
C ASN D 404 50.76 -42.91 33.52
N THR D 405 51.75 -42.32 34.19
CA THR D 405 53.15 -42.37 33.79
C THR D 405 53.65 -43.75 33.33
N LEU D 406 53.11 -44.83 33.91
CA LEU D 406 53.52 -46.18 33.55
C LEU D 406 53.26 -46.52 32.08
N PHE D 407 52.20 -45.97 31.50
CA PHE D 407 51.82 -46.30 30.12
C PHE D 407 51.95 -45.16 29.12
N LEU D 408 52.02 -43.92 29.60
CA LEU D 408 51.96 -42.72 28.74
C LEU D 408 52.89 -42.75 27.52
N ASP D 409 54.18 -42.98 27.77
CA ASP D 409 55.15 -43.05 26.69
C ASP D 409 54.96 -44.28 25.81
N ASP D 410 55.07 -45.47 26.41
CA ASP D 410 54.91 -46.73 25.68
C ASP D 410 53.64 -46.78 24.82
N LEU D 411 52.68 -45.90 25.12
CA LEU D 411 51.43 -45.84 24.34
C LEU D 411 51.32 -44.63 23.41
N LYS D 412 52.40 -43.86 23.29
CA LYS D 412 52.51 -42.73 22.35
C LYS D 412 51.63 -41.54 22.70
N PHE D 413 51.64 -41.17 23.98
CA PHE D 413 51.02 -39.93 24.41
C PHE D 413 52.07 -38.83 24.30
N GLY D 414 52.14 -38.22 23.12
CA GLY D 414 53.04 -37.09 22.89
C GLY D 414 52.72 -35.95 23.85
N PRO D 415 53.76 -35.22 24.30
CA PRO D 415 53.52 -34.27 25.37
C PRO D 415 52.88 -32.96 24.87
N GLY D 416 51.84 -32.52 25.57
CA GLY D 416 51.21 -31.22 25.31
C GLY D 416 51.76 -30.20 26.29
N ASP D 417 52.03 -28.99 25.80
CA ASP D 417 52.75 -28.00 26.62
C ASP D 417 51.94 -27.32 27.73
N GLY D 418 50.72 -27.81 27.97
CA GLY D 418 49.89 -27.31 29.07
C GLY D 418 50.19 -27.97 30.41
N PHE D 419 49.92 -27.24 31.49
CA PHE D 419 50.07 -27.76 32.85
C PHE D 419 48.79 -27.53 33.64
N LEU D 420 48.47 -28.46 34.55
CA LEU D 420 47.32 -28.32 35.41
C LEU D 420 47.77 -28.24 36.85
N ASN D 421 47.49 -27.11 37.49
CA ASN D 421 47.80 -26.92 38.90
C ASN D 421 46.61 -27.28 39.77
N PHE D 422 46.86 -28.01 40.85
CA PHE D 422 45.82 -28.46 41.78
C PHE D 422 45.82 -27.62 43.06
N TYR D 423 44.67 -27.06 43.38
CA TYR D 423 44.54 -26.17 44.54
C TYR D 423 43.49 -26.65 45.53
N LEU D 424 43.74 -26.41 46.81
CA LEU D 424 42.78 -26.68 47.88
C LEU D 424 42.42 -25.40 48.63
N PHE D 425 41.14 -25.03 48.61
CA PHE D 425 40.68 -23.84 49.34
C PHE D 425 40.54 -24.11 50.83
N ASN D 426 41.01 -23.16 51.64
CA ASN D 426 40.90 -23.20 53.11
C ASN D 426 41.46 -24.48 53.74
N TYR D 427 42.62 -24.91 53.24
CA TYR D 427 43.26 -26.13 53.72
C TYR D 427 44.72 -26.18 53.27
N ARG D 428 45.60 -26.44 54.23
CA ARG D 428 47.05 -26.50 54.01
C ARG D 428 47.47 -27.96 53.82
N ALA D 429 48.29 -28.22 52.81
CA ALA D 429 48.76 -29.59 52.54
C ALA D 429 50.15 -29.63 51.90
N LYS D 430 50.94 -30.63 52.27
CA LYS D 430 52.26 -30.86 51.66
C LYS D 430 52.09 -31.26 50.18
N PRO D 431 53.12 -30.99 49.35
CA PRO D 431 53.12 -31.40 47.94
C PRO D 431 52.81 -32.88 47.70
N ILE D 432 52.05 -33.14 46.63
CA ILE D 432 51.70 -34.50 46.21
C ILE D 432 52.33 -34.73 44.83
N THR D 433 53.06 -35.82 44.66
CA THR D 433 53.70 -36.14 43.38
C THR D 433 52.71 -36.01 42.21
N GLY D 434 53.11 -35.22 41.20
CA GLY D 434 52.24 -34.94 40.06
C GLY D 434 52.63 -35.67 38.79
N GLY D 435 53.58 -36.60 38.91
CA GLY D 435 54.06 -37.39 37.78
C GLY D 435 55.16 -36.72 36.99
N LEU D 436 55.73 -35.66 37.56
CA LEU D 436 56.72 -34.84 36.86
C LEU D 436 58.04 -34.74 37.59
N ASN D 437 59.12 -34.99 36.85
CA ASN D 437 60.47 -34.81 37.34
C ASN D 437 60.87 -33.33 37.32
N PRO D 438 61.94 -32.96 38.06
CA PRO D 438 62.56 -31.64 38.04
C PRO D 438 62.43 -30.87 36.72
N ASP D 439 62.52 -31.57 35.59
CA ASP D 439 62.52 -30.96 34.27
C ASP D 439 61.31 -31.36 33.41
N ASN D 440 60.15 -31.50 34.05
CA ASN D 440 58.86 -31.74 33.37
C ASN D 440 58.77 -32.98 32.48
N SER D 441 59.77 -33.86 32.57
CA SER D 441 59.69 -35.17 31.93
C SER D 441 58.80 -36.07 32.77
N ASN D 442 58.30 -37.15 32.17
CA ASN D 442 57.46 -38.11 32.89
C ASN D 442 58.24 -38.88 33.95
N ASP D 443 57.72 -38.91 35.17
CA ASP D 443 58.39 -39.60 36.28
C ASP D 443 57.96 -41.05 36.39
N ILE D 444 58.76 -41.95 35.82
CA ILE D 444 58.44 -43.39 35.80
C ILE D 444 58.66 -44.11 37.14
N LYS D 445 59.52 -43.54 37.98
CA LYS D 445 59.85 -44.15 39.28
C LYS D 445 58.75 -43.91 40.32
N ARG D 446 58.47 -42.64 40.62
CA ARG D 446 57.49 -42.27 41.63
C ARG D 446 56.06 -42.29 41.13
N ARG D 447 55.89 -41.98 39.84
CA ARG D 447 54.57 -41.75 39.25
C ARG D 447 53.85 -40.63 40.01
N SER D 448 52.53 -40.69 40.08
CA SER D 448 51.78 -39.65 40.77
C SER D 448 50.90 -40.22 41.88
N ASN D 449 50.75 -39.44 42.95
CA ASN D 449 49.79 -39.74 44.01
C ASN D 449 48.51 -38.91 43.88
N VAL D 450 48.33 -38.26 42.72
CA VAL D 450 47.10 -37.54 42.44
C VAL D 450 46.04 -38.50 41.92
N GLY D 451 44.93 -38.61 42.66
CA GLY D 451 43.89 -39.56 42.34
C GLY D 451 42.66 -38.96 41.70
N VAL D 452 42.42 -37.67 41.94
CA VAL D 452 41.26 -36.97 41.36
C VAL D 452 41.50 -36.55 39.92
N VAL D 453 40.44 -36.65 39.11
CA VAL D 453 40.47 -36.16 37.74
C VAL D 453 39.34 -35.13 37.56
N MET D 454 39.74 -33.87 37.48
CA MET D 454 38.81 -32.75 37.34
C MET D 454 38.44 -32.51 35.87
N LEU D 455 37.30 -31.86 35.67
CA LEU D 455 36.84 -31.50 34.32
C LEU D 455 37.34 -30.11 33.94
N ASP E 5 65.36 16.06 23.14
CA ASP E 5 64.08 16.73 22.74
C ASP E 5 63.94 16.79 21.22
N LYS E 6 64.85 17.50 20.57
CA LYS E 6 64.87 17.59 19.11
C LYS E 6 65.40 16.29 18.50
N ALA E 7 65.95 15.44 19.37
CA ALA E 7 66.30 14.08 18.99
C ALA E 7 65.02 13.26 18.82
N LYS E 8 64.05 13.49 19.71
CA LYS E 8 62.74 12.83 19.65
C LYS E 8 61.91 13.33 18.49
N LYS E 9 62.13 14.58 18.08
CA LYS E 9 61.43 15.15 16.92
C LYS E 9 61.86 14.47 15.63
N LEU E 10 63.17 14.41 15.39
CA LEU E 10 63.72 13.68 14.24
C LEU E 10 63.39 12.19 14.30
N GLU E 11 63.37 11.64 15.51
CA GLU E 11 62.94 10.26 15.74
C GLU E 11 61.49 10.06 15.31
N ASN E 12 60.64 11.02 15.67
CA ASN E 12 59.23 10.98 15.29
C ASN E 12 59.02 11.11 13.78
N LEU E 13 59.65 12.12 13.17
CA LEU E 13 59.56 12.34 11.73
C LEU E 13 60.02 11.11 10.93
N LEU E 14 61.13 10.51 11.37
CA LEU E 14 61.71 9.35 10.73
C LEU E 14 60.73 8.17 10.71
N LYS E 15 60.03 7.98 11.83
CA LYS E 15 59.07 6.89 11.99
C LYS E 15 57.89 7.02 11.03
N LEU E 16 57.57 8.25 10.65
CA LEU E 16 56.47 8.52 9.73
C LEU E 16 56.79 8.11 8.30
N LEU E 17 58.06 8.23 7.92
CA LEU E 17 58.52 7.74 6.62
C LEU E 17 58.28 6.24 6.53
N GLN E 18 58.67 5.54 7.59
CA GLN E 18 58.61 4.08 7.63
C GLN E 18 57.19 3.55 7.83
N LEU E 19 56.33 4.40 8.38
CA LEU E 19 54.96 4.05 8.76
C LEU E 19 54.25 3.16 7.73
N ASN E 20 53.88 1.95 8.17
CA ASN E 20 53.20 0.96 7.33
C ASN E 20 52.19 0.13 8.14
N ASN E 21 51.63 -0.90 7.51
CA ASN E 21 50.70 -1.81 8.17
C ASN E 21 51.39 -2.80 9.11
N HIS E 38 63.77 5.47 25.62
CA HIS E 38 64.99 4.72 25.33
C HIS E 38 65.91 4.61 26.53
N LYS E 39 65.37 4.10 27.64
CA LYS E 39 66.11 4.00 28.90
C LYS E 39 67.43 3.22 28.80
N PHE E 40 67.61 2.49 27.70
CA PHE E 40 68.83 1.70 27.50
C PHE E 40 69.80 2.27 26.47
N TRP E 41 69.30 2.65 25.30
CA TRP E 41 70.16 3.18 24.24
C TRP E 41 70.74 4.55 24.57
N ARG E 42 70.06 5.28 25.45
CA ARG E 42 70.55 6.55 26.00
C ARG E 42 71.94 6.37 26.62
N THR E 43 72.20 5.16 27.12
CA THR E 43 73.43 4.84 27.85
C THR E 43 74.53 4.24 26.98
N GLN E 44 74.29 4.16 25.67
CA GLN E 44 75.18 3.42 24.77
C GLN E 44 75.96 4.31 23.80
N PRO E 45 77.12 3.83 23.32
CA PRO E 45 77.90 4.58 22.34
C PRO E 45 77.33 4.45 20.93
N VAL E 46 76.20 5.11 20.70
CA VAL E 46 75.56 5.15 19.38
C VAL E 46 75.37 6.59 18.92
N LYS E 47 75.51 6.81 17.61
CA LYS E 47 75.16 8.09 16.99
C LYS E 47 73.76 8.50 17.45
N ASP E 48 73.55 9.79 17.67
CA ASP E 48 72.20 10.29 17.95
C ASP E 48 71.59 10.97 16.72
N PHE E 49 70.26 10.98 16.64
CA PHE E 49 69.51 11.40 15.44
C PHE E 49 69.91 12.74 14.82
N ASP E 50 70.18 13.73 15.67
CA ASP E 50 70.45 15.09 15.22
C ASP E 50 71.94 15.45 15.23
N GLU E 51 72.80 14.43 15.25
CA GLU E 51 74.25 14.62 15.27
C GLU E 51 74.82 14.66 13.85
N LYS E 52 75.71 15.61 13.61
CA LYS E 52 76.35 15.79 12.31
C LYS E 52 77.75 15.19 12.29
N VAL E 53 78.06 14.46 11.22
CA VAL E 53 79.34 13.78 11.09
C VAL E 53 80.19 14.42 9.99
N VAL E 54 81.48 14.55 10.27
CA VAL E 54 82.48 14.96 9.29
C VAL E 54 83.67 14.00 9.42
N GLU E 55 84.35 14.09 10.57
CA GLU E 55 85.32 13.10 10.96
C GLU E 55 84.56 11.85 11.41
N GLU E 56 84.76 10.76 10.69
CA GLU E 56 84.16 9.48 11.04
C GLU E 56 85.08 8.72 11.97
N GLY E 57 84.50 7.94 12.88
CA GLY E 57 85.28 7.15 13.82
C GLY E 57 84.51 6.70 15.04
N PRO E 58 85.20 6.07 16.00
CA PRO E 58 84.57 5.57 17.23
C PRO E 58 84.04 6.69 18.09
N ILE E 59 83.09 6.36 18.96
CA ILE E 59 82.50 7.32 19.89
C ILE E 59 83.13 7.13 21.26
N ASP E 60 82.94 5.94 21.81
CA ASP E 60 83.48 5.53 23.10
C ASP E 60 85.00 5.62 23.04
N LYS E 61 85.61 6.12 24.11
CA LYS E 61 87.06 6.29 24.18
C LYS E 61 87.82 4.95 24.19
N PRO E 62 89.02 4.91 23.58
CA PRO E 62 89.92 3.76 23.58
C PRO E 62 89.97 2.98 24.89
N LYS E 63 89.75 1.67 24.80
CA LYS E 63 89.83 0.78 25.95
C LYS E 63 90.60 -0.49 25.60
N THR E 64 91.08 -1.18 26.62
CA THR E 64 91.75 -2.47 26.46
C THR E 64 90.96 -3.52 27.25
N PRO E 65 91.05 -4.81 26.84
CA PRO E 65 90.33 -5.90 27.52
C PRO E 65 90.51 -5.90 29.04
N GLU E 66 91.62 -5.33 29.52
CA GLU E 66 91.90 -5.18 30.94
C GLU E 66 90.83 -4.31 31.61
N ASP E 67 90.39 -3.27 30.90
CA ASP E 67 89.30 -2.38 31.33
C ASP E 67 87.97 -3.12 31.42
N ILE E 68 87.81 -4.13 30.56
CA ILE E 68 86.56 -4.86 30.44
C ILE E 68 86.42 -5.95 31.49
N SER E 69 85.21 -6.08 32.04
CA SER E 69 84.90 -7.09 33.05
C SER E 69 85.10 -8.51 32.52
N ASP E 70 85.04 -9.48 33.42
CA ASP E 70 85.27 -10.89 33.07
C ASP E 70 84.08 -11.76 33.48
N LYS E 71 83.26 -11.25 34.40
CA LYS E 71 82.10 -11.97 34.91
C LYS E 71 80.85 -11.72 34.07
N PRO E 72 80.22 -12.81 33.57
CA PRO E 72 78.98 -12.68 32.80
C PRO E 72 77.90 -12.05 33.66
N LEU E 73 77.21 -11.06 33.09
CA LEU E 73 76.30 -10.21 33.84
C LEU E 73 75.18 -10.97 34.54
N PRO E 74 74.74 -10.46 35.71
CA PRO E 74 73.63 -11.07 36.45
C PRO E 74 72.33 -10.98 35.65
N LEU E 75 71.53 -12.04 35.71
CA LEU E 75 70.23 -12.03 35.06
C LEU E 75 69.14 -12.58 35.98
N LEU E 76 67.99 -11.93 35.94
CA LEU E 76 66.83 -12.19 36.81
C LEU E 76 66.73 -13.61 37.37
N SER E 77 66.34 -13.71 38.64
CA SER E 77 66.30 -14.96 39.41
C SER E 77 65.59 -16.12 38.70
N SER E 78 66.36 -17.11 38.28
CA SER E 78 65.84 -18.33 37.65
C SER E 78 66.51 -18.73 36.34
N PHE E 79 67.33 -17.85 35.79
CA PHE E 79 67.98 -18.07 34.48
C PHE E 79 69.49 -18.23 34.58
N GLU E 80 70.11 -18.66 33.49
CA GLU E 80 71.57 -18.73 33.37
C GLU E 80 72.02 -18.52 31.92
N TRP E 81 73.28 -18.12 31.76
CA TRP E 81 73.88 -17.98 30.43
C TRP E 81 74.26 -19.35 29.87
N CYS E 82 74.43 -19.41 28.55
CA CYS E 82 74.94 -20.61 27.90
C CYS E 82 75.46 -20.29 26.51
N SER E 83 76.50 -21.01 26.11
CA SER E 83 77.00 -20.96 24.74
C SER E 83 76.31 -22.06 23.97
N ILE E 84 76.00 -21.79 22.70
CA ILE E 84 75.50 -22.82 21.82
C ILE E 84 76.63 -23.28 20.91
N ASP E 85 76.73 -24.59 20.72
CA ASP E 85 77.69 -25.15 19.79
C ASP E 85 76.94 -25.55 18.52
N VAL E 86 77.27 -24.89 17.41
CA VAL E 86 76.63 -25.15 16.12
C VAL E 86 76.84 -26.59 15.69
N ASP E 87 77.92 -27.19 16.21
CA ASP E 87 78.27 -28.57 15.91
C ASP E 87 77.58 -29.55 16.86
N ASN E 88 76.80 -29.01 17.79
CA ASN E 88 76.03 -29.83 18.73
C ASN E 88 74.56 -29.91 18.32
N LYS E 89 74.23 -30.99 17.61
CA LYS E 89 72.87 -31.24 17.10
C LYS E 89 71.77 -30.62 17.97
N LYS E 90 71.76 -30.97 19.26
CA LYS E 90 70.70 -30.57 20.17
C LYS E 90 70.75 -29.10 20.56
N GLN E 91 71.96 -28.56 20.73
CA GLN E 91 72.13 -27.15 21.07
C GLN E 91 71.62 -26.23 19.96
N LEU E 92 71.86 -26.63 18.70
CA LEU E 92 71.36 -25.89 17.55
C LEU E 92 69.87 -26.14 17.34
N GLU E 93 69.39 -27.31 17.75
CA GLU E 93 67.97 -27.63 17.68
C GLU E 93 67.17 -26.67 18.57
N ASP E 94 67.59 -26.52 19.82
CA ASP E 94 66.96 -25.60 20.76
C ASP E 94 66.78 -24.20 20.17
N VAL E 95 67.78 -23.77 19.40
CA VAL E 95 67.81 -22.43 18.80
C VAL E 95 66.81 -22.27 17.67
N PHE E 96 66.85 -23.17 16.68
CA PHE E 96 65.90 -23.07 15.58
C PHE E 96 64.46 -23.50 15.97
N VAL E 97 64.27 -23.86 17.23
CA VAL E 97 62.92 -24.10 17.73
C VAL E 97 62.47 -22.93 18.61
N LEU E 98 63.44 -22.29 19.27
CA LEU E 98 63.18 -21.03 19.99
C LEU E 98 62.73 -19.95 19.00
N LEU E 99 63.46 -19.85 17.89
CA LEU E 99 63.21 -18.86 16.84
C LEU E 99 61.94 -19.19 16.06
N ASN E 100 61.84 -20.41 15.54
CA ASN E 100 60.68 -20.83 14.73
C ASN E 100 59.33 -20.57 15.41
N GLU E 101 59.28 -20.79 16.72
CA GLU E 101 58.05 -20.58 17.49
C GLU E 101 57.80 -19.11 17.80
N ASN E 102 58.88 -18.35 17.98
CA ASN E 102 58.77 -17.00 18.53
C ASN E 102 59.20 -15.83 17.63
N TYR E 103 59.85 -16.12 16.51
CA TYR E 103 60.40 -15.07 15.64
C TYR E 103 59.34 -14.18 14.98
N VAL E 104 58.18 -14.76 14.66
CA VAL E 104 57.05 -13.99 14.15
C VAL E 104 56.25 -13.40 15.32
N GLU E 105 56.01 -12.09 15.26
CA GLU E 105 55.39 -11.33 16.35
C GLU E 105 53.98 -11.82 16.67
N ASP E 106 53.20 -12.07 15.62
CA ASP E 106 51.80 -12.51 15.75
C ASP E 106 51.69 -14.03 15.78
N ARG E 107 50.97 -14.53 16.78
CA ARG E 107 50.75 -15.98 16.94
C ARG E 107 49.83 -16.53 15.85
N ASP E 108 48.85 -15.73 15.45
CA ASP E 108 47.86 -16.11 14.45
C ASP E 108 48.12 -15.47 13.09
N ALA E 109 49.40 -15.25 12.79
CA ALA E 109 49.81 -14.61 11.54
C ALA E 109 49.59 -15.51 10.33
N GLY E 110 49.68 -16.83 10.54
CA GLY E 110 49.47 -17.81 9.48
C GLY E 110 50.77 -18.33 8.89
N PHE E 111 51.88 -17.98 9.53
CA PHE E 111 53.22 -18.36 9.06
C PHE E 111 54.23 -18.27 10.18
N ARG E 112 55.14 -19.24 10.21
CA ARG E 112 56.28 -19.21 11.13
C ARG E 112 57.53 -19.24 10.28
N PHE E 113 58.60 -18.64 10.77
CA PHE E 113 59.91 -18.80 10.14
C PHE E 113 60.28 -20.27 10.12
N ASN E 114 61.05 -20.68 9.11
CA ASN E 114 61.57 -22.04 9.11
C ASN E 114 63.08 -22.09 9.04
N TYR E 115 63.72 -21.55 10.07
CA TYR E 115 65.15 -21.70 10.25
C TYR E 115 65.44 -23.18 10.41
N THR E 116 66.22 -23.75 9.49
CA THR E 116 66.62 -25.16 9.60
C THR E 116 68.09 -25.26 9.99
N LYS E 117 68.47 -26.41 10.56
CA LYS E 117 69.85 -26.67 11.01
C LYS E 117 70.91 -26.29 9.97
N GLU E 118 70.67 -26.68 8.71
CA GLU E 118 71.57 -26.38 7.61
C GLU E 118 71.80 -24.88 7.46
N PHE E 119 70.74 -24.09 7.63
CA PHE E 119 70.83 -22.63 7.50
C PHE E 119 71.74 -22.02 8.57
N PHE E 120 71.53 -22.42 9.83
CA PHE E 120 72.36 -21.94 10.93
C PHE E 120 73.77 -22.52 10.89
N ASN E 121 73.89 -23.76 10.41
CA ASN E 121 75.20 -24.35 10.16
C ASN E 121 75.97 -23.57 9.08
N TRP E 122 75.24 -22.81 8.27
CA TRP E 122 75.88 -21.95 7.29
C TRP E 122 76.10 -20.54 7.83
N ALA E 123 75.14 -20.03 8.59
CA ALA E 123 75.22 -18.67 9.12
C ALA E 123 76.19 -18.56 10.29
N LEU E 124 76.09 -19.49 11.24
CA LEU E 124 76.81 -19.40 12.51
C LEU E 124 78.22 -20.01 12.46
N LYS E 125 78.51 -20.75 11.39
CA LYS E 125 79.81 -21.38 11.18
C LYS E 125 80.78 -20.54 10.35
N SER E 126 80.44 -19.27 10.13
CA SER E 126 81.32 -18.30 9.49
C SER E 126 82.70 -18.27 10.18
N PRO E 127 83.79 -18.25 9.39
CA PRO E 127 85.14 -18.44 9.96
C PRO E 127 85.46 -17.52 11.12
N GLY E 128 86.21 -18.04 12.09
CA GLY E 128 86.62 -17.26 13.25
C GLY E 128 85.54 -17.10 14.31
N TRP E 129 84.44 -17.82 14.13
CA TRP E 129 83.32 -17.77 15.07
C TRP E 129 83.71 -18.38 16.40
N LYS E 130 83.31 -17.69 17.47
CA LYS E 130 83.46 -18.19 18.82
C LYS E 130 82.06 -18.61 19.25
N LYS E 131 81.93 -19.75 19.92
CA LYS E 131 80.63 -20.26 20.35
C LYS E 131 80.07 -19.50 21.56
N ASP E 132 80.97 -18.91 22.36
CA ASP E 132 80.59 -18.01 23.46
C ASP E 132 80.03 -16.71 22.91
N TRP E 133 79.84 -16.66 21.60
CA TRP E 133 79.27 -15.53 20.91
C TRP E 133 77.94 -15.94 20.27
N HIS E 134 77.56 -17.19 20.48
CA HIS E 134 76.21 -17.65 20.22
C HIS E 134 75.51 -17.78 21.57
N ILE E 135 75.24 -16.61 22.16
CA ILE E 135 74.64 -16.47 23.48
C ILE E 135 73.25 -17.09 23.56
N GLY E 136 72.96 -17.70 24.72
CA GLY E 136 71.63 -18.19 25.02
C GLY E 136 71.28 -18.02 26.49
N VAL E 137 69.98 -17.99 26.78
CA VAL E 137 69.51 -17.97 28.17
C VAL E 137 68.56 -19.14 28.39
N ARG E 138 68.86 -19.95 29.40
CA ARG E 138 68.06 -21.12 29.72
C ARG E 138 67.39 -20.99 31.08
N VAL E 139 66.19 -21.54 31.19
CA VAL E 139 65.51 -21.68 32.47
C VAL E 139 66.27 -22.73 33.29
N LYS E 140 66.69 -22.36 34.50
CA LYS E 140 67.49 -23.23 35.37
C LYS E 140 66.96 -24.65 35.50
N GLU E 141 65.77 -24.79 36.08
CA GLU E 141 65.21 -26.11 36.40
C GLU E 141 64.86 -26.98 35.18
N THR E 142 64.42 -26.33 34.09
CA THR E 142 63.98 -27.05 32.89
C THR E 142 65.11 -27.27 31.88
N GLN E 143 66.02 -26.30 31.83
CA GLN E 143 67.03 -26.18 30.76
C GLN E 143 66.42 -25.94 29.38
N LYS E 144 65.34 -25.14 29.37
CA LYS E 144 64.72 -24.74 28.12
C LYS E 144 65.15 -23.32 27.79
N LEU E 145 65.53 -23.12 26.53
CA LEU E 145 66.14 -21.88 26.06
C LEU E 145 65.10 -20.81 25.73
N VAL E 146 65.15 -19.68 26.44
CA VAL E 146 64.18 -18.60 26.24
C VAL E 146 64.71 -17.41 25.45
N ALA E 147 66.03 -17.28 25.36
CA ALA E 147 66.64 -16.14 24.66
C ALA E 147 67.92 -16.52 23.91
N PHE E 148 68.18 -15.81 22.80
CA PHE E 148 69.34 -16.08 21.96
C PHE E 148 69.74 -14.88 21.11
N ILE E 149 70.91 -14.30 21.40
CA ILE E 149 71.54 -13.31 20.53
C ILE E 149 72.89 -13.85 20.05
N SER E 150 73.29 -13.50 18.82
CA SER E 150 74.45 -14.14 18.18
C SER E 150 75.28 -13.21 17.32
N ALA E 151 76.61 -13.44 17.32
CA ALA E 151 77.54 -12.60 16.56
C ALA E 151 78.75 -13.35 15.97
N ILE E 152 78.84 -13.35 14.64
CA ILE E 152 80.07 -13.76 13.94
C ILE E 152 80.94 -12.52 13.67
N PRO E 153 82.28 -12.67 13.72
CA PRO E 153 83.12 -11.49 13.60
C PRO E 153 83.46 -11.15 12.15
N VAL E 154 83.51 -9.85 11.84
CA VAL E 154 83.84 -9.36 10.50
C VAL E 154 84.70 -8.10 10.55
N THR E 155 85.27 -7.72 9.41
CA THR E 155 85.97 -6.44 9.27
C THR E 155 85.24 -5.59 8.23
N LEU E 156 84.87 -4.38 8.63
CA LEU E 156 84.02 -3.50 7.80
C LEU E 156 84.79 -2.44 7.02
N GLY E 157 84.18 -1.94 5.94
CA GLY E 157 84.77 -0.85 5.16
C GLY E 157 83.94 0.42 5.19
N VAL E 158 83.81 1.02 6.37
CA VAL E 158 83.06 2.26 6.55
C VAL E 158 83.83 3.43 5.93
N ARG E 159 83.53 3.68 4.65
CA ARG E 159 84.21 4.70 3.83
C ARG E 159 85.72 4.63 3.88
N GLY E 160 86.28 3.55 3.33
CA GLY E 160 87.73 3.41 3.21
C GLY E 160 88.47 3.08 4.50
N LYS E 161 87.99 3.63 5.61
CA LYS E 161 88.54 3.33 6.94
C LYS E 161 88.15 1.92 7.35
N GLN E 162 89.16 1.11 7.67
CA GLN E 162 88.95 -0.25 8.12
C GLN E 162 88.55 -0.25 9.58
N VAL E 163 87.51 -1.03 9.90
CA VAL E 163 86.88 -1.00 11.22
C VAL E 163 86.59 -2.43 11.71
N PRO E 164 87.50 -2.99 12.53
CA PRO E 164 87.29 -4.35 13.07
C PRO E 164 86.12 -4.41 14.05
N SER E 165 85.04 -5.05 13.59
CA SER E 165 83.76 -5.09 14.30
C SER E 165 83.12 -6.48 14.26
N VAL E 166 81.84 -6.56 14.62
CA VAL E 166 81.14 -7.84 14.67
C VAL E 166 79.68 -7.68 14.18
N GLU E 167 79.10 -8.72 13.60
CA GLU E 167 77.69 -8.68 13.15
C GLU E 167 76.77 -9.39 14.14
N ILE E 168 75.90 -8.62 14.79
CA ILE E 168 74.90 -9.20 15.70
C ILE E 168 73.60 -9.51 14.95
N ASN E 169 73.08 -10.72 15.18
CA ASN E 169 71.82 -11.16 14.57
C ASN E 169 71.08 -12.25 15.35
N PHE E 170 69.84 -12.50 14.93
CA PHE E 170 69.00 -13.60 15.44
C PHE E 170 68.57 -13.45 16.89
N LEU E 171 68.55 -12.20 17.35
CA LEU E 171 68.00 -11.84 18.66
C LEU E 171 66.60 -12.42 18.76
N CYS E 172 66.34 -13.14 19.85
CA CYS E 172 65.01 -13.70 20.09
C CYS E 172 64.79 -13.93 21.57
N VAL E 173 63.67 -13.41 22.06
CA VAL E 173 63.21 -13.65 23.42
C VAL E 173 61.85 -14.32 23.31
N HIS E 174 61.68 -15.43 24.04
CA HIS E 174 60.43 -16.17 24.12
C HIS E 174 59.23 -15.26 24.35
N LYS E 175 58.13 -15.54 23.64
CA LYS E 175 56.92 -14.72 23.68
C LYS E 175 56.46 -14.38 25.08
N GLN E 176 56.31 -15.40 25.92
CA GLN E 176 55.76 -15.25 27.27
C GLN E 176 56.67 -14.57 28.30
N LEU E 177 57.81 -14.04 27.85
CA LEU E 177 58.64 -13.20 28.72
C LEU E 177 59.36 -12.10 27.96
N ARG E 178 58.66 -11.56 26.97
CA ARG E 178 59.01 -10.29 26.36
C ARG E 178 58.50 -9.17 27.25
N SER E 179 58.88 -7.93 26.89
CA SER E 179 58.57 -6.73 27.69
C SER E 179 59.10 -6.85 29.11
N LYS E 180 60.18 -7.61 29.27
CA LYS E 180 60.82 -7.87 30.55
C LYS E 180 62.25 -7.35 30.60
N ARG E 181 62.57 -6.42 29.70
CA ARG E 181 63.87 -5.71 29.64
C ARG E 181 65.06 -6.66 29.44
N LEU E 182 64.82 -7.81 28.82
CA LEU E 182 65.86 -8.82 28.68
C LEU E 182 66.82 -8.53 27.53
N THR E 183 66.35 -7.73 26.56
CA THR E 183 67.17 -7.31 25.43
C THR E 183 68.40 -6.48 25.85
N PRO E 184 68.20 -5.40 26.64
CA PRO E 184 69.33 -4.65 27.21
C PRO E 184 70.41 -5.53 27.84
N VAL E 185 69.98 -6.55 28.59
CA VAL E 185 70.92 -7.48 29.23
C VAL E 185 71.67 -8.25 28.17
N LEU E 186 70.94 -8.82 27.20
CA LEU E 186 71.56 -9.53 26.10
C LEU E 186 72.57 -8.66 25.35
N ILE E 187 72.17 -7.42 25.05
CA ILE E 187 73.05 -6.45 24.37
C ILE E 187 74.35 -6.23 25.15
N LYS E 188 74.23 -5.75 26.39
CA LYS E 188 75.39 -5.51 27.25
C LYS E 188 76.33 -6.72 27.33
N GLU E 189 75.75 -7.91 27.45
CA GLU E 189 76.52 -9.15 27.61
C GLU E 189 77.27 -9.54 26.34
N ILE E 190 76.60 -9.48 25.19
CA ILE E 190 77.28 -9.73 23.92
C ILE E 190 78.34 -8.67 23.67
N THR E 191 78.06 -7.44 24.13
CA THR E 191 79.04 -6.35 24.08
C THR E 191 80.26 -6.75 24.91
N ARG E 192 80.02 -7.04 26.19
CA ARG E 192 81.04 -7.46 27.15
C ARG E 192 81.98 -8.57 26.68
N ARG E 193 81.46 -9.57 25.97
CA ARG E 193 82.28 -10.68 25.47
C ARG E 193 83.11 -10.29 24.24
N VAL E 194 82.49 -9.49 23.37
CA VAL E 194 83.12 -8.99 22.15
C VAL E 194 84.13 -7.88 22.46
N ASN E 195 83.83 -7.07 23.47
CA ASN E 195 84.78 -6.08 24.00
C ASN E 195 85.98 -6.76 24.64
N LYS E 196 85.73 -7.90 25.29
CA LYS E 196 86.78 -8.65 25.97
C LYS E 196 87.74 -9.31 24.99
N CYS E 197 87.30 -9.47 23.74
CA CYS E 197 88.14 -10.03 22.69
C CYS E 197 88.81 -8.97 21.81
N ASP E 198 88.88 -7.74 22.33
CA ASP E 198 89.60 -6.63 21.68
C ASP E 198 88.85 -6.00 20.49
N ILE E 199 87.54 -6.22 20.42
CA ILE E 199 86.71 -5.62 19.35
C ILE E 199 85.71 -4.63 19.95
N TRP E 200 85.65 -3.42 19.38
CA TRP E 200 84.81 -2.38 19.96
C TRP E 200 83.64 -1.84 19.12
N HIS E 201 83.42 -2.44 17.94
CA HIS E 201 82.32 -2.02 17.06
C HIS E 201 81.48 -3.20 16.58
N ALA E 202 80.36 -2.88 15.92
CA ALA E 202 79.42 -3.88 15.45
C ALA E 202 78.45 -3.32 14.42
N LEU E 203 77.99 -4.18 13.51
CA LEU E 203 76.98 -3.83 12.52
C LEU E 203 75.68 -4.56 12.85
N TYR E 204 74.62 -3.80 13.10
CA TYR E 204 73.31 -4.38 13.34
C TYR E 204 72.21 -3.73 12.53
N THR E 205 71.41 -4.55 11.85
CA THR E 205 70.24 -4.08 11.12
C THR E 205 69.00 -4.48 11.89
N ALA E 206 68.08 -3.54 12.06
CA ALA E 206 66.81 -3.81 12.73
C ALA E 206 65.63 -3.25 11.93
N GLY E 207 64.46 -3.86 12.13
CA GLY E 207 63.22 -3.40 11.49
C GLY E 207 62.69 -2.13 12.11
N ILE E 208 62.76 -2.04 13.44
CA ILE E 208 62.29 -0.86 14.17
C ILE E 208 63.32 0.30 14.08
N VAL E 209 62.97 1.44 14.67
CA VAL E 209 63.84 2.61 14.65
C VAL E 209 64.40 2.89 16.06
N LEU E 210 65.71 2.69 16.20
CA LEU E 210 66.42 3.08 17.42
C LEU E 210 67.51 4.08 17.02
N PRO E 211 67.97 4.92 17.98
CA PRO E 211 68.92 6.00 17.68
C PRO E 211 70.22 5.56 17.03
N ALA E 212 70.32 5.80 15.71
CA ALA E 212 71.59 5.82 14.98
C ALA E 212 71.45 5.78 13.44
N PRO E 213 70.26 5.46 12.91
CA PRO E 213 70.16 4.80 11.60
C PRO E 213 71.11 5.42 10.59
N VAL E 214 72.07 4.63 10.13
CA VAL E 214 73.14 5.13 9.25
C VAL E 214 72.63 5.15 7.81
N SER E 215 71.64 4.30 7.54
CA SER E 215 71.05 4.18 6.22
C SER E 215 69.69 3.51 6.37
N THR E 216 68.87 3.57 5.33
CA THR E 216 67.60 2.85 5.31
C THR E 216 67.32 2.30 3.92
N CYS E 217 67.18 0.99 3.84
CA CYS E 217 66.75 0.33 2.63
C CYS E 217 65.28 -0.03 2.74
N ARG E 218 64.75 -0.64 1.68
CA ARG E 218 63.36 -1.08 1.66
C ARG E 218 63.26 -2.46 1.01
N TYR E 219 62.44 -3.32 1.61
CA TYR E 219 62.19 -4.66 1.08
C TYR E 219 61.38 -4.62 -0.20
N THR E 220 61.83 -5.37 -1.21
CA THR E 220 61.06 -5.59 -2.42
C THR E 220 61.00 -7.07 -2.75
N HIS E 221 59.80 -7.54 -3.10
CA HIS E 221 59.57 -8.95 -3.40
C HIS E 221 59.20 -9.08 -4.88
N ARG E 222 59.77 -10.09 -5.54
CA ARG E 222 59.40 -10.39 -6.91
C ARG E 222 58.78 -11.78 -6.98
N PRO E 223 57.45 -11.85 -7.19
CA PRO E 223 56.75 -13.14 -7.32
C PRO E 223 57.41 -14.07 -8.33
N LEU E 224 57.54 -15.33 -7.96
CA LEU E 224 58.02 -16.37 -8.87
C LEU E 224 56.87 -17.31 -9.20
N ASN E 225 56.20 -17.75 -8.14
CA ASN E 225 55.01 -18.58 -8.22
C ASN E 225 53.86 -17.73 -7.68
N TRP E 226 53.29 -16.87 -8.54
CA TRP E 226 52.30 -15.91 -8.07
C TRP E 226 51.04 -16.56 -7.51
N LYS E 227 50.53 -17.56 -8.22
CA LYS E 227 49.30 -18.26 -7.86
C LYS E 227 49.28 -18.67 -6.38
N LYS E 228 50.29 -19.41 -5.96
CA LYS E 228 50.47 -19.80 -4.56
C LYS E 228 50.57 -18.56 -3.66
N LEU E 229 51.44 -17.63 -4.06
CA LEU E 229 51.70 -16.40 -3.31
C LEU E 229 50.42 -15.60 -3.02
N TYR E 230 49.40 -15.79 -3.86
CA TYR E 230 48.09 -15.17 -3.68
C TYR E 230 47.17 -16.06 -2.84
N GLU E 231 47.23 -17.37 -3.09
CA GLU E 231 46.43 -18.34 -2.34
C GLU E 231 46.86 -18.42 -0.87
N VAL E 232 48.03 -17.86 -0.58
CA VAL E 232 48.60 -17.87 0.77
C VAL E 232 48.47 -16.51 1.47
N ASP E 233 47.82 -15.56 0.79
CA ASP E 233 47.56 -14.21 1.30
C ASP E 233 48.84 -13.39 1.54
N PHE E 234 49.88 -13.70 0.78
CA PHE E 234 51.15 -12.98 0.82
C PHE E 234 51.27 -11.99 -0.35
N THR E 235 50.18 -11.88 -1.11
CA THR E 235 49.95 -10.79 -2.06
C THR E 235 48.49 -10.85 -2.53
N GLY E 236 47.87 -9.68 -2.62
CA GLY E 236 46.48 -9.59 -3.04
C GLY E 236 46.30 -9.58 -4.55
N LEU E 237 45.18 -9.03 -4.98
CA LEU E 237 44.85 -8.86 -6.39
C LEU E 237 44.47 -7.40 -6.58
N PRO E 238 45.23 -6.67 -7.43
CA PRO E 238 44.93 -5.24 -7.57
C PRO E 238 43.68 -5.04 -8.40
N ASP E 239 42.73 -4.25 -7.86
CA ASP E 239 41.43 -4.02 -8.50
C ASP E 239 41.56 -3.63 -9.97
N GLY E 240 40.65 -4.15 -10.79
CA GLY E 240 40.76 -4.00 -12.24
C GLY E 240 41.38 -5.23 -12.86
N HIS E 241 42.52 -5.64 -12.32
CA HIS E 241 43.23 -6.84 -12.79
C HIS E 241 42.54 -8.13 -12.35
N THR E 242 42.61 -9.15 -13.22
CA THR E 242 42.07 -10.47 -12.92
C THR E 242 43.18 -11.44 -12.49
N GLU E 243 42.77 -12.59 -11.96
CA GLU E 243 43.69 -13.60 -11.45
C GLU E 243 44.55 -14.17 -12.58
N GLU E 244 43.97 -14.34 -13.77
CA GLU E 244 44.72 -14.80 -14.94
C GLU E 244 45.80 -13.79 -15.33
N ASP E 245 45.44 -12.50 -15.31
CA ASP E 245 46.37 -11.42 -15.65
C ASP E 245 47.70 -11.55 -14.91
N MET E 246 47.61 -11.78 -13.61
CA MET E 246 48.79 -11.82 -12.75
C MET E 246 49.71 -13.01 -13.03
N ILE E 247 49.11 -14.15 -13.38
CA ILE E 247 49.89 -15.32 -13.80
C ILE E 247 50.71 -14.93 -15.03
N ALA E 248 50.08 -14.19 -15.93
CA ALA E 248 50.67 -13.82 -17.23
C ALA E 248 51.76 -12.77 -17.15
N GLU E 249 51.72 -11.92 -16.13
CA GLU E 249 52.73 -10.88 -15.92
C GLU E 249 54.00 -11.47 -15.31
N ASN E 250 53.82 -12.28 -14.27
CA ASN E 250 54.93 -12.85 -13.51
C ASN E 250 55.43 -14.15 -14.09
N ALA E 251 54.90 -14.51 -15.27
CA ALA E 251 55.33 -15.68 -16.01
C ALA E 251 56.85 -15.70 -16.17
N LEU E 252 57.42 -16.90 -16.16
CA LEU E 252 58.86 -17.07 -16.08
C LEU E 252 59.32 -18.34 -16.80
N PRO E 253 60.39 -18.23 -17.63
CA PRO E 253 60.94 -19.39 -18.36
C PRO E 253 61.56 -20.43 -17.43
N ALA E 254 61.84 -21.61 -17.97
CA ALA E 254 62.52 -22.66 -17.23
C ALA E 254 64.03 -22.64 -17.47
N LYS E 255 64.48 -21.88 -18.46
CA LYS E 255 65.90 -21.80 -18.80
C LYS E 255 66.50 -20.39 -18.75
N THR E 256 67.77 -20.33 -18.34
CA THR E 256 68.51 -19.08 -18.22
C THR E 256 68.79 -18.47 -19.59
N LYS E 257 68.89 -17.14 -19.65
CA LYS E 257 69.24 -16.46 -20.90
C LYS E 257 70.75 -16.40 -21.17
N THR E 258 71.46 -15.58 -20.42
CA THR E 258 72.90 -15.36 -20.62
C THR E 258 73.70 -16.66 -20.64
N ALA E 259 74.44 -16.89 -21.73
CA ALA E 259 75.28 -18.07 -21.87
C ALA E 259 76.58 -17.90 -21.06
N GLY E 260 77.26 -19.00 -20.79
CA GLY E 260 78.44 -18.98 -19.93
C GLY E 260 78.08 -19.08 -18.46
N LEU E 261 76.81 -18.85 -18.14
CA LEU E 261 76.32 -18.91 -16.75
C LEU E 261 76.46 -20.32 -16.21
N ARG E 262 76.81 -20.42 -14.93
CA ARG E 262 77.21 -21.67 -14.32
C ARG E 262 77.27 -21.51 -12.80
N LYS E 263 77.38 -22.64 -12.10
CA LYS E 263 77.55 -22.66 -10.66
C LYS E 263 78.96 -22.23 -10.28
N LEU E 264 79.12 -21.67 -9.08
CA LEU E 264 80.43 -21.32 -8.55
C LEU E 264 81.17 -22.58 -8.12
N LYS E 265 82.46 -22.66 -8.45
CA LYS E 265 83.29 -23.80 -8.06
C LYS E 265 84.56 -23.38 -7.33
N LYS E 266 85.33 -24.38 -6.90
CA LYS E 266 86.55 -24.16 -6.11
C LYS E 266 87.58 -23.29 -6.82
N GLU E 267 87.64 -23.39 -8.15
CA GLU E 267 88.67 -22.67 -8.93
C GLU E 267 88.34 -21.20 -9.12
N ASP E 268 87.09 -20.90 -9.51
CA ASP E 268 86.66 -19.53 -9.80
C ASP E 268 86.97 -18.59 -8.63
N ILE E 269 86.93 -19.13 -7.42
CA ILE E 269 87.21 -18.40 -6.18
C ILE E 269 88.23 -17.27 -6.35
N ASP E 270 89.43 -17.62 -6.82
CA ASP E 270 90.51 -16.65 -7.00
C ASP E 270 90.08 -15.43 -7.81
N GLN E 271 89.70 -15.66 -9.06
CA GLN E 271 89.31 -14.58 -9.96
C GLN E 271 88.05 -13.85 -9.48
N VAL E 272 87.07 -14.62 -9.00
CA VAL E 272 85.78 -14.08 -8.54
C VAL E 272 85.96 -13.08 -7.40
N PHE E 273 86.81 -13.43 -6.43
CA PHE E 273 87.04 -12.63 -5.24
C PHE E 273 87.52 -11.22 -5.56
N GLU E 274 88.45 -11.09 -6.50
CA GLU E 274 88.99 -9.79 -6.89
C GLU E 274 88.03 -9.00 -7.78
N LEU E 275 87.25 -9.73 -8.58
CA LEU E 275 86.15 -9.12 -9.35
C LEU E 275 85.08 -8.59 -8.40
N PHE E 276 84.76 -9.37 -7.36
CA PHE E 276 83.87 -8.92 -6.30
C PHE E 276 84.46 -7.72 -5.56
N LYS E 277 85.77 -7.77 -5.30
CA LYS E 277 86.45 -6.71 -4.58
C LYS E 277 86.33 -5.34 -5.26
N ARG E 278 86.61 -5.28 -6.56
CA ARG E 278 86.55 -4.00 -7.27
C ARG E 278 85.12 -3.49 -7.43
N TYR E 279 84.18 -4.38 -7.75
CA TYR E 279 82.80 -3.95 -7.87
C TYR E 279 82.29 -3.37 -6.55
N GLN E 280 82.40 -4.16 -5.48
CA GLN E 280 81.85 -3.80 -4.17
C GLN E 280 82.50 -2.55 -3.58
N SER E 281 83.72 -2.27 -4.00
CA SER E 281 84.51 -1.15 -3.46
C SER E 281 83.91 0.22 -3.75
N ARG E 282 82.86 0.27 -4.56
CA ARG E 282 82.18 1.53 -4.84
C ARG E 282 81.27 1.94 -3.68
N PHE E 283 80.92 0.99 -2.83
CA PHE E 283 79.95 1.22 -1.76
C PHE E 283 80.61 1.75 -0.49
N GLU E 284 79.90 2.66 0.19
CA GLU E 284 80.43 3.34 1.37
C GLU E 284 80.39 2.49 2.65
N LEU E 285 79.56 1.44 2.66
CA LEU E 285 79.54 0.48 3.77
C LEU E 285 79.60 -0.97 3.26
N ILE E 286 80.77 -1.59 3.45
CA ILE E 286 80.99 -2.95 2.95
C ILE E 286 81.63 -3.85 4.01
N GLN E 287 81.62 -5.16 3.75
CA GLN E 287 82.39 -6.11 4.54
C GLN E 287 83.62 -6.49 3.75
N ILE E 288 84.79 -6.26 4.32
CA ILE E 288 86.04 -6.75 3.73
C ILE E 288 86.07 -8.26 3.93
N PHE E 289 86.18 -8.98 2.83
CA PHE E 289 86.18 -10.44 2.84
C PHE E 289 87.58 -10.99 2.79
N THR E 290 87.78 -12.15 3.41
CA THR E 290 89.00 -12.92 3.25
C THR E 290 88.68 -14.09 2.32
N LYS E 291 89.60 -14.40 1.42
CA LYS E 291 89.43 -15.53 0.49
C LYS E 291 89.06 -16.85 1.18
N GLU E 292 88.97 -16.82 2.51
CA GLU E 292 88.44 -17.93 3.29
C GLU E 292 87.00 -17.66 3.72
N GLU E 293 86.76 -16.50 4.34
CA GLU E 293 85.41 -16.10 4.73
C GLU E 293 84.59 -15.67 3.50
N PHE E 294 85.18 -15.83 2.32
CA PHE E 294 84.49 -15.63 1.06
C PHE E 294 83.98 -16.97 0.55
N GLU E 295 84.91 -17.89 0.29
CA GLU E 295 84.58 -19.23 -0.20
C GLU E 295 83.50 -19.91 0.66
N HIS E 296 83.65 -19.81 1.98
CA HIS E 296 82.65 -20.35 2.90
C HIS E 296 81.28 -19.72 2.66
N ASN E 297 81.28 -18.39 2.55
CA ASN E 297 80.05 -17.62 2.41
C ASN E 297 79.41 -17.72 1.02
N PHE E 298 79.95 -18.58 0.17
CA PHE E 298 79.40 -18.78 -1.19
C PHE E 298 79.41 -20.23 -1.73
N ILE E 299 80.27 -21.08 -1.19
CA ILE E 299 80.28 -22.50 -1.59
C ILE E 299 79.74 -23.35 -0.44
N GLY E 300 78.42 -23.55 -0.42
CA GLY E 300 77.76 -24.27 0.67
C GLY E 300 78.11 -25.73 0.74
N GLU E 301 78.12 -26.29 1.96
CA GLU E 301 78.50 -27.69 2.19
C GLU E 301 77.87 -28.64 1.17
N GLU E 302 78.66 -29.58 0.67
CA GLU E 302 78.29 -30.40 -0.48
C GLU E 302 77.21 -31.45 -0.17
N SER E 303 76.74 -32.12 -1.22
CA SER E 303 75.70 -33.17 -1.16
C SER E 303 74.47 -32.78 -0.33
N LEU E 304 73.91 -31.61 -0.65
CA LEU E 304 72.65 -31.17 -0.05
C LEU E 304 71.51 -31.34 -1.05
N PRO E 305 70.42 -32.00 -0.63
CA PRO E 305 69.24 -32.10 -1.50
C PRO E 305 68.68 -30.72 -1.78
N LEU E 306 68.15 -30.52 -2.98
CA LEU E 306 67.72 -29.21 -3.47
C LEU E 306 66.77 -28.48 -2.52
N ASP E 307 66.04 -29.23 -1.69
CA ASP E 307 65.10 -28.63 -0.72
C ASP E 307 65.79 -28.18 0.57
N LYS E 308 67.07 -28.52 0.72
CA LYS E 308 67.84 -28.17 1.93
C LYS E 308 69.02 -27.23 1.66
N GLN E 309 69.34 -27.02 0.38
CA GLN E 309 70.48 -26.21 -0.03
C GLN E 309 70.34 -24.76 0.44
N VAL E 310 71.34 -24.28 1.20
CA VAL E 310 71.29 -22.93 1.75
C VAL E 310 71.71 -21.87 0.72
N ILE E 311 73.01 -21.72 0.50
CA ILE E 311 73.48 -20.72 -0.47
C ILE E 311 73.45 -21.24 -1.90
N PHE E 312 72.94 -20.39 -2.79
CA PHE E 312 72.99 -20.62 -4.23
C PHE E 312 73.91 -19.55 -4.82
N SER E 313 75.02 -20.00 -5.41
CA SER E 313 76.03 -19.09 -5.97
C SER E 313 76.25 -19.36 -7.46
N TYR E 314 76.28 -18.29 -8.25
CA TYR E 314 76.37 -18.41 -9.69
C TYR E 314 77.38 -17.45 -10.33
N VAL E 315 78.07 -17.93 -11.36
CA VAL E 315 79.08 -17.15 -12.07
C VAL E 315 79.00 -17.38 -13.59
N VAL E 316 79.44 -16.38 -14.36
CA VAL E 316 79.48 -16.49 -15.82
C VAL E 316 80.92 -16.53 -16.34
N GLU E 317 81.30 -17.65 -16.95
CA GLU E 317 82.62 -17.82 -17.56
C GLU E 317 82.60 -17.37 -19.02
N GLN E 318 83.64 -16.63 -19.42
CA GLN E 318 83.80 -16.16 -20.80
C GLN E 318 84.60 -17.16 -21.65
N PRO E 319 84.55 -17.03 -22.99
CA PRO E 319 85.13 -17.96 -23.97
C PRO E 319 86.40 -18.71 -23.51
N ASP E 320 87.41 -17.96 -23.09
CA ASP E 320 88.69 -18.52 -22.66
C ASP E 320 88.60 -19.17 -21.28
N GLY E 321 88.71 -18.35 -20.24
CA GLY E 321 88.63 -18.77 -18.85
C GLY E 321 88.43 -17.56 -17.96
N LYS E 322 88.05 -16.44 -18.57
CA LYS E 322 87.75 -15.21 -17.85
C LYS E 322 86.36 -15.28 -17.21
N ILE E 323 86.04 -14.32 -16.36
CA ILE E 323 84.73 -14.26 -15.69
C ILE E 323 84.16 -12.84 -15.69
N THR E 324 82.94 -12.70 -16.21
CA THR E 324 82.27 -11.40 -16.33
C THR E 324 81.64 -10.96 -15.01
N ASP E 325 80.88 -11.86 -14.39
CA ASP E 325 80.02 -11.49 -13.26
C ASP E 325 79.54 -12.69 -12.45
N PHE E 326 79.21 -12.44 -11.18
CA PHE E 326 78.71 -13.47 -10.27
C PHE E 326 77.53 -12.98 -9.44
N PHE E 327 76.64 -13.89 -9.08
CA PHE E 327 75.52 -13.57 -8.18
C PHE E 327 75.16 -14.73 -7.25
N SER E 328 74.47 -14.41 -6.15
CA SER E 328 74.13 -15.40 -5.14
C SER E 328 72.84 -15.05 -4.39
N PHE E 329 72.09 -16.08 -4.00
CA PHE E 329 70.93 -15.91 -3.12
C PHE E 329 70.82 -17.05 -2.13
N TYR E 330 70.19 -16.79 -0.97
CA TYR E 330 70.09 -17.81 0.07
C TYR E 330 68.65 -18.18 0.42
N SER E 331 68.45 -19.49 0.61
CA SER E 331 67.13 -20.08 0.88
C SER E 331 66.74 -20.01 2.36
N LEU E 332 65.68 -19.27 2.65
CA LEU E 332 65.11 -19.20 4.02
C LEU E 332 63.58 -19.21 3.98
N PRO E 333 62.98 -20.41 4.12
CA PRO E 333 61.54 -20.59 3.91
C PRO E 333 60.65 -20.20 5.10
N PHE E 334 59.36 -20.08 4.83
CA PHE E 334 58.33 -19.87 5.83
C PHE E 334 57.48 -21.13 5.94
N THR E 335 56.80 -21.29 7.08
CA THR E 335 55.83 -22.38 7.30
C THR E 335 54.41 -21.81 7.30
N ILE E 336 53.55 -22.37 6.45
CA ILE E 336 52.20 -21.83 6.27
C ILE E 336 51.19 -22.56 7.15
N LEU E 337 50.54 -21.79 8.01
CA LEU E 337 49.55 -22.32 8.94
C LEU E 337 48.13 -22.02 8.46
N ASN E 338 47.19 -22.82 8.94
CA ASN E 338 45.76 -22.62 8.71
C ASN E 338 45.34 -22.69 7.25
N ASN E 339 46.32 -22.85 6.35
CA ASN E 339 46.03 -23.07 4.96
C ASN E 339 45.84 -24.57 4.72
N THR E 340 44.61 -24.89 4.32
CA THR E 340 44.21 -26.25 3.95
C THR E 340 45.12 -26.86 2.87
N LYS E 341 45.62 -25.99 1.98
CA LYS E 341 46.29 -26.42 0.75
C LYS E 341 47.82 -26.29 0.73
N TYR E 342 48.38 -25.42 1.58
CA TYR E 342 49.83 -25.21 1.59
C TYR E 342 50.47 -25.27 2.98
N LYS E 343 51.70 -25.79 3.03
CA LYS E 343 52.40 -26.01 4.30
C LYS E 343 53.70 -25.21 4.45
N ASP E 344 54.41 -25.01 3.35
CA ASP E 344 55.63 -24.19 3.36
C ASP E 344 55.75 -23.23 2.19
N LEU E 345 56.59 -22.22 2.35
CA LEU E 345 56.79 -21.19 1.34
C LEU E 345 58.27 -20.94 1.09
N GLY E 346 58.75 -21.34 -0.09
CA GLY E 346 60.16 -21.18 -0.47
C GLY E 346 60.49 -19.73 -0.74
N ILE E 347 61.48 -19.21 -0.04
CA ILE E 347 61.82 -17.79 -0.12
C ILE E 347 63.29 -17.55 -0.38
N GLY E 348 63.59 -17.02 -1.56
CA GLY E 348 64.95 -16.62 -1.92
C GLY E 348 65.21 -15.17 -1.57
N TYR E 349 66.39 -14.92 -1.00
CA TYR E 349 66.85 -13.56 -0.74
C TYR E 349 68.12 -13.33 -1.54
N LEU E 350 68.12 -12.28 -2.36
CA LEU E 350 69.28 -11.89 -3.17
C LEU E 350 70.44 -11.40 -2.29
N TYR E 351 71.61 -12.01 -2.47
CA TYR E 351 72.75 -11.76 -1.58
C TYR E 351 73.84 -10.86 -2.20
N TYR E 352 74.92 -11.45 -2.69
CA TYR E 352 76.05 -10.67 -3.21
C TYR E 352 76.30 -10.87 -4.71
N TYR E 353 76.60 -9.78 -5.40
CA TYR E 353 76.89 -9.84 -6.83
C TYR E 353 78.03 -8.89 -7.25
N ALA E 354 78.49 -9.03 -8.49
CA ALA E 354 79.62 -8.23 -9.00
C ALA E 354 79.81 -8.35 -10.52
N THR E 355 79.37 -7.35 -11.28
CA THR E 355 79.63 -7.32 -12.72
C THR E 355 80.84 -6.44 -13.05
N ASP E 356 81.47 -6.73 -14.19
CA ASP E 356 82.51 -5.87 -14.72
C ASP E 356 81.92 -4.86 -15.71
N ALA E 357 80.63 -5.03 -16.03
CA ALA E 357 79.96 -4.25 -17.06
C ALA E 357 80.34 -2.76 -17.13
N ASP E 358 80.53 -2.13 -15.97
CA ASP E 358 80.90 -0.71 -15.94
C ASP E 358 82.35 -0.45 -15.49
N PHE E 359 83.21 -1.44 -15.65
CA PHE E 359 84.63 -1.34 -15.31
C PHE E 359 85.39 -0.60 -16.40
N GLN E 360 85.00 -0.83 -17.65
CA GLN E 360 85.59 -0.16 -18.80
C GLN E 360 85.42 1.35 -18.71
N PHE E 361 84.28 1.78 -18.18
CA PHE E 361 84.00 3.20 -17.91
C PHE E 361 84.81 3.68 -16.70
N LYS E 362 84.81 4.99 -16.46
CA LYS E 362 85.59 5.57 -15.37
C LYS E 362 84.72 6.12 -14.24
N ASP E 363 83.73 6.94 -14.61
CA ASP E 363 82.76 7.47 -13.64
C ASP E 363 81.55 6.55 -13.55
N ARG E 364 81.10 6.30 -12.32
CA ARG E 364 79.97 5.42 -12.04
C ARG E 364 78.63 6.08 -12.41
N PHE E 365 78.47 7.34 -12.01
CA PHE E 365 77.22 8.08 -12.20
C PHE E 365 77.01 8.57 -13.64
N ASP E 366 77.97 8.29 -14.51
CA ASP E 366 77.90 8.65 -15.93
C ASP E 366 76.71 7.95 -16.58
N PRO E 367 75.79 8.73 -17.19
CA PRO E 367 74.54 8.22 -17.80
C PRO E 367 74.70 6.93 -18.61
N LYS E 368 75.73 6.88 -19.47
CA LYS E 368 75.93 5.72 -20.35
C LYS E 368 76.82 4.63 -19.73
N ALA E 369 77.25 4.86 -18.50
CA ALA E 369 77.91 3.83 -17.68
C ALA E 369 76.84 3.12 -16.85
N THR E 370 75.90 3.91 -16.32
CA THR E 370 74.75 3.42 -15.59
C THR E 370 73.90 2.48 -16.46
N LYS E 371 73.67 2.89 -17.71
CA LYS E 371 72.93 2.08 -18.67
C LYS E 371 73.59 0.72 -18.87
N ALA E 372 74.90 0.73 -19.06
CA ALA E 372 75.68 -0.50 -19.26
C ALA E 372 75.57 -1.44 -18.06
N LEU E 373 75.55 -0.87 -16.87
CA LEU E 373 75.36 -1.60 -15.62
C LEU E 373 73.95 -2.16 -15.56
N LYS E 374 72.98 -1.35 -16.00
CA LYS E 374 71.56 -1.69 -15.94
C LYS E 374 71.20 -2.91 -16.78
N THR E 375 71.61 -2.92 -18.06
CA THR E 375 71.24 -3.99 -18.98
C THR E 375 71.86 -5.35 -18.61
N ARG E 376 72.95 -5.31 -17.85
CA ARG E 376 73.60 -6.54 -17.37
C ARG E 376 72.97 -7.04 -16.08
N LEU E 377 72.63 -6.12 -15.19
CA LEU E 377 71.99 -6.47 -13.92
C LEU E 377 70.59 -7.05 -14.12
N CYS E 378 69.85 -6.50 -15.10
CA CYS E 378 68.61 -7.13 -15.55
C CYS E 378 68.92 -8.53 -16.08
N GLU E 379 69.82 -8.62 -17.04
CA GLU E 379 70.23 -9.91 -17.61
C GLU E 379 70.65 -10.93 -16.56
N LEU E 380 71.31 -10.48 -15.50
CA LEU E 380 71.80 -11.36 -14.43
C LEU E 380 70.73 -11.70 -13.39
N ILE E 381 70.07 -10.68 -12.84
CA ILE E 381 69.04 -10.90 -11.80
C ILE E 381 67.80 -11.59 -12.36
N TYR E 382 67.33 -11.15 -13.53
CA TYR E 382 66.24 -11.86 -14.22
C TYR E 382 66.52 -13.35 -14.22
N ASP E 383 67.72 -13.71 -14.68
CA ASP E 383 68.20 -15.09 -14.66
C ASP E 383 68.22 -15.71 -13.27
N ALA E 384 68.57 -14.92 -12.25
CA ALA E 384 68.63 -15.40 -10.87
C ALA E 384 67.27 -15.89 -10.39
N CYS E 385 66.20 -15.31 -10.93
CA CYS E 385 64.84 -15.72 -10.61
C CYS E 385 64.47 -16.99 -11.36
N ILE E 386 64.73 -16.98 -12.67
CA ILE E 386 64.68 -18.20 -13.47
C ILE E 386 65.40 -19.30 -12.69
N LEU E 387 66.49 -18.94 -12.01
CA LEU E 387 67.26 -19.90 -11.21
C LEU E 387 66.62 -20.24 -9.87
N ALA E 388 66.13 -19.23 -9.15
CA ALA E 388 65.46 -19.46 -7.86
C ALA E 388 64.20 -20.28 -8.04
N LYS E 389 63.29 -19.82 -8.90
CA LYS E 389 62.07 -20.55 -9.23
C LYS E 389 62.37 -22.03 -9.47
N ASN E 390 63.34 -22.31 -10.33
CA ASN E 390 63.77 -23.67 -10.65
C ASN E 390 64.19 -24.51 -9.43
N ALA E 391 64.63 -23.82 -8.38
CA ALA E 391 64.95 -24.47 -7.11
C ALA E 391 63.79 -24.31 -6.12
N ASN E 392 62.57 -24.33 -6.67
CA ASN E 392 61.31 -24.32 -5.91
C ASN E 392 61.15 -23.24 -4.84
N MET E 393 61.49 -22.01 -5.21
CA MET E 393 61.18 -20.85 -4.38
C MET E 393 59.96 -20.19 -4.99
N ASP E 394 59.17 -19.55 -4.15
CA ASP E 394 57.92 -18.94 -4.58
C ASP E 394 58.01 -17.41 -4.61
N VAL E 395 58.97 -16.86 -3.87
CA VAL E 395 59.22 -15.42 -3.87
C VAL E 395 60.71 -15.10 -3.79
N PHE E 396 61.10 -14.00 -4.44
CA PHE E 396 62.48 -13.53 -4.45
C PHE E 396 62.56 -12.15 -3.81
N ASN E 397 63.42 -12.01 -2.82
CA ASN E 397 63.53 -10.76 -2.07
C ASN E 397 64.85 -10.03 -2.28
N ALA E 398 64.74 -8.76 -2.63
CA ALA E 398 65.90 -7.89 -2.72
C ALA E 398 65.62 -6.62 -1.93
N LEU E 399 66.68 -5.89 -1.61
CA LEU E 399 66.53 -4.63 -0.93
C LEU E 399 66.89 -3.48 -1.86
N THR E 400 66.65 -2.25 -1.41
CA THR E 400 66.93 -1.08 -2.21
C THR E 400 68.41 -0.66 -2.13
N SER E 401 69.22 -1.50 -1.48
CA SER E 401 70.67 -1.26 -1.35
C SER E 401 71.41 -1.43 -2.66
N GLN E 402 72.71 -1.15 -2.64
CA GLN E 402 73.62 -1.43 -3.76
C GLN E 402 73.13 -0.81 -5.07
N ASP E 403 73.42 -1.48 -6.18
CA ASP E 403 72.91 -1.06 -7.49
C ASP E 403 71.65 -1.85 -7.87
N ASN E 404 70.83 -2.17 -6.87
CA ASN E 404 69.57 -2.88 -7.11
C ASN E 404 68.48 -1.96 -7.62
N THR E 405 68.51 -0.71 -7.15
CA THR E 405 67.52 0.30 -7.53
C THR E 405 67.41 0.49 -9.04
N LEU E 406 68.44 0.05 -9.77
CA LEU E 406 68.43 0.06 -11.23
C LEU E 406 67.39 -0.89 -11.81
N PHE E 407 67.45 -2.15 -11.37
CA PHE E 407 66.76 -3.25 -12.05
C PHE E 407 65.41 -3.68 -11.46
N LEU E 408 65.12 -3.22 -10.24
CA LEU E 408 63.97 -3.72 -9.48
C LEU E 408 62.64 -3.54 -10.22
N ASP E 409 62.26 -2.27 -10.44
CA ASP E 409 61.01 -1.92 -11.12
C ASP E 409 60.92 -2.53 -12.53
N ASP E 410 62.06 -2.75 -13.15
CA ASP E 410 62.13 -3.36 -14.48
C ASP E 410 61.77 -4.84 -14.45
N LEU E 411 62.33 -5.56 -13.49
CA LEU E 411 62.12 -7.01 -13.39
C LEU E 411 60.95 -7.35 -12.44
N LYS E 412 60.06 -6.38 -12.26
CA LYS E 412 58.77 -6.57 -11.56
C LYS E 412 58.86 -6.70 -10.04
N PHE E 413 60.05 -6.48 -9.47
CA PHE E 413 60.20 -6.40 -8.01
C PHE E 413 59.25 -5.32 -7.48
N GLY E 414 58.18 -5.76 -6.82
CA GLY E 414 57.18 -4.85 -6.28
C GLY E 414 57.59 -4.29 -4.92
N PRO E 415 57.11 -3.07 -4.60
CA PRO E 415 57.51 -2.45 -3.34
C PRO E 415 56.84 -3.09 -2.13
N GLY E 416 57.64 -3.70 -1.25
CA GLY E 416 57.15 -4.30 -0.01
C GLY E 416 57.13 -3.26 1.10
N ASP E 417 56.29 -3.48 2.12
CA ASP E 417 56.05 -2.43 3.10
C ASP E 417 56.93 -2.44 4.37
N GLY E 418 57.84 -3.40 4.47
CA GLY E 418 58.81 -3.42 5.56
C GLY E 418 60.02 -2.57 5.24
N PHE E 419 60.58 -1.91 6.26
CA PHE E 419 61.81 -1.13 6.10
C PHE E 419 62.93 -1.67 6.96
N LEU E 420 64.15 -1.63 6.41
CA LEU E 420 65.33 -2.09 7.14
C LEU E 420 66.29 -0.92 7.39
N ASN E 421 66.69 -0.77 8.65
CA ASN E 421 67.63 0.28 9.05
C ASN E 421 68.99 -0.30 9.43
N PHE E 422 70.05 0.28 8.87
CA PHE E 422 71.42 -0.18 9.14
C PHE E 422 72.06 0.66 10.26
N TYR E 423 72.66 -0.02 11.22
CA TYR E 423 73.28 0.65 12.37
C TYR E 423 74.73 0.22 12.59
N LEU E 424 75.48 1.12 13.22
CA LEU E 424 76.86 0.86 13.64
C LEU E 424 76.99 1.13 15.12
N PHE E 425 77.37 0.11 15.88
CA PHE E 425 77.59 0.28 17.31
C PHE E 425 79.00 0.81 17.53
N ASN E 426 79.09 1.92 18.25
CA ASN E 426 80.36 2.60 18.49
C ASN E 426 81.01 3.10 17.19
N TYR E 427 80.28 3.93 16.45
CA TYR E 427 80.81 4.58 15.24
C TYR E 427 79.93 5.72 14.73
N ARG E 428 80.60 6.84 14.39
CA ARG E 428 79.99 7.98 13.71
C ARG E 428 80.26 7.89 12.22
N ALA E 429 79.23 7.54 11.44
CA ALA E 429 79.37 7.54 10.00
C ALA E 429 78.44 8.59 9.40
N LYS E 430 78.92 9.26 8.35
CA LYS E 430 78.08 10.18 7.59
C LYS E 430 77.02 9.35 6.87
N PRO E 431 75.75 9.81 6.87
CA PRO E 431 74.64 9.12 6.21
C PRO E 431 75.02 8.50 4.86
N ILE E 432 74.59 7.26 4.65
CA ILE E 432 74.95 6.53 3.44
C ILE E 432 73.71 6.28 2.58
N THR E 433 73.85 6.53 1.28
CA THR E 433 72.75 6.34 0.33
C THR E 433 72.11 4.98 0.52
N GLY E 434 70.83 4.99 0.89
CA GLY E 434 70.07 3.77 1.15
C GLY E 434 69.22 3.33 -0.03
N GLY E 435 69.18 4.16 -1.07
CA GLY E 435 68.47 3.82 -2.31
C GLY E 435 67.04 4.29 -2.40
N LEU E 436 66.67 5.25 -1.57
CA LEU E 436 65.30 5.76 -1.52
C LEU E 436 65.25 7.27 -1.70
N ASN E 437 64.31 7.72 -2.53
CA ASN E 437 63.95 9.14 -2.59
C ASN E 437 63.20 9.45 -1.29
N PRO E 438 63.26 10.71 -0.82
CA PRO E 438 62.53 11.09 0.39
C PRO E 438 61.02 10.81 0.34
N ASP E 439 60.52 10.43 -0.83
CA ASP E 439 59.12 10.06 -1.03
C ASP E 439 58.89 8.54 -1.04
N ASN E 440 59.96 7.79 -0.79
CA ASN E 440 59.95 6.32 -0.62
C ASN E 440 60.11 5.44 -1.88
N SER E 441 60.12 6.06 -3.05
CA SER E 441 60.35 5.34 -4.30
C SER E 441 61.83 4.96 -4.45
N ASN E 442 62.15 4.22 -5.51
CA ASN E 442 63.53 3.84 -5.77
C ASN E 442 64.30 5.00 -6.40
N ASP E 443 65.38 5.41 -5.75
CA ASP E 443 66.22 6.50 -6.27
C ASP E 443 67.09 5.98 -7.42
N ILE E 444 66.52 5.97 -8.62
CA ILE E 444 67.18 5.42 -9.82
C ILE E 444 68.44 6.16 -10.23
N LYS E 445 68.60 7.36 -9.67
CA LYS E 445 69.71 8.25 -9.99
C LYS E 445 70.98 7.82 -9.28
N ARG E 446 71.05 8.07 -7.97
CA ARG E 446 72.23 7.79 -7.15
C ARG E 446 72.36 6.31 -6.78
N ARG E 447 71.24 5.61 -6.72
CA ARG E 447 71.18 4.23 -6.22
C ARG E 447 71.51 4.22 -4.72
N SER E 448 72.37 3.29 -4.31
CA SER E 448 72.77 3.18 -2.90
C SER E 448 74.24 2.82 -2.73
N ASN E 449 74.79 3.15 -1.57
CA ASN E 449 76.16 2.78 -1.22
C ASN E 449 76.23 1.83 -0.02
N VAL E 450 75.16 1.09 0.22
CA VAL E 450 75.15 0.07 1.25
C VAL E 450 75.53 -1.26 0.61
N GLY E 451 76.82 -1.61 0.71
CA GLY E 451 77.35 -2.79 0.05
C GLY E 451 77.13 -4.10 0.78
N VAL E 452 77.00 -4.04 2.11
CA VAL E 452 76.74 -5.23 2.92
C VAL E 452 75.28 -5.65 2.87
N VAL E 453 75.05 -6.96 2.86
CA VAL E 453 73.70 -7.48 3.02
C VAL E 453 73.66 -8.41 4.23
N MET E 454 72.92 -7.99 5.24
CA MET E 454 72.76 -8.75 6.47
C MET E 454 71.61 -9.73 6.36
N LEU E 455 71.73 -10.85 7.05
CA LEU E 455 70.75 -11.93 6.98
C LEU E 455 69.50 -11.63 7.81
N ASP F 5 28.80 13.33 36.82
CA ASP F 5 29.00 12.06 37.60
C ASP F 5 27.96 11.01 37.23
N LYS F 6 26.69 11.43 37.20
CA LYS F 6 25.59 10.57 36.76
C LYS F 6 25.70 10.28 35.26
N ALA F 7 26.48 11.11 34.56
CA ALA F 7 26.81 10.89 33.16
C ALA F 7 27.50 9.54 32.99
N LYS F 8 28.51 9.28 33.83
CA LYS F 8 29.19 7.98 33.85
C LYS F 8 28.24 6.85 34.19
N LYS F 9 27.34 7.10 35.15
CA LYS F 9 26.38 6.10 35.60
C LYS F 9 25.50 5.59 34.46
N LEU F 10 24.72 6.49 33.87
CA LEU F 10 23.75 6.15 32.83
C LEU F 10 24.42 5.60 31.56
N GLU F 11 25.57 6.18 31.22
CA GLU F 11 26.38 5.74 30.09
C GLU F 11 26.88 4.29 30.25
N ASN F 12 26.93 3.81 31.49
CA ASN F 12 27.32 2.44 31.78
C ASN F 12 26.19 1.43 31.72
N LEU F 13 25.02 1.78 32.28
CA LEU F 13 23.83 0.94 32.16
C LEU F 13 23.43 0.75 30.70
N LEU F 14 23.82 1.73 29.89
CA LEU F 14 23.59 1.72 28.45
C LEU F 14 24.58 0.78 27.76
N LYS F 15 25.84 0.82 28.20
CA LYS F 15 26.89 -0.04 27.66
C LYS F 15 26.68 -1.51 28.01
N LEU F 16 26.26 -1.77 29.25
CA LEU F 16 25.95 -3.13 29.69
C LEU F 16 24.69 -3.65 29.00
N LEU F 17 23.93 -2.74 28.40
CA LEU F 17 22.78 -3.11 27.58
C LEU F 17 23.26 -3.49 26.17
N GLN F 18 24.23 -2.73 25.66
CA GLN F 18 24.72 -2.86 24.29
C GLN F 18 25.73 -3.98 24.09
N LEU F 19 26.45 -4.33 25.15
CA LEU F 19 27.60 -5.23 25.05
C LEU F 19 27.27 -6.57 24.37
N ASN F 20 28.23 -7.10 23.63
CA ASN F 20 28.05 -8.35 22.89
C ASN F 20 29.36 -9.06 22.51
N ASN F 21 30.04 -8.55 21.47
CA ASN F 21 31.16 -9.23 20.85
C ASN F 21 32.03 -8.27 20.02
N HIS F 38 36.50 11.11 28.42
CA HIS F 38 35.95 11.83 27.26
C HIS F 38 36.54 13.24 27.11
N LYS F 39 37.86 13.32 27.04
CA LYS F 39 38.56 14.62 27.01
C LYS F 39 38.52 15.33 25.64
N PHE F 40 37.34 15.30 25.02
CA PHE F 40 37.07 16.07 23.81
C PHE F 40 35.58 16.43 23.67
N TRP F 41 34.72 15.41 23.65
CA TRP F 41 33.27 15.62 23.55
C TRP F 41 32.69 16.38 24.75
N ARG F 42 33.42 16.34 25.87
CA ARG F 42 33.08 17.14 27.06
C ARG F 42 33.14 18.63 26.74
N THR F 43 34.10 19.02 25.89
CA THR F 43 34.22 20.41 25.43
C THR F 43 33.51 20.62 24.08
N GLN F 44 32.40 19.91 23.89
CA GLN F 44 31.62 19.98 22.65
C GLN F 44 30.13 20.18 22.95
N PRO F 45 29.40 20.84 22.02
CA PRO F 45 27.96 21.06 22.19
C PRO F 45 27.11 19.83 21.90
N VAL F 46 27.05 18.90 22.85
CA VAL F 46 26.26 17.68 22.70
C VAL F 46 25.44 17.39 23.96
N LYS F 47 24.32 16.69 23.79
CA LYS F 47 23.52 16.24 24.92
C LYS F 47 24.39 15.37 25.84
N ASP F 48 24.16 15.49 27.15
CA ASP F 48 24.83 14.62 28.11
C ASP F 48 23.86 13.51 28.54
N PHE F 49 24.42 12.35 28.88
CA PHE F 49 23.65 11.14 29.14
C PHE F 49 22.52 11.30 30.16
N ASP F 50 22.69 12.24 31.08
CA ASP F 50 21.73 12.46 32.18
C ASP F 50 20.63 13.47 31.85
N GLU F 51 20.86 14.29 30.83
CA GLU F 51 19.97 15.41 30.47
C GLU F 51 18.59 14.95 29.97
N LYS F 52 17.54 15.51 30.57
CA LYS F 52 16.17 15.27 30.13
C LYS F 52 15.62 16.49 29.39
N VAL F 53 15.93 16.55 28.09
CA VAL F 53 15.61 17.67 27.22
C VAL F 53 14.09 17.91 27.08
N VAL F 54 13.70 19.18 27.09
CA VAL F 54 12.32 19.58 26.82
C VAL F 54 12.25 20.31 25.48
N GLU F 55 12.77 21.53 25.43
CA GLU F 55 12.80 22.32 24.19
C GLU F 55 13.91 21.81 23.27
N GLU F 56 13.59 21.67 21.98
CA GLU F 56 14.54 21.19 20.98
C GLU F 56 15.05 22.32 20.09
N GLY F 57 16.38 22.48 20.06
CA GLY F 57 17.01 23.49 19.23
C GLY F 57 18.52 23.48 19.34
N PRO F 58 19.17 24.57 18.90
CA PRO F 58 20.62 24.71 19.06
C PRO F 58 21.03 24.73 20.54
N ILE F 59 22.26 24.28 20.80
CA ILE F 59 22.87 24.34 22.12
C ILE F 59 23.85 25.51 22.12
N ASP F 60 24.62 25.59 21.04
CA ASP F 60 25.56 26.67 20.81
C ASP F 60 24.84 27.80 20.10
N LYS F 61 24.81 28.98 20.74
CA LYS F 61 24.15 30.17 20.20
C LYS F 61 24.54 30.47 18.76
N PRO F 62 23.57 30.93 17.94
CA PRO F 62 23.85 31.30 16.55
C PRO F 62 25.05 32.23 16.40
N LYS F 63 26.10 31.71 15.78
CA LYS F 63 27.29 32.47 15.45
C LYS F 63 27.33 32.67 13.93
N THR F 64 28.26 33.48 13.43
CA THR F 64 28.42 33.68 11.99
C THR F 64 29.79 33.16 11.54
N PRO F 65 30.06 33.11 10.22
CA PRO F 65 31.40 32.79 9.71
C PRO F 65 32.51 33.73 10.22
N GLU F 66 32.11 34.73 10.99
CA GLU F 66 33.06 35.66 11.62
C GLU F 66 33.33 35.25 13.07
N ASP F 67 32.71 34.15 13.49
CA ASP F 67 32.96 33.55 14.81
C ASP F 67 33.80 32.29 14.70
N ILE F 68 33.95 31.79 13.48
CA ILE F 68 34.79 30.62 13.20
C ILE F 68 35.85 30.99 12.16
N SER F 69 37.10 30.67 12.47
CA SER F 69 38.31 31.18 11.80
C SER F 69 38.37 31.02 10.27
N ASP F 70 39.56 30.76 9.75
CA ASP F 70 39.81 30.63 8.33
C ASP F 70 41.07 29.80 8.07
N LYS F 71 41.68 29.32 9.16
CA LYS F 71 42.93 28.58 9.10
C LYS F 71 42.71 27.09 9.43
N PRO F 72 43.23 26.18 8.59
CA PRO F 72 43.20 24.75 8.95
C PRO F 72 43.94 24.52 10.26
N LEU F 73 43.28 23.90 11.23
CA LEU F 73 43.82 23.73 12.58
C LEU F 73 45.19 23.07 12.62
N PRO F 74 46.02 23.44 13.62
CA PRO F 74 47.34 22.83 13.74
C PRO F 74 47.26 21.36 14.12
N LEU F 75 48.11 20.55 13.50
CA LEU F 75 48.21 19.13 13.80
C LEU F 75 49.65 18.79 14.21
N LEU F 76 49.88 17.53 14.59
CA LEU F 76 51.22 17.09 14.98
C LEU F 76 52.20 17.15 13.82
N SER F 77 53.46 17.45 14.12
CA SER F 77 54.50 17.65 13.12
C SER F 77 54.75 16.41 12.27
N SER F 78 55.03 16.63 10.99
CA SER F 78 55.22 15.55 10.02
C SER F 78 54.04 15.37 9.09
N PHE F 79 52.88 15.89 9.50
CA PHE F 79 51.63 15.76 8.76
C PHE F 79 51.15 17.08 8.13
N GLU F 80 49.99 17.03 7.49
CA GLU F 80 49.31 18.19 6.90
C GLU F 80 47.85 17.84 6.58
N TRP F 81 47.08 18.83 6.12
CA TRP F 81 45.77 18.55 5.52
C TRP F 81 45.86 18.76 4.01
N CYS F 82 45.53 17.72 3.26
CA CYS F 82 45.20 17.88 1.85
C CYS F 82 43.69 17.73 1.74
N SER F 83 43.16 17.86 0.54
CA SER F 83 41.72 17.68 0.33
C SER F 83 41.44 16.72 -0.81
N ILE F 84 40.69 15.67 -0.50
CA ILE F 84 40.34 14.63 -1.47
C ILE F 84 39.25 15.11 -2.43
N ASP F 85 39.54 14.98 -3.72
CA ASP F 85 38.56 15.24 -4.76
C ASP F 85 38.12 13.90 -5.34
N VAL F 86 36.83 13.59 -5.21
CA VAL F 86 36.29 12.30 -5.64
C VAL F 86 36.53 12.03 -7.13
N ASP F 87 36.49 13.09 -7.93
CA ASP F 87 36.69 12.98 -9.38
C ASP F 87 38.17 12.81 -9.79
N ASN F 88 39.05 12.69 -8.80
CA ASN F 88 40.45 12.36 -9.03
C ASN F 88 40.68 10.85 -8.84
N LYS F 89 41.26 10.22 -9.86
CA LYS F 89 41.56 8.79 -9.86
C LYS F 89 42.33 8.38 -8.60
N LYS F 90 43.53 8.93 -8.46
CA LYS F 90 44.44 8.57 -7.38
C LYS F 90 43.91 8.99 -6.01
N GLN F 91 43.46 10.24 -5.89
CA GLN F 91 43.00 10.79 -4.61
C GLN F 91 41.88 9.98 -3.95
N LEU F 92 41.06 9.32 -4.75
CA LEU F 92 40.04 8.44 -4.21
C LEU F 92 40.60 7.06 -3.90
N GLU F 93 41.47 6.58 -4.79
CA GLU F 93 42.14 5.30 -4.60
C GLU F 93 42.91 5.25 -3.29
N ASP F 94 43.55 6.36 -2.94
CA ASP F 94 44.20 6.51 -1.64
C ASP F 94 43.18 6.28 -0.52
N VAL F 95 42.05 6.96 -0.62
CA VAL F 95 41.00 6.91 0.41
C VAL F 95 40.51 5.49 0.64
N PHE F 96 40.14 4.78 -0.42
CA PHE F 96 39.64 3.43 -0.22
C PHE F 96 40.70 2.39 0.18
N VAL F 97 41.95 2.62 -0.21
CA VAL F 97 43.07 1.83 0.31
C VAL F 97 43.20 2.06 1.81
N LEU F 98 43.28 3.33 2.22
CA LEU F 98 43.36 3.70 3.64
C LEU F 98 42.22 3.10 4.46
N LEU F 99 41.04 3.01 3.86
CA LEU F 99 39.85 2.54 4.56
C LEU F 99 39.75 1.01 4.58
N ASN F 100 39.77 0.39 3.39
CA ASN F 100 39.78 -1.07 3.27
C ASN F 100 40.77 -1.71 4.25
N GLU F 101 41.97 -1.13 4.31
CA GLU F 101 43.05 -1.67 5.13
C GLU F 101 42.97 -1.33 6.62
N ASN F 102 42.19 -0.34 6.99
CA ASN F 102 42.16 0.10 8.39
C ASN F 102 40.79 0.07 9.07
N TYR F 103 39.74 -0.12 8.28
CA TYR F 103 38.37 -0.07 8.78
C TYR F 103 37.98 -1.28 9.62
N VAL F 104 38.60 -2.44 9.34
CA VAL F 104 38.41 -3.63 10.17
C VAL F 104 39.47 -3.64 11.27
N GLU F 105 39.03 -3.73 12.51
CA GLU F 105 39.85 -3.42 13.68
C GLU F 105 40.99 -4.41 13.95
N ASP F 106 40.63 -5.64 14.33
CA ASP F 106 41.60 -6.70 14.52
C ASP F 106 42.06 -7.20 13.16
N ARG F 107 43.38 -7.13 12.92
CA ARG F 107 43.95 -7.46 11.62
C ARG F 107 43.59 -8.87 11.16
N ASP F 108 43.66 -9.84 12.06
CA ASP F 108 43.50 -11.25 11.74
C ASP F 108 42.04 -11.71 11.63
N ALA F 109 41.11 -10.76 11.50
CA ALA F 109 39.68 -11.06 11.42
C ALA F 109 39.34 -11.93 10.21
N GLY F 110 40.16 -11.84 9.16
CA GLY F 110 39.97 -12.65 7.96
C GLY F 110 39.04 -12.03 6.94
N PHE F 111 38.31 -10.99 7.35
CA PHE F 111 37.43 -10.25 6.44
C PHE F 111 37.79 -8.77 6.43
N ARG F 112 37.86 -8.20 5.23
CA ARG F 112 38.16 -6.78 5.07
C ARG F 112 37.07 -6.07 4.30
N PHE F 113 36.89 -4.78 4.59
CA PHE F 113 35.97 -3.94 3.84
C PHE F 113 36.47 -3.79 2.40
N ASN F 114 35.54 -3.85 1.44
CA ASN F 114 35.87 -3.53 0.07
C ASN F 114 35.07 -2.37 -0.48
N TYR F 115 35.57 -1.16 -0.21
CA TYR F 115 35.09 0.04 -0.85
C TYR F 115 35.67 0.09 -2.26
N THR F 116 34.84 0.48 -3.21
CA THR F 116 35.26 0.64 -4.60
C THR F 116 35.08 2.10 -5.00
N LYS F 117 35.70 2.50 -6.11
CA LYS F 117 35.49 3.85 -6.64
C LYS F 117 34.02 4.06 -6.99
N GLU F 118 33.38 2.99 -7.48
CA GLU F 118 31.95 2.95 -7.78
C GLU F 118 31.14 3.36 -6.57
N PHE F 119 31.43 2.74 -5.42
CA PHE F 119 30.72 3.03 -4.17
C PHE F 119 30.89 4.49 -3.76
N PHE F 120 32.14 4.94 -3.65
CA PHE F 120 32.44 6.30 -3.22
C PHE F 120 31.93 7.34 -4.23
N ASN F 121 32.09 7.03 -5.51
CA ASN F 121 31.54 7.84 -6.59
C ASN F 121 30.08 8.19 -6.33
N TRP F 122 29.33 7.20 -5.84
CA TRP F 122 27.94 7.39 -5.45
C TRP F 122 27.82 8.13 -4.11
N ALA F 123 28.36 7.50 -3.07
CA ALA F 123 28.18 7.95 -1.69
C ALA F 123 28.66 9.38 -1.41
N LEU F 124 29.85 9.71 -1.92
CA LEU F 124 30.50 10.97 -1.58
C LEU F 124 30.01 12.16 -2.40
N LYS F 125 29.48 11.89 -3.59
CA LYS F 125 29.08 12.96 -4.52
C LYS F 125 27.59 13.31 -4.46
N SER F 126 27.08 13.40 -3.24
CA SER F 126 25.73 13.91 -2.99
C SER F 126 25.67 15.39 -3.42
N PRO F 127 24.48 15.87 -3.85
CA PRO F 127 24.37 17.30 -4.19
C PRO F 127 24.93 18.21 -3.10
N GLY F 128 25.81 19.13 -3.51
CA GLY F 128 26.46 20.03 -2.57
C GLY F 128 27.78 19.49 -2.06
N TRP F 129 28.35 18.51 -2.76
CA TRP F 129 29.65 17.97 -2.39
C TRP F 129 30.77 18.96 -2.69
N LYS F 130 31.53 19.31 -1.65
CA LYS F 130 32.72 20.13 -1.79
C LYS F 130 33.91 19.27 -1.38
N LYS F 131 34.99 19.33 -2.17
CA LYS F 131 36.18 18.52 -1.91
C LYS F 131 36.93 18.94 -0.64
N ASP F 132 36.60 20.13 -0.13
CA ASP F 132 37.12 20.58 1.16
C ASP F 132 36.36 19.95 2.33
N TRP F 133 35.35 19.13 2.00
CA TRP F 133 34.60 18.39 3.01
C TRP F 133 35.00 16.91 2.96
N HIS F 134 35.90 16.58 2.04
CA HIS F 134 36.57 15.28 2.00
C HIS F 134 38.01 15.49 2.47
N ILE F 135 38.14 15.74 3.78
CA ILE F 135 39.42 16.06 4.42
C ILE F 135 40.40 14.90 4.36
N GLY F 136 41.66 15.21 4.00
CA GLY F 136 42.71 14.19 3.92
C GLY F 136 44.01 14.56 4.62
N VAL F 137 44.36 13.80 5.65
CA VAL F 137 45.61 13.98 6.40
C VAL F 137 46.71 13.09 5.83
N ARG F 138 47.89 13.67 5.60
CA ARG F 138 48.98 12.94 4.94
C ARG F 138 50.35 13.15 5.60
N VAL F 139 51.29 12.26 5.27
CA VAL F 139 52.69 12.43 5.65
C VAL F 139 53.37 13.32 4.60
N LYS F 140 53.99 14.41 5.06
CA LYS F 140 54.56 15.42 4.17
C LYS F 140 55.49 14.86 3.09
N GLU F 141 56.51 14.11 3.50
CA GLU F 141 57.52 13.58 2.59
C GLU F 141 56.99 12.54 1.60
N THR F 142 56.04 11.72 2.04
CA THR F 142 55.60 10.56 1.27
C THR F 142 54.19 10.68 0.68
N GLN F 143 53.36 11.50 1.33
CA GLN F 143 51.95 11.71 0.94
C GLN F 143 51.06 10.50 1.20
N LYS F 144 51.49 9.64 2.13
CA LYS F 144 50.72 8.47 2.52
C LYS F 144 49.56 8.90 3.43
N LEU F 145 48.36 8.89 2.88
CA LEU F 145 47.15 9.30 3.58
C LEU F 145 46.93 8.44 4.82
N VAL F 146 46.93 9.08 5.99
CA VAL F 146 46.81 8.35 7.27
C VAL F 146 45.44 8.47 7.95
N ALA F 147 44.65 9.46 7.54
CA ALA F 147 43.35 9.71 8.16
C ALA F 147 42.34 10.29 7.17
N PHE F 148 41.06 10.11 7.48
CA PHE F 148 39.98 10.59 6.61
C PHE F 148 38.69 10.85 7.37
N ILE F 149 38.04 11.96 7.05
CA ILE F 149 36.70 12.26 7.53
C ILE F 149 35.90 12.87 6.37
N SER F 150 34.64 12.47 6.24
CA SER F 150 33.77 13.00 5.19
C SER F 150 32.47 13.59 5.71
N ALA F 151 31.98 14.60 4.99
CA ALA F 151 30.72 15.26 5.31
C ALA F 151 30.01 15.68 4.03
N ILE F 152 28.72 15.35 3.93
CA ILE F 152 27.88 15.85 2.83
C ILE F 152 26.69 16.62 3.37
N PRO F 153 26.35 17.76 2.73
CA PRO F 153 25.27 18.58 3.25
C PRO F 153 23.91 17.92 3.05
N VAL F 154 23.10 17.95 4.09
CA VAL F 154 21.71 17.49 4.02
C VAL F 154 20.85 18.53 4.73
N THR F 155 19.56 18.23 4.87
CA THR F 155 18.71 18.94 5.84
C THR F 155 17.92 17.88 6.59
N LEU F 156 18.06 17.87 7.91
CA LEU F 156 17.36 16.90 8.73
C LEU F 156 16.02 17.44 9.21
N GLY F 157 15.07 16.53 9.40
CA GLY F 157 13.80 16.85 10.04
C GLY F 157 13.73 16.15 11.37
N VAL F 158 13.78 16.92 12.45
CA VAL F 158 13.68 16.38 13.80
C VAL F 158 12.29 16.67 14.36
N ARG F 159 11.50 15.60 14.52
CA ARG F 159 10.12 15.66 15.04
C ARG F 159 9.18 16.56 14.24
N GLY F 160 9.75 17.43 13.42
CA GLY F 160 9.00 18.38 12.62
C GLY F 160 9.90 19.49 12.11
N LYS F 161 10.68 20.07 13.02
CA LYS F 161 11.56 21.20 12.71
C LYS F 161 12.62 20.87 11.67
N GLN F 162 12.71 21.71 10.65
CA GLN F 162 13.75 21.60 9.64
C GLN F 162 15.08 22.07 10.23
N VAL F 163 16.06 21.18 10.25
CA VAL F 163 17.39 21.48 10.78
C VAL F 163 18.43 21.34 9.67
N PRO F 164 18.72 22.45 8.95
CA PRO F 164 19.71 22.43 7.87
C PRO F 164 21.09 22.00 8.40
N SER F 165 21.48 20.77 8.08
CA SER F 165 22.63 20.14 8.71
C SER F 165 23.55 19.37 7.75
N VAL F 166 24.30 18.42 8.30
CA VAL F 166 25.30 17.65 7.55
C VAL F 166 25.52 16.26 8.14
N GLU F 167 25.66 15.26 7.27
CA GLU F 167 26.00 13.90 7.68
C GLU F 167 27.52 13.72 7.68
N ILE F 168 28.02 12.91 8.62
CA ILE F 168 29.46 12.58 8.67
C ILE F 168 29.67 11.07 8.81
N ASN F 169 30.48 10.53 7.91
CA ASN F 169 30.90 9.13 7.96
C ASN F 169 32.30 8.96 7.38
N PHE F 170 32.78 7.72 7.35
CA PHE F 170 34.08 7.35 6.80
C PHE F 170 35.30 7.85 7.60
N LEU F 171 35.10 8.07 8.89
CA LEU F 171 36.21 8.43 9.78
C LEU F 171 37.10 7.21 9.96
N CYS F 172 38.36 7.34 9.55
CA CYS F 172 39.29 6.22 9.62
C CYS F 172 40.73 6.68 9.82
N VAL F 173 41.24 6.46 11.02
CA VAL F 173 42.63 6.76 11.37
C VAL F 173 43.47 5.50 11.19
N HIS F 174 44.62 5.65 10.54
CA HIS F 174 45.55 4.55 10.29
C HIS F 174 45.88 3.81 11.59
N LYS F 175 45.87 2.48 11.51
CA LYS F 175 46.09 1.61 12.67
C LYS F 175 47.40 1.91 13.40
N GLN F 176 48.45 2.15 12.62
CA GLN F 176 49.80 2.36 13.15
C GLN F 176 49.86 3.52 14.16
N LEU F 177 48.97 4.50 14.00
CA LEU F 177 48.98 5.66 14.90
C LEU F 177 47.61 6.00 15.51
N ARG F 178 47.00 4.98 16.13
CA ARG F 178 45.72 5.17 16.83
C ARG F 178 45.97 5.61 18.27
N SER F 179 44.89 5.76 19.05
CA SER F 179 44.97 6.22 20.44
C SER F 179 46.00 7.33 20.60
N LYS F 180 45.94 8.31 19.69
CA LYS F 180 46.89 9.41 19.62
C LYS F 180 46.24 10.78 19.68
N ARG F 181 44.93 10.79 19.94
CA ARG F 181 44.12 12.02 19.99
C ARG F 181 44.22 12.86 18.70
N LEU F 182 44.05 12.18 17.56
CA LEU F 182 43.99 12.84 16.26
C LEU F 182 42.54 12.97 15.79
N THR F 183 41.70 12.02 16.22
CA THR F 183 40.26 12.04 15.93
C THR F 183 39.57 13.30 16.49
N PRO F 184 39.80 13.64 17.79
CA PRO F 184 39.30 14.92 18.30
C PRO F 184 39.68 16.09 17.41
N VAL F 185 40.95 16.14 17.01
CA VAL F 185 41.46 17.18 16.11
C VAL F 185 40.87 17.07 14.70
N LEU F 186 40.49 15.85 14.30
CA LEU F 186 39.86 15.62 13.01
C LEU F 186 38.44 16.16 12.95
N ILE F 187 37.68 15.95 14.02
CA ILE F 187 36.32 16.48 14.13
C ILE F 187 36.32 18.02 14.06
N LYS F 188 37.11 18.63 14.95
CA LYS F 188 37.24 20.09 15.03
C LYS F 188 37.38 20.75 13.67
N GLU F 189 38.25 20.19 12.83
CA GLU F 189 38.57 20.74 11.52
C GLU F 189 37.39 20.73 10.55
N ILE F 190 36.61 19.65 10.54
CA ILE F 190 35.43 19.60 9.68
C ILE F 190 34.33 20.50 10.23
N THR F 191 34.16 20.50 11.56
CA THR F 191 33.25 21.44 12.22
C THR F 191 33.59 22.85 11.73
N ARG F 192 34.88 23.19 11.79
CA ARG F 192 35.42 24.46 11.32
C ARG F 192 35.09 24.70 9.84
N ARG F 193 35.20 23.66 9.01
CA ARG F 193 34.92 23.79 7.58
C ARG F 193 33.41 23.82 7.30
N VAL F 194 32.62 23.26 8.20
CA VAL F 194 31.15 23.23 8.06
C VAL F 194 30.55 24.56 8.45
N ASN F 195 30.81 25.00 9.69
CA ASN F 195 30.31 26.28 10.20
C ASN F 195 30.69 27.45 9.31
N LYS F 196 31.86 27.36 8.65
CA LYS F 196 32.34 28.37 7.71
C LYS F 196 31.33 28.59 6.56
N CYS F 197 30.32 27.73 6.48
CA CYS F 197 29.25 27.86 5.50
C CYS F 197 27.84 27.80 6.12
N ASP F 198 27.68 28.49 7.25
CA ASP F 198 26.37 28.71 7.91
C ASP F 198 25.65 27.50 8.53
N ILE F 199 26.08 26.28 8.19
CA ILE F 199 25.45 25.07 8.74
C ILE F 199 25.99 24.77 10.14
N TRP F 200 25.09 24.53 11.09
CA TRP F 200 25.42 24.49 12.51
C TRP F 200 25.19 23.16 13.25
N HIS F 201 24.77 22.13 12.53
CA HIS F 201 24.40 20.85 13.17
C HIS F 201 24.80 19.66 12.31
N ALA F 202 24.80 18.46 12.91
CA ALA F 202 25.22 17.25 12.22
C ALA F 202 24.54 15.97 12.70
N LEU F 203 24.46 14.97 11.82
CA LEU F 203 24.03 13.62 12.20
C LEU F 203 25.19 12.64 12.02
N TYR F 204 25.48 11.88 13.07
CA TYR F 204 26.52 10.86 13.01
C TYR F 204 26.14 9.60 13.78
N THR F 205 26.62 8.47 13.27
CA THR F 205 26.29 7.16 13.83
C THR F 205 27.56 6.39 14.19
N ALA F 206 27.47 5.54 15.21
CA ALA F 206 28.62 4.78 15.69
C ALA F 206 28.20 3.49 16.38
N GLY F 207 29.03 2.45 16.23
CA GLY F 207 28.87 1.22 17.01
C GLY F 207 29.15 1.50 18.47
N ILE F 208 30.08 2.42 18.72
CA ILE F 208 30.49 2.80 20.07
C ILE F 208 29.58 3.89 20.66
N VAL F 209 29.53 3.93 21.99
CA VAL F 209 28.71 4.91 22.73
C VAL F 209 29.48 6.20 23.01
N LEU F 210 28.93 7.31 22.51
CA LEU F 210 29.48 8.65 22.74
C LEU F 210 28.39 9.55 23.34
N PRO F 211 28.76 10.75 23.85
CA PRO F 211 27.74 11.65 24.40
C PRO F 211 26.61 12.04 23.45
N ALA F 212 25.37 11.73 23.84
CA ALA F 212 24.13 12.13 23.16
C ALA F 212 23.44 11.06 22.29
N PRO F 213 23.34 9.81 22.77
CA PRO F 213 22.58 8.82 21.98
C PRO F 213 21.09 9.16 21.92
N VAL F 214 20.68 9.74 20.80
CA VAL F 214 19.30 10.18 20.59
C VAL F 214 18.40 8.98 20.30
N SER F 215 19.00 7.94 19.72
CA SER F 215 18.31 6.65 19.53
C SER F 215 19.31 5.52 19.32
N THR F 216 18.90 4.31 19.65
CA THR F 216 19.71 3.12 19.45
C THR F 216 19.00 2.12 18.56
N CYS F 217 19.71 1.61 17.55
CA CYS F 217 19.20 0.59 16.65
C CYS F 217 20.11 -0.63 16.60
N ARG F 218 19.57 -1.77 16.17
CA ARG F 218 20.32 -3.02 16.09
C ARG F 218 20.27 -3.63 14.68
N TYR F 219 21.32 -4.36 14.31
CA TYR F 219 21.38 -5.02 12.99
C TYR F 219 20.79 -6.43 12.97
N THR F 220 20.30 -6.84 11.80
CA THR F 220 19.83 -8.20 11.54
C THR F 220 20.36 -8.67 10.19
N HIS F 221 20.26 -9.98 9.92
CA HIS F 221 20.76 -10.54 8.65
C HIS F 221 19.87 -11.66 8.09
N ARG F 222 19.33 -11.45 6.91
CA ARG F 222 18.68 -12.53 6.17
C ARG F 222 19.77 -13.23 5.35
N PRO F 223 20.01 -14.52 5.62
CA PRO F 223 20.94 -15.28 4.80
C PRO F 223 20.39 -15.42 3.39
N LEU F 224 21.14 -14.99 2.40
CA LEU F 224 20.74 -15.17 1.00
C LEU F 224 21.43 -16.41 0.46
N ASN F 225 22.53 -16.75 1.13
CA ASN F 225 23.36 -17.88 0.80
C ASN F 225 23.91 -18.41 2.11
N TRP F 226 23.17 -19.31 2.75
CA TRP F 226 23.61 -19.86 4.03
C TRP F 226 24.96 -20.61 3.90
N LYS F 227 25.01 -21.58 2.99
CA LYS F 227 26.20 -22.41 2.80
C LYS F 227 27.49 -21.60 2.77
N LYS F 228 27.48 -20.47 2.07
CA LYS F 228 28.66 -19.61 1.98
C LYS F 228 29.00 -18.93 3.29
N LEU F 229 27.99 -18.37 3.96
CA LEU F 229 28.22 -17.68 5.23
C LEU F 229 28.73 -18.65 6.29
N TYR F 230 28.21 -19.88 6.27
CA TYR F 230 28.67 -20.93 7.17
C TYR F 230 30.10 -21.40 6.85
N GLU F 231 30.37 -21.59 5.56
CA GLU F 231 31.71 -21.93 5.06
C GLU F 231 32.74 -20.80 5.23
N VAL F 232 32.27 -19.60 5.53
CA VAL F 232 33.15 -18.45 5.75
C VAL F 232 33.12 -18.04 7.23
N ASP F 233 32.31 -18.76 8.02
CA ASP F 233 32.20 -18.57 9.46
C ASP F 233 31.61 -17.20 9.83
N PHE F 234 30.56 -16.81 9.11
CA PHE F 234 29.77 -15.63 9.47
C PHE F 234 28.42 -16.02 10.07
N THR F 235 28.15 -17.32 10.09
CA THR F 235 27.03 -17.90 10.84
C THR F 235 27.42 -19.27 11.38
N GLY F 236 26.95 -19.57 12.59
CA GLY F 236 27.19 -20.86 13.22
C GLY F 236 26.15 -21.89 12.81
N LEU F 237 26.35 -23.13 13.21
CA LEU F 237 25.41 -24.21 12.91
C LEU F 237 24.63 -24.59 14.17
N PRO F 238 23.33 -24.22 14.21
CA PRO F 238 22.43 -24.46 15.32
C PRO F 238 22.55 -25.86 15.94
N ASP F 239 22.50 -25.89 17.27
CA ASP F 239 22.61 -27.11 18.06
C ASP F 239 21.66 -28.19 17.53
N GLY F 240 22.25 -29.29 17.05
CA GLY F 240 21.49 -30.39 16.47
C GLY F 240 20.71 -29.98 15.22
N HIS F 241 21.43 -29.73 14.13
CA HIS F 241 20.85 -29.41 12.83
C HIS F 241 21.83 -29.74 11.71
N THR F 242 21.32 -30.30 10.63
CA THR F 242 22.14 -30.61 9.46
C THR F 242 22.41 -29.34 8.66
N GLU F 243 23.61 -29.26 8.11
CA GLU F 243 23.96 -28.26 7.12
C GLU F 243 22.79 -28.16 6.12
N GLU F 244 22.32 -29.33 5.68
CA GLU F 244 21.18 -29.48 4.76
C GLU F 244 19.89 -28.80 5.21
N ASP F 245 19.57 -28.90 6.51
CA ASP F 245 18.35 -28.29 7.07
C ASP F 245 18.36 -26.77 6.92
N MET F 246 19.54 -26.19 7.10
CA MET F 246 19.71 -24.74 7.05
C MET F 246 19.60 -24.20 5.62
N ILE F 247 20.11 -24.97 4.66
CA ILE F 247 19.96 -24.62 3.25
C ILE F 247 18.48 -24.59 2.91
N ALA F 248 17.79 -25.68 3.27
CA ALA F 248 16.37 -25.85 3.02
C ALA F 248 15.51 -24.82 3.75
N GLU F 249 16.03 -24.31 4.86
CA GLU F 249 15.35 -23.27 5.63
C GLU F 249 15.38 -21.92 4.91
N ASN F 250 16.58 -21.44 4.61
CA ASN F 250 16.78 -20.12 4.02
C ASN F 250 16.68 -20.12 2.50
N ALA F 251 16.18 -21.22 1.93
CA ALA F 251 15.97 -21.36 0.49
C ALA F 251 15.04 -20.26 -0.02
N LEU F 252 15.37 -19.72 -1.20
CA LEU F 252 14.75 -18.51 -1.70
C LEU F 252 14.55 -18.58 -3.23
N PRO F 253 13.31 -18.37 -3.71
CA PRO F 253 12.94 -18.51 -5.14
C PRO F 253 13.76 -17.64 -6.10
N ALA F 254 13.79 -18.03 -7.37
CA ALA F 254 14.56 -17.31 -8.39
C ALA F 254 13.87 -16.03 -8.86
N LYS F 255 12.54 -16.07 -8.96
CA LYS F 255 11.74 -14.95 -9.47
C LYS F 255 11.02 -14.19 -8.35
N THR F 256 10.79 -12.89 -8.56
CA THR F 256 10.04 -12.06 -7.61
C THR F 256 8.54 -12.32 -7.70
N LYS F 257 7.85 -12.11 -6.57
CA LYS F 257 6.43 -12.49 -6.42
C LYS F 257 5.40 -11.43 -6.78
N THR F 258 5.60 -10.19 -6.31
CA THR F 258 4.54 -9.17 -6.35
C THR F 258 4.38 -8.45 -7.70
N ALA F 259 3.19 -8.60 -8.28
CA ALA F 259 2.84 -8.01 -9.57
C ALA F 259 3.05 -6.50 -9.60
N GLY F 260 3.57 -6.00 -10.71
CA GLY F 260 3.85 -4.58 -10.87
C GLY F 260 5.27 -4.17 -10.53
N LEU F 261 6.03 -5.09 -9.93
CA LEU F 261 7.42 -4.81 -9.53
C LEU F 261 8.35 -4.59 -10.72
N ARG F 262 9.13 -3.52 -10.65
CA ARG F 262 9.90 -3.01 -11.79
C ARG F 262 11.01 -2.09 -11.33
N LYS F 263 12.16 -2.18 -12.00
CA LYS F 263 13.29 -1.27 -11.75
C LYS F 263 12.82 0.18 -11.76
N LEU F 264 13.27 0.95 -10.77
CA LEU F 264 12.94 2.37 -10.70
C LEU F 264 13.62 3.13 -11.83
N LYS F 265 12.80 3.79 -12.64
CA LYS F 265 13.30 4.54 -13.80
C LYS F 265 13.17 6.04 -13.64
N LYS F 266 13.86 6.79 -14.50
CA LYS F 266 13.93 8.26 -14.46
C LYS F 266 12.55 8.93 -14.38
N GLU F 267 11.59 8.42 -15.14
CA GLU F 267 10.24 8.98 -15.22
C GLU F 267 9.52 8.98 -13.88
N ASP F 268 9.49 7.82 -13.23
CA ASP F 268 8.72 7.60 -12.00
C ASP F 268 9.10 8.55 -10.86
N ILE F 269 10.23 9.25 -11.03
CA ILE F 269 10.78 10.15 -10.02
C ILE F 269 9.76 11.03 -9.28
N ASP F 270 8.90 11.74 -10.02
CA ASP F 270 7.98 12.72 -9.43
C ASP F 270 6.84 12.13 -8.61
N GLN F 271 6.28 11.02 -9.08
CA GLN F 271 5.24 10.31 -8.35
C GLN F 271 5.81 9.69 -7.08
N VAL F 272 6.95 9.01 -7.23
CA VAL F 272 7.60 8.28 -6.13
C VAL F 272 8.10 9.21 -5.03
N PHE F 273 8.64 10.37 -5.41
CA PHE F 273 9.11 11.37 -4.46
C PHE F 273 7.98 11.80 -3.51
N GLU F 274 6.80 12.03 -4.07
CA GLU F 274 5.61 12.37 -3.29
C GLU F 274 5.24 11.22 -2.36
N LEU F 275 5.02 10.05 -2.96
CA LEU F 275 4.78 8.81 -2.22
C LEU F 275 5.77 8.66 -1.06
N PHE F 276 7.05 8.88 -1.33
CA PHE F 276 8.07 8.78 -0.30
C PHE F 276 7.89 9.83 0.79
N LYS F 277 7.72 11.10 0.41
CA LYS F 277 7.50 12.20 1.36
C LYS F 277 6.35 11.91 2.32
N ARG F 278 5.25 11.42 1.76
CA ARG F 278 4.06 11.05 2.53
C ARG F 278 4.33 9.94 3.56
N TYR F 279 4.80 8.79 3.10
CA TYR F 279 5.06 7.67 4.00
C TYR F 279 6.15 7.98 5.02
N GLN F 280 7.23 8.61 4.55
CA GLN F 280 8.39 8.91 5.36
C GLN F 280 8.10 9.97 6.43
N SER F 281 7.03 10.74 6.22
CA SER F 281 6.66 11.83 7.13
C SER F 281 6.21 11.37 8.52
N ARG F 282 6.09 10.06 8.71
CA ARG F 282 5.57 9.51 9.97
C ARG F 282 6.62 9.40 11.07
N PHE F 283 7.89 9.29 10.68
CA PHE F 283 8.98 9.11 11.63
C PHE F 283 9.41 10.45 12.22
N GLU F 284 10.15 10.40 13.32
CA GLU F 284 10.58 11.63 14.00
C GLU F 284 11.90 12.19 13.48
N LEU F 285 12.85 11.30 13.18
CA LEU F 285 14.15 11.70 12.63
C LEU F 285 14.26 11.19 11.21
N ILE F 286 14.34 12.10 10.24
CA ILE F 286 14.47 11.72 8.83
C ILE F 286 15.41 12.67 8.09
N GLN F 287 15.76 12.31 6.86
CA GLN F 287 16.40 13.26 5.96
C GLN F 287 15.35 13.87 5.06
N ILE F 288 15.26 15.20 5.08
CA ILE F 288 14.37 15.94 4.18
C ILE F 288 15.06 16.02 2.83
N PHE F 289 14.49 15.33 1.85
CA PHE F 289 15.07 15.25 0.52
C PHE F 289 14.56 16.36 -0.39
N THR F 290 15.48 16.92 -1.17
CA THR F 290 15.12 17.72 -2.32
C THR F 290 14.94 16.74 -3.47
N LYS F 291 14.10 17.10 -4.44
CA LYS F 291 13.82 16.22 -5.58
C LYS F 291 15.08 15.66 -6.26
N GLU F 292 16.18 16.42 -6.21
CA GLU F 292 17.40 16.03 -6.91
C GLU F 292 18.28 15.06 -6.11
N GLU F 293 18.37 15.28 -4.79
CA GLU F 293 19.10 14.35 -3.93
C GLU F 293 18.28 13.08 -3.66
N PHE F 294 17.00 13.10 -4.03
CA PHE F 294 16.22 11.88 -4.12
C PHE F 294 16.65 11.11 -5.37
N GLU F 295 16.96 11.84 -6.46
CA GLU F 295 17.28 11.18 -7.73
C GLU F 295 18.72 10.68 -7.87
N HIS F 296 19.68 11.35 -7.22
CA HIS F 296 21.05 10.82 -7.19
C HIS F 296 21.14 9.63 -6.26
N ASN F 297 20.41 9.71 -5.15
CA ASN F 297 20.46 8.70 -4.11
C ASN F 297 19.69 7.42 -4.47
N PHE F 298 19.06 7.38 -5.65
CA PHE F 298 18.25 6.22 -6.04
C PHE F 298 18.39 5.74 -7.49
N ILE F 299 18.81 6.60 -8.41
CA ILE F 299 19.20 6.14 -9.75
C ILE F 299 20.72 5.99 -9.79
N GLY F 300 21.17 4.75 -9.93
CA GLY F 300 22.60 4.43 -9.89
C GLY F 300 23.37 5.06 -11.02
N GLU F 301 24.69 5.16 -10.84
CA GLU F 301 25.60 5.55 -11.92
C GLU F 301 25.28 4.69 -13.15
N GLU F 302 25.11 5.37 -14.29
CA GLU F 302 24.60 4.72 -15.50
C GLU F 302 25.55 3.66 -16.03
N SER F 303 24.99 2.49 -16.34
CA SER F 303 25.69 1.37 -17.00
C SER F 303 26.93 0.85 -16.26
N LEU F 304 26.75 0.48 -15.00
CA LEU F 304 27.75 -0.28 -14.26
C LEU F 304 27.44 -1.75 -14.44
N PRO F 305 28.47 -2.61 -14.53
CA PRO F 305 28.20 -4.05 -14.50
C PRO F 305 27.64 -4.47 -13.15
N LEU F 306 26.96 -5.62 -13.10
CA LEU F 306 26.30 -6.06 -11.87
C LEU F 306 27.26 -6.23 -10.69
N ASP F 307 28.50 -6.64 -10.98
CA ASP F 307 29.52 -6.85 -9.94
C ASP F 307 30.06 -5.55 -9.34
N LYS F 308 29.61 -4.41 -9.86
CA LYS F 308 30.09 -3.10 -9.43
C LYS F 308 28.94 -2.15 -9.05
N GLN F 309 27.70 -2.56 -9.34
CA GLN F 309 26.52 -1.74 -9.04
C GLN F 309 26.41 -1.46 -7.55
N VAL F 310 25.94 -0.26 -7.22
CA VAL F 310 25.95 0.23 -5.84
C VAL F 310 24.54 0.30 -5.24
N ILE F 311 23.68 1.10 -5.86
CA ILE F 311 22.31 1.27 -5.38
C ILE F 311 21.37 0.44 -6.25
N PHE F 312 20.40 -0.20 -5.61
CA PHE F 312 19.38 -0.96 -6.32
C PHE F 312 18.04 -0.41 -5.87
N SER F 313 17.28 0.18 -6.81
CA SER F 313 16.03 0.85 -6.48
C SER F 313 14.86 0.30 -7.29
N TYR F 314 13.78 -0.05 -6.60
CA TYR F 314 12.65 -0.75 -7.22
C TYR F 314 11.31 -0.06 -6.99
N VAL F 315 10.31 -0.47 -7.76
CA VAL F 315 9.02 0.21 -7.78
C VAL F 315 7.89 -0.76 -8.18
N VAL F 316 6.65 -0.45 -7.78
CA VAL F 316 5.50 -1.32 -8.09
C VAL F 316 4.40 -0.52 -8.78
N GLU F 317 4.12 -0.88 -10.04
CA GLU F 317 3.14 -0.16 -10.85
C GLU F 317 1.81 -0.88 -10.97
N GLN F 318 0.73 -0.17 -10.65
CA GLN F 318 -0.63 -0.65 -10.89
C GLN F 318 -0.94 -0.56 -12.39
N PRO F 319 -1.89 -1.38 -12.88
CA PRO F 319 -2.16 -1.40 -14.32
C PRO F 319 -2.51 -0.03 -14.89
N ASP F 320 -3.10 0.82 -14.06
CA ASP F 320 -3.44 2.19 -14.43
C ASP F 320 -2.20 3.09 -14.62
N GLY F 321 -1.10 2.75 -13.94
CA GLY F 321 0.14 3.51 -14.04
C GLY F 321 0.61 4.10 -12.71
N LYS F 322 -0.18 3.86 -11.66
CA LYS F 322 0.12 4.36 -10.33
C LYS F 322 1.19 3.53 -9.64
N ILE F 323 2.05 4.21 -8.88
CA ILE F 323 3.08 3.57 -8.08
C ILE F 323 2.55 3.36 -6.65
N THR F 324 2.23 2.10 -6.31
CA THR F 324 1.74 1.78 -4.97
C THR F 324 2.88 1.84 -3.95
N ASP F 325 4.03 1.31 -4.34
CA ASP F 325 5.19 1.16 -3.45
C ASP F 325 6.54 1.18 -4.16
N PHE F 326 7.58 1.46 -3.38
CA PHE F 326 8.95 1.43 -3.88
C PHE F 326 9.91 0.99 -2.76
N PHE F 327 11.01 0.34 -3.14
CA PHE F 327 12.07 0.03 -2.18
C PHE F 327 13.48 0.06 -2.82
N SER F 328 14.50 -0.01 -1.97
CA SER F 328 15.88 0.04 -2.44
C SER F 328 16.88 -0.56 -1.47
N PHE F 329 17.98 -1.07 -2.00
CA PHE F 329 19.12 -1.50 -1.20
C PHE F 329 20.44 -1.12 -1.87
N TYR F 330 21.47 -0.89 -1.06
CA TYR F 330 22.80 -0.60 -1.58
C TYR F 330 23.76 -1.75 -1.27
N SER F 331 24.69 -1.99 -2.19
CA SER F 331 25.71 -3.02 -2.03
C SER F 331 26.97 -2.44 -1.41
N LEU F 332 27.51 -3.14 -0.42
CA LEU F 332 28.79 -2.78 0.17
C LEU F 332 29.51 -4.06 0.59
N PRO F 333 30.23 -4.68 -0.37
CA PRO F 333 30.79 -6.03 -0.24
C PRO F 333 31.97 -6.11 0.72
N PHE F 334 32.23 -7.32 1.21
CA PHE F 334 33.47 -7.61 1.94
C PHE F 334 34.44 -8.36 1.05
N THR F 335 35.70 -8.41 1.49
CA THR F 335 36.71 -9.24 0.84
C THR F 335 37.27 -10.22 1.88
N ILE F 336 37.13 -11.52 1.59
CA ILE F 336 37.49 -12.58 2.54
C ILE F 336 38.92 -13.06 2.35
N LEU F 337 39.64 -13.21 3.46
CA LEU F 337 41.01 -13.72 3.45
C LEU F 337 41.08 -15.07 4.15
N ASN F 338 42.24 -15.73 4.00
CA ASN F 338 42.53 -17.01 4.64
C ASN F 338 41.50 -18.10 4.36
N ASN F 339 40.78 -17.96 3.25
CA ASN F 339 39.78 -18.94 2.86
C ASN F 339 40.12 -19.58 1.52
N THR F 340 40.09 -20.91 1.51
CA THR F 340 40.60 -21.70 0.40
C THR F 340 39.64 -21.78 -0.78
N LYS F 341 38.44 -21.22 -0.62
CA LYS F 341 37.40 -21.33 -1.63
C LYS F 341 36.78 -19.97 -1.99
N TYR F 342 36.51 -19.16 -0.98
CA TYR F 342 35.85 -17.87 -1.18
C TYR F 342 36.80 -16.69 -1.00
N LYS F 343 36.61 -15.66 -1.83
CA LYS F 343 37.46 -14.47 -1.81
C LYS F 343 36.72 -13.21 -1.36
N ASP F 344 35.39 -13.21 -1.49
CA ASP F 344 34.58 -12.05 -1.12
C ASP F 344 33.15 -12.42 -0.73
N LEU F 345 32.52 -11.53 0.05
CA LEU F 345 31.17 -11.75 0.53
C LEU F 345 30.24 -10.64 0.05
N GLY F 346 29.16 -11.02 -0.63
CA GLY F 346 28.17 -10.06 -1.09
C GLY F 346 27.39 -9.52 0.07
N ILE F 347 27.35 -8.19 0.20
CA ILE F 347 26.57 -7.56 1.26
C ILE F 347 25.57 -6.57 0.69
N GLY F 348 24.30 -6.81 0.97
CA GLY F 348 23.23 -5.89 0.63
C GLY F 348 22.56 -5.39 1.89
N TYR F 349 22.55 -4.08 2.09
CA TYR F 349 21.87 -3.47 3.22
C TYR F 349 20.59 -2.81 2.72
N LEU F 350 19.48 -3.08 3.41
CA LEU F 350 18.20 -2.48 3.07
C LEU F 350 18.22 -0.99 3.35
N TYR F 351 18.04 -0.20 2.28
CA TYR F 351 18.10 1.26 2.36
C TYR F 351 16.72 1.84 2.63
N TYR F 352 16.23 2.66 1.71
CA TYR F 352 14.94 3.34 1.85
C TYR F 352 13.81 2.65 1.09
N TYR F 353 12.61 2.76 1.63
CA TYR F 353 11.41 2.23 0.98
C TYR F 353 10.18 3.06 1.33
N ALA F 354 9.10 2.83 0.59
CA ALA F 354 7.82 3.49 0.82
C ALA F 354 6.67 2.62 0.32
N THR F 355 5.50 2.78 0.94
CA THR F 355 4.28 2.07 0.55
C THR F 355 3.04 2.69 1.19
N ASP F 356 1.95 2.72 0.43
CA ASP F 356 0.70 3.29 0.92
C ASP F 356 0.06 2.42 2.00
N ALA F 357 -0.09 1.13 1.71
CA ALA F 357 -0.80 0.17 2.56
C ALA F 357 -1.76 0.83 3.57
N ASP F 358 -1.21 1.31 4.68
CA ASP F 358 -2.01 1.89 5.77
C ASP F 358 -2.33 3.38 5.58
N PHE F 359 -2.27 3.87 4.34
CA PHE F 359 -2.67 5.26 4.04
C PHE F 359 -4.18 5.45 4.16
N GLN F 360 -4.90 4.33 4.18
CA GLN F 360 -6.36 4.32 4.19
C GLN F 360 -6.94 4.40 5.60
N PHE F 361 -6.06 4.47 6.59
CA PHE F 361 -6.46 4.29 7.98
C PHE F 361 -6.24 5.51 8.87
N LYS F 362 -6.86 5.48 10.04
CA LYS F 362 -6.78 6.58 11.00
C LYS F 362 -5.38 6.69 11.61
N ASP F 363 -5.09 5.80 12.54
CA ASP F 363 -3.84 5.84 13.28
C ASP F 363 -2.85 4.81 12.75
N ARG F 364 -1.57 5.16 12.83
CA ARG F 364 -0.47 4.30 12.42
C ARG F 364 -0.44 2.97 13.19
N PHE F 365 -0.74 3.05 14.49
CA PHE F 365 -0.64 1.88 15.37
C PHE F 365 -1.97 1.16 15.57
N ASP F 366 -2.98 1.53 14.77
CA ASP F 366 -4.26 0.84 14.76
C ASP F 366 -4.04 -0.60 14.30
N PRO F 367 -4.37 -1.59 15.16
CA PRO F 367 -4.15 -3.01 14.89
C PRO F 367 -4.42 -3.44 13.45
N LYS F 368 -5.59 -3.07 12.93
CA LYS F 368 -6.03 -3.45 11.59
C LYS F 368 -5.22 -2.80 10.47
N ALA F 369 -4.79 -1.56 10.68
CA ALA F 369 -3.95 -0.84 9.72
C ALA F 369 -2.58 -1.48 9.63
N THR F 370 -1.91 -1.54 10.78
CA THR F 370 -0.60 -2.18 10.94
C THR F 370 -0.57 -3.56 10.29
N LYS F 371 -1.63 -4.33 10.48
CA LYS F 371 -1.76 -5.66 9.91
C LYS F 371 -1.55 -5.63 8.39
N ALA F 372 -2.32 -4.77 7.72
CA ALA F 372 -2.24 -4.59 6.27
C ALA F 372 -0.91 -3.98 5.82
N LEU F 373 -0.26 -3.23 6.72
CA LEU F 373 1.08 -2.68 6.46
C LEU F 373 2.12 -3.80 6.49
N LYS F 374 2.04 -4.63 7.54
CA LYS F 374 2.94 -5.79 7.70
C LYS F 374 2.94 -6.70 6.49
N THR F 375 1.75 -7.14 6.07
CA THR F 375 1.60 -8.06 4.94
C THR F 375 2.16 -7.51 3.63
N ARG F 376 2.08 -6.20 3.44
CA ARG F 376 2.66 -5.56 2.25
C ARG F 376 4.19 -5.56 2.32
N LEU F 377 4.71 -5.10 3.46
CA LEU F 377 6.15 -5.06 3.70
C LEU F 377 6.77 -6.46 3.64
N CYS F 378 6.07 -7.44 4.21
CA CYS F 378 6.49 -8.84 4.14
C CYS F 378 6.59 -9.32 2.70
N GLU F 379 5.65 -8.90 1.86
CA GLU F 379 5.63 -9.27 0.45
C GLU F 379 6.69 -8.52 -0.35
N LEU F 380 6.84 -7.23 -0.07
CA LEU F 380 7.81 -6.38 -0.77
C LEU F 380 9.25 -6.81 -0.50
N ILE F 381 9.64 -6.78 0.77
CA ILE F 381 11.01 -7.11 1.17
C ILE F 381 11.33 -8.57 0.86
N TYR F 382 10.30 -9.42 0.81
CA TYR F 382 10.51 -10.79 0.38
C TYR F 382 11.17 -10.77 -0.99
N ASP F 383 10.67 -9.92 -1.88
CA ASP F 383 11.27 -9.75 -3.21
C ASP F 383 12.63 -9.08 -3.16
N ALA F 384 12.83 -8.18 -2.20
CA ALA F 384 14.15 -7.57 -2.01
C ALA F 384 15.20 -8.66 -1.87
N CYS F 385 14.96 -9.58 -0.93
CA CYS F 385 15.85 -10.71 -0.71
C CYS F 385 16.03 -11.56 -1.97
N ILE F 386 14.95 -11.73 -2.72
CA ILE F 386 15.01 -12.42 -4.01
C ILE F 386 15.95 -11.68 -4.97
N LEU F 387 15.79 -10.36 -5.03
CA LEU F 387 16.59 -9.53 -5.94
C LEU F 387 18.04 -9.43 -5.50
N ALA F 388 18.24 -9.26 -4.20
CA ALA F 388 19.56 -9.21 -3.60
C ALA F 388 20.32 -10.49 -3.91
N LYS F 389 19.69 -11.64 -3.61
CA LYS F 389 20.24 -12.95 -3.92
C LYS F 389 20.63 -13.05 -5.40
N ASN F 390 19.72 -12.67 -6.30
CA ASN F 390 19.97 -12.66 -7.74
C ASN F 390 21.03 -11.67 -8.21
N ALA F 391 21.46 -10.80 -7.30
CA ALA F 391 22.56 -9.89 -7.57
C ALA F 391 23.85 -10.44 -6.96
N ASN F 392 23.84 -11.75 -6.71
CA ASN F 392 24.96 -12.48 -6.07
C ASN F 392 25.41 -11.90 -4.73
N MET F 393 24.47 -11.29 -4.01
CA MET F 393 24.71 -10.90 -2.63
C MET F 393 24.55 -12.17 -1.80
N ASP F 394 25.23 -12.23 -0.65
CA ASP F 394 25.18 -13.42 0.19
C ASP F 394 24.42 -13.17 1.49
N VAL F 395 24.34 -11.90 1.87
CA VAL F 395 23.68 -11.51 3.12
C VAL F 395 22.87 -10.23 2.92
N PHE F 396 21.75 -10.13 3.61
CA PHE F 396 20.90 -8.95 3.54
C PHE F 396 20.74 -8.29 4.91
N ASN F 397 21.17 -7.03 5.01
CA ASN F 397 21.18 -6.31 6.27
C ASN F 397 20.03 -5.32 6.44
N ALA F 398 19.39 -5.39 7.59
CA ALA F 398 18.32 -4.45 7.94
C ALA F 398 18.41 -4.06 9.41
N LEU F 399 18.08 -2.81 9.71
CA LEU F 399 18.07 -2.31 11.08
C LEU F 399 16.65 -2.26 11.63
N THR F 400 16.54 -2.13 12.95
CA THR F 400 15.25 -2.10 13.64
C THR F 400 14.46 -0.83 13.35
N SER F 401 15.16 0.17 12.83
CA SER F 401 14.62 1.46 12.38
C SER F 401 13.41 1.36 11.46
N GLN F 402 12.71 2.49 11.28
CA GLN F 402 11.53 2.58 10.40
C GLN F 402 10.46 1.59 10.83
N ASP F 403 9.72 1.05 9.86
CA ASP F 403 8.65 0.07 10.13
C ASP F 403 9.17 -1.37 10.12
N ASN F 404 10.48 -1.52 9.91
CA ASN F 404 11.13 -2.82 9.69
C ASN F 404 10.70 -3.99 10.58
N THR F 405 10.40 -3.69 11.84
CA THR F 405 10.15 -4.68 12.88
C THR F 405 8.95 -5.59 12.59
N LEU F 406 7.99 -5.07 11.84
CA LEU F 406 6.84 -5.86 11.42
C LEU F 406 7.26 -7.06 10.58
N PHE F 407 8.31 -6.89 9.76
CA PHE F 407 8.70 -7.92 8.81
C PHE F 407 10.01 -8.67 9.12
N LEU F 408 10.83 -8.17 10.04
CA LEU F 408 12.14 -8.77 10.34
C LEU F 408 12.08 -10.27 10.67
N ASP F 409 11.30 -10.62 11.69
CA ASP F 409 11.22 -11.99 12.17
C ASP F 409 10.53 -12.95 11.20
N ASP F 410 9.49 -12.45 10.52
CA ASP F 410 8.75 -13.24 9.53
C ASP F 410 9.61 -13.62 8.33
N LEU F 411 10.58 -12.76 8.01
CA LEU F 411 11.41 -12.95 6.82
C LEU F 411 12.82 -13.47 7.13
N LYS F 412 12.97 -14.16 8.26
CA LYS F 412 14.22 -14.83 8.64
C LYS F 412 15.41 -13.88 8.83
N PHE F 413 15.15 -12.66 9.29
CA PHE F 413 16.22 -11.72 9.61
C PHE F 413 16.70 -11.97 11.03
N GLY F 414 17.56 -12.97 11.18
CA GLY F 414 18.13 -13.33 12.48
C GLY F 414 18.89 -12.17 13.08
N PRO F 415 18.86 -12.03 14.42
CA PRO F 415 19.53 -10.89 15.03
C PRO F 415 21.03 -10.91 14.76
N GLY F 416 21.57 -9.75 14.46
CA GLY F 416 23.02 -9.58 14.42
C GLY F 416 23.45 -9.17 15.80
N ASP F 417 24.77 -9.12 16.02
CA ASP F 417 25.26 -8.74 17.34
C ASP F 417 25.60 -7.25 17.46
N GLY F 418 25.67 -6.55 16.34
CA GLY F 418 26.07 -5.15 16.32
C GLY F 418 24.96 -4.17 16.63
N PHE F 419 25.37 -2.97 17.03
CA PHE F 419 24.44 -1.90 17.36
C PHE F 419 24.82 -0.60 16.67
N LEU F 420 23.80 0.17 16.31
CA LEU F 420 24.00 1.50 15.75
C LEU F 420 23.44 2.53 16.73
N ASN F 421 24.19 3.61 16.93
CA ASN F 421 23.73 4.72 17.76
C ASN F 421 23.61 5.98 16.92
N PHE F 422 22.51 6.70 17.11
CA PHE F 422 22.25 7.92 16.38
C PHE F 422 22.52 9.14 17.25
N TYR F 423 23.41 10.01 16.79
CA TYR F 423 23.77 11.23 17.51
C TYR F 423 23.42 12.48 16.71
N LEU F 424 23.14 13.56 17.45
CA LEU F 424 22.93 14.87 16.86
C LEU F 424 23.92 15.86 17.48
N PHE F 425 24.69 16.51 16.61
CA PHE F 425 25.69 17.48 17.04
C PHE F 425 25.10 18.88 17.06
N ASN F 426 25.33 19.60 18.15
CA ASN F 426 24.81 20.96 18.35
C ASN F 426 23.28 21.01 18.21
N TYR F 427 22.61 19.99 18.77
CA TYR F 427 21.16 19.91 18.72
C TYR F 427 20.59 18.96 19.77
N ARG F 428 19.82 19.51 20.70
CA ARG F 428 19.08 18.72 21.68
C ARG F 428 17.84 18.14 21.03
N ALA F 429 17.46 16.94 21.46
CA ALA F 429 16.24 16.28 20.99
C ALA F 429 15.79 15.21 21.98
N LYS F 430 14.48 15.07 22.14
CA LYS F 430 13.91 14.01 22.96
C LYS F 430 14.23 12.65 22.35
N PRO F 431 14.47 11.63 23.19
CA PRO F 431 14.76 10.27 22.71
C PRO F 431 13.71 9.74 21.72
N ILE F 432 14.11 9.67 20.45
CA ILE F 432 13.34 9.03 19.40
C ILE F 432 13.32 7.52 19.67
N THR F 433 12.20 6.86 19.41
CA THR F 433 12.09 5.41 19.63
C THR F 433 13.11 4.62 18.81
N GLY F 434 13.67 3.58 19.42
CA GLY F 434 14.72 2.78 18.80
C GLY F 434 14.23 1.65 17.91
N GLY F 435 13.20 0.95 18.36
CA GLY F 435 12.70 -0.25 17.69
C GLY F 435 13.03 -1.49 18.48
N LEU F 436 13.50 -1.29 19.70
CA LEU F 436 13.96 -2.36 20.57
C LEU F 436 13.29 -2.30 21.93
N ASN F 437 12.88 -3.47 22.42
CA ASN F 437 12.31 -3.64 23.77
C ASN F 437 13.36 -3.46 24.88
N PRO F 438 12.92 -3.41 26.17
CA PRO F 438 13.86 -3.40 27.28
C PRO F 438 14.93 -4.49 27.17
N ASP F 439 14.52 -5.70 26.78
CA ASP F 439 15.46 -6.81 26.61
C ASP F 439 15.92 -6.97 25.15
N ASN F 440 16.26 -5.82 24.54
CA ASN F 440 16.87 -5.76 23.20
C ASN F 440 16.14 -6.47 22.05
N SER F 441 14.91 -6.89 22.29
CA SER F 441 14.13 -7.62 21.27
C SER F 441 13.26 -6.70 20.42
N ASN F 442 12.83 -7.22 19.26
CA ASN F 442 12.06 -6.46 18.28
C ASN F 442 10.70 -5.96 18.79
N ASP F 443 10.53 -4.63 18.76
CA ASP F 443 9.30 -4.00 19.25
C ASP F 443 8.29 -3.77 18.11
N ILE F 444 7.44 -4.77 17.89
CA ILE F 444 6.40 -4.69 16.86
C ILE F 444 5.38 -3.61 17.20
N LYS F 445 5.05 -3.51 18.49
CA LYS F 445 3.99 -2.62 18.97
C LYS F 445 4.34 -1.12 18.89
N ARG F 446 5.55 -0.76 19.27
CA ARG F 446 5.99 0.64 19.21
C ARG F 446 6.75 0.96 17.92
N ARG F 447 7.17 -0.10 17.21
CA ARG F 447 8.01 0.03 16.01
C ARG F 447 9.18 0.98 16.22
N SER F 448 9.65 1.63 15.15
CA SER F 448 10.73 2.60 15.27
C SER F 448 10.43 3.92 14.59
N ASN F 449 10.90 5.00 15.19
CA ASN F 449 10.73 6.33 14.63
C ASN F 449 11.99 6.87 13.95
N VAL F 450 12.93 5.99 13.64
CA VAL F 450 14.18 6.40 12.99
C VAL F 450 14.05 6.24 11.47
N GLY F 451 13.80 7.37 10.80
CA GLY F 451 13.58 7.37 9.35
C GLY F 451 14.85 7.29 8.54
N VAL F 452 15.91 7.95 9.01
CA VAL F 452 17.20 7.97 8.31
C VAL F 452 17.89 6.60 8.26
N VAL F 453 18.35 6.22 7.08
CA VAL F 453 19.23 5.07 6.94
C VAL F 453 20.60 5.58 6.54
N MET F 454 21.55 5.44 7.47
CA MET F 454 22.90 5.95 7.29
C MET F 454 23.80 4.97 6.54
N LEU F 455 24.85 5.51 5.92
CA LEU F 455 25.81 4.70 5.18
C LEU F 455 26.89 4.16 6.12
S1 MYA G . -50.01 2.49 4.24
C2 MYA G . -50.89 3.46 3.07
C3 MYA G . -49.95 4.50 2.48
N4 MYA G . -50.42 4.71 1.11
C5 MYA G . -49.72 5.20 0.09
O5 MYA G . -48.55 5.54 0.17
C6 MYA G . -50.43 5.33 -1.25
C7 MYA G . -51.44 6.49 -1.23
N8 MYA G . -50.76 7.64 -0.64
C9 MYA G . -51.28 8.81 -0.29
O9 MYA G . -52.48 9.07 -0.44
C10 MYA G . -50.35 9.83 0.30
O10 MYA G . -50.87 11.14 0.04
C11 MYA G . -50.11 9.66 1.81
C12 MYA G . -49.35 10.87 2.36
C13 MYA G . -49.22 8.44 2.05
C14 MYA G . -51.41 9.48 2.60
N1A MYA G . -48.16 6.41 6.84
O1A MYA G . -51.46 14.74 4.92
P1A MYA G . -49.96 14.94 4.93
C1X MYA G . -46.98 11.37 7.63
C2A MYA G . -48.09 7.08 8.00
O2A MYA G . -49.38 16.29 4.63
P2A MYA G . -49.70 13.52 2.45
C2M MYA G . -50.81 2.82 5.66
O2M MYA G . -51.94 2.40 5.84
C2X MYA G . -45.77 12.25 7.35
O2X MYA G . -44.56 11.65 7.84
N3A MYA G . -47.75 8.38 8.04
O3A MYA G . -49.26 13.84 3.97
C3M MYA G . -50.09 3.63 6.72
C3X MYA G . -46.14 13.53 8.05
O3X MYA G . -45.94 13.38 9.45
P3X MYA G . -44.58 13.82 10.19
C4A MYA G . -47.50 9.05 6.88
O4A MYA G . -48.47 13.57 1.58
C4M MYA G . -50.63 3.39 8.11
C4X MYA G . -47.66 13.61 7.86
O4X MYA G . -48.09 12.26 7.64
C5A MYA G . -47.57 8.37 5.66
O5A MYA G . -50.88 14.39 2.08
C5M MYA G . -51.04 4.72 8.75
C5X MYA G . -48.02 14.54 6.69
O5X MYA G . -49.41 14.49 6.38
C6A MYA G . -47.90 7.03 5.66
N6A MYA G . -47.98 6.35 4.49
O6A MYA G . -50.22 12.00 2.53
C6M MYA G . -50.32 4.94 10.07
N7A MYA G . -47.27 9.26 4.69
O7A MYA G . -44.33 15.24 9.73
C7M MYA G . -51.32 4.95 11.23
C8A MYA G . -47.02 10.45 5.28
O8A MYA G . -43.53 12.83 9.74
C8M MYA G . -50.78 4.14 12.41
N9A MYA G . -47.15 10.31 6.61
O9A MYA G . -44.94 13.68 11.65
C9M MYA G . -51.36 4.60 13.73
CAM MYA G . -52.60 3.79 14.12
CBM MYA G . -53.57 4.65 14.92
CCM MYA G . -54.75 3.83 15.43
CDM MYA G . -54.71 3.72 16.95
CEM MYA G . -54.96 2.28 17.39
CFM MYA G . -54.44 2.10 18.80
S1 MYA H . -21.69 17.76 -16.94
C2 MYA H . -22.62 16.33 -17.43
C3 MYA H . -22.97 15.49 -16.20
N4 MYA H . -24.36 15.06 -16.34
C5 MYA H . -25.47 15.72 -16.06
O5 MYA H . -25.48 16.87 -15.63
C6 MYA H . -26.77 14.99 -16.30
C7 MYA H . -27.20 14.24 -15.04
N8 MYA H . -27.47 15.28 -14.05
C9 MYA H . -27.35 15.22 -12.73
O9 MYA H . -26.99 14.19 -12.15
C10 MYA H . -27.71 16.46 -11.95
O10 MYA H . -28.69 16.14 -10.95
C11 MYA H . -26.51 17.20 -11.34
C12 MYA H . -26.99 18.27 -10.35
C13 MYA H . -25.73 17.89 -12.45
C14 MYA H . -25.56 16.27 -10.58
N1A MYA H . -21.73 21.00 -13.71
O1A MYA H . -25.83 18.38 -5.62
P1A MYA H . -26.49 19.70 -5.97
C1X MYA H . -23.95 23.02 -9.47
C2A MYA H . -21.17 21.78 -12.75
O2A MYA H . -27.51 20.29 -5.03
P2A MYA H . -28.15 18.50 -7.96
C2M MYA H . -20.32 17.14 -16.22
O2M MYA H . -19.68 16.25 -16.77
C2X MYA H . -25.06 24.01 -9.21
O2X MYA H . -24.89 25.24 -9.92
N3A MYA H . -21.90 22.22 -11.71
O3A MYA H . -27.10 19.62 -7.46
C3M MYA H . -19.87 17.64 -14.86
C3X MYA H . -24.95 24.22 -7.70
O3X MYA H . -23.86 25.09 -7.42
P3X MYA H . -23.99 26.67 -7.16
C4A MYA H . -23.21 21.90 -11.60
O4A MYA H . -29.31 19.19 -8.64
C4M MYA H . -19.01 18.89 -14.95
C4X MYA H . -24.52 22.86 -7.19
O4X MYA H . -23.96 22.17 -8.32
C5A MYA H . -23.80 21.10 -12.56
O5A MYA H . -28.43 17.54 -6.82
C5M MYA H . -18.67 19.31 -13.52
C5X MYA H . -25.71 22.12 -6.60
O5X MYA H . -25.34 20.80 -6.17
C6A MYA H . -23.03 20.66 -13.64
N6A MYA H . -23.59 19.88 -14.59
O6A MYA H . -27.30 17.70 -9.08
C6M MYA H . -17.84 20.59 -13.47
N7A MYA H . -25.09 20.93 -12.22
O7A MYA H . -24.92 26.80 -5.96
C7M MYA H . -16.52 20.36 -12.75
C8A MYA H . -25.29 21.60 -11.07
O8A MYA H . -24.57 27.22 -8.44
C8M MYA H . -15.56 21.51 -13.00
N9A MYA H . -24.15 22.18 -10.69
O9A MYA H . -22.57 27.08 -6.88
C9M MYA H . -14.34 21.45 -12.09
CAM MYA H . -13.18 20.68 -12.71
CBM MYA H . -12.34 20.03 -11.62
CCM MYA H . -10.93 19.71 -12.10
CDM MYA H . -9.89 20.45 -11.28
CEM MYA H . -8.55 20.51 -12.00
CFM MYA H . -7.78 21.76 -11.63
S1 MYA I . -57.67 32.36 -19.31
C2 MYA I . -56.71 30.93 -19.73
C3 MYA I . -55.23 31.26 -19.61
N4 MYA I . -54.48 30.10 -20.06
C5 MYA I . -54.10 29.07 -19.32
O5 MYA I . -54.37 28.95 -18.13
C6 MYA I . -53.32 27.99 -20.01
C7 MYA I . -51.91 28.50 -20.32
N8 MYA I . -51.30 28.89 -19.05
C9 MYA I . -50.17 29.60 -18.89
O9 MYA I . -49.53 29.99 -19.85
C10 MYA I . -49.66 29.92 -17.50
O10 MYA I . -48.64 30.93 -17.66
C11 MYA I . -50.69 30.41 -16.46
C12 MYA I . -49.98 30.76 -15.15
C13 MYA I . -51.68 29.31 -16.11
C14 MYA I . -51.44 31.64 -16.96
N1A MYA I . -55.65 33.54 -15.93
O1A MYA I . -46.70 35.22 -13.96
P1A MYA I . -47.45 34.51 -12.85
C1X MYA I . -52.70 34.97 -11.92
C2A MYA I . -55.64 34.71 -15.28
O2A MYA I . -46.69 33.98 -11.67
P2A MYA I . -47.81 32.06 -14.26
C2M MYA I . -57.21 33.52 -20.43
O2M MYA I . -56.72 33.19 -21.50
C2X MYA I . -52.60 34.52 -10.47
O2X MYA I . -53.84 34.71 -9.79
N3A MYA I . -54.80 34.92 -14.26
O3A MYA I . -48.38 33.35 -13.47
C3M MYA I . -57.41 34.98 -20.14
C3X MYA I . -51.48 35.38 -9.88
O3X MYA I . -51.99 36.55 -9.25
P3X MYA I . -52.26 36.68 -7.66
C4A MYA I . -53.94 33.94 -13.85
O4A MYA I . -47.73 30.90 -13.29
C4M MYA I . -57.36 35.32 -18.66
C4X MYA I . -50.67 35.83 -11.08
O4X MYA I . -51.41 35.52 -12.26
C5A MYA I . -53.94 32.73 -14.51
O5A MYA I . -46.57 32.48 -15.04
C5M MYA I . -56.45 36.52 -18.39
C5X MYA I . -49.31 35.14 -11.11
O5X MYA I . -48.58 35.51 -12.28
C6A MYA I . -54.82 32.53 -15.57
N6A MYA I . -54.85 31.35 -16.24
O6A MYA I . -48.99 31.79 -15.34
C6M MYA I . -57.04 37.44 -17.32
N7A MYA I . -53.02 31.94 -13.92
O7A MYA I . -50.90 36.59 -7.02
C7M MYA I . -56.98 38.90 -17.76
C8A MYA I . -52.46 32.65 -12.92
O8A MYA I . -53.16 35.53 -7.33
C8M MYA I . -58.26 39.62 -17.37
N9A MYA I . -53.03 33.87 -12.88
O9A MYA I . -52.89 38.05 -7.53
C9M MYA I . -58.00 41.08 -17.03
CAM MYA I . -58.77 42.00 -17.95
CBM MYA I . -57.83 42.88 -18.76
CCM MYA I . -58.56 43.55 -19.91
CDM MYA I . -58.94 44.99 -19.57
CEM MYA I . -59.89 45.59 -20.60
CFM MYA I . -60.84 46.57 -19.97
OAB 3LP J . -59.47 21.42 -23.77
CAW 3LP J . -60.22 21.88 -22.64
CAO 3LP J . -60.36 23.40 -22.71
NAQ 3LP J . -60.77 23.86 -24.04
CAX 3LP J . -60.60 25.24 -24.51
CAN 3LP J . -59.71 26.07 -23.59
CAJ 3LP J . -59.45 27.48 -24.12
CAF 3LP J . -58.87 27.44 -25.53
CAI 3LP J . -59.69 26.59 -26.50
CAM 3LP J . -60.04 25.21 -25.93
CAP 3LP J . -61.60 21.22 -22.61
NAY 3LP J . -61.60 19.89 -21.98
CAV 3LP J . -61.54 18.71 -22.63
CAD 3LP J . -61.42 18.37 -23.98
CAC 3LP J . -61.36 17.03 -24.36
CAR 3LP J . -61.42 16.02 -23.41
CAA 3LP J . -61.35 14.57 -23.83
CAE 3LP J . -61.52 16.34 -22.05
CAU 3LP J . -61.59 17.69 -21.69
CAS 3LP J . -61.69 18.27 -20.45
CAT 3LP J . -61.70 19.64 -20.66
CAK 3LP J . -61.78 17.57 -19.11
CAG 3LP J . -62.15 18.61 -18.04
CAH 3LP J . -61.42 19.94 -18.23
CAL 3LP J . -61.82 20.63 -19.52
S1 MYA K . 39.28 -22.81 36.09
C2 MYA K . 38.30 -22.13 34.79
C3 MYA K . 38.72 -20.70 34.50
N4 MYA K . 38.33 -20.50 33.11
C5 MYA K . 39.08 -20.10 32.08
O5 MYA K . 40.26 -19.84 32.20
C6 MYA K . 38.38 -20.01 30.74
C7 MYA K . 38.11 -18.58 30.26
N8 MYA K . 38.79 -17.67 31.16
C9 MYA K . 38.35 -16.49 31.59
O9 MYA K . 37.29 -16.00 31.24
C10 MYA K . 39.28 -15.76 32.54
O10 MYA K . 39.62 -14.48 31.97
C11 MYA K . 38.72 -15.62 33.96
C12 MYA K . 39.44 -14.48 34.70
C13 MYA K . 38.96 -16.92 34.71
C14 MYA K . 37.23 -15.33 34.00
N1A MYA K . 41.20 -19.19 39.18
O1A MYA K . 37.94 -11.33 36.73
P1A MYA K . 39.31 -10.69 36.69
C1X MYA K . 41.88 -14.09 39.64
C2A MYA K . 41.40 -18.46 40.28
O2A MYA K . 39.41 -9.23 36.28
P2A MYA K . 39.91 -11.91 34.18
C2M MYA K . 38.34 -22.53 37.43
O2M MYA K . 37.17 -22.91 37.45
C2X MYA K . 43.25 -13.48 39.44
O2X MYA K . 44.22 -14.21 40.20
N3A MYA K . 41.56 -17.13 40.23
O3A MYA K . 40.26 -11.57 35.72
C3M MYA K . 38.95 -21.80 38.61
C3X MYA K . 43.07 -12.05 39.91
O3X MYA K . 43.19 -11.98 41.34
P3X MYA K . 44.56 -11.67 42.12
C4A MYA K . 41.52 -16.48 39.04
O4A MYA K . 41.18 -12.31 33.46
C4M MYA K . 38.16 -22.02 39.90
C4X MYA K . 41.60 -11.75 39.61
O4X MYA K . 40.95 -13.01 39.44
C5A MYA K . 41.31 -17.22 37.87
O5A MYA K . 39.09 -10.78 33.61
C5M MYA K . 38.07 -20.75 40.72
C5X MYA K . 41.39 -10.88 38.37
O5X MYA K . 39.98 -10.81 38.14
C6A MYA K . 41.15 -18.59 37.96
N6A MYA K . 40.95 -19.33 36.84
O6A MYA K . 38.95 -13.20 34.29
C6M MYA K . 38.94 -20.84 41.97
N7A MYA K . 41.32 -16.34 36.85
O7A MYA K . 45.16 -10.47 41.42
C7M MYA K . 38.42 -20.00 43.13
C8A MYA K . 41.52 -15.11 37.36
O8A MYA K . 45.38 -12.93 42.00
C8M MYA K . 37.31 -20.72 43.89
N9A MYA K . 41.65 -15.20 38.69
O9A MYA K . 44.11 -11.38 43.53
C9M MYA K . 37.68 -20.91 45.35
CAM MYA K . 36.65 -21.79 46.05
CBM MYA K . 35.80 -20.97 47.02
CCM MYA K . 34.64 -21.80 47.58
CDM MYA K . 34.99 -22.40 48.93
CEM MYA K . 33.77 -22.62 49.79
CFM MYA K . 34.14 -23.41 51.02
S1 MYA L . 67.17 -7.68 14.82
C2 MYA L . 66.01 -9.00 14.69
C3 MYA L . 65.52 -9.37 16.10
N4 MYA L . 64.43 -10.31 15.90
C5 MYA L . 63.12 -10.04 15.88
O5 MYA L . 62.68 -8.91 16.00
C6 MYA L . 62.18 -11.20 15.66
C7 MYA L . 61.91 -11.92 16.99
N8 MYA L . 61.47 -10.94 17.97
C9 MYA L . 62.13 -10.57 19.06
O9 MYA L . 63.21 -11.05 19.35
C10 MYA L . 61.48 -9.53 19.94
O10 MYA L . 60.95 -10.19 21.09
C11 MYA L . 62.39 -8.36 20.35
C12 MYA L . 61.60 -7.38 21.22
C13 MYA L . 62.85 -7.60 19.10
C14 MYA L . 63.61 -8.79 21.15
N1A MYA L . 67.12 -4.29 18.13
O1A MYA L . 63.63 -7.02 26.26
P1A MYA L . 62.61 -5.99 25.88
C1X MYA L . 65.27 -2.70 22.69
C2A MYA L . 67.70 -3.49 19.03
O2A MYA L . 61.32 -5.92 26.67
P2A MYA L . 60.96 -6.92 23.76
C2M MYA L . 68.63 -8.48 15.05
O2M MYA L . 69.00 -9.31 14.23
C2X MYA L . 64.37 -1.48 22.76
O2X MYA L . 65.02 -0.34 22.22
N3A MYA L . 67.08 -3.17 20.18
O3A MYA L . 62.26 -6.14 24.32
C3M MYA L . 69.48 -8.20 16.27
C3X MYA L . 64.09 -1.32 24.25
O3X MYA L . 65.10 -0.48 24.83
P3X MYA L . 64.95 1.11 25.06
C4A MYA L . 65.84 -3.66 20.45
O4A MYA L . 60.01 -5.90 23.17
C4M MYA L . 69.93 -6.75 16.31
C4X MYA L . 64.29 -2.71 24.82
O4X MYA L . 65.01 -3.47 23.85
C5A MYA L . 65.21 -4.48 19.53
O5A MYA L . 60.45 -7.83 24.85
C5M MYA L . 69.96 -6.27 17.76
C5X MYA L . 62.98 -3.44 25.16
O5X MYA L . 63.30 -4.54 26.01
C6A MYA L . 65.89 -4.80 18.35
N6A MYA L . 65.31 -5.61 17.43
O6A MYA L . 61.56 -7.84 22.58
C6M MYA L . 70.87 -5.07 17.93
N7A MYA L . 64.02 -4.82 20.03
O7A MYA L . 64.24 1.19 26.40
C7M MYA L . 72.05 -5.40 18.83
C8A MYA L . 63.89 -4.22 21.24
O8A MYA L . 64.15 1.63 23.89
C8M MYA L . 73.01 -4.23 18.95
N9A MYA L . 65.00 -3.50 21.48
O9A MYA L . 66.36 1.63 25.10
C9M MYA L . 74.06 -4.51 20.02
CAM MYA L . 75.47 -4.51 19.45
CBM MYA L . 76.47 -4.74 20.58
CCM MYA L . 77.80 -5.26 20.03
CDM MYA L . 78.96 -4.69 20.82
CEM MYA L . 80.25 -4.76 20.01
CFM MYA L . 81.25 -3.76 20.51
S1 MYA M . 31.64 6.64 12.81
C2 MYA M . 32.48 5.29 12.04
C3 MYA M . 33.98 5.45 12.20
N4 MYA M . 34.57 4.14 11.94
C5 MYA M . 34.87 3.19 12.84
O5 MYA M . 34.67 3.32 14.04
C6 MYA M . 35.47 1.91 12.31
C7 MYA M . 36.96 2.08 11.99
N8 MYA M . 37.58 2.82 13.10
C9 MYA M . 38.71 3.55 13.07
O9 MYA M . 39.38 3.65 12.06
C10 MYA M . 39.14 4.22 14.35
O10 MYA M . 40.58 4.26 14.35
C11 MYA M . 38.58 5.64 14.56
C12 MYA M . 39.06 6.22 15.88
C13 MYA M . 37.06 5.62 14.62
C14 MYA M . 39.00 6.60 13.44
N1A MYA M . 33.17 8.99 15.98
O1A MYA M . 42.72 9.83 18.02
P1A MYA M . 41.78 8.93 18.79
C1X MYA M . 36.34 9.58 20.06
C2A MYA M . 33.40 10.10 16.70
O2A MYA M . 42.31 8.01 19.86
P2A MYA M . 41.20 6.49 17.43
C2M MYA M . 32.20 7.98 12.02
O2M MYA M . 32.23 8.02 10.80
C2X MYA M . 36.65 8.85 21.35
O2X MYA M . 35.52 8.81 22.22
N3A MYA M . 34.25 10.08 17.73
O3A MYA M . 40.94 8.07 17.72
C3M MYA M . 32.73 9.15 12.83
C3X MYA M . 37.79 9.66 21.93
O3X MYA M . 37.31 10.81 22.62
P3X MYA M . 36.96 10.88 24.19
C4A MYA M . 34.92 8.94 18.07
O4A MYA M . 40.45 5.69 18.48
C4M MYA M . 31.73 10.29 12.94
C4X MYA M . 38.53 10.15 20.70
O4X MYA M . 37.58 10.13 19.62
C5A MYA M . 34.70 7.79 17.33
O5A MYA M . 42.68 6.28 17.26
C5M MYA M . 32.48 11.58 13.29
C5X MYA M . 39.72 9.25 20.39
O5X MYA M . 40.62 9.84 19.46
C6A MYA M . 33.80 7.82 16.27
N6A MYA M . 33.57 6.71 15.54
O6A MYA M . 40.48 6.29 16.00
C6M MYA M . 31.72 12.45 14.29
N7A MYA M . 35.46 6.81 17.86
O7A MYA M . 38.14 10.27 24.92
C7M MYA M . 31.52 13.85 13.76
C8A MYA M . 36.13 7.34 18.90
O8A MYA M . 35.68 10.11 24.34
C8M MYA M . 30.47 14.60 14.58
N9A MYA M . 35.80 8.64 19.02
O9A MYA M . 36.85 12.38 24.37
C9M MYA M . 30.81 16.07 14.76
CAM MYA M . 30.04 16.95 13.78
CBM MYA M . 30.98 17.58 12.76
CCM MYA M . 30.22 18.32 11.66
CDM MYA M . 30.02 19.80 11.97
CEM MYA M . 28.54 20.15 11.99
CFM MYA M . 28.32 21.57 12.48
OAB 3LP N . 29.37 -4.25 8.14
CAW 3LP N . 28.66 -3.73 9.27
CAO 3LP N . 28.46 -2.21 9.14
NAQ 3LP N . 28.32 -1.80 7.75
CAX 3LP N . 28.51 -0.42 7.30
CAN 3LP N . 29.48 0.36 8.19
CAJ 3LP N . 29.82 1.75 7.66
CAF 3LP N . 30.36 1.69 6.23
CAI 3LP N . 29.40 0.94 5.29
CAM 3LP N . 29.01 -0.43 5.85
CAP 3LP N . 27.30 -4.42 9.39
NAY 3LP N . 27.36 -5.72 10.07
CAV 3LP N . 27.41 -6.93 9.46
CAD 3LP N . 27.46 -7.33 8.13
CAC 3LP N . 27.52 -8.69 7.79
CAR 3LP N . 27.55 -9.66 8.80
CAA 3LP N . 27.61 -11.11 8.44
CAE 3LP N . 27.51 -9.28 10.13
CAU 3LP N . 27.44 -7.92 10.44
CAS 3LP N . 27.40 -7.29 11.66
CAT 3LP N . 27.33 -5.93 11.41
CAK 3LP N . 27.40 -7.95 13.03
CAG 3LP N . 27.14 -6.88 14.08
CAH 3LP N . 27.84 -5.56 13.78
CAL 3LP N . 27.28 -4.90 12.51
#